data_7JZL
#
_entry.id   7JZL
#
loop_
_entity.id
_entity.type
_entity.pdbx_description
1 polymer 'Spike glycoprotein'
2 polymer LCB1
3 branched 2-acetamido-2-deoxy-beta-D-glucopyranose-(1-4)-2-acetamido-2-deoxy-beta-D-glucopyranose
4 non-polymer 2-acetamido-2-deoxy-beta-D-glucopyranose
#
loop_
_entity_poly.entity_id
_entity_poly.type
_entity_poly.pdbx_seq_one_letter_code
_entity_poly.pdbx_strand_id
1 'polypeptide(L)'
;MFVFLVLLPLVSSQCVNLTTRTQLPPAYTNSFTRGVYYPDKVFRSSVLHSTQDLFLPFFSNVTWFHAIHVSGTNGTKRFD
NPVLPFNDGVYFASTEKSNIIRGWIFGTTLDSKTQSLLIVNNATNVVIKVCEFQFCNDPFLGVYYHKNNKSWMESEFRVY
SSANNCTFEYVSQPFLMDLEGKQGNFKNLREFVFKNIDGYFKIYSKHTPINLVRDLPQGFSALEPLVDLPIGINITRFQT
LLALHRSYLTPGDSSSGWTAGAAAYYVGYLQPRTFLLKYNENGTITDAVDCALDPLSETKCTLKSFTVEKGIYQTSNFRV
QPTESIVRFPNITNLCPFGEVFNATRFASVYAWNRKRISNCVADYSVLYNSASFSTFKCYGVSPTKLNDLCFTNVYADSF
VIRGDEVRQIAPGQTGKIADYNYKLPDDFTGCVIAWNSNNLDSKVGGNYNYLYRLFRKSNLKPFERDISTEIYQAGSTPC
NGVEGFNCYFPLQSYGFQPTNGVGYQPYRVVVLSFELLHAPATVCGPKKSTNLVKNKCVNFNFNGLTGTGVLTESNKKFL
PFQQFGRDIADTTDAVRDPQTLEILDITPCSFGGVSVITPGTNTSNQVAVLYQDVNCTEVPVAIHADQLTPTWRVYSTGS
NVFQTRAGCLIGAEHVNNSYECDIPIGAGICASYQTQTNSPGSASSVASQSIIAYTMSLGAENSVAYSNNSIAIPTNFTI
SVTTEILPVSMTKTSVDCTMYICGDSTECSNLLLQYGSFCTQLNRALTGIAVEQDKNTQEVFAQVKQIYKTPPIKDFGGF
NFSQILPDPSKPSKRSPIEDLLFNKVTLADAGFIKQYGDCLGDIAARDLICAQKFNGLTVLPPLLTDEMIAQYTSALLAG
TITSGWTFGAGPALQIPFPMQMAYRFNGIGVTQNVLYENQKLIANQFNSAIGKIQDSLSSTPSALGKLQDVVNQNAQALN
TLVKQLSSNFGAISSVLNDILSRLDPPEAEVQIDRLITGRLQSLQTYVTQQLIRAAEIRASANLAATKMSECVLGQSKRV
DFCGKGYHLMSFPQSAPHGVVFLHVTYVPAQEKNFTTAPAICHDGKAHFPREGVFVSNGTHWFVTQRNFYEPQIITTDNT
FVSGNCDVVIGIVNNTVYDPLQPELDSFKEELDKYFKNHTSPDVDLGDISGINASVVNIQKEIDRLNEVAKNLNESLIDL
QELGKYEQGSGYIPEAPRDGQAYVRKDGEWVLLSTFLGRSLEVLFQGPGHHHHHHHHSAWSHPQFEKGGGSGGGGSGGSA
WSHPQFEK
;
A,C,B
2 'polypeptide(L)' DKEWILQKIYEIMRLLDELGHAEASMRVSDLIYEFMKKGDERLLEEAERLLEEVE E,G,F
#
# COMPACT_ATOMS: atom_id res chain seq x y z
N ALA A 27 -21.67 47.01 31.67
CA ALA A 27 -20.25 47.29 31.47
C ALA A 27 -19.55 46.04 30.91
N TYR A 28 -18.49 46.27 30.13
CA TYR A 28 -17.67 45.21 29.51
C TYR A 28 -16.20 45.49 29.66
N THR A 29 -15.41 44.42 29.63
CA THR A 29 -13.97 44.55 29.68
C THR A 29 -13.25 43.68 28.65
N ASN A 30 -11.98 43.98 28.47
CA ASN A 30 -11.09 43.27 27.55
C ASN A 30 -10.43 42.11 28.28
N SER A 31 -10.71 40.89 27.84
CA SER A 31 -10.16 39.71 28.49
C SER A 31 -8.65 39.55 28.28
N PHE A 32 -8.11 40.26 27.31
CA PHE A 32 -6.70 40.13 26.96
C PHE A 32 -6.33 38.67 26.74
N THR A 33 -5.40 38.15 27.53
CA THR A 33 -4.97 36.78 27.36
C THR A 33 -5.18 35.99 28.65
N ARG A 34 -6.44 35.78 29.00
CA ARG A 34 -6.82 35.17 30.26
C ARG A 34 -7.75 34.00 30.03
N GLY A 35 -7.86 33.12 31.01
CA GLY A 35 -8.79 32.00 30.92
C GLY A 35 -8.14 30.73 30.38
N VAL A 36 -6.82 30.76 30.27
CA VAL A 36 -6.06 29.60 29.83
C VAL A 36 -5.77 28.73 31.03
N TYR A 37 -6.00 27.45 30.87
CA TYR A 37 -5.82 26.48 31.91
C TYR A 37 -5.12 25.27 31.35
N TYR A 38 -4.54 24.48 32.24
CA TYR A 38 -3.90 23.24 31.82
C TYR A 38 -5.02 22.28 31.44
N PRO A 39 -5.15 21.89 30.18
CA PRO A 39 -6.24 21.10 29.62
C PRO A 39 -6.27 19.66 30.12
N ASP A 40 -5.15 19.22 30.67
CA ASP A 40 -4.99 17.86 31.11
C ASP A 40 -4.05 17.77 32.31
N LYS A 41 -3.67 16.55 32.65
CA LYS A 41 -2.79 16.28 33.77
C LYS A 41 -1.50 15.68 33.27
N VAL A 42 -1.07 16.15 32.10
CA VAL A 42 0.12 15.63 31.45
C VAL A 42 1.30 16.59 31.52
N PHE A 43 2.40 16.09 32.03
CA PHE A 43 3.61 16.87 32.12
C PHE A 43 4.27 16.96 30.77
N ARG A 44 4.59 18.18 30.40
CA ARG A 44 5.28 18.46 29.16
C ARG A 44 6.31 19.50 29.50
N SER A 45 7.44 19.50 28.81
CA SER A 45 8.40 20.56 29.08
C SER A 45 9.15 20.96 27.84
N SER A 46 9.51 22.23 27.79
CA SER A 46 10.25 22.80 26.67
C SER A 46 9.61 22.40 25.35
N VAL A 47 8.29 22.52 25.29
CA VAL A 47 7.55 22.08 24.12
C VAL A 47 6.33 22.92 23.83
N LEU A 48 6.02 23.07 22.56
CA LEU A 48 4.84 23.78 22.13
C LEU A 48 3.79 22.77 21.70
N HIS A 49 2.68 22.73 22.43
CA HIS A 49 1.64 21.74 22.18
C HIS A 49 0.36 22.36 21.67
N SER A 50 -0.14 21.85 20.57
CA SER A 50 -1.38 22.36 19.98
C SER A 50 -2.57 21.52 20.44
N THR A 51 -3.57 22.19 21.02
CA THR A 51 -4.73 21.49 21.54
C THR A 51 -6.03 22.24 21.29
N GLN A 52 -7.11 21.49 21.12
CA GLN A 52 -8.43 22.09 20.98
C GLN A 52 -9.30 21.73 22.17
N ASP A 53 -9.78 22.74 22.85
CA ASP A 53 -10.58 22.57 24.05
C ASP A 53 -11.40 23.82 24.27
N LEU A 54 -12.19 23.85 25.33
CA LEU A 54 -13.01 25.01 25.58
C LEU A 54 -12.23 26.06 26.38
N PHE A 55 -11.84 27.12 25.69
CA PHE A 55 -11.03 28.18 26.25
C PHE A 55 -11.69 29.52 26.07
N LEU A 56 -11.35 30.49 26.90
CA LEU A 56 -11.83 31.84 26.67
C LEU A 56 -11.01 32.42 25.52
N PRO A 57 -11.61 32.85 24.40
CA PRO A 57 -10.92 33.41 23.26
C PRO A 57 -10.15 34.65 23.67
N PHE A 58 -8.99 34.85 23.07
CA PHE A 58 -8.20 36.01 23.43
C PHE A 58 -8.84 37.27 22.95
N PHE A 59 -8.73 38.30 23.80
CA PHE A 59 -9.26 39.62 23.56
C PHE A 59 -10.77 39.61 23.37
N SER A 60 -11.43 38.60 23.95
CA SER A 60 -12.88 38.50 23.90
C SER A 60 -13.58 39.52 24.80
N ASN A 61 -14.89 39.71 24.54
CA ASN A 61 -15.79 40.62 25.25
C ASN A 61 -16.40 39.94 26.50
N VAL A 62 -15.94 40.33 27.69
CA VAL A 62 -16.34 39.78 28.99
C VAL A 62 -17.24 40.75 29.75
N THR A 63 -18.38 40.24 30.25
CA THR A 63 -19.30 41.13 30.94
C THR A 63 -18.79 41.47 32.33
N TRP A 64 -18.79 42.75 32.65
CA TRP A 64 -18.27 43.23 33.93
C TRP A 64 -19.39 43.62 34.90
N PHE A 65 -19.46 42.87 36.00
CA PHE A 65 -20.47 43.09 37.02
C PHE A 65 -19.82 43.72 38.25
N HIS A 66 -19.86 45.06 38.37
CA HIS A 66 -19.17 45.76 39.45
C HIS A 66 -19.99 45.71 40.75
N PRO A 82 -27.77 38.04 39.95
CA PRO A 82 -28.36 37.79 38.65
C PRO A 82 -27.98 36.40 38.13
N VAL A 83 -28.94 35.72 37.48
CA VAL A 83 -28.72 34.40 36.89
C VAL A 83 -28.24 34.56 35.46
N LEU A 84 -27.08 33.99 35.18
CA LEU A 84 -26.44 34.11 33.88
C LEU A 84 -26.45 32.77 33.17
N PRO A 85 -26.40 32.74 31.84
CA PRO A 85 -26.24 31.53 31.04
C PRO A 85 -24.94 30.84 31.37
N PHE A 86 -24.92 29.52 31.24
CA PHE A 86 -23.69 28.75 31.40
C PHE A 86 -23.08 28.44 30.03
N ASN A 87 -23.96 28.30 29.04
CA ASN A 87 -23.59 27.95 27.68
C ASN A 87 -22.74 26.68 27.64
N ASP A 88 -21.55 26.75 27.06
CA ASP A 88 -20.70 25.57 26.93
C ASP A 88 -19.64 25.51 28.01
N GLY A 89 -19.70 26.45 28.94
CA GLY A 89 -18.71 26.56 29.99
C GLY A 89 -18.48 28.02 30.28
N VAL A 90 -18.05 28.30 31.49
CA VAL A 90 -17.90 29.66 31.95
C VAL A 90 -16.54 30.06 32.48
N TYR A 91 -16.08 31.21 32.02
CA TYR A 91 -14.90 31.82 32.60
C TYR A 91 -15.37 32.79 33.64
N PHE A 92 -14.88 32.65 34.85
CA PHE A 92 -15.29 33.53 35.92
C PHE A 92 -14.07 34.16 36.55
N ALA A 93 -14.16 35.43 36.86
CA ALA A 93 -13.05 36.06 37.58
C ALA A 93 -13.57 37.09 38.52
N SER A 94 -12.81 37.37 39.56
CA SER A 94 -13.21 38.40 40.49
C SER A 94 -12.04 39.11 41.11
N THR A 95 -12.30 40.33 41.55
CA THR A 95 -11.32 41.10 42.26
C THR A 95 -11.89 41.43 43.63
N GLU A 96 -11.05 41.24 44.65
CA GLU A 96 -11.50 41.40 46.02
C GLU A 96 -10.71 42.38 46.86
N LYS A 97 -11.43 42.93 47.84
CA LYS A 97 -10.89 43.74 48.91
C LYS A 97 -11.21 43.09 50.26
N SER A 98 -12.37 42.45 50.34
CA SER A 98 -12.88 41.88 51.58
C SER A 98 -13.47 40.48 51.42
N ASN A 99 -13.15 39.82 50.32
CA ASN A 99 -13.67 38.47 50.04
C ASN A 99 -15.21 38.42 50.08
N ILE A 100 -15.85 39.33 49.34
CA ILE A 100 -17.31 39.42 49.31
C ILE A 100 -17.97 38.28 48.55
N ILE A 101 -17.33 37.76 47.50
CA ILE A 101 -17.90 36.63 46.75
C ILE A 101 -17.53 35.33 47.43
N ARG A 102 -18.54 34.54 47.79
CA ARG A 102 -18.30 33.30 48.52
C ARG A 102 -18.63 32.04 47.73
N GLY A 103 -19.53 32.12 46.75
CA GLY A 103 -19.90 30.87 46.11
C GLY A 103 -20.72 31.00 44.85
N TRP A 104 -21.15 29.86 44.33
CA TRP A 104 -21.90 29.79 43.08
C TRP A 104 -23.02 28.76 43.11
N ILE A 105 -24.04 29.00 42.30
CA ILE A 105 -25.09 28.01 42.08
C ILE A 105 -25.12 27.62 40.62
N PHE A 106 -25.09 26.32 40.33
CA PHE A 106 -25.15 25.88 38.95
C PHE A 106 -26.31 24.89 38.76
N GLY A 107 -27.04 25.01 37.66
CA GLY A 107 -28.12 24.07 37.40
C GLY A 107 -29.00 24.49 36.23
N THR A 108 -30.25 24.04 36.27
CA THR A 108 -31.22 24.32 35.21
C THR A 108 -32.38 25.14 35.73
N THR A 109 -33.38 24.48 36.28
CA THR A 109 -34.57 25.15 36.80
C THR A 109 -34.29 25.81 38.15
N LEU A 110 -33.41 26.82 38.14
CA LEU A 110 -32.95 27.58 39.32
C LEU A 110 -34.03 28.55 39.77
N SER A 116 -29.70 21.09 40.93
CA SER A 116 -28.66 22.12 40.99
C SER A 116 -27.59 21.78 42.04
N LEU A 117 -26.40 22.38 41.90
CA LEU A 117 -25.32 22.21 42.87
C LEU A 117 -24.91 23.55 43.44
N LEU A 118 -24.49 23.52 44.68
CA LEU A 118 -24.10 24.70 45.42
C LEU A 118 -22.66 24.62 45.93
N ILE A 119 -21.86 25.62 45.57
CA ILE A 119 -20.47 25.68 46.01
C ILE A 119 -20.25 26.87 46.93
N VAL A 120 -20.03 26.63 48.23
CA VAL A 120 -19.87 27.76 49.14
C VAL A 120 -18.58 27.74 49.96
N ASN A 121 -17.82 28.82 49.84
CA ASN A 121 -16.59 29.00 50.59
C ASN A 121 -16.85 29.67 51.94
N ASN A 122 -17.46 28.94 52.88
CA ASN A 122 -17.77 29.44 54.21
C ASN A 122 -16.56 29.28 55.14
N ALA A 123 -16.00 30.43 55.58
CA ALA A 123 -14.81 30.53 56.42
C ALA A 123 -13.59 29.86 55.77
N THR A 124 -13.20 28.71 56.29
CA THR A 124 -11.99 28.03 55.78
C THR A 124 -12.23 26.71 55.06
N ASN A 125 -13.49 26.26 54.91
CA ASN A 125 -13.72 24.96 54.29
C ASN A 125 -14.82 25.03 53.23
N VAL A 126 -14.45 24.82 51.97
CA VAL A 126 -15.42 24.90 50.90
C VAL A 126 -16.35 23.70 50.91
N VAL A 127 -17.66 23.97 50.88
CA VAL A 127 -18.67 22.93 50.89
C VAL A 127 -19.42 22.84 49.58
N ILE A 128 -19.41 21.65 48.98
CA ILE A 128 -20.11 21.43 47.73
C ILE A 128 -21.22 20.40 47.90
N LYS A 129 -22.44 20.78 47.54
CA LYS A 129 -23.58 19.88 47.63
C LYS A 129 -24.41 19.87 46.35
N VAL A 130 -24.91 18.71 45.95
CA VAL A 130 -25.87 18.71 44.84
C VAL A 130 -27.19 18.11 45.30
N CYS A 131 -28.24 18.96 45.34
CA CYS A 131 -29.55 18.67 45.91
C CYS A 131 -30.59 19.61 45.32
N GLU A 132 -31.85 19.30 45.51
CA GLU A 132 -32.86 20.30 45.20
C GLU A 132 -32.79 21.34 46.30
N PHE A 133 -32.82 22.62 45.95
CA PHE A 133 -32.74 23.65 46.98
C PHE A 133 -33.84 24.67 46.87
N GLN A 134 -34.29 25.14 48.01
CA GLN A 134 -35.19 26.28 48.10
C GLN A 134 -34.42 27.42 48.76
N PHE A 135 -33.88 28.34 47.96
CA PHE A 135 -32.97 29.39 48.42
C PHE A 135 -33.74 30.55 49.04
N ASP A 138 -33.91 35.42 44.86
CA ASP A 138 -32.68 36.17 45.09
C ASP A 138 -31.84 35.48 46.21
N PRO A 139 -31.09 34.37 45.92
CA PRO A 139 -30.17 33.67 46.81
C PRO A 139 -29.02 34.57 47.26
N PHE A 140 -28.60 34.43 48.51
CA PHE A 140 -27.49 35.20 49.04
C PHE A 140 -26.84 34.45 50.20
N LEU A 141 -25.63 34.88 50.60
CA LEU A 141 -24.86 34.27 51.69
C LEU A 141 -24.53 35.30 52.76
N CYS A 166 -29.82 13.94 46.67
CA CYS A 166 -28.52 14.29 47.23
C CYS A 166 -27.56 13.13 47.03
N THR A 167 -27.03 13.01 45.81
CA THR A 167 -26.14 11.93 45.44
C THR A 167 -24.65 12.28 45.54
N PHE A 168 -24.35 13.51 45.94
CA PHE A 168 -22.95 13.92 46.09
C PHE A 168 -22.77 15.06 47.09
N GLU A 169 -21.73 14.93 47.90
CA GLU A 169 -21.31 15.97 48.82
C GLU A 169 -19.81 15.91 49.03
N TYR A 170 -19.17 17.06 49.04
CA TYR A 170 -17.73 17.16 49.28
C TYR A 170 -17.33 18.38 50.09
N VAL A 171 -16.43 18.20 51.04
CA VAL A 171 -15.93 19.34 51.81
C VAL A 171 -14.40 19.41 51.76
N SER A 172 -13.86 20.59 51.43
CA SER A 172 -12.42 20.85 51.37
C SER A 172 -11.87 21.05 52.77
N PHE A 186 -8.54 47.26 44.39
CA PHE A 186 -8.61 45.83 44.67
C PHE A 186 -7.20 45.29 44.91
N LYS A 187 -7.07 44.25 45.76
CA LYS A 187 -5.79 43.64 46.14
C LYS A 187 -5.62 42.18 45.68
N ASN A 188 -6.72 41.47 45.47
CA ASN A 188 -6.62 40.05 45.16
C ASN A 188 -7.45 39.61 43.96
N LEU A 189 -6.79 39.03 42.95
CA LEU A 189 -7.47 38.54 41.77
C LEU A 189 -7.61 37.02 41.79
N ARG A 190 -8.83 36.56 41.58
CA ARG A 190 -9.12 35.14 41.54
C ARG A 190 -9.74 34.78 40.20
N GLU A 191 -9.20 33.76 39.55
CA GLU A 191 -9.75 33.33 38.27
C GLU A 191 -10.16 31.88 38.32
N PHE A 192 -11.32 31.57 37.75
CA PHE A 192 -11.87 30.23 37.74
C PHE A 192 -12.40 29.82 36.37
N VAL A 193 -12.29 28.54 36.06
CA VAL A 193 -12.95 28.01 34.87
C VAL A 193 -13.86 26.87 35.25
N PHE A 194 -15.12 27.00 34.84
CA PHE A 194 -16.13 26.00 35.14
C PHE A 194 -16.65 25.35 33.86
N LYS A 195 -16.38 24.07 33.68
CA LYS A 195 -16.91 23.40 32.49
C LYS A 195 -17.51 22.06 32.87
N ASN A 196 -18.50 21.62 32.12
CA ASN A 196 -19.19 20.37 32.41
C ASN A 196 -19.17 19.41 31.22
N ILE A 197 -18.29 18.42 31.27
CA ILE A 197 -18.15 17.50 30.15
C ILE A 197 -18.40 16.07 30.56
N ASP A 198 -19.37 15.45 29.88
CA ASP A 198 -19.75 14.06 30.11
C ASP A 198 -20.08 13.78 31.57
N GLY A 199 -20.73 14.73 32.21
CA GLY A 199 -21.17 14.58 33.60
C GLY A 199 -20.16 15.04 34.63
N TYR A 200 -18.94 15.39 34.20
CA TYR A 200 -17.93 15.81 35.16
C TYR A 200 -17.81 17.33 35.21
N PHE A 201 -18.01 17.89 36.40
CA PHE A 201 -17.91 19.33 36.58
C PHE A 201 -16.49 19.67 37.01
N LYS A 202 -15.74 20.29 36.11
CA LYS A 202 -14.33 20.54 36.32
C LYS A 202 -14.05 21.98 36.68
N ILE A 203 -13.33 22.18 37.78
CA ILE A 203 -13.02 23.51 38.27
C ILE A 203 -11.53 23.77 38.27
N TYR A 204 -11.12 24.80 37.54
CA TYR A 204 -9.72 25.19 37.46
C TYR A 204 -9.59 26.54 38.10
N SER A 205 -8.44 26.85 38.70
CA SER A 205 -8.30 28.19 39.24
C SER A 205 -6.87 28.68 39.40
N LYS A 206 -6.77 29.99 39.59
CA LYS A 206 -5.51 30.69 39.84
C LYS A 206 -5.73 31.86 40.78
N HIS A 207 -4.76 32.10 41.64
CA HIS A 207 -4.80 33.24 42.55
C HIS A 207 -3.54 34.08 42.39
N THR A 208 -3.70 35.39 42.33
CA THR A 208 -2.57 36.29 42.20
C THR A 208 -2.91 37.66 42.80
N PRO A 209 -1.96 38.36 43.44
CA PRO A 209 -2.11 39.71 43.96
C PRO A 209 -2.18 40.72 42.84
N ILE A 210 -2.97 41.76 43.06
CA ILE A 210 -3.08 42.87 42.12
C ILE A 210 -2.99 44.22 42.85
N ASN A 211 -2.74 45.30 42.08
CA ASN A 211 -2.70 46.68 42.58
C ASN A 211 -3.44 47.57 41.58
N ARG A 214 -8.79 48.71 38.13
CA ARG A 214 -9.90 49.00 37.23
C ARG A 214 -10.63 47.70 36.85
N ASP A 215 -10.13 46.98 35.83
CA ASP A 215 -10.70 45.73 35.32
C ASP A 215 -9.62 44.65 35.23
N LEU A 216 -9.84 43.61 34.43
CA LEU A 216 -8.90 42.49 34.37
C LEU A 216 -7.51 42.98 33.93
N PRO A 217 -6.46 42.72 34.72
CA PRO A 217 -5.08 43.08 34.40
C PRO A 217 -4.61 42.37 33.15
N GLN A 218 -3.76 43.03 32.38
CA GLN A 218 -3.16 42.43 31.20
C GLN A 218 -1.91 41.66 31.60
N GLY A 219 -1.78 40.44 31.11
CA GLY A 219 -0.66 39.57 31.44
C GLY A 219 -1.07 38.13 31.22
N PHE A 220 -0.19 37.18 31.50
CA PHE A 220 -0.53 35.78 31.26
C PHE A 220 -0.17 34.86 32.40
N SER A 221 -1.10 33.97 32.73
CA SER A 221 -0.92 32.90 33.70
C SER A 221 -1.86 31.77 33.34
N ALA A 222 -1.58 30.56 33.83
CA ALA A 222 -2.46 29.45 33.57
C ALA A 222 -3.12 28.94 34.84
N LEU A 223 -4.35 28.48 34.70
CA LEU A 223 -5.16 27.96 35.79
C LEU A 223 -5.06 26.44 35.89
N GLU A 224 -4.94 25.93 37.11
CA GLU A 224 -4.76 24.49 37.29
C GLU A 224 -6.00 23.87 37.91
N PRO A 225 -6.31 22.62 37.59
CA PRO A 225 -7.46 21.89 38.09
C PRO A 225 -7.32 21.64 39.57
N LEU A 226 -8.40 21.88 40.30
CA LEU A 226 -8.39 21.62 41.74
C LEU A 226 -9.48 20.62 42.11
N VAL A 227 -10.64 20.77 41.48
CA VAL A 227 -11.81 19.97 41.81
C VAL A 227 -12.45 19.36 40.58
N ASP A 228 -12.89 18.12 40.70
CA ASP A 228 -13.58 17.43 39.61
C ASP A 228 -14.74 16.61 40.20
N LEU A 229 -15.97 17.06 39.95
CA LEU A 229 -17.14 16.47 40.58
C LEU A 229 -17.88 15.49 39.64
N PRO A 230 -17.88 14.18 39.93
CA PRO A 230 -18.49 13.12 39.13
C PRO A 230 -19.98 13.05 39.39
N ILE A 231 -20.70 14.10 39.02
CA ILE A 231 -22.11 14.23 39.39
C ILE A 231 -23.11 13.74 38.33
N GLY A 232 -22.90 14.06 37.06
CA GLY A 232 -23.89 13.69 36.04
C GLY A 232 -25.08 14.64 36.00
N ILE A 233 -24.84 15.90 36.34
CA ILE A 233 -25.87 16.93 36.39
C ILE A 233 -25.82 17.91 35.22
N ASN A 234 -26.99 18.23 34.64
CA ASN A 234 -27.16 19.21 33.58
C ASN A 234 -27.10 20.63 34.13
N ILE A 235 -26.25 21.48 33.55
CA ILE A 235 -26.12 22.89 33.90
C ILE A 235 -26.36 23.76 32.67
N THR A 236 -27.32 24.67 32.75
CA THR A 236 -27.60 25.58 31.65
C THR A 236 -27.46 27.03 32.08
N ARG A 237 -27.58 27.28 33.38
CA ARG A 237 -27.50 28.62 33.97
C ARG A 237 -26.75 28.57 35.30
N PHE A 238 -26.24 29.71 35.75
CA PHE A 238 -25.59 29.76 37.06
C PHE A 238 -25.73 31.12 37.71
N GLN A 239 -25.49 31.19 39.01
CA GLN A 239 -25.56 32.46 39.72
C GLN A 239 -24.39 32.64 40.68
N THR A 240 -23.89 33.87 40.77
CA THR A 240 -22.78 34.19 41.66
C THR A 240 -23.32 34.68 43.00
N LEU A 241 -22.80 34.11 44.09
CA LEU A 241 -23.28 34.45 45.42
C LEU A 241 -22.31 35.30 46.24
N LEU A 242 -22.83 36.43 46.73
CA LEU A 242 -22.13 37.39 47.59
C LEU A 242 -22.76 37.32 48.97
N ALA A 264 -16.51 42.87 42.80
CA ALA A 264 -16.72 42.93 41.36
C ALA A 264 -16.26 41.61 40.71
N TYR A 265 -16.97 41.17 39.65
CA TYR A 265 -16.65 39.95 38.92
C TYR A 265 -16.89 40.08 37.42
N TYR A 266 -16.28 39.18 36.68
CA TYR A 266 -16.32 39.19 35.24
C TYR A 266 -16.78 37.83 34.74
N VAL A 267 -17.67 37.81 33.74
CA VAL A 267 -18.12 36.53 33.20
C VAL A 267 -17.96 36.44 31.70
N GLY A 268 -17.23 35.43 31.26
CA GLY A 268 -17.01 35.19 29.85
C GLY A 268 -17.44 33.77 29.52
N TYR A 269 -17.35 33.40 28.27
CA TYR A 269 -17.75 32.05 27.88
C TYR A 269 -16.70 31.34 27.08
N LEU A 270 -16.61 30.04 27.27
CA LEU A 270 -15.61 29.24 26.62
C LEU A 270 -16.07 28.82 25.23
N GLN A 271 -15.11 28.68 24.32
CA GLN A 271 -15.39 28.25 22.96
C GLN A 271 -14.40 27.17 22.54
N PRO A 272 -14.78 26.26 21.63
CA PRO A 272 -13.96 25.17 21.11
C PRO A 272 -12.93 25.66 20.12
N ARG A 273 -11.97 26.40 20.64
CA ARG A 273 -10.91 27.02 19.86
C ARG A 273 -9.61 26.27 20.04
N THR A 274 -8.75 26.35 19.03
CA THR A 274 -7.45 25.73 19.11
C THR A 274 -6.43 26.73 19.64
N PHE A 275 -5.65 26.28 20.61
CA PHE A 275 -4.58 27.06 21.19
C PHE A 275 -3.23 26.36 21.08
N LEU A 276 -2.20 27.17 20.92
CA LEU A 276 -0.84 26.66 20.98
C LEU A 276 -0.29 27.01 22.35
N LEU A 277 0.00 26.01 23.16
CA LEU A 277 0.44 26.24 24.53
C LEU A 277 1.92 25.96 24.69
N LYS A 278 2.66 26.96 25.15
CA LYS A 278 4.10 26.83 25.34
C LYS A 278 4.46 26.47 26.77
N TYR A 279 5.06 25.29 26.92
CA TYR A 279 5.47 24.76 28.20
C TYR A 279 6.94 25.05 28.43
N ASN A 280 7.28 25.51 29.63
CA ASN A 280 8.68 25.80 29.97
C ASN A 280 9.35 24.56 30.50
N GLU A 281 10.60 24.71 30.93
CA GLU A 281 11.40 23.60 31.44
C GLU A 281 10.79 22.89 32.67
N ASN A 282 10.03 23.63 33.50
CA ASN A 282 9.42 23.15 34.74
C ASN A 282 7.97 22.67 34.53
N GLY A 283 7.48 22.63 33.28
CA GLY A 283 6.15 22.15 32.94
C GLY A 283 4.99 23.13 33.04
N THR A 284 5.27 24.42 33.21
CA THR A 284 4.16 25.35 33.31
C THR A 284 3.87 25.95 31.95
N ILE A 285 2.68 26.48 31.77
CA ILE A 285 2.35 27.17 30.54
C ILE A 285 2.70 28.63 30.75
N THR A 286 3.60 29.15 29.94
CA THR A 286 4.05 30.51 30.11
C THR A 286 3.52 31.43 29.03
N ASP A 287 3.19 30.83 27.89
CA ASP A 287 2.69 31.61 26.77
C ASP A 287 1.64 30.81 26.01
N ALA A 288 0.74 31.50 25.32
CA ALA A 288 -0.22 30.80 24.48
C ALA A 288 -0.63 31.65 23.28
N VAL A 289 -1.00 30.97 22.20
CA VAL A 289 -1.52 31.60 20.99
C VAL A 289 -2.94 31.16 20.70
N ASP A 290 -3.83 32.12 20.51
CA ASP A 290 -5.20 31.82 20.11
C ASP A 290 -5.19 31.76 18.58
N CYS A 291 -5.34 30.55 18.01
CA CYS A 291 -5.15 30.28 16.60
C CYS A 291 -6.22 30.94 15.73
N ALA A 292 -7.27 31.48 16.35
CA ALA A 292 -8.33 32.12 15.59
C ALA A 292 -8.33 33.64 15.77
N LEU A 293 -7.35 34.17 16.48
CA LEU A 293 -7.35 35.60 16.78
C LEU A 293 -7.05 36.50 15.57
N ASP A 294 -6.00 36.17 14.83
CA ASP A 294 -5.59 36.95 13.66
C ASP A 294 -4.73 36.06 12.75
N PRO A 295 -4.45 36.46 11.49
CA PRO A 295 -3.59 35.77 10.54
C PRO A 295 -2.18 35.46 11.06
N LEU A 296 -1.63 36.32 11.91
CA LEU A 296 -0.30 36.03 12.43
C LEU A 296 -0.34 34.84 13.39
N SER A 297 -1.38 34.79 14.21
CA SER A 297 -1.56 33.71 15.15
C SER A 297 -1.80 32.42 14.39
N GLU A 298 -2.55 32.50 13.29
CA GLU A 298 -2.79 31.33 12.47
C GLU A 298 -1.46 30.80 11.95
N THR A 299 -0.56 31.70 11.56
CA THR A 299 0.75 31.31 11.07
C THR A 299 1.56 30.64 12.18
N LYS A 300 1.54 31.23 13.38
CA LYS A 300 2.25 30.66 14.51
C LYS A 300 1.78 29.24 14.88
N CYS A 301 0.46 29.01 14.86
CA CYS A 301 -0.13 27.70 15.15
C CYS A 301 0.20 26.69 14.05
N THR A 302 0.19 27.15 12.80
CA THR A 302 0.52 26.31 11.65
C THR A 302 1.96 25.81 11.71
N LEU A 303 2.86 26.71 12.07
CA LEU A 303 4.28 26.39 12.15
C LEU A 303 4.65 25.85 13.52
N LYS A 304 3.68 25.84 14.43
CA LYS A 304 3.86 25.39 15.79
C LYS A 304 5.06 26.06 16.44
N SER A 305 5.11 27.38 16.32
CA SER A 305 6.19 28.20 16.85
C SER A 305 5.67 29.55 17.31
N PHE A 306 6.33 30.17 18.28
CA PHE A 306 5.91 31.50 18.73
C PHE A 306 6.69 32.58 18.01
N THR A 307 7.52 32.17 17.07
CA THR A 307 8.28 33.08 16.26
C THR A 307 8.11 32.70 14.80
N VAL A 308 7.92 33.70 13.95
CA VAL A 308 7.76 33.42 12.53
C VAL A 308 8.84 34.09 11.74
N GLU A 309 9.51 33.31 10.92
CA GLU A 309 10.59 33.79 10.08
C GLU A 309 10.03 34.50 8.86
N LYS A 310 10.80 35.41 8.29
CA LYS A 310 10.35 36.11 7.10
C LYS A 310 9.99 35.15 5.98
N GLY A 311 8.82 35.37 5.39
CA GLY A 311 8.38 34.53 4.29
C GLY A 311 6.87 34.52 4.13
N ILE A 312 6.40 33.66 3.23
CA ILE A 312 4.99 33.51 2.95
C ILE A 312 4.58 32.09 3.32
N TYR A 313 3.54 31.97 4.13
CA TYR A 313 3.13 30.65 4.59
C TYR A 313 1.67 30.38 4.32
N GLN A 314 1.33 29.19 3.84
CA GLN A 314 -0.08 28.87 3.69
C GLN A 314 -0.60 28.36 5.01
N THR A 315 -1.64 29.01 5.52
CA THR A 315 -2.14 28.66 6.84
C THR A 315 -3.56 28.13 6.82
N SER A 316 -4.33 28.49 5.81
CA SER A 316 -5.72 28.09 5.79
C SER A 316 -6.29 28.03 4.40
N ASN A 317 -7.60 27.90 4.32
CA ASN A 317 -8.35 27.83 3.09
C ASN A 317 -9.60 28.69 3.17
N PHE A 318 -9.73 29.60 2.24
CA PHE A 318 -10.84 30.50 2.13
C PHE A 318 -11.96 29.85 1.37
N ARG A 319 -13.17 29.99 1.87
CA ARG A 319 -14.31 29.48 1.16
C ARG A 319 -15.47 30.44 1.30
N VAL A 320 -16.06 30.81 0.17
CA VAL A 320 -17.23 31.67 0.18
C VAL A 320 -18.40 30.86 0.71
N GLN A 321 -19.10 31.41 1.68
CA GLN A 321 -20.19 30.68 2.29
C GLN A 321 -21.52 30.96 1.61
N PRO A 322 -22.42 29.96 1.56
CA PRO A 322 -23.79 30.07 1.15
C PRO A 322 -24.52 31.07 2.01
N THR A 323 -25.46 31.80 1.41
CA THR A 323 -26.24 32.76 2.16
C THR A 323 -27.53 32.11 2.61
N GLU A 324 -28.45 31.96 1.67
CA GLU A 324 -29.76 31.35 1.92
C GLU A 324 -29.85 29.97 1.28
N SER A 325 -31.01 29.31 1.49
CA SER A 325 -31.25 27.97 0.97
C SER A 325 -32.40 27.92 -0.03
N ILE A 326 -32.08 27.51 -1.25
CA ILE A 326 -33.03 27.44 -2.35
C ILE A 326 -33.55 26.03 -2.54
N VAL A 327 -34.85 25.88 -2.49
CA VAL A 327 -35.48 24.58 -2.63
C VAL A 327 -36.49 24.57 -3.76
N ARG A 328 -36.30 23.68 -4.73
CA ARG A 328 -37.19 23.66 -5.87
C ARG A 328 -37.76 22.28 -6.15
N PHE A 329 -39.08 22.25 -6.25
CA PHE A 329 -39.85 21.05 -6.58
C PHE A 329 -40.85 21.43 -7.65
N PRO A 330 -41.30 20.49 -8.48
CA PRO A 330 -42.27 20.68 -9.55
C PRO A 330 -43.65 21.01 -9.00
N ASN A 331 -44.53 21.52 -9.87
CA ASN A 331 -45.89 21.95 -9.50
C ASN A 331 -46.81 20.75 -9.23
N ILE A 332 -46.61 20.11 -8.09
CA ILE A 332 -47.42 18.97 -7.65
C ILE A 332 -48.35 19.43 -6.53
N THR A 333 -49.64 19.27 -6.75
CA THR A 333 -50.62 19.74 -5.78
C THR A 333 -51.42 18.62 -5.10
N ASN A 334 -51.38 17.42 -5.66
CA ASN A 334 -52.19 16.34 -5.11
C ASN A 334 -51.42 15.53 -4.08
N LEU A 335 -52.09 14.57 -3.47
CA LEU A 335 -51.46 13.68 -2.50
C LEU A 335 -51.43 12.27 -3.05
N CYS A 336 -50.36 11.51 -2.71
CA CYS A 336 -50.20 10.13 -3.15
C CYS A 336 -51.19 9.21 -2.43
N PRO A 337 -51.84 8.31 -3.17
CA PRO A 337 -52.90 7.43 -2.73
C PRO A 337 -52.38 6.27 -1.89
N PHE A 338 -51.78 6.59 -0.75
CA PHE A 338 -51.31 5.55 0.13
C PHE A 338 -52.49 4.85 0.77
N GLY A 339 -53.58 5.58 0.97
CA GLY A 339 -54.77 4.97 1.56
C GLY A 339 -55.28 3.82 0.71
N GLU A 340 -55.10 3.92 -0.61
CA GLU A 340 -55.57 2.89 -1.54
C GLU A 340 -54.62 1.70 -1.58
N VAL A 341 -53.48 1.82 -0.92
CA VAL A 341 -52.46 0.80 -0.89
C VAL A 341 -52.43 0.09 0.45
N PHE A 342 -52.45 0.87 1.52
CA PHE A 342 -52.32 0.32 2.86
C PHE A 342 -53.66 0.06 3.59
N ASN A 343 -54.73 0.81 3.23
CA ASN A 343 -56.06 0.69 3.84
C ASN A 343 -57.08 0.08 2.84
N ALA A 344 -56.59 -0.66 1.82
CA ALA A 344 -57.39 -1.33 0.80
C ALA A 344 -58.21 -2.45 1.43
N THR A 345 -59.39 -2.71 0.89
CA THR A 345 -60.24 -3.75 1.43
C THR A 345 -59.76 -5.13 1.01
N ARG A 346 -59.11 -5.20 -0.15
CA ARG A 346 -58.61 -6.47 -0.65
C ARG A 346 -57.21 -6.36 -1.22
N PHE A 347 -56.41 -7.36 -0.88
CA PHE A 347 -55.06 -7.54 -1.40
C PHE A 347 -55.01 -8.73 -2.34
N ALA A 348 -54.07 -8.70 -3.27
CA ALA A 348 -53.86 -9.80 -4.20
C ALA A 348 -53.08 -10.93 -3.57
N SER A 349 -53.19 -12.10 -4.19
CA SER A 349 -52.40 -13.25 -3.83
C SER A 349 -50.93 -13.01 -4.15
N VAL A 350 -50.05 -13.67 -3.41
CA VAL A 350 -48.62 -13.47 -3.64
C VAL A 350 -48.17 -13.95 -5.01
N TYR A 351 -48.82 -14.97 -5.56
CA TYR A 351 -48.44 -15.45 -6.89
C TYR A 351 -48.83 -14.44 -7.97
N ALA A 352 -49.76 -13.55 -7.64
CA ALA A 352 -50.31 -12.61 -8.62
C ALA A 352 -50.44 -11.23 -7.98
N TRP A 353 -49.34 -10.72 -7.46
CA TRP A 353 -49.30 -9.46 -6.71
C TRP A 353 -49.70 -8.26 -7.55
N ASN A 354 -50.33 -7.27 -6.90
CA ASN A 354 -50.74 -6.08 -7.63
C ASN A 354 -49.61 -5.09 -7.79
N ARG A 355 -49.52 -4.47 -8.95
CA ARG A 355 -48.55 -3.41 -9.21
C ARG A 355 -49.23 -2.06 -9.36
N LYS A 356 -49.22 -1.25 -8.31
CA LYS A 356 -49.87 0.05 -8.42
C LYS A 356 -48.85 1.17 -8.60
N ARG A 357 -49.05 1.98 -9.63
CA ARG A 357 -48.14 3.08 -9.90
C ARG A 357 -48.53 4.34 -9.16
N ILE A 358 -47.57 4.92 -8.47
CA ILE A 358 -47.73 6.18 -7.78
C ILE A 358 -46.94 7.27 -8.50
N SER A 359 -47.65 8.30 -8.95
CA SER A 359 -47.02 9.36 -9.74
C SER A 359 -47.75 10.68 -9.61
N ASN A 360 -47.06 11.76 -9.98
CA ASN A 360 -47.61 13.11 -10.02
C ASN A 360 -48.33 13.49 -8.72
N CYS A 361 -47.66 13.27 -7.58
CA CYS A 361 -48.27 13.47 -6.25
C CYS A 361 -47.23 13.75 -5.17
N VAL A 362 -47.71 14.26 -4.04
CA VAL A 362 -46.87 14.46 -2.88
C VAL A 362 -46.94 13.26 -1.96
N ALA A 363 -45.79 12.68 -1.71
CA ALA A 363 -45.69 11.48 -0.92
C ALA A 363 -45.21 11.77 0.47
N ASP A 364 -46.13 11.81 1.40
CA ASP A 364 -45.76 12.05 2.79
C ASP A 364 -45.63 10.68 3.44
N TYR A 365 -44.41 10.29 3.76
CA TYR A 365 -44.16 8.95 4.26
C TYR A 365 -44.19 8.90 5.77
N SER A 366 -44.34 10.05 6.43
CA SER A 366 -44.30 10.09 7.88
C SER A 366 -45.58 9.51 8.44
N VAL A 367 -46.60 9.47 7.59
CA VAL A 367 -47.90 8.95 7.97
C VAL A 367 -47.82 7.44 8.09
N LEU A 368 -46.80 6.86 7.46
CA LEU A 368 -46.61 5.43 7.50
C LEU A 368 -45.56 5.09 8.55
N TYR A 369 -44.42 5.76 8.45
CA TYR A 369 -43.31 5.49 9.34
C TYR A 369 -43.62 5.67 10.81
N ASN A 370 -44.30 6.74 11.16
CA ASN A 370 -44.54 7.02 12.57
C ASN A 370 -45.83 6.39 13.09
N SER A 371 -46.48 5.55 12.29
CA SER A 371 -47.69 4.90 12.76
C SER A 371 -47.32 3.69 13.61
N ALA A 372 -48.27 3.19 14.38
CA ALA A 372 -48.04 1.99 15.18
C ALA A 372 -48.70 0.77 14.55
N SER A 373 -49.17 0.93 13.32
CA SER A 373 -49.90 -0.13 12.63
C SER A 373 -48.99 -1.13 11.95
N PHE A 374 -47.71 -0.82 11.80
CA PHE A 374 -46.83 -1.73 11.08
C PHE A 374 -45.89 -2.47 12.01
N SER A 375 -45.65 -3.74 11.72
CA SER A 375 -44.72 -4.52 12.50
C SER A 375 -43.37 -4.56 11.81
N THR A 376 -43.41 -4.39 10.48
CA THR A 376 -42.21 -4.39 9.66
C THR A 376 -42.15 -3.10 8.85
N PHE A 377 -41.00 -2.45 8.88
CA PHE A 377 -40.78 -1.24 8.08
C PHE A 377 -39.31 -1.21 7.73
N LYS A 378 -38.93 -2.01 6.75
CA LYS A 378 -37.52 -2.21 6.42
C LYS A 378 -37.09 -1.51 5.14
N CYS A 379 -36.35 -0.41 5.28
CA CYS A 379 -35.82 0.37 4.16
C CYS A 379 -34.35 0.03 3.98
N TYR A 380 -33.93 -0.25 2.76
CA TYR A 380 -32.58 -0.75 2.55
C TYR A 380 -31.60 0.26 1.95
N GLY A 381 -32.03 1.00 0.93
CA GLY A 381 -31.14 1.94 0.25
C GLY A 381 -31.36 3.36 0.74
N VAL A 382 -32.23 3.51 1.72
CA VAL A 382 -32.59 4.82 2.23
C VAL A 382 -33.10 4.70 3.64
N SER A 383 -32.85 5.70 4.47
CA SER A 383 -33.42 5.72 5.79
C SER A 383 -34.92 6.04 5.72
N PRO A 384 -35.76 5.42 6.55
CA PRO A 384 -37.19 5.65 6.65
C PRO A 384 -37.54 7.12 6.93
N THR A 385 -36.60 7.87 7.49
CA THR A 385 -36.86 9.25 7.85
C THR A 385 -36.26 10.25 6.87
N LYS A 386 -35.66 9.77 5.79
CA LYS A 386 -35.09 10.61 4.75
C LYS A 386 -35.98 10.63 3.51
N LEU A 387 -37.01 9.81 3.53
CA LEU A 387 -37.88 9.65 2.37
C LEU A 387 -38.56 10.94 1.99
N ASN A 388 -38.89 11.76 2.98
CA ASN A 388 -39.60 12.99 2.73
C ASN A 388 -38.74 14.07 2.09
N ASP A 389 -37.43 13.84 2.00
CA ASP A 389 -36.54 14.80 1.36
C ASP A 389 -36.14 14.37 -0.04
N LEU A 390 -36.73 13.30 -0.53
CA LEU A 390 -36.35 12.76 -1.83
C LEU A 390 -37.49 12.82 -2.84
N CYS A 391 -37.13 12.88 -4.13
CA CYS A 391 -38.05 12.77 -5.27
C CYS A 391 -37.72 11.54 -6.09
N PHE A 392 -38.74 10.95 -6.67
CA PHE A 392 -38.59 9.73 -7.44
C PHE A 392 -39.25 9.88 -8.81
N THR A 393 -38.78 9.14 -9.80
CA THR A 393 -39.42 9.22 -11.11
C THR A 393 -40.75 8.55 -11.05
N ASN A 394 -40.79 7.46 -10.30
CA ASN A 394 -42.00 6.70 -10.03
C ASN A 394 -41.83 5.97 -8.71
N VAL A 395 -42.93 5.70 -8.03
CA VAL A 395 -42.91 4.81 -6.90
C VAL A 395 -43.94 3.73 -7.15
N TYR A 396 -43.57 2.47 -6.99
CA TYR A 396 -44.54 1.43 -7.21
C TYR A 396 -44.84 0.69 -5.95
N ALA A 397 -46.10 0.45 -5.71
CA ALA A 397 -46.52 -0.28 -4.55
C ALA A 397 -46.94 -1.69 -4.92
N ASP A 398 -46.11 -2.65 -4.56
CA ASP A 398 -46.41 -4.04 -4.86
C ASP A 398 -47.16 -4.62 -3.68
N SER A 399 -48.44 -4.91 -3.90
CA SER A 399 -49.36 -5.28 -2.83
C SER A 399 -49.85 -6.73 -2.87
N PHE A 400 -49.57 -7.47 -1.79
CA PHE A 400 -49.94 -8.88 -1.72
C PHE A 400 -50.02 -9.47 -0.29
N VAL A 401 -50.59 -10.67 -0.17
CA VAL A 401 -50.71 -11.37 1.11
C VAL A 401 -49.85 -12.64 1.22
N ILE A 402 -49.08 -12.70 2.31
CA ILE A 402 -48.20 -13.82 2.66
C ILE A 402 -48.40 -14.22 4.12
N ARG A 403 -47.80 -15.32 4.56
CA ARG A 403 -47.93 -15.67 5.98
C ARG A 403 -46.77 -15.05 6.77
N GLY A 404 -46.95 -14.87 8.07
CA GLY A 404 -45.95 -14.29 8.96
C GLY A 404 -44.52 -14.79 8.75
N ASP A 405 -44.31 -16.10 8.71
CA ASP A 405 -42.97 -16.65 8.55
C ASP A 405 -42.31 -16.29 7.21
N GLU A 406 -43.11 -15.88 6.22
CA GLU A 406 -42.61 -15.56 4.90
C GLU A 406 -42.23 -14.09 4.75
N VAL A 407 -42.45 -13.30 5.79
CA VAL A 407 -42.14 -11.88 5.73
C VAL A 407 -40.65 -11.69 5.47
N ARG A 408 -39.84 -12.55 6.05
CA ARG A 408 -38.39 -12.48 5.91
C ARG A 408 -37.91 -12.70 4.47
N GLN A 409 -38.77 -13.28 3.61
CA GLN A 409 -38.36 -13.54 2.23
C GLN A 409 -38.55 -12.31 1.35
N ILE A 410 -39.25 -11.31 1.87
CA ILE A 410 -39.47 -10.13 1.06
C ILE A 410 -38.33 -9.19 1.36
N ALA A 411 -37.17 -9.50 0.79
CA ALA A 411 -35.98 -8.71 1.02
C ALA A 411 -34.93 -9.05 -0.05
N PRO A 412 -33.99 -8.14 -0.32
CA PRO A 412 -32.89 -8.33 -1.23
C PRO A 412 -32.02 -9.50 -0.81
N GLY A 413 -31.63 -10.33 -1.76
CA GLY A 413 -30.71 -11.42 -1.50
C GLY A 413 -31.35 -12.67 -0.88
N GLN A 414 -32.67 -12.66 -0.69
CA GLN A 414 -33.30 -13.81 -0.06
C GLN A 414 -33.80 -14.83 -1.06
N THR A 415 -33.92 -16.08 -0.58
CA THR A 415 -34.42 -17.20 -1.36
C THR A 415 -35.52 -17.94 -0.60
N GLY A 416 -36.27 -18.79 -1.29
CA GLY A 416 -37.36 -19.55 -0.68
C GLY A 416 -38.52 -19.63 -1.65
N LYS A 417 -39.59 -20.33 -1.31
CA LYS A 417 -40.65 -20.48 -2.29
C LYS A 417 -41.29 -19.16 -2.70
N ILE A 418 -41.29 -18.15 -1.81
CA ILE A 418 -41.87 -16.89 -2.23
C ILE A 418 -40.83 -16.11 -2.99
N ALA A 419 -39.65 -15.98 -2.41
CA ALA A 419 -38.60 -15.21 -3.05
C ALA A 419 -38.28 -15.74 -4.45
N ASP A 420 -38.35 -17.05 -4.65
CA ASP A 420 -38.03 -17.64 -5.95
C ASP A 420 -39.21 -17.91 -6.88
N TYR A 421 -40.40 -18.23 -6.36
CA TYR A 421 -41.49 -18.60 -7.27
C TYR A 421 -42.63 -17.58 -7.36
N ASN A 422 -42.70 -16.63 -6.43
CA ASN A 422 -43.84 -15.72 -6.41
C ASN A 422 -43.48 -14.25 -6.53
N TYR A 423 -42.49 -13.82 -5.75
CA TYR A 423 -42.15 -12.40 -5.69
C TYR A 423 -40.67 -12.19 -5.42
N LYS A 424 -39.92 -11.89 -6.46
CA LYS A 424 -38.48 -11.73 -6.35
C LYS A 424 -38.02 -10.27 -6.33
N LEU A 425 -37.24 -9.91 -5.32
CA LEU A 425 -36.62 -8.59 -5.25
C LEU A 425 -35.15 -8.72 -5.58
N PRO A 426 -34.59 -7.78 -6.34
CA PRO A 426 -33.20 -7.74 -6.76
C PRO A 426 -32.27 -7.42 -5.59
N ASP A 427 -31.02 -7.84 -5.70
CA ASP A 427 -30.01 -7.62 -4.66
C ASP A 427 -29.74 -6.14 -4.43
N ASP A 428 -29.92 -5.33 -5.47
CA ASP A 428 -29.70 -3.89 -5.41
C ASP A 428 -31.01 -3.11 -5.29
N PHE A 429 -32.06 -3.78 -4.81
CA PHE A 429 -33.35 -3.15 -4.61
C PHE A 429 -33.28 -1.90 -3.75
N THR A 430 -33.92 -0.85 -4.22
CA THR A 430 -34.01 0.38 -3.45
C THR A 430 -35.45 0.64 -3.08
N GLY A 431 -35.67 0.75 -1.79
CA GLY A 431 -37.01 0.97 -1.29
C GLY A 431 -37.24 0.40 0.08
N CYS A 432 -38.53 0.28 0.44
CA CYS A 432 -38.98 -0.13 1.77
C CYS A 432 -40.00 -1.25 1.71
N VAL A 433 -39.83 -2.22 2.58
CA VAL A 433 -40.80 -3.31 2.73
C VAL A 433 -41.61 -3.09 3.99
N ILE A 434 -42.90 -2.87 3.81
CA ILE A 434 -43.78 -2.56 4.92
C ILE A 434 -44.82 -3.66 5.10
N ALA A 435 -44.94 -4.18 6.31
CA ALA A 435 -45.91 -5.25 6.51
C ALA A 435 -46.56 -5.17 7.88
N TRP A 436 -47.79 -5.67 7.94
CA TRP A 436 -48.53 -5.70 9.19
C TRP A 436 -49.43 -6.91 9.30
N ASN A 437 -49.73 -7.28 10.54
CA ASN A 437 -50.58 -8.41 10.82
C ASN A 437 -52.01 -8.12 10.42
N SER A 438 -52.61 -9.02 9.66
CA SER A 438 -53.97 -8.87 9.19
C SER A 438 -54.82 -10.07 9.57
N ASN A 439 -54.54 -10.63 10.75
CA ASN A 439 -55.25 -11.82 11.22
C ASN A 439 -56.75 -11.58 11.34
N ASN A 440 -57.14 -10.36 11.66
CA ASN A 440 -58.55 -10.05 11.83
C ASN A 440 -59.19 -9.54 10.55
N LEU A 441 -58.46 -9.60 9.44
CA LEU A 441 -59.00 -9.13 8.18
C LEU A 441 -59.09 -10.23 7.14
N ASP A 442 -58.00 -10.98 6.99
CA ASP A 442 -57.88 -11.98 5.93
C ASP A 442 -58.05 -13.42 6.40
N SER A 443 -58.60 -13.64 7.59
CA SER A 443 -58.79 -15.01 8.06
C SER A 443 -60.25 -15.35 8.22
N LYS A 444 -60.56 -16.64 8.13
CA LYS A 444 -61.94 -17.11 8.33
C LYS A 444 -61.92 -18.32 9.26
N VAL A 445 -62.99 -18.51 10.01
CA VAL A 445 -63.01 -19.59 10.99
C VAL A 445 -62.79 -20.95 10.36
N GLY A 446 -63.44 -21.18 9.22
CA GLY A 446 -63.32 -22.46 8.53
C GLY A 446 -62.11 -22.51 7.60
N GLY A 447 -61.33 -21.43 7.57
CA GLY A 447 -60.16 -21.30 6.72
C GLY A 447 -60.43 -20.46 5.48
N ASN A 448 -59.62 -19.44 5.30
CA ASN A 448 -59.70 -18.58 4.14
C ASN A 448 -58.75 -19.11 3.09
N TYR A 449 -59.29 -19.78 2.08
CA TYR A 449 -58.45 -20.44 1.09
C TYR A 449 -58.40 -19.65 -0.21
N ASN A 450 -58.78 -18.37 -0.14
CA ASN A 450 -58.78 -17.50 -1.31
C ASN A 450 -57.39 -17.10 -1.77
N TYR A 451 -56.43 -17.05 -0.85
CA TYR A 451 -55.09 -16.61 -1.19
C TYR A 451 -54.20 -17.76 -1.66
N LEU A 452 -53.60 -17.58 -2.83
CA LEU A 452 -52.74 -18.61 -3.40
C LEU A 452 -51.27 -18.21 -3.51
N TYR A 453 -50.41 -19.21 -3.40
CA TYR A 453 -48.99 -19.06 -3.65
C TYR A 453 -48.52 -20.18 -4.54
N ARG A 454 -47.48 -19.93 -5.31
CA ARG A 454 -46.92 -20.94 -6.17
C ARG A 454 -45.94 -21.79 -5.39
N LEU A 455 -46.16 -23.09 -5.44
CA LEU A 455 -45.32 -24.06 -4.76
C LEU A 455 -44.46 -24.81 -5.77
N PHE A 456 -45.01 -25.03 -6.96
CA PHE A 456 -44.30 -25.78 -7.99
C PHE A 456 -43.96 -24.92 -9.20
N ARG A 457 -42.67 -24.81 -9.50
CA ARG A 457 -42.24 -24.05 -10.67
C ARG A 457 -40.96 -24.66 -11.23
N LYS A 458 -40.83 -24.66 -12.55
CA LYS A 458 -39.67 -25.23 -13.24
C LYS A 458 -38.37 -24.46 -13.04
N SER A 459 -38.48 -23.17 -12.71
CA SER A 459 -37.31 -22.31 -12.54
C SER A 459 -37.64 -21.14 -11.63
N ASN A 460 -36.62 -20.38 -11.26
CA ASN A 460 -36.80 -19.23 -10.37
C ASN A 460 -37.15 -17.97 -11.18
N LEU A 461 -37.81 -17.03 -10.52
CA LEU A 461 -38.20 -15.75 -11.14
C LEU A 461 -37.08 -14.73 -11.19
N LYS A 462 -37.19 -13.83 -12.18
CA LYS A 462 -36.32 -12.68 -12.25
C LYS A 462 -36.96 -11.57 -11.41
N PRO A 463 -36.19 -10.57 -10.96
CA PRO A 463 -36.68 -9.46 -10.19
C PRO A 463 -37.89 -8.81 -10.86
N PHE A 464 -38.92 -8.62 -10.04
CA PHE A 464 -40.18 -8.00 -10.45
C PHE A 464 -40.93 -8.69 -11.59
N GLU A 465 -40.63 -9.97 -11.82
CA GLU A 465 -41.36 -10.75 -12.81
C GLU A 465 -42.66 -11.26 -12.18
N ARG A 466 -43.76 -11.19 -12.93
CA ARG A 466 -45.04 -11.64 -12.40
C ARG A 466 -45.62 -12.79 -13.22
N ASP A 467 -45.51 -14.00 -12.67
CA ASP A 467 -45.96 -15.22 -13.36
C ASP A 467 -47.29 -15.73 -12.80
N ILE A 468 -48.34 -15.63 -13.61
CA ILE A 468 -49.68 -16.02 -13.18
C ILE A 468 -50.23 -17.21 -13.95
N SER A 469 -49.34 -17.97 -14.58
CA SER A 469 -49.74 -19.17 -15.32
C SER A 469 -50.26 -20.24 -14.38
N THR A 470 -51.28 -20.97 -14.83
CA THR A 470 -51.87 -22.05 -14.05
C THR A 470 -51.62 -23.42 -14.67
N GLU A 471 -50.69 -23.48 -15.60
CA GLU A 471 -50.35 -24.73 -16.29
C GLU A 471 -49.87 -25.80 -15.32
N ILE A 472 -50.37 -27.03 -15.47
CA ILE A 472 -50.02 -28.12 -14.56
C ILE A 472 -48.53 -28.42 -14.62
N TYR A 473 -47.92 -28.50 -13.44
CA TYR A 473 -46.50 -28.72 -13.30
C TYR A 473 -46.13 -30.18 -13.42
N GLN A 474 -45.13 -30.44 -14.26
CA GLN A 474 -44.63 -31.79 -14.45
C GLN A 474 -43.45 -32.06 -13.53
N ALA A 475 -43.66 -32.92 -12.53
CA ALA A 475 -42.63 -33.23 -11.57
C ALA A 475 -41.82 -34.44 -12.03
N GLY A 476 -42.47 -35.31 -12.78
CA GLY A 476 -41.87 -36.56 -13.23
C GLY A 476 -41.32 -36.47 -14.66
N SER A 477 -41.14 -37.64 -15.27
CA SER A 477 -40.56 -37.73 -16.61
C SER A 477 -41.61 -37.74 -17.72
N THR A 478 -42.87 -37.87 -17.36
CA THR A 478 -43.93 -37.98 -18.35
C THR A 478 -44.78 -36.71 -18.44
N PRO A 479 -45.26 -36.34 -19.64
CA PRO A 479 -46.17 -35.24 -19.90
C PRO A 479 -47.46 -35.36 -19.10
N CYS A 480 -47.96 -34.23 -18.60
CA CYS A 480 -49.19 -34.16 -17.82
C CYS A 480 -50.38 -33.84 -18.73
N ASN A 481 -50.12 -33.05 -19.76
CA ASN A 481 -51.15 -32.64 -20.70
C ASN A 481 -52.35 -32.00 -20.01
N GLY A 482 -52.08 -31.20 -18.97
CA GLY A 482 -53.15 -30.50 -18.26
C GLY A 482 -53.86 -31.35 -17.21
N VAL A 483 -53.41 -32.58 -17.00
CA VAL A 483 -54.07 -33.47 -16.07
C VAL A 483 -53.24 -33.77 -14.83
N GLU A 484 -53.83 -33.55 -13.66
CA GLU A 484 -53.17 -33.83 -12.38
C GLU A 484 -53.18 -35.33 -12.09
N GLY A 485 -52.23 -35.76 -11.28
CA GLY A 485 -52.11 -37.18 -10.97
C GLY A 485 -50.71 -37.47 -10.46
N PHE A 486 -50.24 -38.70 -10.62
CA PHE A 486 -48.92 -38.99 -10.12
C PHE A 486 -47.88 -38.17 -10.86
N ASN A 487 -47.13 -37.39 -10.09
CA ASN A 487 -46.10 -36.47 -10.59
C ASN A 487 -46.62 -35.32 -11.49
N CYS A 488 -47.90 -34.91 -11.30
CA CYS A 488 -48.53 -33.78 -12.00
C CYS A 488 -49.34 -32.97 -10.99
N TYR A 489 -49.02 -31.69 -10.85
CA TYR A 489 -49.71 -30.91 -9.82
C TYR A 489 -50.20 -29.55 -10.29
N PHE A 490 -51.34 -29.12 -9.76
CA PHE A 490 -51.72 -27.72 -9.97
C PHE A 490 -50.70 -26.92 -9.19
N PRO A 491 -50.00 -25.96 -9.81
CA PRO A 491 -48.86 -25.25 -9.27
C PRO A 491 -49.14 -24.37 -8.07
N LEU A 492 -50.41 -24.01 -7.87
CA LEU A 492 -50.75 -23.11 -6.78
C LEU A 492 -51.39 -23.81 -5.61
N GLN A 493 -50.95 -23.44 -4.41
CA GLN A 493 -51.44 -23.95 -3.14
C GLN A 493 -52.00 -22.82 -2.31
N SER A 494 -53.18 -23.03 -1.73
CA SER A 494 -53.79 -22.00 -0.90
C SER A 494 -53.19 -21.87 0.50
N TYR A 495 -53.40 -20.70 1.09
CA TYR A 495 -53.09 -20.45 2.48
C TYR A 495 -54.37 -20.53 3.28
N GLY A 496 -54.58 -21.59 4.04
CA GLY A 496 -55.82 -21.69 4.80
C GLY A 496 -55.76 -20.80 6.03
N PHE A 497 -55.92 -19.50 5.86
CA PHE A 497 -55.74 -18.63 7.01
C PHE A 497 -56.92 -18.73 7.97
N GLN A 498 -56.62 -18.99 9.24
CA GLN A 498 -57.62 -19.12 10.29
C GLN A 498 -57.24 -18.20 11.47
N PRO A 499 -58.22 -17.63 12.19
CA PRO A 499 -58.04 -16.77 13.35
C PRO A 499 -57.25 -17.41 14.48
N THR A 500 -57.22 -18.74 14.50
CA THR A 500 -56.58 -19.49 15.56
C THR A 500 -55.18 -20.00 15.21
N ASN A 501 -54.65 -19.59 14.06
CA ASN A 501 -53.32 -20.03 13.68
C ASN A 501 -52.25 -19.35 14.54
N GLY A 502 -51.10 -20.00 14.70
CA GLY A 502 -49.98 -19.39 15.40
C GLY A 502 -49.49 -18.21 14.58
N VAL A 503 -48.73 -17.30 15.18
CA VAL A 503 -48.35 -16.06 14.50
C VAL A 503 -47.63 -16.28 13.17
N GLY A 504 -46.75 -17.26 13.11
CA GLY A 504 -46.00 -17.50 11.88
C GLY A 504 -46.91 -17.93 10.73
N TYR A 505 -48.13 -18.35 11.06
CA TYR A 505 -49.07 -18.81 10.06
C TYR A 505 -50.26 -17.87 9.91
N GLN A 506 -50.21 -16.72 10.58
CA GLN A 506 -51.25 -15.72 10.42
C GLN A 506 -50.94 -14.95 9.17
N PRO A 507 -51.93 -14.39 8.48
CA PRO A 507 -51.75 -13.58 7.30
C PRO A 507 -51.14 -12.25 7.64
N TYR A 508 -50.29 -11.79 6.74
CA TYR A 508 -49.70 -10.46 6.78
C TYR A 508 -49.91 -9.76 5.45
N ARG A 509 -50.24 -8.50 5.53
CA ARG A 509 -50.39 -7.68 4.36
C ARG A 509 -49.09 -6.97 4.14
N VAL A 510 -48.49 -7.19 2.99
CA VAL A 510 -47.21 -6.62 2.71
C VAL A 510 -47.24 -5.75 1.47
N VAL A 511 -46.68 -4.57 1.62
CA VAL A 511 -46.54 -3.63 0.55
C VAL A 511 -45.09 -3.29 0.35
N VAL A 512 -44.60 -3.50 -0.84
CA VAL A 512 -43.23 -3.15 -1.12
C VAL A 512 -43.21 -1.89 -1.94
N LEU A 513 -42.56 -0.87 -1.43
CA LEU A 513 -42.47 0.37 -2.16
C LEU A 513 -41.14 0.42 -2.88
N SER A 514 -41.22 0.29 -4.19
CA SER A 514 -40.08 0.28 -5.09
C SER A 514 -39.86 1.69 -5.58
N PHE A 515 -38.70 2.24 -5.29
CA PHE A 515 -38.46 3.63 -5.62
C PHE A 515 -37.48 3.78 -6.75
N GLU A 516 -37.91 4.47 -7.80
CA GLU A 516 -37.04 4.74 -8.92
C GLU A 516 -36.21 5.96 -8.57
N LEU A 517 -35.30 5.76 -7.62
CA LEU A 517 -34.52 6.82 -7.02
C LEU A 517 -33.27 7.09 -7.84
N LEU A 518 -33.51 7.57 -9.04
CA LEU A 518 -32.51 7.95 -10.01
C LEU A 518 -32.78 9.40 -10.33
N HIS A 519 -31.79 10.14 -10.83
CA HIS A 519 -32.04 11.52 -11.14
C HIS A 519 -32.59 11.70 -12.56
N ALA A 520 -33.81 12.21 -12.63
CA ALA A 520 -34.59 12.43 -13.84
C ALA A 520 -35.73 13.38 -13.41
N PRO A 521 -36.60 13.89 -14.30
CA PRO A 521 -37.57 14.94 -14.02
C PRO A 521 -38.34 14.80 -12.71
N ALA A 522 -38.67 13.58 -12.32
CA ALA A 522 -39.37 13.26 -11.06
C ALA A 522 -40.85 13.61 -11.11
N THR A 523 -41.66 12.72 -10.56
CA THR A 523 -43.10 12.98 -10.49
C THR A 523 -43.61 12.83 -9.05
N VAL A 524 -42.84 12.15 -8.21
CA VAL A 524 -43.25 11.94 -6.82
C VAL A 524 -42.26 12.65 -5.92
N CYS A 525 -42.73 13.61 -5.11
CA CYS A 525 -41.87 14.39 -4.19
C CYS A 525 -42.46 14.43 -2.80
N GLY A 526 -41.61 14.61 -1.80
CA GLY A 526 -42.07 14.68 -0.43
C GLY A 526 -42.80 15.99 -0.14
N PRO A 527 -43.32 16.14 1.08
CA PRO A 527 -44.12 17.24 1.57
C PRO A 527 -43.29 18.45 1.93
N LYS A 528 -42.67 19.04 0.93
CA LYS A 528 -41.83 20.21 1.14
C LYS A 528 -42.29 21.37 0.30
N LYS A 529 -42.03 22.58 0.78
CA LYS A 529 -42.40 23.76 0.04
C LYS A 529 -41.22 24.26 -0.77
N SER A 530 -41.52 24.86 -1.90
CA SER A 530 -40.50 25.46 -2.73
C SER A 530 -40.22 26.88 -2.26
N THR A 531 -39.10 27.41 -2.71
CA THR A 531 -38.71 28.78 -2.44
C THR A 531 -38.44 29.47 -3.76
N ASN A 532 -38.24 30.78 -3.71
CA ASN A 532 -37.87 31.53 -4.90
C ASN A 532 -36.46 31.14 -5.26
N LEU A 533 -36.15 31.09 -6.55
CA LEU A 533 -34.80 30.75 -6.96
C LEU A 533 -33.94 32.00 -6.99
N VAL A 534 -32.72 31.87 -6.51
CA VAL A 534 -31.78 32.97 -6.43
C VAL A 534 -30.59 32.75 -7.32
N LYS A 535 -30.31 33.74 -8.16
CA LYS A 535 -29.20 33.66 -9.09
C LYS A 535 -28.05 34.58 -8.75
N ASN A 536 -26.88 34.21 -9.25
CA ASN A 536 -25.65 35.00 -9.24
C ASN A 536 -25.11 35.36 -7.86
N LYS A 537 -25.34 34.54 -6.85
CA LYS A 537 -24.75 34.80 -5.54
C LYS A 537 -23.95 33.56 -5.07
N CYS A 538 -24.41 32.87 -4.01
CA CYS A 538 -23.85 31.62 -3.49
C CYS A 538 -24.90 31.00 -2.57
N VAL A 539 -25.44 29.87 -3.00
CA VAL A 539 -26.55 29.31 -2.26
C VAL A 539 -26.38 27.84 -1.93
N ASN A 540 -27.17 27.39 -0.98
CA ASN A 540 -27.31 25.98 -0.67
C ASN A 540 -28.56 25.53 -1.39
N PHE A 541 -28.42 24.67 -2.39
CA PHE A 541 -29.57 24.33 -3.20
C PHE A 541 -30.05 22.89 -3.04
N ASN A 542 -31.32 22.70 -3.37
CA ASN A 542 -31.98 21.40 -3.42
C ASN A 542 -32.94 21.31 -4.60
N PHE A 543 -32.54 20.60 -5.64
CA PHE A 543 -33.38 20.44 -6.83
C PHE A 543 -33.91 19.03 -6.92
N ASN A 544 -35.16 18.84 -6.55
CA ASN A 544 -35.75 17.51 -6.52
C ASN A 544 -34.93 16.50 -5.72
N GLY A 545 -34.36 16.92 -4.60
CA GLY A 545 -33.55 16.02 -3.79
C GLY A 545 -32.06 16.09 -4.12
N LEU A 546 -31.72 16.74 -5.22
CA LEU A 546 -30.32 16.88 -5.63
C LEU A 546 -29.74 18.06 -4.90
N THR A 547 -28.77 17.82 -4.03
CA THR A 547 -28.27 18.89 -3.21
C THR A 547 -26.80 19.19 -3.40
N GLY A 548 -26.43 20.38 -2.97
CA GLY A 548 -25.06 20.85 -2.97
C GLY A 548 -25.04 22.35 -2.83
N THR A 549 -23.87 22.95 -2.92
CA THR A 549 -23.79 24.39 -2.83
C THR A 549 -23.14 24.91 -4.08
N GLY A 550 -23.39 26.17 -4.38
CA GLY A 550 -22.78 26.75 -5.56
C GLY A 550 -23.53 27.96 -6.05
N VAL A 551 -23.17 28.40 -7.24
CA VAL A 551 -23.74 29.59 -7.80
C VAL A 551 -24.58 29.21 -9.00
N LEU A 552 -25.84 29.65 -8.98
CA LEU A 552 -26.76 29.34 -10.06
C LEU A 552 -26.78 30.48 -11.07
N THR A 553 -26.49 30.16 -12.33
CA THR A 553 -26.53 31.17 -13.39
C THR A 553 -27.31 30.66 -14.57
N GLU A 554 -27.74 31.53 -15.46
CA GLU A 554 -28.43 31.06 -16.66
C GLU A 554 -27.44 30.29 -17.52
N SER A 555 -27.86 29.14 -18.03
CA SER A 555 -27.00 28.28 -18.83
C SER A 555 -27.21 28.48 -20.32
N ASN A 556 -26.15 28.24 -21.09
CA ASN A 556 -26.24 28.24 -22.54
C ASN A 556 -26.31 26.81 -23.08
N LYS A 557 -26.44 25.84 -22.18
CA LYS A 557 -26.53 24.43 -22.52
C LYS A 557 -27.93 24.10 -23.00
N LYS A 558 -28.03 23.23 -23.99
CA LYS A 558 -29.32 22.83 -24.50
C LYS A 558 -29.63 21.39 -24.16
N PHE A 559 -30.47 21.20 -23.15
CA PHE A 559 -30.82 19.87 -22.68
C PHE A 559 -31.90 19.27 -23.56
N LEU A 560 -31.85 17.96 -23.73
CA LEU A 560 -32.89 17.25 -24.44
C LEU A 560 -34.07 17.11 -23.48
N PRO A 561 -35.31 16.93 -23.97
CA PRO A 561 -36.54 16.85 -23.19
C PRO A 561 -36.50 15.88 -22.01
N PHE A 562 -35.70 14.83 -22.10
CA PHE A 562 -35.64 13.82 -21.05
C PHE A 562 -34.51 14.04 -20.05
N GLN A 563 -33.68 15.06 -20.29
CA GLN A 563 -32.52 15.31 -19.46
C GLN A 563 -32.81 16.34 -18.38
N GLN A 564 -32.69 15.93 -17.13
CA GLN A 564 -32.98 16.79 -15.99
C GLN A 564 -31.77 17.55 -15.49
N PHE A 565 -30.58 16.98 -15.67
CA PHE A 565 -29.37 17.58 -15.15
C PHE A 565 -28.19 17.11 -15.98
N GLY A 566 -27.06 17.79 -15.85
CA GLY A 566 -25.84 17.35 -16.52
C GLY A 566 -24.72 17.14 -15.53
N ARG A 567 -23.62 16.56 -16.02
CA ARG A 567 -22.47 16.29 -15.17
C ARG A 567 -21.11 16.57 -15.81
N ASP A 568 -20.13 16.80 -14.93
CA ASP A 568 -18.72 16.98 -15.28
C ASP A 568 -18.00 15.63 -15.36
N ILE A 569 -16.70 15.63 -15.67
CA ILE A 569 -15.93 14.40 -15.79
C ILE A 569 -15.77 13.72 -14.43
N ALA A 570 -15.97 14.48 -13.36
CA ALA A 570 -15.90 14.00 -11.99
C ALA A 570 -17.21 13.32 -11.61
N ASP A 571 -18.15 13.30 -12.55
CA ASP A 571 -19.49 12.75 -12.39
C ASP A 571 -20.26 13.46 -11.29
N THR A 572 -20.11 14.78 -11.24
CA THR A 572 -20.85 15.61 -10.32
C THR A 572 -21.71 16.55 -11.13
N THR A 573 -22.82 16.99 -10.56
CA THR A 573 -23.75 17.85 -11.28
C THR A 573 -23.17 19.22 -11.55
N ASP A 574 -23.28 19.68 -12.80
CA ASP A 574 -22.79 21.02 -13.13
C ASP A 574 -23.86 21.84 -13.83
N ALA A 575 -25.06 21.31 -13.91
CA ALA A 575 -26.18 22.00 -14.51
C ALA A 575 -27.46 21.28 -14.15
N VAL A 576 -28.52 22.03 -13.96
CA VAL A 576 -29.83 21.45 -13.69
C VAL A 576 -30.93 22.11 -14.48
N ARG A 577 -32.01 21.37 -14.68
CA ARG A 577 -33.22 21.94 -15.21
C ARG A 577 -34.10 22.33 -14.04
N ASP A 578 -34.49 23.58 -13.99
CA ASP A 578 -35.33 24.03 -12.90
C ASP A 578 -36.68 23.32 -12.93
N PRO A 579 -37.08 22.64 -11.84
CA PRO A 579 -38.32 21.88 -11.70
C PRO A 579 -39.62 22.63 -12.02
N GLN A 580 -39.63 23.97 -11.92
CA GLN A 580 -40.88 24.68 -12.17
C GLN A 580 -40.86 25.53 -13.44
N THR A 581 -39.70 26.08 -13.79
CA THR A 581 -39.65 26.95 -14.95
C THR A 581 -39.08 26.24 -16.17
N LEU A 582 -38.41 25.12 -15.93
CA LEU A 582 -37.77 24.31 -16.95
C LEU A 582 -36.62 25.03 -17.66
N GLU A 583 -36.12 26.11 -17.08
CA GLU A 583 -34.94 26.77 -17.61
C GLU A 583 -33.71 25.97 -17.20
N ILE A 584 -32.62 26.12 -17.94
CA ILE A 584 -31.41 25.42 -17.57
C ILE A 584 -30.46 26.34 -16.86
N LEU A 585 -29.98 25.89 -15.71
CA LEU A 585 -29.04 26.66 -14.90
C LEU A 585 -27.71 25.97 -14.79
N ASP A 586 -26.64 26.74 -14.88
CA ASP A 586 -25.30 26.24 -14.67
C ASP A 586 -24.97 26.31 -13.21
N ILE A 587 -24.24 25.33 -12.71
CA ILE A 587 -23.83 25.38 -11.33
C ILE A 587 -22.33 25.45 -11.23
N THR A 588 -21.82 26.50 -10.63
CA THR A 588 -20.39 26.61 -10.43
C THR A 588 -20.18 26.54 -8.94
N PRO A 589 -19.00 26.13 -8.47
CA PRO A 589 -18.65 26.17 -7.08
C PRO A 589 -18.49 27.60 -6.65
N CYS A 590 -18.69 27.88 -5.35
CA CYS A 590 -18.46 29.19 -4.78
C CYS A 590 -16.94 29.33 -4.62
N SER A 591 -16.41 30.52 -4.85
CA SER A 591 -14.96 30.69 -4.87
C SER A 591 -14.27 30.24 -3.61
N PHE A 592 -13.11 29.65 -3.80
CA PHE A 592 -12.30 29.15 -2.71
C PHE A 592 -10.84 29.23 -3.11
N GLY A 593 -9.96 29.10 -2.14
CA GLY A 593 -8.54 29.05 -2.44
C GLY A 593 -7.72 29.07 -1.16
N GLY A 594 -6.42 28.83 -1.28
CA GLY A 594 -5.57 28.83 -0.12
C GLY A 594 -5.41 30.24 0.42
N VAL A 595 -5.13 30.33 1.71
CA VAL A 595 -4.85 31.63 2.32
C VAL A 595 -3.46 31.64 2.87
N SER A 596 -2.65 32.56 2.36
CA SER A 596 -1.27 32.65 2.78
C SER A 596 -0.99 33.94 3.50
N VAL A 597 -0.16 33.85 4.52
CA VAL A 597 0.21 35.00 5.30
C VAL A 597 1.62 35.42 4.98
N ILE A 598 1.74 36.66 4.58
CA ILE A 598 2.98 37.29 4.16
C ILE A 598 3.52 38.11 5.28
N THR A 599 4.70 37.77 5.76
CA THR A 599 5.17 38.50 6.91
C THR A 599 6.69 38.62 6.94
N PRO A 600 7.21 39.75 7.46
CA PRO A 600 8.58 39.95 7.82
C PRO A 600 8.76 39.16 9.08
N GLY A 601 9.97 38.90 9.50
CA GLY A 601 10.08 38.11 10.70
C GLY A 601 9.47 38.86 11.88
N THR A 602 8.97 38.10 12.86
CA THR A 602 8.36 38.68 14.08
C THR A 602 9.38 39.39 14.98
N ASN A 603 10.68 39.25 14.68
CA ASN A 603 11.76 39.99 15.33
C ASN A 603 11.89 41.42 14.77
N THR A 604 11.10 41.74 13.72
CA THR A 604 11.04 43.05 13.06
C THR A 604 9.66 43.67 13.22
N SER A 605 8.62 42.93 12.86
CA SER A 605 7.26 43.45 12.92
C SER A 605 6.18 42.38 13.00
N ASN A 606 5.09 42.69 13.68
CA ASN A 606 3.95 41.79 13.74
C ASN A 606 2.89 42.15 12.70
N GLN A 607 3.23 43.07 11.81
CA GLN A 607 2.32 43.44 10.73
C GLN A 607 2.33 42.35 9.68
N VAL A 608 1.17 41.95 9.21
CA VAL A 608 1.12 40.94 8.16
C VAL A 608 0.22 41.36 7.01
N ALA A 609 0.42 40.75 5.85
CA ALA A 609 -0.47 40.90 4.72
C ALA A 609 -1.04 39.54 4.37
N VAL A 610 -2.26 39.49 3.91
CA VAL A 610 -2.85 38.19 3.59
C VAL A 610 -3.23 38.04 2.13
N LEU A 611 -2.75 36.97 1.54
CA LEU A 611 -3.04 36.66 0.16
C LEU A 611 -4.09 35.57 0.03
N TYR A 612 -5.18 35.91 -0.63
CA TYR A 612 -6.22 34.95 -0.90
C TYR A 612 -5.99 34.44 -2.30
N GLN A 613 -5.57 33.18 -2.41
CA GLN A 613 -5.11 32.66 -3.67
C GLN A 613 -6.23 32.36 -4.64
N ASP A 614 -6.03 32.80 -5.88
CA ASP A 614 -6.98 32.56 -6.97
C ASP A 614 -8.42 32.99 -6.66
N VAL A 615 -8.59 34.18 -6.09
CA VAL A 615 -9.92 34.74 -5.86
C VAL A 615 -9.93 36.17 -6.40
N ASN A 616 -11.13 36.72 -6.63
CA ASN A 616 -11.37 38.14 -7.03
C ASN A 616 -11.79 38.92 -5.79
N CYS A 617 -10.98 39.90 -5.35
CA CYS A 617 -11.10 40.68 -4.10
C CYS A 617 -12.53 40.99 -3.67
N THR A 618 -13.47 41.19 -4.59
CA THR A 618 -14.83 41.59 -4.24
C THR A 618 -15.59 40.46 -3.53
N GLU A 619 -15.05 39.25 -3.64
CA GLU A 619 -15.58 38.03 -3.04
C GLU A 619 -15.20 37.86 -1.56
N VAL A 620 -14.09 38.48 -1.11
CA VAL A 620 -13.53 38.31 0.22
C VAL A 620 -14.24 39.26 1.19
N ASN A 641 -5.65 48.14 2.67
CA ASN A 641 -4.96 48.12 1.38
C ASN A 641 -5.39 46.87 0.58
N VAL A 642 -6.21 47.04 -0.47
CA VAL A 642 -6.67 45.89 -1.29
C VAL A 642 -6.10 45.96 -2.69
N PHE A 643 -5.25 45.00 -3.03
CA PHE A 643 -4.59 44.95 -4.31
C PHE A 643 -4.85 43.63 -5.03
N GLN A 644 -5.32 43.72 -6.27
CA GLN A 644 -5.59 42.51 -7.03
C GLN A 644 -4.41 42.16 -7.92
N THR A 645 -3.91 40.94 -7.77
CA THR A 645 -2.82 40.44 -8.59
C THR A 645 -3.24 39.13 -9.23
N ARG A 646 -2.42 38.61 -10.14
CA ARG A 646 -2.80 37.39 -10.84
C ARG A 646 -2.77 36.18 -9.92
N ALA A 647 -2.01 36.29 -8.84
CA ALA A 647 -1.89 35.21 -7.87
C ALA A 647 -3.08 35.17 -6.91
N GLY A 648 -3.93 36.20 -6.93
CA GLY A 648 -5.00 36.28 -5.94
C GLY A 648 -5.18 37.71 -5.43
N CYS A 649 -5.94 37.85 -4.33
CA CYS A 649 -6.23 39.16 -3.73
C CYS A 649 -5.30 39.36 -2.54
N LEU A 650 -4.48 40.39 -2.61
CA LEU A 650 -3.52 40.66 -1.56
C LEU A 650 -4.02 41.82 -0.69
N ILE A 651 -4.29 41.52 0.57
CA ILE A 651 -4.83 42.53 1.46
C ILE A 651 -3.92 42.89 2.62
N GLY A 652 -3.61 44.17 2.75
CA GLY A 652 -2.77 44.70 3.80
C GLY A 652 -1.45 45.26 3.29
N ALA A 653 -1.01 44.79 2.12
CA ALA A 653 0.20 45.30 1.51
C ALA A 653 -0.12 46.50 0.64
N GLU A 654 0.74 47.50 0.66
CA GLU A 654 0.55 48.68 -0.19
C GLU A 654 1.30 48.53 -1.50
N HIS A 655 0.57 48.53 -2.60
CA HIS A 655 1.22 48.41 -3.89
C HIS A 655 1.91 49.70 -4.29
N VAL A 656 3.13 49.58 -4.81
CA VAL A 656 3.90 50.72 -5.26
C VAL A 656 4.41 50.48 -6.69
N ASN A 657 4.79 51.56 -7.40
CA ASN A 657 5.32 51.51 -8.76
C ASN A 657 6.85 51.36 -8.82
N ASN A 658 7.51 51.24 -7.65
CA ASN A 658 8.95 51.08 -7.53
C ASN A 658 9.32 49.61 -7.47
N SER A 659 10.15 49.17 -8.40
CA SER A 659 10.57 47.78 -8.41
C SER A 659 11.78 47.58 -7.53
N TYR A 660 11.85 46.42 -6.89
CA TYR A 660 12.96 46.08 -6.01
C TYR A 660 13.36 44.63 -6.22
N GLU A 661 14.57 44.29 -5.81
CA GLU A 661 14.97 42.88 -5.81
C GLU A 661 13.95 42.13 -4.96
N CYS A 662 13.50 40.94 -5.42
CA CYS A 662 12.47 40.17 -4.74
C CYS A 662 12.89 39.73 -3.34
N ASP A 663 11.97 39.92 -2.40
CA ASP A 663 12.16 39.58 -1.01
C ASP A 663 11.24 38.40 -0.68
N ILE A 664 9.95 38.66 -0.43
CA ILE A 664 9.01 37.57 -0.22
C ILE A 664 8.17 37.40 -1.48
N PRO A 665 8.28 36.29 -2.22
CA PRO A 665 7.57 36.07 -3.46
C PRO A 665 6.09 35.85 -3.23
N ILE A 666 5.25 36.46 -4.06
CA ILE A 666 3.81 36.24 -4.04
C ILE A 666 3.42 35.40 -5.25
N GLY A 667 3.96 35.77 -6.40
CA GLY A 667 3.69 35.04 -7.65
C GLY A 667 3.36 35.99 -8.78
N ALA A 668 3.54 35.51 -10.02
CA ALA A 668 3.22 36.27 -11.21
C ALA A 668 3.96 37.60 -11.28
N GLY A 669 5.21 37.61 -10.85
CA GLY A 669 6.05 38.79 -10.91
C GLY A 669 5.96 39.70 -9.70
N ILE A 670 5.06 39.39 -8.78
CA ILE A 670 4.88 40.22 -7.59
C ILE A 670 5.57 39.63 -6.36
N CYS A 671 6.29 40.50 -5.64
CA CYS A 671 6.97 40.23 -4.38
C CYS A 671 6.54 41.26 -3.35
N ALA A 672 6.71 40.94 -2.07
CA ALA A 672 6.38 41.85 -1.00
C ALA A 672 7.56 42.05 -0.07
N SER A 673 7.61 43.21 0.58
CA SER A 673 8.69 43.50 1.51
C SER A 673 8.26 44.52 2.56
N TYR A 674 8.91 44.50 3.72
CA TYR A 674 8.64 45.48 4.78
C TYR A 674 9.61 46.65 4.64
N GLN A 675 9.11 47.78 4.15
CA GLN A 675 9.97 48.92 3.81
C GLN A 675 9.35 50.27 4.17
N THR A 676 10.21 51.28 4.42
CA THR A 676 9.85 52.67 4.68
C THR A 676 9.49 53.37 3.36
N GLN A 690 6.89 52.04 9.32
CA GLN A 690 6.95 51.57 7.94
C GLN A 690 5.91 50.45 7.76
N SER A 691 5.81 49.87 6.54
CA SER A 691 4.77 48.88 6.23
C SER A 691 5.13 47.91 5.11
N ILE A 692 4.32 46.86 4.99
CA ILE A 692 4.47 45.89 3.93
C ILE A 692 4.00 46.48 2.60
N ILE A 693 4.81 46.33 1.58
CA ILE A 693 4.49 46.82 0.25
C ILE A 693 4.51 45.70 -0.75
N ALA A 694 3.83 45.92 -1.87
CA ALA A 694 3.84 44.98 -2.98
C ALA A 694 4.41 45.66 -4.21
N TYR A 695 5.19 44.93 -4.99
CA TYR A 695 5.79 45.50 -6.18
C TYR A 695 6.12 44.46 -7.22
N THR A 696 6.34 44.90 -8.45
CA THR A 696 6.83 44.00 -9.48
C THR A 696 8.33 43.91 -9.28
N MET A 697 8.82 42.69 -9.20
CA MET A 697 10.22 42.47 -8.89
C MET A 697 11.16 42.90 -10.00
N SER A 698 12.31 43.41 -9.59
CA SER A 698 13.38 43.74 -10.50
C SER A 698 14.18 42.49 -10.79
N LEU A 699 14.70 42.38 -11.99
CA LEU A 699 15.51 41.22 -12.31
C LEU A 699 16.98 41.54 -12.16
N GLY A 700 17.28 42.77 -11.76
CA GLY A 700 18.65 43.23 -11.62
C GLY A 700 18.84 44.57 -12.29
N ALA A 701 19.94 45.24 -11.98
CA ALA A 701 20.23 46.54 -12.56
C ALA A 701 20.58 46.37 -14.02
N GLU A 702 20.26 47.37 -14.84
CA GLU A 702 20.63 47.33 -16.24
C GLU A 702 22.08 47.74 -16.43
N ASN A 703 22.73 47.17 -17.43
CA ASN A 703 24.10 47.51 -17.77
C ASN A 703 24.33 47.52 -19.27
N SER A 704 24.44 48.70 -19.84
CA SER A 704 24.68 48.78 -21.27
C SER A 704 26.18 48.64 -21.53
N VAL A 705 26.54 47.61 -22.27
CA VAL A 705 27.93 47.33 -22.58
C VAL A 705 28.35 48.25 -23.72
N ALA A 706 29.51 48.89 -23.58
CA ALA A 706 29.97 49.84 -24.58
C ALA A 706 30.56 49.13 -25.79
N TYR A 707 29.70 48.42 -26.50
CA TYR A 707 30.08 47.64 -27.66
C TYR A 707 30.36 48.50 -28.87
N SER A 708 31.42 48.15 -29.58
CA SER A 708 31.77 48.72 -30.86
C SER A 708 32.65 47.71 -31.57
N ASN A 709 32.89 47.90 -32.87
CA ASN A 709 33.67 46.96 -33.69
C ASN A 709 35.19 47.05 -33.45
N ASN A 710 35.66 48.09 -32.73
CA ASN A 710 37.08 48.30 -32.44
C ASN A 710 37.39 48.65 -31.00
N SER A 711 36.59 48.17 -30.04
CA SER A 711 36.87 48.50 -28.64
C SER A 711 36.80 47.28 -27.76
N ILE A 712 37.83 47.11 -26.94
CA ILE A 712 37.92 46.00 -26.02
C ILE A 712 38.21 46.47 -24.61
N ALA A 713 37.58 45.84 -23.62
CA ALA A 713 37.91 46.17 -22.25
C ALA A 713 38.82 45.11 -21.67
N ILE A 714 39.89 45.54 -21.04
CA ILE A 714 40.84 44.61 -20.44
C ILE A 714 41.14 45.01 -19.01
N PRO A 715 41.00 44.09 -18.03
CA PRO A 715 41.25 44.32 -16.62
C PRO A 715 42.71 44.62 -16.39
N THR A 716 42.99 45.67 -15.63
CA THR A 716 44.37 46.01 -15.27
C THR A 716 44.73 45.54 -13.85
N ASN A 717 43.76 44.95 -13.15
CA ASN A 717 43.85 44.47 -11.78
C ASN A 717 42.85 43.33 -11.61
N PHE A 718 42.98 42.59 -10.50
CA PHE A 718 42.12 41.46 -10.14
C PHE A 718 42.04 41.30 -8.65
N THR A 719 41.06 40.54 -8.20
CA THR A 719 40.95 40.17 -6.81
C THR A 719 40.83 38.67 -6.67
N ILE A 720 41.09 38.18 -5.46
CA ILE A 720 40.89 36.79 -5.15
C ILE A 720 39.63 36.69 -4.33
N SER A 721 38.73 35.87 -4.79
CA SER A 721 37.43 35.71 -4.16
C SER A 721 37.27 34.31 -3.63
N VAL A 722 36.76 34.19 -2.43
CA VAL A 722 36.50 32.86 -1.91
C VAL A 722 35.03 32.76 -1.58
N THR A 723 34.36 31.79 -2.19
CA THR A 723 32.94 31.60 -1.94
C THR A 723 32.69 30.27 -1.28
N THR A 724 31.56 30.15 -0.61
CA THR A 724 31.26 28.91 0.09
C THR A 724 30.09 28.17 -0.53
N GLU A 725 30.31 26.92 -0.88
CA GLU A 725 29.23 26.11 -1.40
C GLU A 725 28.96 24.92 -0.50
N ILE A 726 27.72 24.81 -0.05
CA ILE A 726 27.33 23.76 0.87
C ILE A 726 26.51 22.70 0.17
N LEU A 727 26.92 21.44 0.31
CA LEU A 727 26.16 20.34 -0.25
C LEU A 727 25.91 19.26 0.80
N PRO A 728 24.69 18.73 0.88
CA PRO A 728 24.35 17.53 1.63
C PRO A 728 25.07 16.34 1.05
N VAL A 729 25.53 15.47 1.91
CA VAL A 729 26.16 14.23 1.48
C VAL A 729 25.37 13.04 1.97
N SER A 730 24.89 13.13 3.20
CA SER A 730 24.21 12.01 3.81
C SER A 730 23.04 12.48 4.65
N MET A 731 22.27 11.53 5.13
CA MET A 731 21.18 11.83 6.05
C MET A 731 21.16 10.77 7.14
N THR A 732 20.46 11.05 8.22
CA THR A 732 20.41 10.14 9.35
C THR A 732 19.94 8.75 8.92
N LYS A 733 20.69 7.74 9.34
CA LYS A 733 20.37 6.37 8.97
C LYS A 733 19.31 5.79 9.88
N THR A 734 18.07 6.12 9.61
CA THR A 734 17.01 5.65 10.47
C THR A 734 16.64 4.24 10.07
N SER A 735 16.01 3.54 11.00
CA SER A 735 15.47 2.22 10.73
C SER A 735 14.21 2.01 11.54
N VAL A 736 13.19 1.48 10.90
CA VAL A 736 11.96 1.19 11.61
C VAL A 736 11.60 -0.27 11.44
N ASP A 737 11.43 -0.96 12.55
CA ASP A 737 11.02 -2.35 12.52
C ASP A 737 9.51 -2.37 12.33
N CYS A 738 9.05 -2.79 11.14
CA CYS A 738 7.64 -2.77 10.73
C CYS A 738 6.74 -3.44 11.76
N THR A 739 7.10 -4.65 12.19
CA THR A 739 6.24 -5.36 13.12
C THR A 739 6.08 -4.63 14.43
N MET A 740 7.17 -4.12 15.00
CA MET A 740 7.05 -3.40 16.26
C MET A 740 6.28 -2.10 16.09
N TYR A 741 6.50 -1.40 15.00
CA TYR A 741 5.78 -0.15 14.77
C TYR A 741 4.28 -0.37 14.73
N ILE A 742 3.85 -1.36 13.96
CA ILE A 742 2.43 -1.60 13.78
C ILE A 742 1.73 -2.28 14.97
N CYS A 743 2.34 -3.35 15.52
CA CYS A 743 1.70 -4.20 16.53
C CYS A 743 2.34 -4.10 17.92
N GLY A 744 3.47 -3.43 18.06
CA GLY A 744 4.11 -3.38 19.36
C GLY A 744 4.44 -4.79 19.83
N ASP A 745 4.04 -5.11 21.05
CA ASP A 745 4.27 -6.42 21.64
C ASP A 745 3.00 -7.27 21.67
N SER A 746 2.00 -6.89 20.88
CA SER A 746 0.75 -7.64 20.86
C SER A 746 0.80 -8.83 19.92
N THR A 747 0.62 -10.01 20.48
CA THR A 747 0.64 -11.26 19.73
C THR A 747 -0.57 -11.36 18.83
N GLU A 748 -1.71 -10.92 19.34
CA GLU A 748 -2.96 -10.99 18.59
C GLU A 748 -2.89 -10.19 17.28
N CYS A 749 -2.26 -8.99 17.34
CA CYS A 749 -2.03 -8.13 16.19
C CYS A 749 -0.95 -8.72 15.29
N SER A 750 0.15 -9.19 15.86
CA SER A 750 1.25 -9.69 15.07
C SER A 750 0.78 -10.83 14.17
N ASN A 751 -0.08 -11.69 14.70
CA ASN A 751 -0.59 -12.81 13.94
C ASN A 751 -1.47 -12.39 12.77
N LEU A 752 -2.08 -11.21 12.85
CA LEU A 752 -2.91 -10.71 11.76
C LEU A 752 -2.02 -10.02 10.74
N LEU A 753 -0.95 -9.41 11.23
CA LEU A 753 -0.01 -8.73 10.35
C LEU A 753 0.65 -9.73 9.40
N LEU A 754 0.82 -10.97 9.85
CA LEU A 754 1.39 -12.02 9.02
C LEU A 754 0.53 -12.33 7.79
N GLN A 755 -0.75 -11.95 7.83
CA GLN A 755 -1.67 -12.24 6.74
C GLN A 755 -1.45 -11.26 5.60
N TYR A 756 -0.58 -10.28 5.84
CA TYR A 756 -0.25 -9.25 4.86
C TYR A 756 1.04 -9.58 4.14
N GLY A 757 1.47 -10.83 4.31
CA GLY A 757 2.59 -11.36 3.57
C GLY A 757 3.93 -10.70 3.83
N SER A 758 4.53 -10.20 2.76
CA SER A 758 5.85 -9.59 2.80
C SER A 758 5.86 -8.08 2.91
N PHE A 759 4.70 -7.44 3.10
CA PHE A 759 4.76 -5.98 3.16
C PHE A 759 5.81 -5.45 4.14
N CYS A 760 5.89 -6.03 5.35
CA CYS A 760 6.90 -5.63 6.35
C CYS A 760 8.32 -5.95 5.94
N THR A 761 8.50 -7.03 5.21
CA THR A 761 9.83 -7.38 4.75
C THR A 761 10.32 -6.34 3.75
N GLN A 762 9.43 -5.93 2.84
CA GLN A 762 9.77 -4.95 1.83
C GLN A 762 10.13 -3.62 2.45
N LEU A 763 9.38 -3.23 3.47
CA LEU A 763 9.61 -1.96 4.14
C LEU A 763 10.92 -1.98 4.91
N ASN A 764 11.21 -3.11 5.54
CA ASN A 764 12.45 -3.22 6.28
C ASN A 764 13.64 -3.20 5.31
N ARG A 765 13.49 -3.84 4.14
CA ARG A 765 14.57 -3.85 3.17
C ARG A 765 14.82 -2.46 2.60
N ALA A 766 13.75 -1.73 2.31
CA ALA A 766 13.89 -0.41 1.72
C ALA A 766 14.65 0.53 2.64
N LEU A 767 14.34 0.50 3.93
CA LEU A 767 15.03 1.37 4.86
C LEU A 767 16.47 0.92 5.07
N THR A 768 16.70 -0.39 5.04
CA THR A 768 18.05 -0.88 5.19
C THR A 768 18.90 -0.43 4.01
N GLY A 769 18.35 -0.51 2.81
CA GLY A 769 19.06 -0.11 1.61
C GLY A 769 19.45 1.35 1.67
N ILE A 770 18.56 2.19 2.20
CA ILE A 770 18.89 3.60 2.34
C ILE A 770 20.03 3.79 3.31
N ALA A 771 19.97 3.11 4.46
CA ALA A 771 21.01 3.24 5.46
C ALA A 771 22.37 2.85 4.89
N VAL A 772 22.41 1.81 4.06
CA VAL A 772 23.67 1.40 3.47
C VAL A 772 24.19 2.48 2.51
N GLU A 773 23.30 3.02 1.70
CA GLU A 773 23.65 4.07 0.76
C GLU A 773 24.30 5.24 1.48
N GLN A 774 23.84 5.58 2.67
CA GLN A 774 24.37 6.74 3.35
C GLN A 774 25.86 6.62 3.64
N ASP A 775 26.36 5.41 3.86
CA ASP A 775 27.80 5.27 4.10
C ASP A 775 28.52 5.31 2.79
N LYS A 776 27.89 4.78 1.75
CA LYS A 776 28.49 4.83 0.43
C LYS A 776 28.65 6.28 -0.01
N ASN A 777 27.64 7.11 0.27
CA ASN A 777 27.67 8.51 -0.14
C ASN A 777 28.82 9.23 0.54
N THR A 778 29.02 8.96 1.83
CA THR A 778 30.09 9.59 2.56
C THR A 778 31.45 9.18 2.00
N GLN A 779 31.61 7.89 1.71
CA GLN A 779 32.88 7.43 1.19
C GLN A 779 33.17 7.99 -0.19
N GLU A 780 32.16 8.07 -1.04
CA GLU A 780 32.37 8.59 -2.39
C GLU A 780 32.83 10.04 -2.38
N VAL A 781 32.35 10.82 -1.43
CA VAL A 781 32.74 12.21 -1.35
C VAL A 781 34.09 12.42 -0.68
N PHE A 782 34.33 11.77 0.47
CA PHE A 782 35.54 12.08 1.23
C PHE A 782 36.71 11.13 1.04
N ALA A 783 36.46 9.85 0.81
CA ALA A 783 37.54 8.89 0.74
C ALA A 783 38.11 8.79 -0.66
N GLN A 784 38.64 9.90 -1.17
CA GLN A 784 39.21 9.93 -2.51
C GLN A 784 40.72 10.03 -2.49
N VAL A 785 41.29 9.92 -1.31
CA VAL A 785 42.72 10.04 -1.16
C VAL A 785 43.29 8.73 -0.65
N LYS A 786 44.36 8.26 -1.28
CA LYS A 786 45.00 6.99 -0.94
C LYS A 786 45.71 7.02 0.41
N GLN A 787 46.35 8.13 0.69
CA GLN A 787 47.18 8.30 1.87
C GLN A 787 46.70 9.46 2.70
N ILE A 788 47.00 9.43 3.98
CA ILE A 788 46.66 10.56 4.81
C ILE A 788 47.84 11.51 4.88
N TYR A 789 47.71 12.61 4.16
CA TYR A 789 48.79 13.56 4.02
C TYR A 789 48.75 14.56 5.15
N LYS A 790 49.92 14.98 5.59
CA LYS A 790 50.01 16.01 6.62
C LYS A 790 50.87 17.17 6.14
N THR A 791 50.57 18.37 6.62
CA THR A 791 51.38 19.53 6.29
C THR A 791 52.61 19.56 7.20
N PRO A 792 53.68 20.26 6.84
CA PRO A 792 54.85 20.49 7.66
C PRO A 792 54.52 21.33 8.90
N PRO A 793 55.24 21.12 10.01
CA PRO A 793 55.27 21.95 11.21
C PRO A 793 55.57 23.41 10.90
N ILE A 794 56.40 23.64 9.89
CA ILE A 794 56.73 25.00 9.48
C ILE A 794 56.00 25.33 8.21
N LYS A 795 55.03 26.21 8.31
CA LYS A 795 54.15 26.48 7.19
C LYS A 795 54.65 27.60 6.26
N ASP A 796 55.72 27.30 5.55
CA ASP A 796 56.34 28.23 4.63
C ASP A 796 55.67 28.18 3.26
N PHE A 797 54.47 28.75 3.20
CA PHE A 797 53.65 28.70 2.00
C PHE A 797 53.66 30.02 1.23
N GLY A 798 54.72 30.81 1.40
CA GLY A 798 54.91 32.01 0.61
C GLY A 798 53.98 33.15 0.97
N GLY A 799 53.52 33.19 2.21
CA GLY A 799 52.61 34.25 2.64
C GLY A 799 51.15 33.80 2.64
N PHE A 800 50.87 32.63 2.08
CA PHE A 800 49.50 32.14 2.08
C PHE A 800 49.19 31.44 3.39
N ASN A 801 48.19 31.97 4.12
CA ASN A 801 47.79 31.52 5.45
C ASN A 801 46.56 30.58 5.35
N PHE A 802 46.77 29.29 5.68
CA PHE A 802 45.73 28.27 5.60
C PHE A 802 45.28 27.82 6.98
N SER A 803 45.64 28.59 8.01
CA SER A 803 45.35 28.16 9.38
C SER A 803 43.88 28.05 9.72
N GLN A 804 43.01 28.69 8.94
CA GLN A 804 41.59 28.62 9.23
C GLN A 804 40.92 27.43 8.56
N ILE A 805 41.64 26.75 7.66
CA ILE A 805 41.09 25.59 6.99
C ILE A 805 41.79 24.31 7.42
N LEU A 806 43.01 24.44 7.96
CA LEU A 806 43.75 23.31 8.49
C LEU A 806 43.35 23.04 9.93
N PRO A 807 43.48 21.79 10.42
CA PRO A 807 43.16 21.37 11.77
C PRO A 807 43.79 22.24 12.83
N ASP A 808 43.03 22.56 13.87
CA ASP A 808 43.51 23.36 14.99
C ASP A 808 44.08 22.46 16.09
N PRO A 809 45.41 22.41 16.26
CA PRO A 809 46.13 21.49 17.13
C PRO A 809 45.96 21.81 18.61
N SER A 810 45.39 22.97 18.93
CA SER A 810 45.26 23.37 20.31
C SER A 810 44.02 22.77 20.96
N LYS A 811 43.17 22.15 20.15
CA LYS A 811 41.92 21.60 20.65
C LYS A 811 41.98 20.08 20.71
N PRO A 812 41.17 19.45 21.59
CA PRO A 812 40.89 18.01 21.63
C PRO A 812 40.44 17.47 20.28
N SER A 813 39.69 18.28 19.55
CA SER A 813 39.21 17.92 18.23
C SER A 813 40.26 18.19 17.18
N LYS A 814 40.07 17.65 15.99
CA LYS A 814 41.01 17.87 14.90
C LYS A 814 40.38 18.76 13.82
N ARG A 815 39.30 19.43 14.18
CA ARG A 815 38.62 20.31 13.25
C ARG A 815 39.40 21.59 13.06
N SER A 816 39.28 22.18 11.88
CA SER A 816 39.84 23.49 11.60
C SER A 816 38.91 24.52 12.23
N PRO A 817 39.35 25.77 12.44
CA PRO A 817 38.54 26.88 12.92
C PRO A 817 37.22 27.02 12.14
N ILE A 818 37.28 26.95 10.81
CA ILE A 818 36.05 27.02 10.04
C ILE A 818 35.16 25.81 10.29
N GLU A 819 35.72 24.61 10.33
CA GLU A 819 34.91 23.44 10.59
C GLU A 819 34.19 23.54 11.93
N ASP A 820 34.85 24.08 12.96
CA ASP A 820 34.14 24.27 14.21
C ASP A 820 32.91 25.17 14.03
N LEU A 821 33.01 26.19 13.19
CA LEU A 821 31.85 27.05 12.98
C LEU A 821 30.74 26.29 12.26
N LEU A 822 31.13 25.44 11.32
CA LEU A 822 30.15 24.69 10.53
C LEU A 822 29.42 23.68 11.41
N PHE A 823 30.14 23.06 12.33
CA PHE A 823 29.57 22.07 13.22
C PHE A 823 28.76 22.65 14.37
N ASN A 824 29.24 23.74 14.97
CA ASN A 824 28.61 24.27 16.16
C ASN A 824 27.16 24.68 15.95
N LYS A 825 26.80 25.11 14.75
CA LYS A 825 25.42 25.53 14.52
C LYS A 825 24.60 24.63 13.56
N VAL A 826 25.05 23.40 13.30
CA VAL A 826 24.34 22.46 12.42
C VAL A 826 24.36 21.08 13.07
N ASN A 856 8.25 1.95 19.79
CA ASN A 856 7.83 2.35 18.44
C ASN A 856 8.55 1.59 17.32
N GLY A 857 9.63 0.85 17.65
CA GLY A 857 10.41 0.05 16.70
C GLY A 857 11.42 0.91 15.95
N LEU A 858 11.57 2.15 16.39
CA LEU A 858 12.45 3.13 15.75
C LEU A 858 13.83 3.23 16.37
N THR A 859 14.85 3.03 15.55
CA THR A 859 16.23 3.14 15.97
C THR A 859 17.01 3.99 14.97
N VAL A 860 18.16 4.49 15.41
CA VAL A 860 19.05 5.22 14.51
C VAL A 860 20.43 4.60 14.55
N LEU A 861 20.95 4.29 13.36
CA LEU A 861 22.23 3.63 13.25
C LEU A 861 23.33 4.68 13.09
N PRO A 862 24.51 4.48 13.69
CA PRO A 862 25.67 5.33 13.54
C PRO A 862 26.30 5.09 12.18
N PRO A 863 26.97 6.10 11.62
CA PRO A 863 27.74 6.06 10.39
C PRO A 863 28.99 5.26 10.60
N LEU A 864 29.52 4.68 9.53
CA LEU A 864 30.80 4.00 9.61
C LEU A 864 31.93 4.99 9.83
N LEU A 865 31.86 6.11 9.13
CA LEU A 865 32.86 7.16 9.25
C LEU A 865 32.36 8.23 10.18
N THR A 866 33.01 8.36 11.32
CA THR A 866 32.64 9.31 12.34
C THR A 866 33.13 10.70 11.98
N ASP A 867 32.66 11.71 12.70
CA ASP A 867 33.06 13.08 12.38
C ASP A 867 34.56 13.28 12.41
N GLU A 868 35.24 12.61 13.35
CA GLU A 868 36.69 12.74 13.44
C GLU A 868 37.37 12.16 12.20
N MET A 869 36.89 11.03 11.74
CA MET A 869 37.43 10.34 10.57
C MET A 869 37.21 11.14 9.30
N ILE A 870 36.04 11.75 9.20
CA ILE A 870 35.73 12.57 8.04
C ILE A 870 36.63 13.79 8.05
N ALA A 871 36.81 14.39 9.22
CA ALA A 871 37.70 15.53 9.34
C ALA A 871 39.12 15.14 8.96
N GLN A 872 39.53 13.93 9.32
CA GLN A 872 40.87 13.46 8.99
C GLN A 872 41.03 13.27 7.46
N TYR A 873 40.00 12.76 6.78
CA TYR A 873 40.06 12.67 5.34
C TYR A 873 40.17 14.06 4.73
N THR A 874 39.41 14.99 5.27
CA THR A 874 39.42 16.36 4.78
C THR A 874 40.81 16.95 4.96
N SER A 875 41.42 16.71 6.11
CA SER A 875 42.75 17.21 6.39
C SER A 875 43.74 16.67 5.37
N ALA A 876 43.63 15.38 5.04
CA ALA A 876 44.52 14.76 4.05
C ALA A 876 44.36 15.42 2.69
N LEU A 877 43.14 15.76 2.32
CA LEU A 877 42.88 16.40 1.04
C LEU A 877 43.46 17.81 1.02
N LEU A 878 43.35 18.50 2.15
CA LEU A 878 43.89 19.86 2.24
C LEU A 878 45.40 19.84 2.21
N ALA A 879 46.00 18.92 2.95
CA ALA A 879 47.45 18.82 3.00
C ALA A 879 47.96 18.42 1.65
N GLY A 880 47.22 17.55 0.97
CA GLY A 880 47.59 17.10 -0.36
C GLY A 880 47.63 18.28 -1.31
N THR A 881 46.56 19.06 -1.35
CA THR A 881 46.47 20.18 -2.27
C THR A 881 47.53 21.22 -1.98
N ILE A 882 47.71 21.55 -0.71
CA ILE A 882 48.64 22.59 -0.35
C ILE A 882 50.08 22.22 -0.66
N THR A 883 50.48 20.98 -0.38
CA THR A 883 51.87 20.62 -0.60
C THR A 883 52.18 20.00 -1.97
N SER A 884 51.19 19.43 -2.66
CA SER A 884 51.45 18.79 -3.95
C SER A 884 50.47 19.16 -5.08
N GLY A 885 49.57 20.09 -4.82
CA GLY A 885 48.61 20.53 -5.83
C GLY A 885 47.71 19.39 -6.28
N TRP A 886 47.58 19.22 -7.58
CA TRP A 886 46.71 18.18 -8.12
C TRP A 886 47.42 16.87 -8.38
N THR A 887 48.72 16.81 -8.12
CA THR A 887 49.43 15.61 -8.52
C THR A 887 49.03 14.40 -7.70
N PHE A 888 48.64 14.61 -6.45
CA PHE A 888 48.29 13.51 -5.58
C PHE A 888 46.97 12.88 -5.97
N GLY A 889 46.19 13.59 -6.79
CA GLY A 889 44.90 13.11 -7.21
C GLY A 889 45.00 12.31 -8.50
N ALA A 890 46.20 12.18 -9.05
CA ALA A 890 46.39 11.46 -10.31
C ALA A 890 47.75 10.80 -10.33
N GLY A 891 48.05 10.01 -9.31
CA GLY A 891 49.37 9.40 -9.19
C GLY A 891 49.88 9.68 -7.78
N PRO A 892 51.20 9.66 -7.57
CA PRO A 892 51.88 9.91 -6.31
C PRO A 892 51.83 11.39 -6.00
N ALA A 893 51.95 11.76 -4.74
CA ALA A 893 52.00 13.17 -4.38
C ALA A 893 53.39 13.73 -4.63
N LEU A 894 53.45 14.74 -5.48
CA LEU A 894 54.71 15.36 -5.85
C LEU A 894 54.80 16.75 -5.24
N GLN A 895 55.76 16.97 -4.36
CA GLN A 895 55.84 18.26 -3.70
C GLN A 895 56.13 19.37 -4.70
N ILE A 896 55.54 20.54 -4.44
CA ILE A 896 55.81 21.75 -5.20
C ILE A 896 55.65 22.95 -4.26
N PRO A 897 56.50 24.00 -4.33
CA PRO A 897 56.36 25.20 -3.54
C PRO A 897 54.97 25.74 -3.76
N PHE A 898 54.30 26.18 -2.69
CA PHE A 898 52.93 26.62 -2.88
C PHE A 898 52.81 27.71 -3.95
N PRO A 899 53.62 28.78 -3.96
CA PRO A 899 53.58 29.84 -4.94
C PRO A 899 53.74 29.35 -6.38
N MET A 900 54.39 28.21 -6.59
CA MET A 900 54.54 27.72 -7.95
C MET A 900 53.29 26.99 -8.34
N GLN A 901 52.66 26.36 -7.37
CA GLN A 901 51.42 25.70 -7.63
C GLN A 901 50.42 26.76 -8.06
N MET A 902 50.43 27.86 -7.33
CA MET A 902 49.49 28.94 -7.59
C MET A 902 49.80 29.59 -8.93
N ALA A 903 51.08 29.68 -9.28
CA ALA A 903 51.47 30.21 -10.58
C ALA A 903 50.93 29.34 -11.70
N TYR A 904 50.89 28.02 -11.48
CA TYR A 904 50.40 27.11 -12.50
C TYR A 904 48.89 27.25 -12.62
N ARG A 905 48.24 27.51 -11.48
CA ARG A 905 46.81 27.71 -11.47
C ARG A 905 46.44 29.00 -12.19
N PHE A 906 47.29 30.02 -12.08
CA PHE A 906 47.06 31.24 -12.86
C PHE A 906 47.26 30.96 -14.34
N ASN A 907 48.30 30.22 -14.68
CA ASN A 907 48.57 29.88 -16.06
C ASN A 907 47.39 29.11 -16.64
N GLY A 908 46.77 28.28 -15.81
CA GLY A 908 45.65 27.44 -16.18
C GLY A 908 44.36 28.21 -16.48
N ILE A 909 44.30 29.50 -16.15
CA ILE A 909 43.13 30.30 -16.42
C ILE A 909 43.43 31.40 -17.43
N GLY A 910 44.56 31.29 -18.12
CA GLY A 910 44.90 32.28 -19.13
C GLY A 910 45.59 33.52 -18.61
N VAL A 911 46.25 33.41 -17.46
CA VAL A 911 47.01 34.52 -16.89
C VAL A 911 48.45 34.06 -16.74
N THR A 912 49.40 34.80 -17.27
CA THR A 912 50.77 34.31 -17.23
C THR A 912 51.33 34.23 -15.82
N GLN A 913 52.38 33.41 -15.66
CA GLN A 913 52.98 33.13 -14.36
C GLN A 913 53.61 34.33 -13.69
N ASN A 914 54.14 35.24 -14.48
CA ASN A 914 54.80 36.37 -13.90
C ASN A 914 53.81 37.30 -13.21
N VAL A 915 52.53 37.18 -13.55
CA VAL A 915 51.56 38.05 -12.92
C VAL A 915 51.51 37.71 -11.46
N LEU A 916 51.51 36.42 -11.16
CA LEU A 916 51.48 36.01 -9.77
C LEU A 916 52.74 36.35 -9.03
N TYR A 917 53.89 36.11 -9.64
CA TYR A 917 55.11 36.36 -8.89
C TYR A 917 55.30 37.83 -8.62
N GLU A 918 54.99 38.67 -9.59
CA GLU A 918 55.14 40.11 -9.41
C GLU A 918 54.16 40.62 -8.35
N ASN A 919 52.99 40.00 -8.28
CA ASN A 919 51.96 40.38 -7.33
C ASN A 919 51.80 39.35 -6.20
N GLN A 920 52.82 38.54 -5.93
CA GLN A 920 52.65 37.50 -4.92
C GLN A 920 52.21 38.02 -3.56
N LYS A 921 52.74 39.15 -3.12
CA LYS A 921 52.35 39.67 -1.81
C LYS A 921 50.89 40.08 -1.82
N LEU A 922 50.45 40.69 -2.91
CA LEU A 922 49.07 41.12 -3.03
C LEU A 922 48.12 39.95 -3.05
N ILE A 923 48.47 38.92 -3.81
CA ILE A 923 47.61 37.76 -3.94
C ILE A 923 47.48 37.04 -2.62
N ALA A 924 48.59 36.87 -1.91
CA ALA A 924 48.53 36.22 -0.62
C ALA A 924 47.68 37.02 0.35
N ASN A 925 47.77 38.34 0.31
CA ASN A 925 46.97 39.17 1.20
C ASN A 925 45.50 39.13 0.85
N GLN A 926 45.17 39.13 -0.45
CA GLN A 926 43.78 39.06 -0.87
C GLN A 926 43.19 37.72 -0.49
N PHE A 927 44.00 36.67 -0.64
CA PHE A 927 43.59 35.34 -0.29
C PHE A 927 43.31 35.24 1.21
N ASN A 928 44.25 35.72 2.02
CA ASN A 928 44.14 35.60 3.46
C ASN A 928 42.93 36.36 3.97
N SER A 929 42.66 37.52 3.36
CA SER A 929 41.51 38.30 3.74
C SER A 929 40.23 37.58 3.39
N ALA A 930 40.17 37.02 2.18
CA ALA A 930 38.99 36.31 1.73
C ALA A 930 38.67 35.12 2.63
N ILE A 931 39.68 34.41 3.11
CA ILE A 931 39.40 33.29 4.00
C ILE A 931 38.81 33.81 5.31
N GLY A 932 39.39 34.88 5.85
CA GLY A 932 38.87 35.45 7.08
C GLY A 932 37.40 35.87 6.92
N LYS A 933 37.05 36.34 5.72
CA LYS A 933 35.67 36.72 5.43
C LYS A 933 34.73 35.53 5.50
N ILE A 934 35.22 34.33 5.21
CA ILE A 934 34.38 33.15 5.27
C ILE A 934 33.94 32.91 6.70
N GLN A 935 34.85 33.08 7.64
CA GLN A 935 34.45 32.89 9.02
C GLN A 935 33.40 33.90 9.44
N ASP A 936 33.56 35.14 8.97
CA ASP A 936 32.59 36.17 9.34
C ASP A 936 31.23 35.93 8.72
N SER A 937 31.22 35.47 7.47
CA SER A 937 29.97 35.19 6.78
C SER A 937 29.20 34.08 7.44
N LEU A 938 29.89 32.98 7.74
CA LEU A 938 29.28 31.83 8.39
C LEU A 938 28.83 32.15 9.81
N SER A 939 29.63 32.93 10.54
CA SER A 939 29.28 33.27 11.90
C SER A 939 28.08 34.21 11.96
N SER A 940 28.09 35.23 11.10
CA SER A 940 27.06 36.25 11.05
C SER A 940 25.71 35.79 10.50
N THR A 941 25.71 35.06 9.39
CA THR A 941 24.47 34.69 8.74
C THR A 941 23.93 33.33 9.22
N PRO A 942 22.76 33.29 9.89
CA PRO A 942 22.16 32.11 10.50
C PRO A 942 21.66 31.13 9.46
N SER A 943 21.48 31.60 8.23
CA SER A 943 20.96 30.79 7.13
C SER A 943 22.07 30.24 6.25
N ALA A 944 23.31 30.50 6.64
CA ALA A 944 24.46 30.15 5.80
C ALA A 944 24.49 28.66 5.48
N LEU A 945 24.03 27.81 6.38
CA LEU A 945 24.06 26.38 6.11
C LEU A 945 22.67 25.78 6.12
N GLY A 946 21.69 26.55 5.68
CA GLY A 946 20.31 26.08 5.63
C GLY A 946 20.21 24.78 4.84
N LYS A 947 21.01 24.61 3.80
CA LYS A 947 20.93 23.39 3.02
C LYS A 947 21.14 22.11 3.83
N LEU A 948 21.97 22.15 4.87
CA LEU A 948 22.16 20.94 5.65
C LEU A 948 21.11 20.85 6.73
N GLN A 949 20.70 22.00 7.24
CA GLN A 949 19.70 22.06 8.30
C GLN A 949 18.36 21.58 7.78
N ASP A 950 18.06 21.87 6.52
CA ASP A 950 16.82 21.47 5.89
C ASP A 950 16.71 19.97 5.81
N VAL A 951 17.81 19.28 5.56
CA VAL A 951 17.79 17.83 5.47
C VAL A 951 17.47 17.24 6.81
N VAL A 952 18.10 17.78 7.84
CA VAL A 952 17.88 17.32 9.19
C VAL A 952 16.44 17.56 9.62
N ASN A 953 15.93 18.74 9.31
CA ASN A 953 14.56 19.08 9.70
C ASN A 953 13.53 18.27 8.95
N GLN A 954 13.76 17.99 7.68
CA GLN A 954 12.79 17.22 6.91
C GLN A 954 12.67 15.80 7.44
N ASN A 955 13.81 15.21 7.80
CA ASN A 955 13.77 13.85 8.29
C ASN A 955 13.26 13.80 9.73
N ALA A 956 13.57 14.83 10.52
CA ALA A 956 13.07 14.88 11.88
C ALA A 956 11.56 15.00 11.88
N GLN A 957 11.03 15.81 10.96
CA GLN A 957 9.59 15.98 10.85
C GLN A 957 8.94 14.70 10.39
N ALA A 958 9.57 14.01 9.46
CA ALA A 958 9.02 12.77 8.96
C ALA A 958 8.89 11.75 10.08
N LEU A 959 9.88 11.65 10.95
CA LEU A 959 9.78 10.71 12.06
C LEU A 959 8.74 11.10 13.07
N ASN A 960 8.61 12.39 13.38
CA ASN A 960 7.58 12.78 14.33
C ASN A 960 6.21 12.55 13.72
N THR A 961 6.09 12.79 12.42
CA THR A 961 4.83 12.58 11.73
C THR A 961 4.50 11.10 11.75
N LEU A 962 5.51 10.27 11.54
CA LEU A 962 5.35 8.82 11.48
C LEU A 962 4.87 8.29 12.83
N VAL A 963 5.55 8.68 13.89
CA VAL A 963 5.22 8.18 15.22
C VAL A 963 3.84 8.63 15.66
N LYS A 964 3.50 9.87 15.36
CA LYS A 964 2.21 10.41 15.74
C LYS A 964 1.03 9.72 15.08
N GLN A 965 1.26 8.89 14.04
CA GLN A 965 0.13 8.25 13.40
C GLN A 965 -0.32 7.08 14.24
N LEU A 966 0.47 6.74 15.26
CA LEU A 966 0.13 5.66 16.15
C LEU A 966 -1.01 6.08 17.05
N SER A 967 -1.28 7.39 17.12
CA SER A 967 -2.35 7.90 17.93
C SER A 967 -3.64 8.07 17.13
N SER A 968 -3.62 7.67 15.87
CA SER A 968 -4.81 7.75 15.03
C SER A 968 -5.54 6.42 15.05
N ASN A 969 -6.85 6.47 15.14
CA ASN A 969 -7.63 5.25 15.17
C ASN A 969 -7.98 4.70 13.79
N PHE A 970 -7.94 5.53 12.76
CA PHE A 970 -8.24 5.09 11.40
C PHE A 970 -9.60 4.43 11.29
N GLY A 971 -10.56 4.93 12.05
CA GLY A 971 -11.92 4.41 12.04
C GLY A 971 -12.16 3.34 13.10
N ALA A 972 -11.09 2.91 13.77
CA ALA A 972 -11.18 1.90 14.81
C ALA A 972 -11.78 2.49 16.08
N ILE A 973 -12.26 1.64 16.97
CA ILE A 973 -12.81 2.11 18.23
C ILE A 973 -11.79 2.90 19.04
N SER A 974 -10.50 2.56 18.91
CA SER A 974 -9.46 3.28 19.62
C SER A 974 -8.13 3.11 18.90
N SER A 975 -7.17 3.97 19.24
CA SER A 975 -5.82 3.93 18.68
C SER A 975 -4.91 2.95 19.40
N VAL A 976 -5.36 2.44 20.55
CA VAL A 976 -4.53 1.58 21.37
C VAL A 976 -4.97 0.13 21.29
N LEU A 977 -4.07 -0.75 20.89
CA LEU A 977 -4.41 -2.16 20.72
C LEU A 977 -4.88 -2.79 22.02
N ASN A 978 -4.27 -2.38 23.12
CA ASN A 978 -4.61 -2.94 24.42
C ASN A 978 -6.01 -2.56 24.86
N ASP A 979 -6.55 -1.45 24.34
CA ASP A 979 -7.88 -1.00 24.74
C ASP A 979 -8.93 -1.64 23.85
N ILE A 980 -8.47 -2.42 22.87
CA ILE A 980 -9.37 -3.14 21.99
C ILE A 980 -9.43 -4.57 22.51
N LEU A 981 -8.27 -5.15 22.76
CA LEU A 981 -8.20 -6.52 23.21
C LEU A 981 -8.82 -6.72 24.58
N SER A 982 -8.74 -5.70 25.43
CA SER A 982 -9.30 -5.78 26.77
C SER A 982 -10.75 -5.30 26.81
N ARG A 983 -11.31 -4.89 25.67
CA ARG A 983 -12.65 -4.35 25.64
C ARG A 983 -13.60 -5.15 24.75
N LEU A 984 -13.10 -5.67 23.63
CA LEU A 984 -13.94 -6.35 22.66
C LEU A 984 -13.70 -7.85 22.66
N ASP A 985 -14.77 -8.61 22.41
CA ASP A 985 -14.64 -10.05 22.24
C ASP A 985 -13.75 -10.31 21.04
N PRO A 986 -12.87 -11.32 21.09
CA PRO A 986 -11.90 -11.67 20.06
C PRO A 986 -12.35 -11.50 18.58
N PRO A 987 -13.52 -12.02 18.12
CA PRO A 987 -13.96 -11.88 16.73
C PRO A 987 -14.25 -10.44 16.32
N GLU A 988 -14.48 -9.57 17.30
CA GLU A 988 -14.77 -8.18 17.01
C GLU A 988 -13.50 -7.35 17.22
N ALA A 989 -12.67 -7.81 18.16
CA ALA A 989 -11.40 -7.16 18.42
C ALA A 989 -10.54 -7.26 17.20
N GLU A 990 -10.64 -8.40 16.52
CA GLU A 990 -9.91 -8.68 15.29
C GLU A 990 -10.20 -7.65 14.22
N VAL A 991 -11.45 -7.23 14.13
CA VAL A 991 -11.85 -6.27 13.12
C VAL A 991 -11.27 -4.90 13.41
N GLN A 992 -11.34 -4.48 14.67
CA GLN A 992 -10.81 -3.19 15.03
C GLN A 992 -9.30 -3.15 14.86
N ILE A 993 -8.65 -4.28 15.11
CA ILE A 993 -7.22 -4.36 14.92
C ILE A 993 -6.88 -4.26 13.44
N ASP A 994 -7.64 -4.97 12.58
CA ASP A 994 -7.37 -4.86 11.15
C ASP A 994 -7.45 -3.42 10.68
N ARG A 995 -8.36 -2.62 11.25
CA ARG A 995 -8.46 -1.23 10.85
C ARG A 995 -7.17 -0.49 11.21
N LEU A 996 -6.61 -0.79 12.39
CA LEU A 996 -5.36 -0.17 12.81
C LEU A 996 -4.17 -0.67 12.01
N ILE A 997 -4.16 -1.96 11.66
CA ILE A 997 -3.05 -2.48 10.88
C ILE A 997 -3.02 -1.83 9.51
N THR A 998 -4.16 -1.72 8.87
CA THR A 998 -4.18 -1.12 7.56
C THR A 998 -3.71 0.32 7.63
N GLY A 999 -4.21 1.07 8.60
CA GLY A 999 -3.84 2.47 8.75
C GLY A 999 -2.37 2.67 9.09
N ARG A 1000 -1.85 1.84 9.99
CA ARG A 1000 -0.47 1.95 10.40
C ARG A 1000 0.47 1.46 9.33
N LEU A 1001 0.10 0.41 8.62
CA LEU A 1001 0.93 -0.10 7.55
C LEU A 1001 0.96 0.94 6.43
N GLN A 1002 -0.17 1.57 6.16
CA GLN A 1002 -0.26 2.60 5.14
C GLN A 1002 0.61 3.80 5.49
N SER A 1003 0.61 4.21 6.76
CA SER A 1003 1.42 5.35 7.17
C SER A 1003 2.90 5.02 7.12
N LEU A 1004 3.24 3.77 7.38
CA LEU A 1004 4.62 3.34 7.32
C LEU A 1004 5.09 3.29 5.88
N GLN A 1005 4.22 2.81 4.98
CA GLN A 1005 4.55 2.78 3.57
C GLN A 1005 4.77 4.19 3.06
N THR A 1006 3.94 5.13 3.52
CA THR A 1006 4.09 6.51 3.11
C THR A 1006 5.46 7.04 3.54
N TYR A 1007 5.84 6.77 4.79
CA TYR A 1007 7.13 7.19 5.29
C TYR A 1007 8.27 6.63 4.45
N VAL A 1008 8.24 5.34 4.18
CA VAL A 1008 9.32 4.71 3.44
C VAL A 1008 9.41 5.24 2.03
N THR A 1009 8.29 5.42 1.33
CA THR A 1009 8.35 5.94 -0.02
C THR A 1009 8.98 7.32 -0.02
N GLN A 1010 8.61 8.16 0.95
CA GLN A 1010 9.20 9.49 1.04
C GLN A 1010 10.70 9.42 1.30
N GLN A 1011 11.12 8.47 2.14
CA GLN A 1011 12.53 8.33 2.44
C GLN A 1011 13.32 7.85 1.24
N LEU A 1012 12.71 7.02 0.39
CA LEU A 1012 13.38 6.55 -0.81
C LEU A 1012 13.56 7.70 -1.80
N ILE A 1013 12.54 8.54 -1.91
CA ILE A 1013 12.62 9.68 -2.80
C ILE A 1013 13.64 10.69 -2.28
N ARG A 1014 13.65 10.93 -0.98
CA ARG A 1014 14.64 11.82 -0.38
C ARG A 1014 16.03 11.20 -0.47
N ALA A 1015 16.13 9.89 -0.33
CA ALA A 1015 17.42 9.27 -0.44
C ALA A 1015 17.98 9.53 -1.81
N ALA A 1016 17.13 9.50 -2.83
CA ALA A 1016 17.57 9.75 -4.19
C ALA A 1016 18.10 11.16 -4.37
N GLU A 1017 17.46 12.16 -3.77
CA GLU A 1017 17.96 13.52 -3.95
C GLU A 1017 19.25 13.74 -3.16
N ILE A 1018 19.39 13.07 -2.01
CA ILE A 1018 20.63 13.13 -1.25
C ILE A 1018 21.74 12.45 -2.03
N ARG A 1019 21.44 11.32 -2.65
CA ARG A 1019 22.42 10.61 -3.45
C ARG A 1019 22.89 11.49 -4.58
N ALA A 1020 21.97 12.18 -5.24
CA ALA A 1020 22.34 13.07 -6.33
C ALA A 1020 23.24 14.19 -5.84
N SER A 1021 22.95 14.73 -4.67
CA SER A 1021 23.78 15.77 -4.08
C SER A 1021 25.15 15.23 -3.72
N ALA A 1022 25.19 14.03 -3.17
CA ALA A 1022 26.44 13.38 -2.82
C ALA A 1022 27.28 13.11 -4.07
N ASN A 1023 26.62 12.73 -5.17
CA ASN A 1023 27.34 12.48 -6.40
C ASN A 1023 27.92 13.77 -6.95
N LEU A 1024 27.17 14.85 -6.80
CA LEU A 1024 27.65 16.15 -7.22
C LEU A 1024 28.82 16.57 -6.34
N ALA A 1025 28.69 16.35 -5.04
CA ALA A 1025 29.74 16.70 -4.10
C ALA A 1025 31.00 15.90 -4.39
N ALA A 1026 30.82 14.63 -4.75
CA ALA A 1026 31.95 13.78 -5.07
C ALA A 1026 32.62 14.26 -6.35
N THR A 1027 31.82 14.69 -7.32
CA THR A 1027 32.34 15.21 -8.57
C THR A 1027 33.14 16.47 -8.30
N LYS A 1028 32.61 17.34 -7.45
CA LYS A 1028 33.29 18.56 -7.09
C LYS A 1028 34.56 18.25 -6.33
N MET A 1029 34.55 17.27 -5.46
CA MET A 1029 35.76 16.94 -4.76
C MET A 1029 36.84 16.58 -5.77
N SER A 1030 36.48 15.81 -6.78
CA SER A 1030 37.46 15.40 -7.76
C SER A 1030 37.92 16.54 -8.66
N GLU A 1031 36.97 17.32 -9.16
CA GLU A 1031 37.29 18.32 -10.15
C GLU A 1031 37.66 19.72 -9.64
N CYS A 1032 37.24 20.08 -8.41
CA CYS A 1032 37.45 21.40 -7.82
C CYS A 1032 38.60 21.37 -6.81
N VAL A 1033 38.82 20.20 -6.19
CA VAL A 1033 39.86 20.06 -5.17
C VAL A 1033 41.06 19.30 -5.68
N LEU A 1034 40.82 18.16 -6.33
CA LEU A 1034 41.92 17.34 -6.83
C LEU A 1034 42.39 17.76 -8.22
N GLY A 1035 41.88 18.88 -8.70
CA GLY A 1035 42.24 19.40 -9.99
C GLY A 1035 41.79 20.84 -10.12
N GLN A 1036 41.96 21.39 -11.32
CA GLN A 1036 41.55 22.74 -11.63
C GLN A 1036 40.49 22.67 -12.70
N SER A 1037 39.34 23.24 -12.43
CA SER A 1037 38.23 23.10 -13.36
C SER A 1037 38.18 24.22 -14.38
N LYS A 1038 37.77 23.85 -15.60
CA LYS A 1038 37.53 24.82 -16.66
C LYS A 1038 36.05 24.92 -16.96
N ARG A 1039 35.25 24.36 -16.06
CA ARG A 1039 33.80 24.38 -16.19
C ARG A 1039 33.26 25.61 -15.50
N VAL A 1040 32.63 26.49 -16.26
CA VAL A 1040 32.18 27.76 -15.74
C VAL A 1040 31.12 27.60 -14.67
N ASP A 1041 31.33 28.30 -13.56
CA ASP A 1041 30.45 28.31 -12.41
C ASP A 1041 30.28 26.94 -11.77
N PHE A 1042 31.10 25.98 -12.16
CA PHE A 1042 31.05 24.67 -11.51
C PHE A 1042 31.69 24.72 -10.12
N CYS A 1043 32.81 25.44 -10.00
CA CYS A 1043 33.60 25.57 -8.78
C CYS A 1043 33.58 27.04 -8.33
N GLY A 1044 32.40 27.64 -8.34
CA GLY A 1044 32.24 29.02 -7.91
C GLY A 1044 32.30 29.99 -9.08
N LYS A 1045 31.89 31.23 -8.83
CA LYS A 1045 31.88 32.28 -9.83
C LYS A 1045 33.28 32.83 -10.03
N GLY A 1046 33.67 33.06 -11.27
CA GLY A 1046 35.00 33.57 -11.57
C GLY A 1046 35.85 32.48 -12.18
N TYR A 1047 37.14 32.73 -12.35
CA TYR A 1047 37.98 31.73 -12.96
C TYR A 1047 38.57 30.86 -11.88
N HIS A 1048 38.22 29.59 -11.89
CA HIS A 1048 38.64 28.71 -10.81
C HIS A 1048 40.14 28.56 -10.69
N LEU A 1049 40.66 28.67 -9.47
CA LEU A 1049 42.06 28.43 -9.19
C LEU A 1049 42.23 27.14 -8.43
N MET A 1050 41.54 27.02 -7.29
CA MET A 1050 41.64 25.87 -6.38
C MET A 1050 40.47 25.83 -5.42
N SER A 1051 40.27 24.70 -4.75
CA SER A 1051 39.23 24.61 -3.74
C SER A 1051 39.73 23.88 -2.52
N PHE A 1052 39.10 24.17 -1.38
CA PHE A 1052 39.43 23.51 -0.14
C PHE A 1052 38.17 22.97 0.51
N PRO A 1053 38.05 21.65 0.72
CA PRO A 1053 36.92 21.02 1.35
C PRO A 1053 36.96 21.29 2.84
N GLN A 1054 35.79 21.34 3.46
CA GLN A 1054 35.64 21.43 4.90
C GLN A 1054 34.52 20.47 5.31
N SER A 1055 34.72 19.74 6.40
CA SER A 1055 33.69 18.82 6.87
C SER A 1055 32.53 19.57 7.54
N ALA A 1056 31.31 19.05 7.35
CA ALA A 1056 30.15 19.61 8.01
C ALA A 1056 29.23 18.44 8.40
N PRO A 1057 28.33 18.59 9.37
CA PRO A 1057 27.39 17.56 9.74
C PRO A 1057 26.61 17.11 8.54
N HIS A 1058 26.67 15.83 8.23
CA HIS A 1058 25.95 15.24 7.11
C HIS A 1058 26.21 15.93 5.78
N GLY A 1059 27.39 16.50 5.60
CA GLY A 1059 27.65 17.19 4.36
C GLY A 1059 29.06 17.72 4.23
N VAL A 1060 29.30 18.40 3.12
CA VAL A 1060 30.59 18.95 2.81
C VAL A 1060 30.46 20.39 2.41
N VAL A 1061 31.42 21.19 2.80
CA VAL A 1061 31.47 22.58 2.42
C VAL A 1061 32.72 22.85 1.60
N PHE A 1062 32.55 23.44 0.45
CA PHE A 1062 33.69 23.74 -0.39
C PHE A 1062 33.98 25.22 -0.40
N LEU A 1063 35.23 25.57 -0.14
CA LEU A 1063 35.65 26.94 -0.25
C LEU A 1063 36.33 27.07 -1.60
N HIS A 1064 35.67 27.78 -2.49
CA HIS A 1064 36.13 27.89 -3.85
C HIS A 1064 36.91 29.15 -4.05
N VAL A 1065 38.15 29.02 -4.49
CA VAL A 1065 39.01 30.17 -4.66
C VAL A 1065 39.08 30.51 -6.14
N THR A 1066 38.61 31.69 -6.49
CA THR A 1066 38.56 32.08 -7.89
C THR A 1066 39.25 33.41 -8.15
N TYR A 1067 39.68 33.57 -9.39
CA TYR A 1067 40.27 34.79 -9.90
C TYR A 1067 39.20 35.65 -10.55
N VAL A 1068 39.07 36.88 -10.10
CA VAL A 1068 38.06 37.76 -10.67
C VAL A 1068 38.68 39.07 -11.16
N PRO A 1069 38.53 39.41 -12.45
CA PRO A 1069 38.97 40.66 -13.04
C PRO A 1069 38.37 41.82 -12.25
N ALA A 1070 39.16 42.85 -11.97
CA ALA A 1070 38.65 43.92 -11.12
C ALA A 1070 38.57 45.30 -11.75
N GLN A 1071 39.59 45.71 -12.49
CA GLN A 1071 39.60 47.11 -12.95
C GLN A 1071 39.87 47.28 -14.44
N GLU A 1072 38.85 47.13 -15.26
CA GLU A 1072 39.02 47.23 -16.70
C GLU A 1072 39.14 48.65 -17.20
N LYS A 1073 39.83 48.76 -18.34
CA LYS A 1073 39.98 50.01 -19.06
C LYS A 1073 39.57 49.80 -20.52
N ASN A 1074 39.18 50.90 -21.19
CA ASN A 1074 38.78 50.92 -22.60
C ASN A 1074 40.00 51.08 -23.51
N PHE A 1075 40.26 50.06 -24.35
CA PHE A 1075 41.36 50.09 -25.33
C PHE A 1075 40.80 49.95 -26.74
N THR A 1076 41.49 50.52 -27.71
CA THR A 1076 41.12 50.32 -29.10
C THR A 1076 41.80 49.05 -29.57
N THR A 1077 41.10 48.24 -30.35
CA THR A 1077 41.68 46.98 -30.80
C THR A 1077 41.66 46.79 -32.31
N ALA A 1078 42.28 45.71 -32.75
CA ALA A 1078 42.34 45.33 -34.16
C ALA A 1078 42.58 43.83 -34.28
N PRO A 1079 41.95 43.14 -35.24
CA PRO A 1079 42.17 41.77 -35.64
C PRO A 1079 43.60 41.42 -36.00
N ALA A 1080 44.29 42.36 -36.62
CA ALA A 1080 45.64 42.11 -37.08
C ALA A 1080 46.40 43.40 -37.30
N ILE A 1081 47.71 43.28 -37.36
CA ILE A 1081 48.59 44.37 -37.71
C ILE A 1081 49.18 44.16 -39.10
N CYS A 1082 49.12 45.18 -39.96
CA CYS A 1082 49.70 45.14 -41.29
C CYS A 1082 51.10 45.74 -41.23
N HIS A 1083 52.08 44.95 -41.66
CA HIS A 1083 53.47 45.40 -41.62
C HIS A 1083 54.00 45.54 -43.05
N ASP A 1084 54.87 44.63 -43.47
CA ASP A 1084 55.42 44.71 -44.83
C ASP A 1084 54.51 44.01 -45.81
N GLY A 1085 53.26 44.47 -45.87
CA GLY A 1085 52.26 43.92 -46.78
C GLY A 1085 51.67 42.62 -46.27
N LYS A 1086 52.05 42.22 -45.05
CA LYS A 1086 51.59 40.97 -44.48
C LYS A 1086 50.80 41.20 -43.19
N ALA A 1087 49.85 40.31 -42.93
CA ALA A 1087 49.01 40.40 -41.74
C ALA A 1087 49.55 39.59 -40.56
N HIS A 1088 49.77 40.26 -39.45
CA HIS A 1088 50.29 39.67 -38.24
C HIS A 1088 49.21 39.52 -37.18
N PHE A 1089 49.09 38.32 -36.62
CA PHE A 1089 48.10 38.02 -35.60
C PHE A 1089 48.83 37.63 -34.31
N PRO A 1090 48.30 37.88 -33.11
CA PRO A 1090 48.91 37.51 -31.86
C PRO A 1090 49.03 36.00 -31.75
N ARG A 1091 50.16 35.51 -31.24
CA ARG A 1091 50.30 34.09 -30.97
C ARG A 1091 49.37 33.77 -29.81
N GLU A 1092 49.33 34.70 -28.89
CA GLU A 1092 48.47 34.70 -27.74
C GLU A 1092 48.23 36.16 -27.42
N GLY A 1093 47.15 36.47 -26.76
CA GLY A 1093 46.88 37.86 -26.44
C GLY A 1093 46.09 38.57 -27.53
N VAL A 1094 45.91 39.86 -27.37
CA VAL A 1094 45.13 40.69 -28.25
C VAL A 1094 45.84 42.01 -28.53
N PHE A 1095 45.69 42.55 -29.74
CA PHE A 1095 46.30 43.84 -30.03
C PHE A 1095 45.45 44.95 -29.44
N VAL A 1096 46.11 45.89 -28.79
CA VAL A 1096 45.43 47.03 -28.19
C VAL A 1096 46.11 48.33 -28.52
N SER A 1097 45.38 49.42 -28.40
CA SER A 1097 45.93 50.75 -28.56
C SER A 1097 45.48 51.69 -27.46
N ASN A 1098 46.45 52.45 -26.93
CA ASN A 1098 46.23 53.44 -25.87
C ASN A 1098 45.91 54.84 -26.44
N GLY A 1099 45.76 54.94 -27.77
CA GLY A 1099 45.44 56.15 -28.52
C GLY A 1099 46.59 56.60 -29.40
N THR A 1100 47.81 56.22 -29.06
CA THR A 1100 48.93 56.60 -29.93
C THR A 1100 49.81 55.41 -30.32
N HIS A 1101 49.87 54.39 -29.47
CA HIS A 1101 50.72 53.25 -29.77
C HIS A 1101 50.01 51.93 -29.61
N TRP A 1102 50.39 50.99 -30.47
CA TRP A 1102 49.87 49.64 -30.44
C TRP A 1102 50.75 48.69 -29.68
N PHE A 1103 50.12 47.85 -28.88
CA PHE A 1103 50.76 46.85 -28.04
C PHE A 1103 50.05 45.54 -28.16
N VAL A 1104 50.70 44.48 -27.80
CA VAL A 1104 50.01 43.19 -27.72
C VAL A 1104 50.02 42.77 -26.28
N THR A 1105 48.88 42.32 -25.77
CA THR A 1105 48.83 41.95 -24.37
C THR A 1105 48.03 40.69 -24.13
N GLN A 1106 48.27 40.06 -22.98
CA GLN A 1106 47.51 38.88 -22.60
C GLN A 1106 46.06 39.27 -22.40
N ARG A 1107 45.15 38.33 -22.62
CA ARG A 1107 43.73 38.64 -22.65
C ARG A 1107 43.07 38.93 -21.30
N ASN A 1108 43.54 38.29 -20.24
CA ASN A 1108 42.85 38.39 -18.95
C ASN A 1108 43.52 39.30 -17.94
N PHE A 1109 44.48 40.08 -18.39
CA PHE A 1109 45.22 41.00 -17.52
C PHE A 1109 45.97 41.98 -18.38
N TYR A 1110 45.83 43.27 -18.13
CA TYR A 1110 46.50 44.24 -18.98
C TYR A 1110 47.97 44.34 -18.67
N GLU A 1111 48.77 44.02 -19.66
CA GLU A 1111 50.21 44.01 -19.56
C GLU A 1111 50.81 44.18 -20.95
N PRO A 1112 50.89 45.40 -21.47
CA PRO A 1112 51.22 45.72 -22.84
C PRO A 1112 52.66 45.40 -23.17
N GLN A 1113 52.86 44.78 -24.32
CA GLN A 1113 54.18 44.45 -24.82
C GLN A 1113 54.38 45.07 -26.19
N ILE A 1114 55.63 45.28 -26.56
CA ILE A 1114 55.93 45.76 -27.91
C ILE A 1114 55.57 44.64 -28.87
N ILE A 1115 54.95 44.99 -29.98
CA ILE A 1115 54.58 43.99 -30.97
C ILE A 1115 55.81 43.60 -31.74
N THR A 1116 56.15 42.32 -31.67
CA THR A 1116 57.35 41.80 -32.30
C THR A 1116 57.03 40.51 -33.03
N THR A 1117 57.99 40.01 -33.79
CA THR A 1117 57.84 38.76 -34.51
C THR A 1117 57.81 37.55 -33.58
N ASP A 1118 58.15 37.75 -32.31
CA ASP A 1118 58.10 36.67 -31.33
C ASP A 1118 56.79 36.67 -30.56
N ASN A 1119 55.97 37.69 -30.81
CA ASN A 1119 54.68 37.81 -30.13
C ASN A 1119 53.55 37.50 -31.09
N THR A 1120 53.83 37.67 -32.37
CA THR A 1120 52.83 37.46 -33.41
C THR A 1120 53.28 36.44 -34.42
N PHE A 1121 52.36 35.98 -35.24
CA PHE A 1121 52.69 35.12 -36.35
C PHE A 1121 52.12 35.74 -37.60
N VAL A 1122 52.67 35.40 -38.74
CA VAL A 1122 52.19 36.03 -39.95
C VAL A 1122 51.44 35.05 -40.83
N SER A 1123 50.28 35.49 -41.29
CA SER A 1123 49.47 34.66 -42.17
C SER A 1123 48.66 35.46 -43.16
N GLY A 1124 48.99 35.34 -44.43
CA GLY A 1124 48.25 36.03 -45.47
C GLY A 1124 48.65 37.48 -45.62
N ASN A 1125 48.02 38.15 -46.57
CA ASN A 1125 48.26 39.55 -46.87
C ASN A 1125 47.28 40.43 -46.09
N CYS A 1126 47.37 41.75 -46.29
CA CYS A 1126 46.59 42.75 -45.56
C CYS A 1126 45.25 43.06 -46.25
N ASP A 1127 44.97 42.37 -47.34
CA ASP A 1127 43.78 42.67 -48.13
C ASP A 1127 42.54 41.90 -47.72
N VAL A 1128 42.72 40.85 -46.92
CA VAL A 1128 41.59 39.98 -46.60
C VAL A 1128 41.13 40.05 -45.15
N VAL A 1129 41.70 40.95 -44.37
CA VAL A 1129 41.30 41.07 -42.96
C VAL A 1129 40.56 42.38 -42.73
N ILE A 1130 39.33 42.26 -42.27
CA ILE A 1130 38.49 43.43 -42.09
C ILE A 1130 38.83 44.06 -40.75
N GLY A 1131 39.23 45.33 -40.78
CA GLY A 1131 39.60 46.02 -39.57
C GLY A 1131 41.09 45.97 -39.28
N ILE A 1132 41.88 45.48 -40.22
CA ILE A 1132 43.33 45.44 -40.04
C ILE A 1132 43.88 46.85 -39.99
N VAL A 1133 44.86 47.08 -39.11
CA VAL A 1133 45.44 48.42 -38.97
C VAL A 1133 46.93 48.36 -39.28
N ASN A 1134 47.52 49.51 -39.64
CA ASN A 1134 48.93 49.65 -39.97
C ASN A 1134 49.77 49.98 -38.73
N ASN A 1135 50.81 49.18 -38.48
CA ASN A 1135 51.76 49.41 -37.38
C ASN A 1135 53.09 48.79 -37.75
N THR A 1136 54.05 48.94 -36.86
CA THR A 1136 55.35 48.36 -37.04
C THR A 1136 55.47 47.08 -36.21
N VAL A 1137 55.97 46.04 -36.85
CA VAL A 1137 56.25 44.81 -36.11
C VAL A 1137 57.75 44.68 -35.98
N TYR A 1138 58.21 44.74 -34.74
CA TYR A 1138 59.63 44.73 -34.43
C TYR A 1138 60.30 43.39 -34.62
N ASP A 1139 61.47 43.40 -35.22
CA ASP A 1139 62.27 42.21 -35.43
C ASP A 1139 63.51 42.30 -34.53
N PRO A 1140 63.59 41.50 -33.44
CA PRO A 1140 64.65 41.48 -32.46
C PRO A 1140 66.04 41.29 -33.03
N LEU A 1141 66.14 40.73 -34.23
CA LEU A 1141 67.45 40.50 -34.84
C LEU A 1141 67.97 41.69 -35.62
N GLN A 1142 67.08 42.51 -36.17
CA GLN A 1142 67.54 43.58 -37.04
C GLN A 1142 68.56 44.51 -36.36
N PRO A 1143 68.34 44.96 -35.10
CA PRO A 1143 69.23 45.84 -34.37
C PRO A 1143 70.60 45.22 -34.12
N GLU A 1144 70.72 43.91 -34.21
CA GLU A 1144 72.01 43.30 -33.98
C GLU A 1144 72.77 43.28 -35.30
N LEU A 1145 72.04 43.07 -36.38
CA LEU A 1145 72.63 43.04 -37.71
C LEU A 1145 73.12 44.44 -38.08
N ASP A 1146 72.46 45.46 -37.54
CA ASP A 1146 72.83 46.85 -37.77
C ASP A 1146 74.02 47.29 -36.90
N SER A 1147 74.43 46.44 -35.96
CA SER A 1147 75.47 46.80 -35.01
C SER A 1147 76.58 45.76 -34.93
N PHE A 1148 76.26 44.57 -34.45
CA PHE A 1148 77.25 43.52 -34.25
C PHE A 1148 77.85 43.12 -35.58
N LYS A 1149 77.00 43.11 -36.61
CA LYS A 1149 77.46 42.76 -37.95
C LYS A 1149 77.66 44.00 -38.86
N GLU A 1150 77.67 45.22 -38.27
CA GLU A 1150 77.81 46.51 -38.97
C GLU A 1150 77.84 47.62 -37.94
N ASP B 1 -37.86 -43.54 -6.54
CA ASP B 1 -38.40 -43.44 -5.18
C ASP B 1 -38.77 -42.00 -4.80
N LYS B 2 -37.95 -41.02 -5.24
CA LYS B 2 -38.14 -39.59 -4.96
C LYS B 2 -39.49 -39.08 -5.46
N GLU B 3 -39.91 -39.60 -6.61
CA GLU B 3 -41.17 -39.22 -7.21
C GLU B 3 -42.35 -39.63 -6.33
N TRP B 4 -42.24 -40.79 -5.71
CA TRP B 4 -43.31 -41.29 -4.87
C TRP B 4 -43.36 -40.53 -3.55
N ILE B 5 -42.18 -40.12 -3.09
CA ILE B 5 -42.11 -39.35 -1.86
C ILE B 5 -42.78 -38.00 -2.05
N LEU B 6 -42.51 -37.34 -3.17
CA LEU B 6 -43.12 -36.06 -3.45
C LEU B 6 -44.63 -36.20 -3.51
N GLN B 7 -45.11 -37.27 -4.14
CA GLN B 7 -46.54 -37.48 -4.25
C GLN B 7 -47.18 -37.70 -2.88
N LYS B 8 -46.50 -38.44 -2.01
CA LYS B 8 -47.03 -38.68 -0.68
C LYS B 8 -47.10 -37.41 0.15
N ILE B 9 -46.07 -36.57 0.09
CA ILE B 9 -46.07 -35.36 0.88
C ILE B 9 -47.19 -34.44 0.39
N TYR B 10 -47.33 -34.36 -0.95
CA TYR B 10 -48.39 -33.57 -1.57
C TYR B 10 -49.76 -34.00 -1.08
N GLU B 11 -50.00 -35.31 -1.07
CA GLU B 11 -51.28 -35.85 -0.60
C GLU B 11 -51.52 -35.55 0.87
N ILE B 12 -50.45 -35.55 1.66
CA ILE B 12 -50.59 -35.24 3.08
C ILE B 12 -51.07 -33.81 3.30
N MET B 13 -50.47 -32.84 2.61
CA MET B 13 -50.95 -31.47 2.84
C MET B 13 -52.36 -31.30 2.30
N ARG B 14 -52.68 -32.01 1.21
CA ARG B 14 -54.01 -31.88 0.65
C ARG B 14 -55.04 -32.35 1.66
N LEU B 15 -54.75 -33.47 2.32
CA LEU B 15 -55.64 -34.02 3.33
C LEU B 15 -55.76 -33.09 4.53
N LEU B 16 -54.66 -32.48 4.95
CA LEU B 16 -54.69 -31.60 6.11
C LEU B 16 -55.60 -30.39 5.87
N ASP B 17 -55.66 -29.91 4.61
CA ASP B 17 -56.61 -28.84 4.31
C ASP B 17 -58.03 -29.36 4.45
N GLU B 18 -58.28 -30.57 3.93
CA GLU B 18 -59.61 -31.18 3.99
C GLU B 18 -60.07 -31.45 5.42
N LEU B 19 -59.13 -31.77 6.29
CA LEU B 19 -59.43 -32.07 7.68
C LEU B 19 -59.66 -30.82 8.53
N GLY B 20 -59.45 -29.63 7.94
CA GLY B 20 -59.66 -28.40 8.69
C GLY B 20 -58.47 -27.99 9.57
N HIS B 21 -57.26 -28.41 9.19
CA HIS B 21 -56.07 -28.07 9.97
C HIS B 21 -55.06 -27.39 9.07
N ALA B 22 -55.36 -26.13 8.76
CA ALA B 22 -54.58 -25.37 7.80
C ALA B 22 -53.14 -25.16 8.24
N GLU B 23 -52.91 -24.99 9.54
CA GLU B 23 -51.54 -24.74 9.99
C GLU B 23 -50.67 -25.93 9.69
N ALA B 24 -51.21 -27.13 9.94
CA ALA B 24 -50.47 -28.35 9.66
C ALA B 24 -50.19 -28.46 8.18
N SER B 25 -51.16 -28.07 7.35
CA SER B 25 -50.99 -28.13 5.91
C SER B 25 -49.88 -27.19 5.46
N MET B 26 -49.86 -25.98 6.00
CA MET B 26 -48.85 -24.99 5.67
C MET B 26 -47.45 -25.52 5.99
N ARG B 27 -47.32 -26.14 7.17
CA ARG B 27 -46.04 -26.71 7.58
C ARG B 27 -45.59 -27.81 6.64
N VAL B 28 -46.53 -28.66 6.21
CA VAL B 28 -46.18 -29.72 5.28
C VAL B 28 -45.78 -29.14 3.92
N SER B 29 -46.49 -28.10 3.46
CA SER B 29 -46.13 -27.48 2.20
C SER B 29 -44.67 -27.05 2.22
N ASP B 30 -44.23 -26.45 3.33
CA ASP B 30 -42.83 -26.08 3.46
C ASP B 30 -41.90 -27.28 3.28
N LEU B 31 -42.33 -28.46 3.75
CA LEU B 31 -41.53 -29.68 3.59
C LEU B 31 -41.40 -30.02 2.11
N ILE B 32 -42.44 -29.72 1.32
CA ILE B 32 -42.39 -29.99 -0.12
C ILE B 32 -41.36 -29.13 -0.79
N TYR B 33 -41.38 -27.85 -0.49
CA TYR B 33 -40.41 -26.96 -1.12
C TYR B 33 -38.99 -27.41 -0.84
N GLU B 34 -38.70 -27.69 0.44
CA GLU B 34 -37.35 -28.13 0.80
C GLU B 34 -37.01 -29.45 0.12
N PHE B 35 -37.97 -30.38 0.08
CA PHE B 35 -37.76 -31.68 -0.53
C PHE B 35 -37.35 -31.57 -1.98
N MET B 36 -38.05 -30.72 -2.72
CA MET B 36 -37.77 -30.57 -4.15
C MET B 36 -36.38 -29.99 -4.45
N LYS B 37 -35.67 -29.52 -3.42
CA LYS B 37 -34.34 -28.97 -3.57
C LYS B 37 -33.26 -29.89 -2.98
N LYS B 38 -33.67 -31.00 -2.37
CA LYS B 38 -32.74 -31.88 -1.65
C LYS B 38 -32.97 -33.37 -1.89
N GLY B 39 -31.99 -34.17 -1.46
CA GLY B 39 -32.08 -35.64 -1.51
C GLY B 39 -32.49 -36.19 -0.14
N ASP B 40 -32.93 -35.31 0.74
CA ASP B 40 -33.29 -35.66 2.11
C ASP B 40 -34.71 -36.20 2.20
N GLU B 41 -34.83 -37.50 2.45
CA GLU B 41 -36.12 -38.19 2.44
C GLU B 41 -36.80 -38.15 3.81
N ARG B 42 -36.16 -37.55 4.80
CA ARG B 42 -36.72 -37.54 6.16
C ARG B 42 -37.87 -36.54 6.25
N LEU B 43 -38.01 -35.75 5.19
CA LEU B 43 -39.07 -34.77 5.08
C LEU B 43 -40.42 -35.49 4.92
N LEU B 44 -40.39 -36.74 4.43
CA LEU B 44 -41.61 -37.51 4.33
C LEU B 44 -42.03 -37.95 5.71
N GLU B 45 -41.06 -38.35 6.51
CA GLU B 45 -41.32 -38.84 7.85
C GLU B 45 -41.95 -37.73 8.67
N GLU B 46 -41.48 -36.50 8.45
CA GLU B 46 -42.04 -35.34 9.13
C GLU B 46 -43.46 -35.06 8.64
N ALA B 47 -43.70 -35.18 7.34
CA ALA B 47 -45.05 -34.94 6.84
C ALA B 47 -46.01 -35.94 7.45
N GLU B 48 -45.58 -37.21 7.54
CA GLU B 48 -46.41 -38.26 8.09
C GLU B 48 -46.62 -38.07 9.59
N ARG B 49 -45.56 -37.68 10.30
CA ARG B 49 -45.65 -37.46 11.73
C ARG B 49 -46.65 -36.37 12.05
N LEU B 50 -46.61 -35.28 11.28
CA LEU B 50 -47.51 -34.16 11.50
C LEU B 50 -48.94 -34.59 11.24
N LEU B 51 -49.15 -35.42 10.23
CA LEU B 51 -50.49 -35.92 9.95
C LEU B 51 -51.00 -36.77 11.09
N GLU B 52 -50.13 -37.63 11.64
CA GLU B 52 -50.52 -38.49 12.75
C GLU B 52 -50.93 -37.67 13.98
N GLU B 53 -50.21 -36.57 14.25
CA GLU B 53 -50.55 -35.72 15.37
C GLU B 53 -51.94 -35.10 15.18
N VAL B 54 -52.24 -34.71 13.94
CA VAL B 54 -53.55 -34.15 13.60
C VAL B 54 -54.69 -35.19 13.68
N GLU B 55 -54.47 -36.39 13.13
CA GLU B 55 -55.44 -37.49 13.14
C GLU B 55 -55.35 -38.25 14.46
N ALA C 27 23.61 -43.13 29.30
CA ALA C 27 24.48 -43.06 28.12
C ALA C 27 23.78 -42.28 27.01
N TYR C 28 24.51 -41.31 26.43
CA TYR C 28 24.04 -40.45 25.33
C TYR C 28 25.07 -40.37 24.23
N THR C 29 24.60 -40.16 23.01
CA THR C 29 25.48 -39.94 21.90
C THR C 29 25.09 -38.70 21.09
N ASN C 30 25.98 -38.31 20.20
CA ASN C 30 25.83 -37.14 19.34
C ASN C 30 25.06 -37.50 18.07
N SER C 31 23.88 -36.90 17.88
CA SER C 31 23.05 -37.18 16.71
C SER C 31 23.63 -36.62 15.42
N PHE C 32 24.60 -35.73 15.56
CA PHE C 32 25.23 -35.07 14.42
C PHE C 32 24.20 -34.43 13.52
N THR C 33 24.16 -34.85 12.26
CA THR C 33 23.27 -34.27 11.28
C THR C 33 22.26 -35.28 10.75
N ARG C 34 22.06 -36.36 11.49
CA ARG C 34 21.13 -37.40 11.08
C ARG C 34 19.72 -37.13 11.60
N GLY C 35 18.73 -37.81 11.02
CA GLY C 35 17.34 -37.66 11.45
C GLY C 35 16.51 -36.76 10.54
N VAL C 36 17.09 -36.37 9.40
CA VAL C 36 16.40 -35.55 8.42
C VAL C 36 15.65 -36.43 7.42
N TYR C 37 14.40 -36.10 7.20
CA TYR C 37 13.54 -36.86 6.31
C TYR C 37 12.89 -35.94 5.29
N TYR C 38 12.42 -36.50 4.19
CA TYR C 38 11.74 -35.72 3.17
C TYR C 38 10.38 -35.29 3.71
N PRO C 39 10.14 -33.98 3.92
CA PRO C 39 8.98 -33.42 4.58
C PRO C 39 7.67 -33.64 3.85
N ASP C 40 7.74 -33.90 2.55
CA ASP C 40 6.54 -34.11 1.75
C ASP C 40 6.87 -34.94 0.51
N LYS C 41 5.86 -35.26 -0.28
CA LYS C 41 6.03 -36.04 -1.49
C LYS C 41 6.13 -35.13 -2.71
N VAL C 42 7.04 -34.18 -2.62
CA VAL C 42 7.23 -33.20 -3.67
C VAL C 42 8.63 -33.27 -4.24
N PHE C 43 8.71 -33.20 -5.55
CA PHE C 43 9.97 -33.18 -6.26
C PHE C 43 10.50 -31.78 -6.37
N ARG C 44 11.73 -31.63 -5.92
CA ARG C 44 12.43 -30.38 -5.98
C ARG C 44 13.83 -30.69 -6.44
N SER C 45 14.43 -29.83 -7.23
CA SER C 45 15.79 -30.12 -7.67
C SER C 45 16.58 -28.85 -7.86
N SER C 46 17.88 -28.97 -7.63
CA SER C 46 18.81 -27.84 -7.77
C SER C 46 18.26 -26.62 -7.05
N VAL C 47 17.79 -26.83 -5.82
CA VAL C 47 17.15 -25.76 -5.07
C VAL C 47 17.39 -25.90 -3.57
N LEU C 48 17.48 -24.76 -2.91
CA LEU C 48 17.58 -24.73 -1.46
C LEU C 48 16.23 -24.31 -0.91
N HIS C 49 15.57 -25.22 -0.21
CA HIS C 49 14.20 -24.98 0.26
C HIS C 49 14.10 -24.89 1.78
N SER C 50 13.48 -23.82 2.26
CA SER C 50 13.31 -23.61 3.70
C SER C 50 11.96 -24.13 4.16
N THR C 51 11.99 -25.03 5.13
CA THR C 51 10.77 -25.65 5.63
C THR C 51 10.77 -25.84 7.14
N GLN C 52 9.59 -25.80 7.75
CA GLN C 52 9.46 -26.04 9.18
C GLN C 52 8.67 -27.30 9.44
N ASP C 53 9.25 -28.21 10.21
CA ASP C 53 8.61 -29.48 10.51
C ASP C 53 9.19 -30.10 11.76
N LEU C 54 8.65 -31.24 12.15
CA LEU C 54 9.15 -31.97 13.29
C LEU C 54 10.39 -32.76 12.92
N PHE C 55 11.52 -32.10 13.06
CA PHE C 55 12.83 -32.64 12.71
C PHE C 55 13.66 -32.87 13.95
N LEU C 56 14.63 -33.77 13.86
CA LEU C 56 15.55 -33.95 14.97
C LEU C 56 16.54 -32.78 14.91
N PRO C 57 16.70 -31.95 15.96
CA PRO C 57 17.61 -30.82 16.00
C PRO C 57 19.03 -31.31 15.77
N PHE C 58 19.83 -30.52 15.08
CA PHE C 58 21.20 -30.95 14.84
C PHE C 58 22.02 -30.94 16.11
N PHE C 59 22.87 -31.95 16.21
CA PHE C 59 23.78 -32.16 17.32
C PHE C 59 23.05 -32.32 18.64
N SER C 60 21.79 -32.75 18.58
CA SER C 60 21.01 -33.03 19.77
C SER C 60 21.52 -34.28 20.50
N ASN C 61 21.08 -34.43 21.76
CA ASN C 61 21.38 -35.55 22.63
C ASN C 61 20.38 -36.69 22.42
N VAL C 62 20.86 -37.88 22.02
CA VAL C 62 20.01 -39.06 21.82
C VAL C 62 20.39 -40.10 22.85
N THR C 63 19.38 -40.67 23.50
CA THR C 63 19.63 -41.62 24.56
C THR C 63 20.03 -42.95 23.96
N TRP C 64 21.12 -43.51 24.48
CA TRP C 64 21.69 -44.74 23.96
C TRP C 64 21.34 -45.95 24.83
N PHE C 65 20.59 -46.88 24.26
CA PHE C 65 20.11 -48.05 24.98
C PHE C 65 20.84 -49.31 24.52
N HIS C 66 21.10 -50.23 25.46
CA HIS C 66 21.74 -51.52 25.19
C HIS C 66 20.79 -52.66 25.55
N PRO C 82 12.39 -50.96 27.80
CA PRO C 82 11.98 -49.77 28.53
C PRO C 82 10.93 -48.98 27.74
N VAL C 83 9.97 -48.38 28.48
CA VAL C 83 8.91 -47.55 27.89
C VAL C 83 9.34 -46.09 27.94
N LEU C 84 9.37 -45.48 26.78
CA LEU C 84 9.83 -44.11 26.59
C LEU C 84 8.64 -43.24 26.19
N PRO C 85 8.67 -41.93 26.45
CA PRO C 85 7.68 -40.98 26.01
C PRO C 85 7.79 -40.82 24.50
N PHE C 86 6.69 -40.49 23.86
CA PHE C 86 6.68 -40.23 22.42
C PHE C 86 6.79 -38.73 22.13
N ASN C 87 6.28 -37.92 23.05
CA ASN C 87 6.22 -36.47 22.91
C ASN C 87 5.54 -36.07 21.62
N ASP C 88 6.24 -35.29 20.79
CA ASP C 88 5.64 -34.80 19.54
C ASP C 88 6.10 -35.62 18.35
N GLY C 89 6.84 -36.67 18.60
CA GLY C 89 7.39 -37.50 17.53
C GLY C 89 8.76 -38.01 17.93
N VAL C 90 9.14 -39.15 17.35
CA VAL C 90 10.35 -39.83 17.74
C VAL C 90 11.33 -40.17 16.63
N TYR C 91 12.59 -39.90 16.90
CA TYR C 91 13.65 -40.36 16.03
C TYR C 91 14.20 -41.63 16.62
N PHE C 92 14.24 -42.68 15.84
CA PHE C 92 14.75 -43.95 16.32
C PHE C 92 15.79 -44.47 15.37
N ALA C 93 16.89 -44.96 15.90
CA ALA C 93 17.87 -45.55 15.02
C ALA C 93 18.52 -46.71 15.71
N SER C 94 18.96 -47.68 14.94
CA SER C 94 19.65 -48.79 15.56
C SER C 94 20.80 -49.28 14.73
N THR C 95 21.73 -49.90 15.41
CA THR C 95 22.87 -50.50 14.75
C THR C 95 22.74 -52.00 14.92
N GLU C 96 23.04 -52.74 13.87
CA GLU C 96 22.75 -54.16 13.89
C GLU C 96 23.84 -55.07 13.33
N LYS C 97 23.81 -56.31 13.81
CA LYS C 97 24.62 -57.42 13.35
C LYS C 97 23.77 -58.66 13.01
N SER C 98 22.70 -58.91 13.79
CA SER C 98 21.95 -60.16 13.67
C SER C 98 20.43 -60.09 13.87
N ASN C 99 19.79 -59.01 13.43
CA ASN C 99 18.33 -58.86 13.49
C ASN C 99 17.72 -59.11 14.88
N ILE C 100 18.18 -58.36 15.88
CA ILE C 100 17.69 -58.50 17.24
C ILE C 100 16.44 -57.64 17.47
N ILE C 101 16.47 -56.42 16.95
CA ILE C 101 15.31 -55.54 17.07
C ILE C 101 14.30 -55.92 16.01
N ARG C 102 13.07 -56.19 16.45
CA ARG C 102 12.03 -56.68 15.56
C ARG C 102 10.93 -55.66 15.32
N GLY C 103 10.64 -54.82 16.30
CA GLY C 103 9.51 -53.94 16.13
C GLY C 103 9.30 -52.95 17.26
N TRP C 104 8.14 -52.30 17.23
CA TRP C 104 7.79 -51.25 18.19
C TRP C 104 6.33 -51.32 18.64
N ILE C 105 6.08 -50.82 19.84
CA ILE C 105 4.73 -50.62 20.33
C ILE C 105 4.49 -49.15 20.63
N PHE C 106 3.43 -48.60 20.07
CA PHE C 106 3.08 -47.21 20.34
C PHE C 106 1.69 -47.14 20.93
N GLY C 107 1.45 -46.25 21.87
CA GLY C 107 0.11 -46.15 22.44
C GLY C 107 0.08 -45.24 23.66
N THR C 108 -0.94 -45.43 24.49
CA THR C 108 -1.11 -44.60 25.68
C THR C 108 -1.01 -45.47 26.93
N THR C 109 -2.11 -46.14 27.26
CA THR C 109 -2.14 -47.00 28.44
C THR C 109 -1.45 -48.35 28.23
N LEU C 110 -1.45 -48.84 27.00
CA LEU C 110 -0.77 -50.09 26.67
C LEU C 110 -1.15 -51.25 27.60
N ASP C 111 -2.42 -51.33 27.98
CA ASP C 111 -2.85 -52.32 28.96
C ASP C 111 -4.30 -52.77 28.72
N SER C 112 -4.63 -53.12 27.48
CA SER C 112 -5.96 -53.57 27.12
C SER C 112 -7.10 -52.66 27.60
N LYS C 113 -6.90 -51.34 27.54
CA LYS C 113 -7.93 -50.39 27.92
C LYS C 113 -8.39 -49.56 26.73
N THR C 114 -7.48 -49.38 25.78
CA THR C 114 -7.74 -48.61 24.58
C THR C 114 -6.87 -49.16 23.46
N GLN C 115 -6.87 -48.48 22.32
CA GLN C 115 -6.12 -48.97 21.17
C GLN C 115 -4.65 -48.63 21.26
N SER C 116 -3.83 -49.58 20.86
CA SER C 116 -2.39 -49.38 20.73
C SER C 116 -1.93 -49.93 19.40
N LEU C 117 -0.86 -49.36 18.89
CA LEU C 117 -0.28 -49.71 17.61
C LEU C 117 0.93 -50.63 17.72
N LEU C 118 0.82 -51.81 17.14
CA LEU C 118 1.88 -52.81 17.18
C LEU C 118 2.49 -53.00 15.81
N ILE C 119 3.77 -52.71 15.68
CA ILE C 119 4.48 -52.85 14.41
C ILE C 119 5.60 -53.87 14.52
N VAL C 120 5.40 -55.06 13.96
CA VAL C 120 6.41 -56.12 14.10
C VAL C 120 6.89 -56.73 12.80
N ASN C 121 8.21 -56.75 12.64
CA ASN C 121 8.83 -57.37 11.48
C ASN C 121 9.22 -58.82 11.77
N ASN C 122 8.24 -59.76 11.70
CA ASN C 122 8.52 -61.15 12.04
C ASN C 122 9.00 -61.95 10.80
N ALA C 123 10.32 -62.20 10.77
CA ALA C 123 11.06 -62.92 9.73
C ALA C 123 10.97 -62.29 8.33
N THR C 124 9.80 -62.37 7.70
CA THR C 124 9.68 -61.92 6.31
C THR C 124 8.61 -60.85 6.04
N ASN C 125 7.69 -60.64 6.98
CA ASN C 125 6.58 -59.71 6.72
C ASN C 125 6.30 -58.77 7.88
N VAL C 126 6.24 -57.48 7.60
CA VAL C 126 5.90 -56.54 8.65
C VAL C 126 4.39 -56.47 8.85
N VAL C 127 3.98 -56.74 10.08
CA VAL C 127 2.57 -56.78 10.41
C VAL C 127 2.20 -55.64 11.35
N ILE C 128 1.23 -54.84 10.93
CA ILE C 128 0.79 -53.70 11.70
C ILE C 128 -0.66 -53.82 12.15
N LYS C 129 -0.89 -53.73 13.45
CA LYS C 129 -2.24 -53.81 14.02
C LYS C 129 -2.53 -52.69 15.02
N VAL C 130 -3.79 -52.31 15.14
CA VAL C 130 -4.17 -51.31 16.17
C VAL C 130 -5.22 -51.81 17.17
N CYS C 131 -5.12 -53.07 17.56
CA CYS C 131 -6.06 -53.75 18.45
C CYS C 131 -5.92 -53.27 19.89
N GLU C 132 -6.93 -53.56 20.71
CA GLU C 132 -6.85 -53.23 22.13
C GLU C 132 -6.03 -54.31 22.81
N PHE C 133 -4.72 -54.21 22.62
CA PHE C 133 -3.76 -55.21 23.05
C PHE C 133 -3.48 -55.24 24.53
N GLN C 134 -3.30 -56.45 25.04
CA GLN C 134 -2.79 -56.66 26.37
C GLN C 134 -1.32 -57.01 26.24
N PHE C 135 -0.47 -56.15 26.76
CA PHE C 135 0.96 -56.38 26.61
C PHE C 135 1.55 -56.96 27.89
N CYS C 136 2.66 -57.65 27.71
CA CYS C 136 3.43 -58.21 28.82
C CYS C 136 4.15 -57.10 29.56
N ASN C 137 4.58 -57.39 30.79
CA ASN C 137 5.35 -56.41 31.56
C ASN C 137 6.67 -56.08 30.88
N ASP C 138 7.20 -57.06 30.16
CA ASP C 138 8.44 -56.89 29.39
C ASP C 138 8.36 -57.75 28.13
N PRO C 139 7.67 -57.27 27.07
CA PRO C 139 7.42 -57.96 25.81
C PRO C 139 8.72 -58.24 25.08
N PHE C 140 8.79 -59.39 24.41
CA PHE C 140 9.95 -59.75 23.60
C PHE C 140 9.56 -60.79 22.56
N LEU C 141 10.44 -61.02 21.60
CA LEU C 141 10.20 -62.05 20.59
C LEU C 141 11.20 -63.19 20.71
N GLY C 142 10.76 -64.40 20.37
CA GLY C 142 11.63 -65.56 20.39
C GLY C 142 12.20 -65.87 19.00
N CYS C 166 -9.60 -53.86 17.35
CA CYS C 166 -9.00 -54.06 16.03
C CYS C 166 -9.80 -53.25 15.01
N THR C 167 -9.27 -52.09 14.63
CA THR C 167 -9.94 -51.22 13.68
C THR C 167 -9.16 -51.09 12.38
N PHE C 168 -7.89 -51.47 12.43
CA PHE C 168 -6.99 -51.36 11.29
C PHE C 168 -5.96 -52.48 11.33
N GLU C 169 -5.65 -53.02 10.15
CA GLU C 169 -4.60 -54.00 9.99
C GLU C 169 -3.96 -53.87 8.62
N TYR C 170 -2.63 -53.97 8.60
CA TYR C 170 -1.88 -53.92 7.36
C TYR C 170 -0.68 -54.85 7.38
N VAL C 171 -0.44 -55.55 6.28
CA VAL C 171 0.75 -56.39 6.18
C VAL C 171 1.56 -55.99 4.95
N SER C 172 2.86 -55.76 5.13
CA SER C 172 3.78 -55.36 4.06
C SER C 172 4.12 -56.57 3.17
N PHE C 186 29.34 -52.93 14.53
CA PHE C 186 28.08 -53.15 13.85
C PHE C 186 28.28 -53.00 12.33
N LYS C 187 27.38 -53.66 11.55
CA LYS C 187 27.46 -53.72 10.09
C LYS C 187 26.41 -52.87 9.38
N ASN C 188 25.27 -52.64 10.04
CA ASN C 188 24.20 -51.87 9.39
C ASN C 188 23.57 -50.85 10.33
N LEU C 189 23.25 -49.68 9.77
CA LEU C 189 22.50 -48.64 10.48
C LEU C 189 21.12 -48.48 9.87
N ARG C 190 20.11 -48.52 10.71
CA ARG C 190 18.74 -48.36 10.26
C ARG C 190 18.08 -47.17 10.94
N GLU C 191 17.86 -46.10 10.20
CA GLU C 191 17.27 -44.89 10.75
C GLU C 191 15.77 -44.84 10.49
N PHE C 192 15.01 -44.49 11.50
CA PHE C 192 13.56 -44.37 11.40
C PHE C 192 13.02 -43.10 12.03
N VAL C 193 11.96 -42.58 11.47
CA VAL C 193 11.22 -41.48 12.08
C VAL C 193 9.77 -41.83 12.22
N PHE C 194 9.25 -41.64 13.42
CA PHE C 194 7.86 -41.91 13.72
C PHE C 194 7.15 -40.66 14.20
N LYS C 195 6.18 -40.16 13.44
CA LYS C 195 5.45 -38.99 13.93
C LYS C 195 3.96 -39.22 13.73
N ASN C 196 3.14 -38.59 14.56
CA ASN C 196 1.70 -38.83 14.50
C ASN C 196 0.93 -37.53 14.41
N ILE C 197 0.43 -37.22 13.21
CA ILE C 197 -0.26 -35.95 12.99
C ILE C 197 -1.72 -36.15 12.60
N ASP C 198 -2.62 -35.63 13.42
CA ASP C 198 -4.05 -35.70 13.17
C ASP C 198 -4.52 -37.13 12.93
N GLY C 199 -3.97 -38.08 13.67
CA GLY C 199 -4.36 -39.47 13.57
C GLY C 199 -3.58 -40.27 12.51
N TYR C 200 -2.72 -39.59 11.75
CA TYR C 200 -1.94 -40.28 10.73
C TYR C 200 -0.54 -40.59 11.21
N PHE C 201 -0.23 -41.87 11.33
CA PHE C 201 1.06 -42.28 11.82
C PHE C 201 2.00 -42.44 10.64
N LYS C 202 3.04 -41.63 10.59
CA LYS C 202 3.92 -41.60 9.44
C LYS C 202 5.29 -42.18 9.76
N ILE C 203 5.72 -43.10 8.90
CA ILE C 203 7.01 -43.76 9.10
C ILE C 203 7.94 -43.46 7.94
N TYR C 204 9.12 -42.96 8.28
CA TYR C 204 10.17 -42.67 7.30
C TYR C 204 11.37 -43.51 7.66
N SER C 205 12.18 -43.90 6.68
CA SER C 205 13.41 -44.62 7.01
C SER C 205 14.50 -44.56 5.96
N LYS C 206 15.70 -44.90 6.40
CA LYS C 206 16.88 -45.02 5.55
C LYS C 206 17.83 -46.08 6.09
N HIS C 207 18.24 -47.00 5.22
CA HIS C 207 19.19 -48.02 5.64
C HIS C 207 20.52 -47.81 4.93
N THR C 208 21.61 -47.94 5.68
CA THR C 208 22.94 -47.77 5.10
C THR C 208 23.93 -48.69 5.84
N PRO C 209 24.93 -49.26 5.17
CA PRO C 209 25.99 -50.06 5.76
C PRO C 209 26.91 -49.18 6.59
N ILE C 210 27.40 -49.72 7.70
CA ILE C 210 28.35 -49.02 8.55
C ILE C 210 29.52 -49.92 8.95
N ASP C 215 28.66 -46.14 18.34
CA ASP C 215 28.18 -44.75 18.28
C ASP C 215 27.35 -44.57 17.01
N LEU C 216 26.84 -43.37 16.79
CA LEU C 216 26.24 -43.06 15.50
C LEU C 216 27.35 -42.48 14.62
N PRO C 217 27.41 -42.85 13.34
CA PRO C 217 28.37 -42.35 12.39
C PRO C 217 28.05 -40.92 12.04
N GLN C 218 29.07 -40.13 11.73
CA GLN C 218 28.84 -38.77 11.27
C GLN C 218 28.71 -38.74 9.76
N GLY C 219 27.70 -38.04 9.28
CA GLY C 219 27.43 -37.93 7.84
C GLY C 219 25.98 -37.54 7.61
N PHE C 220 25.58 -37.43 6.37
CA PHE C 220 24.21 -37.02 6.07
C PHE C 220 23.53 -37.91 5.05
N SER C 221 22.27 -38.23 5.33
CA SER C 221 21.39 -38.93 4.41
C SER C 221 19.98 -38.51 4.75
N ALA C 222 19.05 -38.70 3.83
CA ALA C 222 17.67 -38.35 4.11
C ALA C 222 16.78 -39.58 4.11
N LEU C 223 15.79 -39.57 4.97
CA LEU C 223 14.86 -40.68 5.16
C LEU C 223 13.59 -40.52 4.32
N GLU C 224 13.24 -41.58 3.60
CA GLU C 224 12.08 -41.55 2.70
C GLU C 224 10.87 -42.14 3.40
N PRO C 225 9.66 -41.61 3.14
CA PRO C 225 8.41 -42.10 3.67
C PRO C 225 8.10 -43.47 3.12
N LEU C 226 7.63 -44.37 3.97
CA LEU C 226 7.25 -45.70 3.54
C LEU C 226 5.79 -45.99 3.84
N VAL C 227 5.37 -45.60 5.04
CA VAL C 227 4.06 -45.97 5.53
C VAL C 227 3.31 -44.76 6.09
N ASP C 228 2.00 -44.72 5.84
CA ASP C 228 1.13 -43.68 6.39
C ASP C 228 -0.18 -44.33 6.84
N LEU C 229 -0.35 -44.45 8.16
CA LEU C 229 -1.46 -45.21 8.72
C LEU C 229 -2.60 -44.31 9.25
N PRO C 230 -3.79 -44.34 8.65
CA PRO C 230 -4.97 -43.55 8.98
C PRO C 230 -5.69 -44.15 10.17
N ILE C 231 -5.11 -44.00 11.36
CA ILE C 231 -5.62 -44.73 12.52
C ILE C 231 -6.53 -43.93 13.45
N GLY C 232 -6.03 -42.75 13.82
CA GLY C 232 -6.71 -41.80 14.70
C GLY C 232 -6.46 -41.89 16.21
N ILE C 233 -5.20 -41.92 16.64
CA ILE C 233 -4.83 -42.05 18.06
C ILE C 233 -3.61 -41.20 18.45
N ASN C 234 -3.58 -40.55 19.62
CA ASN C 234 -2.35 -39.84 20.00
C ASN C 234 -1.53 -40.86 20.76
N ILE C 235 -0.34 -41.17 20.27
CA ILE C 235 0.51 -42.14 20.96
C ILE C 235 1.30 -41.30 21.95
N THR C 236 1.26 -41.64 23.23
CA THR C 236 1.99 -40.78 24.16
C THR C 236 3.26 -41.46 24.67
N ARG C 237 3.30 -42.78 24.54
CA ARG C 237 4.42 -43.61 24.98
C ARG C 237 4.73 -44.67 23.95
N PHE C 238 5.96 -45.18 23.94
CA PHE C 238 6.28 -46.29 23.07
C PHE C 238 7.40 -47.16 23.65
N GLN C 239 7.54 -48.37 23.13
CA GLN C 239 8.66 -49.24 23.53
C GLN C 239 9.19 -50.04 22.36
N THR C 240 10.46 -50.42 22.43
CA THR C 240 11.11 -51.19 21.38
C THR C 240 11.14 -52.67 21.70
N LEU C 241 10.75 -53.48 20.72
CA LEU C 241 10.70 -54.94 20.85
C LEU C 241 11.92 -55.63 20.24
N LEU C 242 12.63 -56.42 21.06
CA LEU C 242 13.81 -57.18 20.66
C LEU C 242 13.46 -58.65 20.59
N ALA C 264 22.09 -52.55 19.96
CA ALA C 264 21.85 -51.29 20.67
C ALA C 264 21.08 -50.33 19.75
N TYR C 265 20.39 -49.35 20.38
CA TYR C 265 19.56 -48.37 19.66
C TYR C 265 19.56 -47.00 20.33
N TYR C 266 19.17 -46.00 19.56
CA TYR C 266 19.19 -44.63 20.00
C TYR C 266 17.83 -44.00 19.86
N VAL C 267 17.45 -43.17 20.84
CA VAL C 267 16.19 -42.45 20.73
C VAL C 267 16.33 -40.96 20.92
N GLY C 268 15.85 -40.21 19.94
CA GLY C 268 15.85 -38.76 19.97
C GLY C 268 14.43 -38.27 19.85
N TYR C 269 14.25 -36.96 19.95
CA TYR C 269 12.91 -36.42 19.82
C TYR C 269 12.84 -35.29 18.82
N LEU C 270 11.72 -35.23 18.12
CA LEU C 270 11.53 -34.24 17.07
C LEU C 270 11.00 -32.95 17.65
N GLN C 271 11.38 -31.84 17.04
CA GLN C 271 10.93 -30.54 17.48
C GLN C 271 10.51 -29.66 16.30
N PRO C 272 9.67 -28.64 16.51
CA PRO C 272 9.30 -27.65 15.52
C PRO C 272 10.51 -26.77 15.17
N ARG C 273 11.34 -27.28 14.26
CA ARG C 273 12.57 -26.62 13.88
C ARG C 273 12.52 -26.25 12.42
N THR C 274 13.22 -25.19 12.05
CA THR C 274 13.28 -24.80 10.65
C THR C 274 14.60 -25.22 10.05
N PHE C 275 14.51 -25.87 8.91
CA PHE C 275 15.67 -26.34 8.18
C PHE C 275 15.74 -25.82 6.76
N LEU C 276 16.96 -25.61 6.29
CA LEU C 276 17.19 -25.32 4.89
C LEU C 276 17.66 -26.62 4.26
N LEU C 277 16.89 -27.15 3.32
CA LEU C 277 17.22 -28.43 2.71
C LEU C 277 17.78 -28.26 1.31
N LYS C 278 18.90 -28.92 1.04
CA LYS C 278 19.55 -28.83 -0.26
C LYS C 278 19.20 -29.99 -1.17
N TYR C 279 18.46 -29.70 -2.23
CA TYR C 279 18.04 -30.69 -3.20
C TYR C 279 18.99 -30.66 -4.40
N ASN C 280 19.40 -31.84 -4.86
CA ASN C 280 20.29 -31.95 -6.01
C ASN C 280 19.53 -32.07 -7.31
N GLU C 281 20.26 -32.24 -8.40
CA GLU C 281 19.66 -32.39 -9.73
C GLU C 281 18.72 -33.59 -9.87
N ASN C 282 19.02 -34.68 -9.13
CA ASN C 282 18.29 -35.94 -9.16
C ASN C 282 17.07 -35.97 -8.20
N GLY C 283 16.78 -34.85 -7.51
CA GLY C 283 15.60 -34.72 -6.64
C GLY C 283 15.76 -35.19 -5.20
N THR C 284 16.98 -35.51 -4.78
CA THR C 284 17.20 -35.99 -3.43
C THR C 284 17.74 -34.89 -2.54
N ILE C 285 17.67 -35.09 -1.23
CA ILE C 285 18.27 -34.13 -0.30
C ILE C 285 19.69 -34.59 -0.01
N THR C 286 20.65 -33.71 -0.26
CA THR C 286 22.04 -34.04 -0.10
C THR C 286 22.67 -33.34 1.09
N ASP C 287 22.05 -32.27 1.56
CA ASP C 287 22.56 -31.57 2.73
C ASP C 287 21.43 -30.86 3.46
N ALA C 288 21.75 -30.25 4.60
CA ALA C 288 20.76 -29.49 5.35
C ALA C 288 21.39 -28.55 6.38
N VAL C 289 20.70 -27.46 6.70
CA VAL C 289 21.11 -26.56 7.77
C VAL C 289 20.02 -26.40 8.82
N ASP C 290 20.37 -26.63 10.09
CA ASP C 290 19.44 -26.39 11.17
C ASP C 290 19.51 -24.90 11.52
N CYS C 291 18.44 -24.15 11.18
CA CYS C 291 18.42 -22.69 11.22
C CYS C 291 18.48 -22.14 12.65
N ALA C 292 18.35 -23.03 13.64
CA ALA C 292 18.41 -22.58 15.02
C ALA C 292 19.55 -23.23 15.78
N LEU C 293 20.54 -23.75 15.06
CA LEU C 293 21.70 -24.38 15.69
C LEU C 293 22.72 -23.37 16.24
N ASP C 294 23.09 -22.40 15.41
CA ASP C 294 24.07 -21.39 15.78
C ASP C 294 23.89 -20.17 14.84
N PRO C 295 24.57 -19.03 15.07
CA PRO C 295 24.48 -17.82 14.27
C PRO C 295 24.96 -17.95 12.83
N LEU C 296 25.77 -18.97 12.53
CA LEU C 296 26.23 -19.10 11.16
C LEU C 296 25.14 -19.78 10.37
N SER C 297 24.47 -20.70 11.04
CA SER C 297 23.37 -21.42 10.44
C SER C 297 22.22 -20.46 10.20
N GLU C 298 22.03 -19.52 11.14
CA GLU C 298 20.99 -18.52 10.98
C GLU C 298 21.28 -17.67 9.75
N THR C 299 22.55 -17.32 9.57
CA THR C 299 22.95 -16.53 8.41
C THR C 299 22.71 -17.29 7.13
N LYS C 300 23.09 -18.58 7.11
CA LYS C 300 22.88 -19.41 5.94
C LYS C 300 21.40 -19.54 5.55
N CYS C 301 20.51 -19.73 6.54
CA CYS C 301 19.07 -19.83 6.29
C CYS C 301 18.48 -18.50 5.83
N THR C 302 18.92 -17.41 6.45
CA THR C 302 18.43 -16.08 6.10
C THR C 302 18.77 -15.74 4.65
N LEU C 303 19.98 -16.10 4.25
CA LEU C 303 20.45 -15.83 2.89
C LEU C 303 20.09 -16.96 1.93
N LYS C 304 19.41 -17.99 2.43
CA LYS C 304 19.02 -19.15 1.64
C LYS C 304 20.19 -19.73 0.86
N SER C 305 21.30 -19.96 1.55
CA SER C 305 22.51 -20.49 0.92
C SER C 305 23.30 -21.38 1.86
N PHE C 306 24.16 -22.22 1.31
CA PHE C 306 25.03 -23.06 2.15
C PHE C 306 26.45 -22.51 2.20
N THR C 307 26.68 -21.44 1.47
CA THR C 307 27.95 -20.74 1.45
C THR C 307 27.71 -19.28 1.72
N VAL C 308 28.45 -18.73 2.67
CA VAL C 308 28.29 -17.32 3.01
C VAL C 308 29.56 -16.54 2.73
N GLU C 309 29.44 -15.49 1.94
CA GLU C 309 30.57 -14.64 1.59
C GLU C 309 30.89 -13.71 2.75
N LYS C 310 32.11 -13.19 2.75
CA LYS C 310 32.55 -12.28 3.78
C LYS C 310 31.66 -11.06 3.93
N GLY C 311 31.25 -10.77 5.15
CA GLY C 311 30.40 -9.61 5.40
C GLY C 311 29.66 -9.67 6.73
N ILE C 312 28.75 -8.71 6.90
CA ILE C 312 27.92 -8.61 8.10
C ILE C 312 26.46 -8.70 7.68
N TYR C 313 25.70 -9.59 8.32
CA TYR C 313 24.31 -9.79 7.90
C TYR C 313 23.35 -9.72 9.05
N GLN C 314 22.23 -9.04 8.87
CA GLN C 314 21.22 -9.04 9.92
C GLN C 314 20.31 -10.23 9.74
N THR C 315 20.08 -10.96 10.83
CA THR C 315 19.25 -12.14 10.80
C THR C 315 18.07 -11.98 11.74
N SER C 316 18.26 -12.38 12.98
CA SER C 316 17.21 -12.32 13.99
C SER C 316 17.18 -10.95 14.64
N ASN C 317 16.13 -10.72 15.43
CA ASN C 317 16.03 -9.51 16.21
C ASN C 317 16.05 -9.82 17.70
N PHE C 318 16.64 -8.93 18.47
CA PHE C 318 16.75 -9.05 19.90
C PHE C 318 15.73 -8.19 20.59
N ARG C 319 14.94 -8.80 21.46
CA ARG C 319 13.96 -8.06 22.23
C ARG C 319 13.93 -8.56 23.66
N VAL C 320 14.15 -7.66 24.59
CA VAL C 320 14.08 -7.99 26.00
C VAL C 320 12.62 -8.12 26.38
N GLN C 321 12.29 -9.16 27.12
CA GLN C 321 10.92 -9.37 27.51
C GLN C 321 10.72 -8.85 28.93
N PRO C 322 9.50 -8.45 29.30
CA PRO C 322 9.08 -8.13 30.64
C PRO C 322 9.37 -9.31 31.54
N THR C 323 9.90 -9.03 32.72
CA THR C 323 10.24 -10.07 33.67
C THR C 323 9.29 -10.09 34.85
N GLU C 324 8.57 -9.00 35.05
CA GLU C 324 7.61 -8.85 36.13
C GLU C 324 6.42 -8.04 35.64
N SER C 325 5.44 -7.85 36.52
CA SER C 325 4.25 -7.08 36.19
C SER C 325 3.79 -6.26 37.39
N ILE C 326 3.56 -4.97 37.17
CA ILE C 326 3.14 -4.10 38.27
C ILE C 326 1.87 -3.33 37.94
N VAL C 327 0.99 -3.27 38.93
CA VAL C 327 -0.25 -2.52 38.80
C VAL C 327 -0.38 -1.58 39.99
N ARG C 328 -0.61 -0.30 39.73
CA ARG C 328 -0.68 0.66 40.83
C ARG C 328 -1.97 1.47 40.85
N PHE C 329 -2.42 1.73 42.07
CA PHE C 329 -3.61 2.50 42.41
C PHE C 329 -3.27 3.46 43.56
N PRO C 330 -4.06 4.52 43.78
CA PRO C 330 -3.89 5.51 44.84
C PRO C 330 -3.90 4.89 46.25
N ASN C 331 -3.22 5.60 47.17
CA ASN C 331 -2.92 5.25 48.56
C ASN C 331 -4.14 4.88 49.43
N ILE C 332 -5.25 5.63 49.30
CA ILE C 332 -6.41 5.47 50.20
C ILE C 332 -7.69 4.99 49.53
N THR C 333 -8.22 3.89 50.06
CA THR C 333 -9.50 3.37 49.61
C THR C 333 -10.61 3.89 50.51
N ASN C 334 -11.40 4.82 50.01
CA ASN C 334 -12.46 5.36 50.83
C ASN C 334 -13.63 4.41 50.76
N LEU C 335 -13.63 3.43 51.66
CA LEU C 335 -14.56 2.31 51.62
C LEU C 335 -16.02 2.72 51.85
N CYS C 336 -16.92 2.04 51.14
CA CYS C 336 -18.38 2.20 51.23
C CYS C 336 -18.89 1.76 52.62
N PRO C 337 -19.86 2.50 53.17
CA PRO C 337 -20.46 2.31 54.48
C PRO C 337 -21.40 1.12 54.53
N PHE C 338 -20.88 -0.07 54.27
CA PHE C 338 -21.67 -1.28 54.36
C PHE C 338 -21.92 -1.57 55.83
N GLY C 339 -20.94 -1.26 56.67
CA GLY C 339 -21.03 -1.52 58.11
C GLY C 339 -22.22 -0.79 58.74
N GLU C 340 -22.54 0.38 58.21
CA GLU C 340 -23.65 1.18 58.73
C GLU C 340 -25.01 0.50 58.53
N VAL C 341 -25.05 -0.48 57.64
CA VAL C 341 -26.28 -1.19 57.36
C VAL C 341 -26.25 -2.60 57.98
N PHE C 342 -25.15 -3.31 57.75
CA PHE C 342 -24.97 -4.70 58.20
C PHE C 342 -24.64 -4.86 59.69
N ASN C 343 -23.94 -3.88 60.28
CA ASN C 343 -23.50 -3.87 61.68
C ASN C 343 -24.30 -2.84 62.50
N ALA C 344 -25.53 -2.51 62.06
CA ALA C 344 -26.41 -1.54 62.71
C ALA C 344 -26.88 -1.99 64.09
N THR C 345 -26.96 -1.03 65.01
CA THR C 345 -27.52 -1.28 66.34
C THR C 345 -29.01 -1.53 66.22
N ARG C 346 -29.66 -0.75 65.36
CA ARG C 346 -31.08 -0.87 65.12
C ARG C 346 -31.38 -0.84 63.63
N PHE C 347 -32.32 -1.68 63.23
CA PHE C 347 -32.76 -1.83 61.85
C PHE C 347 -34.21 -1.41 61.68
N ALA C 348 -34.69 -1.47 60.44
CA ALA C 348 -36.07 -1.10 60.11
C ALA C 348 -36.97 -2.32 59.98
N SER C 349 -38.28 -2.09 60.04
CA SER C 349 -39.29 -3.12 59.81
C SER C 349 -39.33 -3.45 58.34
N VAL C 350 -39.87 -4.61 57.98
CA VAL C 350 -39.97 -4.95 56.56
C VAL C 350 -41.05 -4.15 55.87
N TYR C 351 -42.14 -3.84 56.55
CA TYR C 351 -43.17 -3.05 55.89
C TYR C 351 -42.59 -1.66 55.58
N ALA C 352 -42.03 -1.02 56.60
CA ALA C 352 -41.37 0.27 56.44
C ALA C 352 -39.86 0.09 56.27
N TRP C 353 -39.44 -0.54 55.18
CA TRP C 353 -38.02 -0.84 54.98
C TRP C 353 -37.20 0.43 54.76
N ASN C 354 -35.93 0.40 55.17
CA ASN C 354 -35.07 1.58 55.09
C ASN C 354 -34.02 1.52 53.98
N ARG C 355 -33.94 2.59 53.18
CA ARG C 355 -32.98 2.67 52.09
C ARG C 355 -31.77 3.56 52.36
N LYS C 356 -30.59 2.92 52.38
CA LYS C 356 -29.32 3.62 52.55
C LYS C 356 -28.62 3.82 51.20
N ARG C 357 -28.27 5.05 50.87
CA ARG C 357 -27.56 5.27 49.61
C ARG C 357 -26.06 5.13 49.77
N ILE C 358 -25.48 4.27 48.96
CA ILE C 358 -24.04 4.05 48.90
C ILE C 358 -23.49 4.69 47.63
N SER C 359 -22.65 5.70 47.82
CA SER C 359 -22.14 6.47 46.68
C SER C 359 -20.78 7.08 46.97
N ASN C 360 -20.08 7.46 45.91
CA ASN C 360 -18.78 8.15 46.03
C ASN C 360 -17.82 7.39 46.96
N CYS C 361 -17.62 6.09 46.70
CA CYS C 361 -16.86 5.19 47.59
C CYS C 361 -16.32 3.93 46.91
N VAL C 362 -15.51 3.19 47.67
CA VAL C 362 -14.94 1.93 47.23
C VAL C 362 -15.75 0.74 47.75
N ALA C 363 -16.38 0.02 46.83
CA ALA C 363 -17.30 -1.05 47.16
C ALA C 363 -16.58 -2.35 47.43
N ASP C 364 -15.94 -2.44 48.57
CA ASP C 364 -15.17 -3.64 48.83
C ASP C 364 -16.09 -4.74 49.29
N TYR C 365 -16.60 -5.49 48.32
CA TYR C 365 -17.58 -6.52 48.56
C TYR C 365 -16.99 -7.74 49.24
N SER C 366 -15.65 -7.84 49.29
CA SER C 366 -15.01 -9.01 49.89
C SER C 366 -15.18 -8.96 51.40
N VAL C 367 -15.50 -7.78 51.93
CA VAL C 367 -15.70 -7.61 53.35
C VAL C 367 -16.89 -8.42 53.79
N LEU C 368 -17.94 -8.39 52.96
CA LEU C 368 -19.15 -9.13 53.25
C LEU C 368 -19.05 -10.58 52.77
N TYR C 369 -18.57 -10.76 51.55
CA TYR C 369 -18.52 -12.08 50.92
C TYR C 369 -17.72 -13.09 51.74
N ASN C 370 -16.54 -12.70 52.23
CA ASN C 370 -15.70 -13.63 52.96
C ASN C 370 -15.84 -13.52 54.48
N SER C 371 -16.89 -12.84 54.95
CA SER C 371 -17.07 -12.68 56.39
C SER C 371 -17.45 -13.98 57.08
N ALA C 372 -18.12 -14.87 56.33
CA ALA C 372 -18.62 -16.14 56.83
C ALA C 372 -19.62 -15.94 57.97
N SER C 373 -20.23 -14.75 58.05
CA SER C 373 -21.22 -14.46 59.07
C SER C 373 -22.63 -14.45 58.48
N PHE C 374 -22.72 -14.77 57.19
CA PHE C 374 -24.01 -14.75 56.53
C PHE C 374 -24.46 -16.16 56.17
N SER C 375 -25.75 -16.42 56.27
CA SER C 375 -26.28 -17.72 55.89
C SER C 375 -26.61 -17.74 54.41
N THR C 376 -26.93 -16.56 53.89
CA THR C 376 -27.24 -16.38 52.48
C THR C 376 -26.42 -15.23 51.89
N PHE C 377 -25.79 -15.52 50.76
CA PHE C 377 -25.03 -14.52 50.04
C PHE C 377 -25.35 -14.84 48.58
N LYS C 378 -26.59 -14.56 48.20
CA LYS C 378 -27.04 -14.84 46.85
C LYS C 378 -27.06 -13.58 46.02
N CYS C 379 -26.35 -13.63 44.89
CA CYS C 379 -26.24 -12.52 43.98
C CYS C 379 -27.05 -12.77 42.73
N TYR C 380 -27.51 -11.70 42.10
CA TYR C 380 -28.31 -11.82 40.90
C TYR C 380 -27.77 -10.97 39.75
N GLY C 381 -27.41 -11.64 38.67
CA GLY C 381 -26.90 -11.00 37.44
C GLY C 381 -25.38 -10.89 37.39
N VAL C 382 -24.74 -11.02 38.54
CA VAL C 382 -23.29 -10.92 38.62
C VAL C 382 -22.73 -12.02 39.51
N SER C 383 -21.66 -12.69 39.09
CA SER C 383 -21.04 -13.65 39.99
C SER C 383 -20.57 -12.91 41.25
N PRO C 384 -20.80 -13.47 42.45
CA PRO C 384 -20.46 -12.88 43.73
C PRO C 384 -18.96 -12.68 43.90
N THR C 385 -18.17 -13.33 43.05
CA THR C 385 -16.72 -13.21 43.12
C THR C 385 -16.17 -12.25 42.07
N LYS C 386 -17.05 -11.67 41.25
CA LYS C 386 -16.65 -10.72 40.22
C LYS C 386 -17.12 -9.31 40.55
N LEU C 387 -17.82 -9.17 41.67
CA LEU C 387 -18.34 -7.86 42.05
C LEU C 387 -17.22 -6.84 42.17
N ASN C 388 -16.10 -7.28 42.73
CA ASN C 388 -14.99 -6.39 42.98
C ASN C 388 -14.43 -5.73 41.73
N ASP C 389 -14.74 -6.27 40.56
CA ASP C 389 -14.23 -5.70 39.32
C ASP C 389 -15.23 -4.77 38.65
N LEU C 390 -16.36 -4.51 39.30
CA LEU C 390 -17.38 -3.67 38.70
C LEU C 390 -17.46 -2.26 39.30
N CYS C 391 -18.02 -1.33 38.48
CA CYS C 391 -18.37 0.03 38.86
C CYS C 391 -19.85 0.28 38.59
N PHE C 392 -20.49 1.00 39.49
CA PHE C 392 -21.91 1.30 39.43
C PHE C 392 -22.15 2.79 39.60
N THR C 393 -23.31 3.27 39.13
CA THR C 393 -23.67 4.64 39.37
C THR C 393 -23.87 4.85 40.85
N ASN C 394 -24.70 3.96 41.41
CA ASN C 394 -25.06 3.94 42.84
C ASN C 394 -25.33 2.51 43.30
N VAL C 395 -25.21 2.29 44.60
CA VAL C 395 -25.65 1.05 45.22
C VAL C 395 -26.63 1.39 46.35
N TYR C 396 -27.78 0.73 46.38
CA TYR C 396 -28.73 1.02 47.45
C TYR C 396 -28.92 -0.18 48.36
N ALA C 397 -28.74 0.05 49.66
CA ALA C 397 -28.85 -1.02 50.63
C ALA C 397 -30.19 -0.94 51.37
N ASP C 398 -31.07 -1.86 51.05
CA ASP C 398 -32.40 -1.88 51.65
C ASP C 398 -32.44 -2.85 52.83
N SER C 399 -32.62 -2.29 54.03
CA SER C 399 -32.58 -3.05 55.29
C SER C 399 -33.96 -3.37 55.87
N PHE C 400 -34.17 -4.64 56.20
CA PHE C 400 -35.42 -5.10 56.79
C PHE C 400 -35.31 -6.41 57.58
N VAL C 401 -36.34 -6.70 58.39
CA VAL C 401 -36.38 -7.93 59.17
C VAL C 401 -37.58 -8.81 58.82
N ILE C 402 -37.30 -10.08 58.59
CA ILE C 402 -38.30 -11.09 58.27
C ILE C 402 -38.03 -12.37 59.07
N ARG C 403 -38.94 -13.35 58.99
CA ARG C 403 -38.68 -14.61 59.69
C ARG C 403 -37.91 -15.56 58.77
N GLY C 404 -37.32 -16.60 59.34
CA GLY C 404 -36.50 -17.54 58.56
C GLY C 404 -37.19 -18.16 57.34
N ASP C 405 -38.49 -18.45 57.43
CA ASP C 405 -39.19 -19.07 56.31
C ASP C 405 -39.60 -18.08 55.24
N GLU C 406 -39.25 -16.81 55.42
CA GLU C 406 -39.53 -15.77 54.46
C GLU C 406 -38.27 -15.36 53.72
N VAL C 407 -37.11 -15.90 54.10
CA VAL C 407 -35.85 -15.50 53.49
C VAL C 407 -35.87 -15.87 52.01
N ARG C 408 -36.47 -17.00 51.70
CA ARG C 408 -36.61 -17.49 50.34
C ARG C 408 -37.44 -16.57 49.44
N GLN C 409 -38.21 -15.66 50.03
CA GLN C 409 -39.05 -14.75 49.25
C GLN C 409 -38.27 -13.54 48.74
N ILE C 410 -37.08 -13.30 49.28
CA ILE C 410 -36.39 -12.09 48.85
C ILE C 410 -35.57 -12.42 47.62
N ALA C 411 -36.26 -12.46 46.50
CA ALA C 411 -35.64 -12.78 45.23
C ALA C 411 -36.57 -12.38 44.07
N PRO C 412 -36.01 -12.11 42.90
CA PRO C 412 -36.72 -11.90 41.65
C PRO C 412 -37.60 -13.08 41.31
N GLY C 413 -38.82 -12.81 40.88
CA GLY C 413 -39.74 -13.85 40.47
C GLY C 413 -40.50 -14.51 41.62
N GLN C 414 -40.24 -14.08 42.86
CA GLN C 414 -40.91 -14.72 43.99
C GLN C 414 -42.18 -14.00 44.40
N THR C 415 -43.06 -14.75 45.06
CA THR C 415 -44.32 -14.25 45.58
C THR C 415 -44.44 -14.61 47.06
N GLY C 416 -45.40 -14.00 47.74
CA GLY C 416 -45.63 -14.29 49.15
C GLY C 416 -45.95 -13.01 49.91
N LYS C 417 -46.26 -13.12 51.20
CA LYS C 417 -46.66 -11.92 51.91
C LYS C 417 -45.54 -10.87 51.97
N ILE C 418 -44.27 -11.29 51.90
CA ILE C 418 -43.23 -10.29 51.92
C ILE C 418 -42.93 -9.84 50.51
N ALA C 419 -42.73 -10.81 49.62
CA ALA C 419 -42.38 -10.46 48.25
C ALA C 419 -43.45 -9.57 47.62
N ASP C 420 -44.71 -9.80 47.95
CA ASP C 420 -45.79 -9.02 47.36
C ASP C 420 -46.32 -7.85 48.22
N TYR C 421 -46.29 -7.92 49.56
CA TYR C 421 -46.93 -6.85 50.33
C TYR C 421 -45.95 -5.94 51.09
N ASN C 422 -44.69 -6.34 51.22
CA ASN C 422 -43.76 -5.56 52.04
C ASN C 422 -42.51 -5.10 51.28
N TYR C 423 -41.90 -6.03 50.55
CA TYR C 423 -40.64 -5.74 49.87
C TYR C 423 -40.51 -6.53 48.57
N LYS C 424 -40.78 -5.86 47.46
CA LYS C 424 -40.79 -6.49 46.15
C LYS C 424 -39.53 -6.22 45.32
N LEU C 425 -38.93 -7.29 44.79
CA LEU C 425 -37.82 -7.15 43.86
C LEU C 425 -38.29 -7.49 42.45
N PRO C 426 -37.82 -6.75 41.42
CA PRO C 426 -38.16 -6.91 40.02
C PRO C 426 -37.53 -8.15 39.39
N ASP C 427 -38.15 -8.64 38.32
CA ASP C 427 -37.65 -9.81 37.60
C ASP C 427 -36.28 -9.57 36.95
N ASP C 428 -36.00 -8.31 36.62
CA ASP C 428 -34.73 -7.92 36.01
C ASP C 428 -33.78 -7.28 37.02
N PHE C 429 -33.98 -7.60 38.29
CA PHE C 429 -33.17 -7.05 39.39
C PHE C 429 -31.71 -7.51 39.41
N THR C 430 -30.81 -6.56 39.54
CA THR C 430 -29.38 -6.83 39.61
C THR C 430 -28.92 -6.38 40.99
N GLY C 431 -28.14 -7.25 41.62
CA GLY C 431 -27.61 -6.99 42.93
C GLY C 431 -27.37 -8.26 43.71
N CYS C 432 -26.77 -8.10 44.87
CA CYS C 432 -26.47 -9.21 45.74
C CYS C 432 -27.32 -9.12 46.98
N VAL C 433 -27.96 -10.22 47.34
CA VAL C 433 -28.81 -10.27 48.51
C VAL C 433 -28.13 -11.07 49.61
N ILE C 434 -28.08 -10.49 50.80
CA ILE C 434 -27.45 -11.11 51.95
C ILE C 434 -28.40 -11.20 53.14
N ALA C 435 -28.34 -12.32 53.86
CA ALA C 435 -29.15 -12.50 55.06
C ALA C 435 -28.46 -13.35 56.12
N TRP C 436 -28.82 -13.10 57.38
CA TRP C 436 -28.27 -13.88 58.49
C TRP C 436 -29.21 -14.01 59.68
N ASN C 437 -29.00 -15.06 60.46
CA ASN C 437 -29.77 -15.35 61.66
C ASN C 437 -29.40 -14.44 62.81
N SER C 438 -30.41 -13.80 63.41
CA SER C 438 -30.18 -12.90 64.54
C SER C 438 -31.01 -13.30 65.76
N ASN C 439 -31.23 -14.60 65.93
CA ASN C 439 -32.07 -15.07 67.04
C ASN C 439 -31.57 -14.61 68.40
N ASN C 440 -30.25 -14.50 68.58
CA ASN C 440 -29.69 -14.10 69.86
C ASN C 440 -29.50 -12.59 69.99
N LEU C 441 -29.99 -11.84 69.00
CA LEU C 441 -29.84 -10.39 69.03
C LEU C 441 -31.18 -9.68 69.00
N ASP C 442 -32.05 -10.12 68.10
CA ASP C 442 -33.29 -9.42 67.80
C ASP C 442 -34.52 -10.02 68.46
N SER C 443 -34.33 -10.97 69.39
CA SER C 443 -35.48 -11.59 70.05
C SER C 443 -35.52 -11.19 71.52
N LYS C 444 -36.71 -11.27 72.10
CA LYS C 444 -36.89 -10.93 73.51
C LYS C 444 -37.70 -11.99 74.24
N VAL C 445 -37.51 -12.08 75.55
CA VAL C 445 -38.32 -13.01 76.31
C VAL C 445 -39.71 -12.43 76.43
N GLY C 446 -40.69 -13.22 76.03
CA GLY C 446 -42.08 -12.78 75.98
C GLY C 446 -42.46 -12.37 74.55
N GLY C 447 -41.45 -12.20 73.69
CA GLY C 447 -41.65 -11.84 72.30
C GLY C 447 -41.32 -10.38 72.00
N ASN C 448 -40.49 -10.18 70.98
CA ASN C 448 -40.12 -8.86 70.50
C ASN C 448 -41.10 -8.44 69.43
N TYR C 449 -42.01 -7.54 69.76
CA TYR C 449 -43.07 -7.14 68.84
C TYR C 449 -42.81 -5.75 68.24
N ASN C 450 -41.56 -5.30 68.29
CA ASN C 450 -41.21 -3.96 67.82
C ASN C 450 -41.12 -3.84 66.29
N TYR C 451 -41.17 -4.96 65.58
CA TYR C 451 -41.05 -4.93 64.12
C TYR C 451 -42.25 -5.56 63.45
N LEU C 452 -42.75 -4.90 62.41
CA LEU C 452 -43.99 -5.32 61.75
C LEU C 452 -43.92 -5.54 60.24
N TYR C 453 -44.85 -6.37 59.76
CA TYR C 453 -45.06 -6.67 58.35
C TYR C 453 -46.53 -6.55 57.99
N ARG C 454 -46.82 -6.31 56.72
CA ARG C 454 -48.21 -6.26 56.26
C ARG C 454 -48.69 -7.65 55.89
N LEU C 455 -49.91 -7.97 56.34
CA LEU C 455 -50.55 -9.25 56.06
C LEU C 455 -51.75 -9.10 55.13
N PHE C 456 -52.53 -8.03 55.31
CA PHE C 456 -53.74 -7.81 54.52
C PHE C 456 -53.55 -6.69 53.51
N ARG C 457 -53.60 -7.00 52.21
CA ARG C 457 -53.40 -5.97 51.19
C ARG C 457 -54.33 -6.15 49.99
N LYS C 458 -54.73 -5.04 49.38
CA LYS C 458 -55.62 -5.04 48.21
C LYS C 458 -54.95 -5.55 46.93
N SER C 459 -53.69 -5.19 46.72
CA SER C 459 -52.95 -5.56 45.51
C SER C 459 -51.45 -5.65 45.78
N ASN C 460 -50.73 -6.26 44.85
CA ASN C 460 -49.29 -6.46 45.01
C ASN C 460 -48.49 -5.17 44.80
N LEU C 461 -47.34 -5.07 45.46
CA LEU C 461 -46.43 -3.94 45.34
C LEU C 461 -45.64 -3.92 44.05
N LYS C 462 -45.27 -2.71 43.63
CA LYS C 462 -44.36 -2.52 42.54
C LYS C 462 -42.94 -2.71 43.07
N PRO C 463 -41.96 -3.05 42.24
CA PRO C 463 -40.57 -3.17 42.60
C PRO C 463 -40.10 -1.94 43.37
N PHE C 464 -39.47 -2.18 44.51
CA PHE C 464 -38.93 -1.15 45.38
C PHE C 464 -39.96 -0.14 45.89
N GLU C 465 -41.23 -0.53 45.94
CA GLU C 465 -42.25 0.31 46.53
C GLU C 465 -42.26 0.15 48.05
N ARG C 466 -42.42 1.27 48.76
CA ARG C 466 -42.51 1.24 50.22
C ARG C 466 -43.79 1.88 50.72
N ASP C 467 -44.72 1.07 51.16
CA ASP C 467 -46.00 1.54 51.68
C ASP C 467 -45.93 1.64 53.20
N ILE C 468 -46.14 2.82 53.74
CA ILE C 468 -46.07 3.01 55.20
C ILE C 468 -47.40 3.44 55.79
N SER C 469 -48.48 3.24 55.04
CA SER C 469 -49.83 3.60 55.45
C SER C 469 -50.36 2.76 56.61
N THR C 470 -51.17 3.38 57.47
CA THR C 470 -51.79 2.68 58.61
C THR C 470 -53.31 2.57 58.47
N GLU C 471 -53.81 2.83 57.26
CA GLU C 471 -55.25 2.80 56.98
C GLU C 471 -55.81 1.40 57.18
N ILE C 472 -57.00 1.31 57.76
CA ILE C 472 -57.64 0.01 58.00
C ILE C 472 -58.07 -0.66 56.71
N TYR C 473 -57.69 -1.93 56.55
CA TYR C 473 -58.02 -2.72 55.38
C TYR C 473 -59.45 -3.22 55.44
N GLN C 474 -60.18 -3.06 54.35
CA GLN C 474 -61.54 -3.55 54.25
C GLN C 474 -61.55 -4.92 53.60
N ALA C 475 -61.86 -5.94 54.38
CA ALA C 475 -61.84 -7.31 53.89
C ALA C 475 -63.19 -7.73 53.33
N GLY C 476 -64.25 -7.18 53.90
CA GLY C 476 -65.60 -7.56 53.50
C GLY C 476 -66.24 -6.57 52.53
N SER C 477 -67.53 -6.78 52.27
CA SER C 477 -68.28 -5.94 51.35
C SER C 477 -68.67 -4.57 51.93
N THR C 478 -68.65 -4.44 53.25
CA THR C 478 -69.08 -3.18 53.87
C THR C 478 -67.89 -2.28 54.18
N PRO C 479 -68.07 -0.95 54.17
CA PRO C 479 -67.12 0.08 54.59
C PRO C 479 -66.73 -0.07 56.07
N CYS C 480 -65.47 0.29 56.39
CA CYS C 480 -64.96 0.29 57.76
C CYS C 480 -65.19 1.63 58.43
N ASN C 481 -65.13 2.70 57.64
CA ASN C 481 -65.31 4.06 58.15
C ASN C 481 -64.35 4.38 59.30
N GLY C 482 -63.12 3.88 59.21
CA GLY C 482 -62.11 4.16 60.22
C GLY C 482 -62.19 3.28 61.46
N VAL C 483 -63.08 2.30 61.47
CA VAL C 483 -63.25 1.45 62.64
C VAL C 483 -62.94 -0.03 62.38
N GLU C 484 -62.08 -0.61 63.22
CA GLU C 484 -61.72 -2.02 63.13
C GLU C 484 -62.85 -2.90 63.68
N GLY C 485 -62.89 -4.17 63.28
CA GLY C 485 -63.96 -5.03 63.72
C GLY C 485 -64.22 -6.13 62.71
N PHE C 486 -65.47 -6.59 62.62
CA PHE C 486 -65.75 -7.65 61.68
C PHE C 486 -65.45 -7.19 60.27
N ASN C 487 -64.60 -7.93 59.59
CA ASN C 487 -64.15 -7.63 58.22
C ASN C 487 -63.34 -6.33 58.04
N CYS C 488 -62.74 -5.80 59.13
CA CYS C 488 -61.91 -4.60 59.13
C CYS C 488 -60.66 -4.83 59.98
N TYR C 489 -59.50 -4.67 59.35
CA TYR C 489 -58.24 -5.02 60.01
C TYR C 489 -57.13 -4.02 59.74
N PHE C 490 -56.35 -3.67 60.76
CA PHE C 490 -55.20 -2.82 60.52
C PHE C 490 -54.19 -3.68 59.77
N PRO C 491 -53.78 -3.33 58.55
CA PRO C 491 -53.03 -4.15 57.62
C PRO C 491 -51.80 -4.87 58.18
N LEU C 492 -51.18 -4.26 59.19
CA LEU C 492 -49.96 -4.80 59.77
C LEU C 492 -50.14 -5.78 60.91
N GLN C 493 -49.14 -6.63 61.06
CA GLN C 493 -49.01 -7.61 62.11
C GLN C 493 -47.59 -7.63 62.63
N SER C 494 -47.42 -7.57 63.94
CA SER C 494 -46.09 -7.59 64.51
C SER C 494 -45.47 -8.99 64.43
N TYR C 495 -44.14 -9.05 64.31
CA TYR C 495 -43.45 -10.33 64.40
C TYR C 495 -43.06 -10.58 65.83
N GLY C 496 -43.74 -11.48 66.52
CA GLY C 496 -43.39 -11.73 67.91
C GLY C 496 -42.16 -12.61 67.98
N PHE C 497 -40.98 -12.05 67.80
CA PHE C 497 -39.82 -12.92 67.78
C PHE C 497 -39.38 -13.30 69.18
N GLN C 498 -39.40 -14.61 69.45
CA GLN C 498 -39.03 -15.13 70.76
C GLN C 498 -37.77 -15.99 70.58
N PRO C 499 -36.86 -16.03 71.57
CA PRO C 499 -35.59 -16.74 71.54
C PRO C 499 -35.75 -18.26 71.49
N THR C 500 -36.96 -18.73 71.79
CA THR C 500 -37.24 -20.16 71.84
C THR C 500 -38.01 -20.66 70.60
N ASN C 501 -38.21 -19.78 69.62
CA ASN C 501 -38.96 -20.17 68.42
C ASN C 501 -38.14 -21.09 67.53
N GLY C 502 -38.83 -21.89 66.72
CA GLY C 502 -38.15 -22.75 65.75
C GLY C 502 -37.50 -21.90 64.68
N VAL C 503 -36.55 -22.46 63.94
CA VAL C 503 -35.75 -21.68 63.00
C VAL C 503 -36.56 -20.91 61.97
N GLY C 504 -37.61 -21.51 61.44
CA GLY C 504 -38.42 -20.82 60.42
C GLY C 504 -39.11 -19.58 60.98
N TYR C 505 -39.19 -19.50 62.30
CA TYR C 505 -39.86 -18.41 62.99
C TYR C 505 -38.87 -17.51 63.72
N GLN C 506 -37.57 -17.76 63.53
CA GLN C 506 -36.55 -16.92 64.13
C GLN C 506 -36.36 -15.71 63.23
N PRO C 507 -35.92 -14.58 63.76
CA PRO C 507 -35.64 -13.38 63.01
C PRO C 507 -34.39 -13.51 62.17
N TYR C 508 -34.46 -12.95 60.97
CA TYR C 508 -33.34 -12.81 60.07
C TYR C 508 -33.21 -11.38 59.62
N ARG C 509 -31.98 -10.90 59.58
CA ARG C 509 -31.74 -9.58 59.06
C ARG C 509 -31.41 -9.74 57.60
N VAL C 510 -32.03 -8.93 56.78
CA VAL C 510 -31.79 -9.00 55.36
C VAL C 510 -31.42 -7.65 54.80
N VAL C 511 -30.33 -7.60 54.04
CA VAL C 511 -29.89 -6.34 53.45
C VAL C 511 -29.69 -6.48 51.95
N VAL C 512 -30.77 -6.28 51.19
CA VAL C 512 -30.68 -6.37 49.74
C VAL C 512 -29.86 -5.21 49.19
N LEU C 513 -28.96 -5.51 48.26
CA LEU C 513 -28.13 -4.49 47.64
C LEU C 513 -28.59 -4.34 46.21
N SER C 514 -29.01 -3.14 45.82
CA SER C 514 -29.52 -2.93 44.47
C SER C 514 -28.53 -2.17 43.63
N PHE C 515 -28.17 -2.69 42.47
CA PHE C 515 -27.16 -2.00 41.70
C PHE C 515 -27.62 -1.22 40.47
N GLU C 516 -27.37 0.08 40.54
CA GLU C 516 -27.78 1.02 39.49
C GLU C 516 -26.65 1.14 38.49
N LEU C 517 -26.84 0.56 37.30
CA LEU C 517 -25.80 0.53 36.30
C LEU C 517 -26.25 1.20 35.00
N LEU C 518 -26.34 2.52 35.04
CA LEU C 518 -26.79 3.35 33.93
C LEU C 518 -25.60 4.13 33.41
N HIS C 519 -25.75 4.83 32.29
CA HIS C 519 -24.65 5.69 31.88
C HIS C 519 -24.47 6.73 32.97
N ALA C 520 -23.24 6.87 33.45
CA ALA C 520 -22.97 7.77 34.57
C ALA C 520 -21.47 7.92 34.75
N PRO C 521 -21.05 8.92 35.54
CA PRO C 521 -19.64 9.01 35.90
C PRO C 521 -19.53 7.99 37.05
N ALA C 522 -18.44 7.25 37.15
CA ALA C 522 -18.37 6.25 38.22
C ALA C 522 -18.45 6.91 39.59
N THR C 523 -19.26 6.32 40.47
CA THR C 523 -19.40 6.85 41.82
C THR C 523 -19.06 5.74 42.77
N VAL C 524 -19.44 4.51 42.40
CA VAL C 524 -19.14 3.37 43.27
C VAL C 524 -18.30 2.34 42.50
N CYS C 525 -17.06 2.08 42.94
CA CYS C 525 -16.15 1.12 42.29
C CYS C 525 -15.54 0.17 43.30
N GLY C 526 -15.36 -1.08 42.90
CA GLY C 526 -14.78 -2.08 43.79
C GLY C 526 -13.32 -1.76 44.19
N PRO C 527 -12.74 -2.60 45.03
CA PRO C 527 -11.45 -2.49 45.68
C PRO C 527 -10.30 -2.86 44.77
N LYS C 528 -10.04 -2.04 43.78
CA LYS C 528 -8.93 -2.35 42.90
C LYS C 528 -7.64 -2.14 43.70
N LYS C 529 -6.82 -3.19 43.81
CA LYS C 529 -5.64 -3.14 44.66
C LYS C 529 -4.35 -3.16 43.86
N SER C 530 -3.33 -2.55 44.44
CA SER C 530 -1.99 -2.46 43.88
C SER C 530 -1.16 -3.70 44.17
N THR C 531 -0.04 -3.79 43.46
CA THR C 531 0.96 -4.81 43.68
C THR C 531 2.15 -4.23 44.42
N ASN C 532 3.27 -4.09 43.71
CA ASN C 532 4.49 -3.50 44.26
C ASN C 532 5.22 -2.79 43.13
N LEU C 533 6.35 -2.18 43.42
CA LEU C 533 7.11 -1.47 42.39
C LEU C 533 8.37 -2.20 41.97
N VAL C 534 8.63 -2.18 40.67
CA VAL C 534 9.81 -2.75 40.08
C VAL C 534 10.62 -1.67 39.39
N LYS C 535 11.90 -1.59 39.74
CA LYS C 535 12.78 -0.58 39.14
C LYS C 535 14.01 -1.22 38.52
N ASN C 536 14.52 -0.57 37.48
CA ASN C 536 15.73 -0.93 36.75
C ASN C 536 15.63 -2.30 36.07
N LYS C 537 14.40 -2.73 35.80
CA LYS C 537 14.12 -3.96 35.10
C LYS C 537 13.00 -3.73 34.09
N CYS C 538 12.94 -4.52 33.01
CA CYS C 538 11.84 -4.44 32.06
C CYS C 538 10.59 -5.07 32.68
N VAL C 539 9.56 -4.25 32.82
CA VAL C 539 8.34 -4.62 33.50
C VAL C 539 7.10 -4.25 32.69
N ASN C 540 6.07 -5.07 32.79
CA ASN C 540 4.78 -4.78 32.19
C ASN C 540 3.96 -3.98 33.21
N PHE C 541 3.67 -2.72 32.93
CA PHE C 541 3.04 -1.88 33.94
C PHE C 541 1.65 -1.36 33.61
N ASN C 542 0.91 -1.03 34.67
CA ASN C 542 -0.38 -0.36 34.62
C ASN C 542 -0.54 0.64 35.78
N PHE C 543 -0.40 1.93 35.49
CA PHE C 543 -0.55 2.96 36.51
C PHE C 543 -1.86 3.71 36.33
N ASN C 544 -2.88 3.34 37.10
CA ASN C 544 -4.19 3.96 36.95
C ASN C 544 -4.70 4.01 35.52
N GLY C 545 -4.52 2.92 34.77
CA GLY C 545 -4.99 2.88 33.39
C GLY C 545 -3.90 3.21 32.36
N LEU C 546 -2.78 3.74 32.82
CA LEU C 546 -1.68 4.06 31.91
C LEU C 546 -0.85 2.80 31.74
N THR C 547 -0.87 2.22 30.55
CA THR C 547 -0.23 0.94 30.36
C THR C 547 0.85 0.92 29.30
N GLY C 548 1.70 -0.08 29.42
CA GLY C 548 2.75 -0.33 28.45
C GLY C 548 3.85 -1.15 29.09
N THR C 549 4.95 -1.32 28.38
CA THR C 549 6.07 -2.05 28.91
C THR C 549 7.29 -1.17 28.83
N GLY C 550 8.25 -1.41 29.71
CA GLY C 550 9.47 -0.63 29.66
C GLY C 550 10.24 -0.73 30.95
N VAL C 551 11.29 0.05 31.06
CA VAL C 551 12.13 0.04 32.22
C VAL C 551 11.92 1.31 33.01
N LEU C 552 11.57 1.16 34.27
CA LEU C 552 11.30 2.32 35.11
C LEU C 552 12.47 2.64 36.00
N THR C 553 12.90 3.90 35.96
CA THR C 553 14.02 4.35 36.77
C THR C 553 13.64 5.62 37.50
N GLU C 554 14.34 5.94 38.57
CA GLU C 554 14.04 7.18 39.27
C GLU C 554 14.40 8.36 38.37
N SER C 555 13.51 9.36 38.28
CA SER C 555 13.76 10.50 37.41
C SER C 555 14.26 11.69 38.18
N ASN C 556 14.67 12.71 37.45
CA ASN C 556 15.03 13.99 38.04
C ASN C 556 14.08 15.06 37.53
N LYS C 557 12.89 14.63 37.10
CA LYS C 557 11.89 15.55 36.59
C LYS C 557 10.97 16.00 37.69
N LYS C 558 10.45 17.21 37.54
CA LYS C 558 9.52 17.72 38.51
C LYS C 558 8.19 18.03 37.86
N PHE C 559 7.18 17.29 38.27
CA PHE C 559 5.83 17.45 37.77
C PHE C 559 5.10 18.47 38.60
N LEU C 560 4.11 19.12 38.01
CA LEU C 560 3.27 20.01 38.79
C LEU C 560 2.41 19.11 39.68
N PRO C 561 1.91 19.60 40.82
CA PRO C 561 1.13 18.86 41.81
C PRO C 561 -0.10 18.12 41.27
N PHE C 562 -0.61 18.52 40.12
CA PHE C 562 -1.79 17.88 39.56
C PHE C 562 -1.50 16.98 38.37
N GLN C 563 -0.24 16.87 37.97
CA GLN C 563 0.12 16.08 36.80
C GLN C 563 0.45 14.64 37.19
N GLN C 564 -0.06 13.68 36.42
CA GLN C 564 0.10 12.28 36.73
C GLN C 564 1.12 11.55 35.86
N PHE C 565 1.32 12.01 34.64
CA PHE C 565 2.29 11.37 33.76
C PHE C 565 2.74 12.39 32.75
N GLY C 566 3.82 12.14 32.04
CA GLY C 566 4.29 13.10 31.05
C GLY C 566 4.47 12.48 29.68
N ARG C 567 4.64 13.35 28.68
CA ARG C 567 4.84 12.94 27.30
C ARG C 567 5.92 13.71 26.54
N ASP C 568 6.47 13.06 25.52
CA ASP C 568 7.47 13.59 24.60
C ASP C 568 6.84 14.37 23.46
N ILE C 569 7.69 14.88 22.56
CA ILE C 569 7.19 15.65 21.42
C ILE C 569 6.32 14.78 20.51
N ALA C 570 6.70 13.53 20.33
CA ALA C 570 5.91 12.61 19.52
C ALA C 570 4.90 11.90 20.42
N ASP C 571 4.04 12.70 21.02
CA ASP C 571 3.01 12.33 21.99
C ASP C 571 3.07 10.92 22.60
N THR C 572 4.25 10.47 23.02
CA THR C 572 4.41 9.20 23.69
C THR C 572 4.79 9.43 25.15
N THR C 573 4.41 8.52 26.03
CA THR C 573 4.67 8.66 27.47
C THR C 573 6.13 8.41 27.81
N ASP C 574 6.72 9.31 28.62
CA ASP C 574 8.12 9.11 29.01
C ASP C 574 8.35 9.18 30.51
N ALA C 575 7.31 9.39 31.28
CA ALA C 575 7.45 9.46 32.73
C ALA C 575 6.10 9.23 33.38
N VAL C 576 6.10 8.66 34.57
CA VAL C 576 4.87 8.44 35.31
C VAL C 576 5.03 8.77 36.80
N ARG C 577 3.96 9.30 37.39
CA ARG C 577 3.95 9.50 38.83
C ARG C 577 3.44 8.24 39.53
N ASP C 578 4.15 7.84 40.58
CA ASP C 578 3.75 6.73 41.43
C ASP C 578 2.53 7.14 42.29
N PRO C 579 1.35 6.53 42.11
CA PRO C 579 0.10 6.86 42.79
C PRO C 579 0.16 6.80 44.32
N GLN C 580 1.12 6.05 44.86
CA GLN C 580 1.21 5.85 46.31
C GLN C 580 2.39 6.59 46.95
N THR C 581 3.45 6.82 46.19
CA THR C 581 4.64 7.48 46.72
C THR C 581 4.72 8.91 46.21
N LEU C 582 4.10 9.15 45.07
CA LEU C 582 4.05 10.43 44.36
C LEU C 582 5.39 10.85 43.78
N GLU C 583 6.34 9.92 43.76
CA GLU C 583 7.64 10.14 43.13
C GLU C 583 7.50 9.99 41.63
N ILE C 584 8.43 10.60 40.89
CA ILE C 584 8.39 10.51 39.43
C ILE C 584 9.44 9.55 38.90
N LEU C 585 8.99 8.64 38.03
CA LEU C 585 9.87 7.67 37.41
C LEU C 585 9.88 7.86 35.91
N ASP C 586 11.06 7.69 35.31
CA ASP C 586 11.20 7.78 33.87
C ASP C 586 10.92 6.44 33.26
N ILE C 587 10.30 6.42 32.10
CA ILE C 587 10.07 5.16 31.42
C ILE C 587 10.89 5.11 30.15
N THR C 588 11.81 4.16 30.08
CA THR C 588 12.60 4.04 28.87
C THR C 588 12.08 2.81 28.14
N PRO C 589 12.29 2.70 26.82
CA PRO C 589 11.93 1.54 26.04
C PRO C 589 12.65 0.32 26.58
N CYS C 590 12.00 -0.86 26.47
CA CYS C 590 12.58 -2.14 26.86
C CYS C 590 13.57 -2.47 25.73
N SER C 591 14.82 -2.73 26.07
CA SER C 591 15.88 -2.80 25.05
C SER C 591 15.59 -3.76 23.91
N PHE C 592 15.86 -3.27 22.70
CA PHE C 592 15.69 -4.07 21.50
C PHE C 592 16.64 -3.59 20.42
N GLY C 593 16.83 -4.41 19.41
CA GLY C 593 17.64 -4.04 18.26
C GLY C 593 17.82 -5.25 17.36
N GLY C 594 18.42 -5.06 16.19
CA GLY C 594 18.65 -6.20 15.30
C GLY C 594 19.90 -6.95 15.76
N VAL C 595 20.04 -8.18 15.28
CA VAL C 595 21.23 -8.96 15.58
C VAL C 595 21.94 -9.28 14.29
N SER C 596 23.21 -8.89 14.20
CA SER C 596 23.94 -9.14 12.97
C SER C 596 25.09 -10.11 13.17
N VAL C 597 25.28 -10.97 12.21
CA VAL C 597 26.34 -11.94 12.25
C VAL C 597 27.49 -11.50 11.36
N ILE C 598 28.65 -11.41 11.97
CA ILE C 598 29.87 -10.99 11.33
C ILE C 598 30.67 -12.20 10.94
N THR C 599 30.86 -12.37 9.64
CA THR C 599 31.58 -13.53 9.20
C THR C 599 32.56 -13.35 8.07
N PRO C 600 33.72 -14.04 8.09
CA PRO C 600 34.65 -14.17 7.02
C PRO C 600 33.95 -15.14 6.12
N GLY C 601 34.38 -15.28 4.90
CA GLY C 601 33.65 -16.23 4.09
C GLY C 601 33.82 -17.63 4.64
N THR C 602 32.81 -18.47 4.44
CA THR C 602 32.83 -19.87 4.88
C THR C 602 33.89 -20.72 4.13
N ASN C 603 34.51 -20.13 3.10
CA ASN C 603 35.63 -20.70 2.35
C ASN C 603 36.95 -20.55 3.15
N THR C 604 36.93 -19.77 4.25
CA THR C 604 38.07 -19.50 5.13
C THR C 604 37.87 -20.12 6.52
N SER C 605 36.72 -19.87 7.13
CA SER C 605 36.46 -20.43 8.46
C SER C 605 34.99 -20.44 8.80
N ASN C 606 34.65 -21.11 9.88
CA ASN C 606 33.27 -21.14 10.36
C ASN C 606 33.11 -20.35 11.66
N GLN C 607 34.02 -19.41 11.90
CA GLN C 607 33.90 -18.59 13.10
C GLN C 607 33.00 -17.41 12.83
N VAL C 608 32.23 -17.03 13.82
CA VAL C 608 31.41 -15.85 13.70
C VAL C 608 31.51 -14.98 14.93
N ALA C 609 31.19 -13.72 14.76
CA ALA C 609 31.03 -12.80 15.87
C ALA C 609 29.63 -12.24 15.76
N VAL C 610 28.99 -11.96 16.88
CA VAL C 610 27.64 -11.46 16.78
C VAL C 610 27.49 -10.08 17.39
N LEU C 611 26.94 -9.18 16.60
CA LEU C 611 26.70 -7.81 17.03
C LEU C 611 25.26 -7.60 17.40
N TYR C 612 25.02 -7.24 18.64
CA TYR C 612 23.68 -6.93 19.09
C TYR C 612 23.56 -5.43 18.99
N GLN C 613 22.78 -4.98 18.02
CA GLN C 613 22.78 -3.59 17.66
C GLN C 613 22.05 -2.74 18.67
N ASP C 614 22.61 -1.58 18.95
CA ASP C 614 21.98 -0.57 19.79
C ASP C 614 21.57 -1.06 21.19
N VAL C 615 22.33 -1.98 21.77
CA VAL C 615 22.05 -2.45 23.12
C VAL C 615 23.33 -2.50 23.96
N ASN C 616 23.15 -2.54 25.28
CA ASN C 616 24.20 -2.72 26.28
C ASN C 616 24.55 -4.19 26.42
N CYS C 617 25.82 -4.50 26.67
CA CYS C 617 26.32 -5.86 26.88
C CYS C 617 25.77 -6.50 28.15
N THR C 618 25.26 -5.65 29.05
CA THR C 618 24.69 -6.13 30.31
C THR C 618 23.26 -6.65 30.12
N GLU C 619 22.66 -6.35 28.97
CA GLU C 619 21.28 -6.79 28.69
C GLU C 619 21.22 -8.11 27.88
N VAL C 620 22.30 -8.39 27.11
CA VAL C 620 22.40 -9.55 26.23
C VAL C 620 22.74 -10.78 27.07
N ASN C 641 35.26 -12.56 25.12
CA ASN C 641 35.39 -11.62 24.00
C ASN C 641 34.12 -10.75 23.86
N VAL C 642 33.86 -9.90 24.86
CA VAL C 642 32.71 -8.97 24.85
C VAL C 642 33.19 -7.53 24.74
N PHE C 643 32.92 -6.92 23.60
CA PHE C 643 33.37 -5.58 23.29
C PHE C 643 32.21 -4.61 23.07
N GLN C 644 32.09 -3.63 23.95
CA GLN C 644 31.00 -2.67 23.83
C GLN C 644 31.42 -1.55 22.89
N THR C 645 30.64 -1.33 21.84
CA THR C 645 30.93 -0.28 20.88
C THR C 645 29.70 0.61 20.74
N ARG C 646 29.85 1.73 20.05
CA ARG C 646 28.72 2.63 19.83
C ARG C 646 27.62 1.96 19.02
N ALA C 647 28.00 1.07 18.12
CA ALA C 647 27.06 0.39 17.24
C ALA C 647 26.29 -0.72 17.95
N GLY C 648 26.72 -1.11 19.14
CA GLY C 648 26.09 -2.25 19.82
C GLY C 648 27.12 -3.09 20.56
N CYS C 649 26.69 -4.27 21.06
CA CYS C 649 27.56 -5.17 21.81
C CYS C 649 28.08 -6.25 20.87
N LEU C 650 29.39 -6.28 20.71
CA LEU C 650 30.02 -7.23 19.81
C LEU C 650 30.62 -8.38 20.59
N ILE C 651 30.08 -9.57 20.39
CA ILE C 651 30.51 -10.74 21.12
C ILE C 651 31.15 -11.80 20.22
N GLY C 652 32.36 -12.22 20.58
CA GLY C 652 33.09 -13.23 19.83
C GLY C 652 34.31 -12.67 19.10
N ALA C 653 34.33 -11.36 18.92
CA ALA C 653 35.46 -10.71 18.28
C ALA C 653 36.43 -10.21 19.34
N GLU C 654 37.71 -10.39 19.10
CA GLU C 654 38.72 -9.91 20.04
C GLU C 654 39.10 -8.49 19.73
N HIS C 655 38.94 -7.61 20.70
CA HIS C 655 39.29 -6.21 20.50
C HIS C 655 40.79 -6.02 20.59
N VAL C 656 41.36 -5.35 19.60
CA VAL C 656 42.78 -5.06 19.60
C VAL C 656 43.03 -3.55 19.47
N ASN C 657 44.23 -3.10 19.85
CA ASN C 657 44.64 -1.69 19.76
C ASN C 657 45.31 -1.35 18.41
N ASN C 658 45.38 -2.34 17.50
CA ASN C 658 45.98 -2.21 16.18
C ASN C 658 44.98 -1.81 15.12
N SER C 659 45.22 -0.68 14.47
CA SER C 659 44.35 -0.24 13.39
C SER C 659 44.69 -0.94 12.10
N TYR C 660 43.71 -1.14 11.24
CA TYR C 660 43.93 -1.78 9.96
C TYR C 660 42.99 -1.20 8.92
N GLU C 661 43.18 -1.60 7.67
CA GLU C 661 42.24 -1.23 6.63
C GLU C 661 40.92 -1.93 6.94
N CYS C 662 39.78 -1.23 6.79
CA CYS C 662 38.47 -1.80 7.12
C CYS C 662 38.13 -2.98 6.21
N ASP C 663 37.70 -4.07 6.83
CA ASP C 663 37.32 -5.27 6.12
C ASP C 663 35.79 -5.40 6.22
N ILE C 664 35.28 -5.88 7.36
CA ILE C 664 33.85 -5.93 7.55
C ILE C 664 33.44 -4.81 8.49
N PRO C 665 32.68 -3.81 8.05
CA PRO C 665 32.28 -2.67 8.85
C PRO C 665 31.28 -3.05 9.91
N ILE C 666 31.41 -2.46 11.10
CA ILE C 666 30.45 -2.60 12.18
C ILE C 666 29.70 -1.29 12.33
N GLY C 667 30.46 -0.20 12.35
CA GLY C 667 29.90 1.14 12.50
C GLY C 667 30.65 1.95 13.53
N ALA C 668 30.53 3.26 13.47
CA ALA C 668 31.15 4.18 14.42
C ALA C 668 32.65 3.99 14.49
N GLY C 669 33.28 3.78 13.34
CA GLY C 669 34.72 3.66 13.24
C GLY C 669 35.23 2.26 13.50
N ILE C 670 34.36 1.33 13.85
CA ILE C 670 34.76 -0.04 14.14
C ILE C 670 34.52 -0.97 12.96
N CYS C 671 35.53 -1.78 12.65
CA CYS C 671 35.52 -2.82 11.61
C CYS C 671 36.03 -4.11 12.24
N ALA C 672 35.73 -5.23 11.61
CA ALA C 672 36.22 -6.52 12.07
C ALA C 672 36.81 -7.31 10.93
N SER C 673 37.72 -8.21 11.27
CA SER C 673 38.35 -9.06 10.26
C SER C 673 38.79 -10.38 10.84
N TYR C 674 39.07 -11.33 9.97
CA TYR C 674 39.64 -12.61 10.40
C TYR C 674 41.14 -12.51 10.26
N GLN C 675 41.83 -12.64 11.38
CA GLN C 675 43.28 -12.43 11.40
C GLN C 675 44.02 -13.47 12.25
N THR C 676 45.22 -13.88 11.79
CA THR C 676 46.10 -14.80 12.49
C THR C 676 46.77 -14.08 13.66
N GLN C 690 43.87 -18.66 14.85
CA GLN C 690 43.23 -17.60 14.09
C GLN C 690 41.86 -17.29 14.72
N SER C 691 41.44 -16.02 14.65
CA SER C 691 40.16 -15.56 15.20
C SER C 691 39.67 -14.27 14.57
N ILE C 692 38.44 -13.90 14.86
CA ILE C 692 37.87 -12.63 14.44
C ILE C 692 38.27 -11.55 15.41
N ILE C 693 38.73 -10.42 14.89
CA ILE C 693 39.14 -9.30 15.73
C ILE C 693 38.33 -8.07 15.39
N ALA C 694 38.28 -7.15 16.34
CA ALA C 694 37.64 -5.87 16.16
C ALA C 694 38.64 -4.76 16.39
N TYR C 695 38.56 -3.72 15.60
CA TYR C 695 39.50 -2.61 15.71
C TYR C 695 38.93 -1.32 15.18
N THR C 696 39.56 -0.21 15.56
CA THR C 696 39.20 1.05 14.95
C THR C 696 39.93 1.11 13.63
N MET C 697 39.19 1.37 12.57
CA MET C 697 39.76 1.35 11.24
C MET C 697 40.58 2.60 11.08
N SER C 698 41.69 2.47 10.38
CA SER C 698 42.46 3.64 9.98
C SER C 698 41.95 4.05 8.62
N LEU C 699 42.28 5.23 8.17
CA LEU C 699 41.81 5.62 6.84
C LEU C 699 42.74 5.36 5.68
N GLY C 700 44.01 5.24 5.98
CA GLY C 700 45.05 5.01 4.99
C GLY C 700 46.40 5.18 5.65
N ALA C 701 47.46 4.85 4.94
CA ALA C 701 48.80 5.03 5.48
C ALA C 701 49.10 6.51 5.57
N GLU C 702 49.84 6.93 6.58
CA GLU C 702 50.21 8.32 6.67
C GLU C 702 51.34 8.62 5.70
N ASN C 703 51.35 9.83 5.16
CA ASN C 703 52.38 10.25 4.24
C ASN C 703 52.77 11.70 4.39
N SER C 704 54.02 11.93 4.75
CA SER C 704 54.50 13.29 4.86
C SER C 704 55.16 13.68 3.55
N VAL C 705 54.61 14.70 2.91
CA VAL C 705 55.13 15.19 1.65
C VAL C 705 56.32 16.07 1.99
N ALA C 706 57.44 15.87 1.29
CA ALA C 706 58.66 16.61 1.59
C ALA C 706 58.60 18.02 1.02
N TYR C 707 57.69 18.80 1.57
CA TYR C 707 57.46 20.16 1.15
C TYR C 707 58.53 21.11 1.64
N SER C 708 58.92 22.01 0.77
CA SER C 708 59.80 23.11 1.10
C SER C 708 59.52 24.19 0.08
N ASN C 709 60.04 25.41 0.31
CA ASN C 709 59.79 26.55 -0.58
C ASN C 709 60.62 26.53 -1.88
N ASN C 710 61.56 25.58 -2.02
CA ASN C 710 62.41 25.46 -3.21
C ASN C 710 62.63 24.02 -3.64
N SER C 711 61.66 23.14 -3.45
CA SER C 711 61.86 21.75 -3.86
C SER C 711 60.66 21.20 -4.59
N ILE C 712 60.93 20.59 -5.74
CA ILE C 712 59.87 20.01 -6.56
C ILE C 712 60.16 18.56 -6.90
N ALA C 713 59.13 17.73 -6.93
CA ALA C 713 59.33 16.36 -7.39
C ALA C 713 58.82 16.20 -8.80
N ILE C 714 59.66 15.68 -9.68
CA ILE C 714 59.26 15.50 -11.07
C ILE C 714 59.47 14.04 -11.50
N PRO C 715 58.44 13.37 -12.03
CA PRO C 715 58.45 12.01 -12.55
C PRO C 715 59.50 11.84 -13.62
N THR C 716 60.36 10.84 -13.48
CA THR C 716 61.34 10.55 -14.52
C THR C 716 60.91 9.37 -15.42
N ASN C 717 59.78 8.74 -15.06
CA ASN C 717 59.18 7.60 -15.72
C ASN C 717 57.67 7.62 -15.46
N PHE C 718 56.92 6.79 -16.18
CA PHE C 718 55.47 6.67 -16.09
C PHE C 718 55.04 5.28 -16.48
N THR C 719 53.81 4.94 -16.12
CA THR C 719 53.19 3.70 -16.57
C THR C 719 51.86 3.97 -17.20
N ILE C 720 51.37 2.99 -17.94
CA ILE C 720 50.04 3.08 -18.50
C ILE C 720 49.16 2.12 -17.75
N SER C 721 48.07 2.64 -17.22
CA SER C 721 47.17 1.84 -16.45
C SER C 721 45.86 1.72 -17.16
N VAL C 722 45.20 0.59 -16.98
CA VAL C 722 43.85 0.44 -17.48
C VAL C 722 42.96 0.06 -16.32
N THR C 723 41.91 0.83 -16.12
CA THR C 723 40.99 0.54 -15.04
C THR C 723 39.63 0.25 -15.63
N THR C 724 38.80 -0.46 -14.89
CA THR C 724 37.51 -0.81 -15.42
C THR C 724 36.37 -0.20 -14.62
N GLU C 725 35.51 0.50 -15.32
CA GLU C 725 34.33 1.09 -14.70
C GLU C 725 33.06 0.43 -15.22
N ILE C 726 32.27 -0.10 -14.31
CA ILE C 726 31.07 -0.82 -14.70
C ILE C 726 29.81 -0.06 -14.31
N LEU C 727 28.99 0.25 -15.31
CA LEU C 727 27.76 1.01 -15.08
C LEU C 727 26.53 0.31 -15.63
N PRO C 728 25.44 0.20 -14.86
CA PRO C 728 24.13 -0.21 -15.30
C PRO C 728 23.58 0.75 -16.33
N VAL C 729 22.88 0.22 -17.31
CA VAL C 729 22.23 1.08 -18.29
C VAL C 729 20.73 0.85 -18.29
N SER C 730 20.30 -0.39 -18.10
CA SER C 730 18.86 -0.66 -18.20
C SER C 730 18.38 -1.77 -17.26
N MET C 731 17.09 -1.70 -16.95
CA MET C 731 16.36 -2.70 -16.19
C MET C 731 15.69 -3.73 -17.10
N THR C 732 15.22 -4.81 -16.50
CA THR C 732 14.39 -5.75 -17.23
C THR C 732 13.03 -5.09 -17.47
N LYS C 733 12.54 -5.13 -18.69
CA LYS C 733 11.28 -4.47 -19.01
C LYS C 733 10.08 -5.31 -18.65
N THR C 734 9.65 -5.23 -17.40
CA THR C 734 8.53 -6.05 -17.02
C THR C 734 7.23 -5.34 -17.39
N SER C 735 6.17 -6.11 -17.46
CA SER C 735 4.84 -5.56 -17.70
C SER C 735 3.82 -6.40 -16.96
N VAL C 736 2.96 -5.79 -16.20
CA VAL C 736 2.02 -6.57 -15.44
C VAL C 736 0.64 -6.26 -15.86
N ASP C 737 -0.14 -7.31 -15.99
CA ASP C 737 -1.51 -7.16 -16.34
C ASP C 737 -2.14 -7.27 -14.99
N CYS C 738 -2.57 -6.15 -14.46
CA CYS C 738 -3.16 -6.11 -13.17
C CYS C 738 -4.45 -6.86 -13.07
N THR C 739 -5.26 -6.82 -14.11
CA THR C 739 -6.51 -7.54 -14.02
C THR C 739 -6.27 -9.01 -13.84
N MET C 740 -5.37 -9.60 -14.62
CA MET C 740 -5.10 -11.00 -14.40
C MET C 740 -4.40 -11.19 -13.10
N TYR C 741 -3.49 -10.29 -12.75
CA TYR C 741 -2.77 -10.50 -11.52
C TYR C 741 -3.68 -10.50 -10.34
N ILE C 742 -4.50 -9.47 -10.25
CA ILE C 742 -5.43 -9.34 -9.14
C ILE C 742 -6.53 -10.35 -9.10
N CYS C 743 -7.15 -10.61 -10.23
CA CYS C 743 -8.29 -11.53 -10.26
C CYS C 743 -8.09 -12.87 -10.91
N GLY C 744 -7.44 -12.87 -12.06
CA GLY C 744 -7.22 -14.07 -12.85
C GLY C 744 -8.43 -14.35 -13.71
N ASP C 745 -8.99 -15.55 -13.57
CA ASP C 745 -10.14 -15.94 -14.38
C ASP C 745 -11.48 -15.68 -13.69
N SER C 746 -11.46 -15.02 -12.53
CA SER C 746 -12.70 -14.79 -11.81
C SER C 746 -13.46 -13.58 -12.32
N THR C 747 -14.69 -13.84 -12.78
CA THR C 747 -15.57 -12.79 -13.29
C THR C 747 -16.10 -11.96 -12.13
N GLU C 748 -16.40 -12.62 -11.02
CA GLU C 748 -16.94 -11.95 -9.86
C GLU C 748 -15.96 -10.91 -9.31
N CYS C 749 -14.66 -11.25 -9.30
CA CYS C 749 -13.59 -10.34 -8.90
C CYS C 749 -13.47 -9.20 -9.90
N SER C 750 -13.45 -9.50 -11.20
CA SER C 750 -13.27 -8.47 -12.20
C SER C 750 -14.31 -7.38 -12.06
N ASN C 751 -15.55 -7.78 -11.80
CA ASN C 751 -16.64 -6.83 -11.65
C ASN C 751 -16.49 -5.94 -10.41
N LEU C 752 -15.78 -6.43 -9.39
CA LEU C 752 -15.54 -5.64 -8.20
C LEU C 752 -14.32 -4.76 -8.38
N LEU C 753 -13.39 -5.23 -9.20
CA LEU C 753 -12.20 -4.44 -9.43
C LEU C 753 -12.58 -3.16 -10.14
N LEU C 754 -13.54 -3.25 -11.02
CA LEU C 754 -13.99 -2.07 -11.76
C LEU C 754 -14.43 -0.92 -10.86
N GLN C 755 -14.73 -1.21 -9.60
CA GLN C 755 -15.18 -0.17 -8.68
C GLN C 755 -14.03 0.71 -8.25
N TYR C 756 -12.82 0.32 -8.61
CA TYR C 756 -11.60 1.03 -8.27
C TYR C 756 -11.12 1.88 -9.43
N GLY C 757 -11.98 2.04 -10.43
CA GLY C 757 -11.73 2.97 -11.52
C GLY C 757 -10.49 2.74 -12.35
N SER C 758 -9.66 3.79 -12.40
CA SER C 758 -8.45 3.84 -13.21
C SER C 758 -7.22 3.26 -12.56
N PHE C 759 -7.30 2.73 -11.34
CA PHE C 759 -6.06 2.26 -10.72
C PHE C 759 -5.25 1.33 -11.63
N CYS C 760 -5.93 0.44 -12.34
CA CYS C 760 -5.29 -0.50 -13.26
C CYS C 760 -4.70 0.15 -14.49
N THR C 761 -5.28 1.24 -14.92
CA THR C 761 -4.75 2.00 -16.03
C THR C 761 -3.47 2.69 -15.60
N GLN C 762 -3.48 3.25 -14.39
CA GLN C 762 -2.34 3.98 -13.88
C GLN C 762 -1.13 3.06 -13.71
N LEU C 763 -1.38 1.86 -13.23
CA LEU C 763 -0.30 0.91 -12.99
C LEU C 763 0.28 0.40 -14.30
N ASN C 764 -0.57 0.11 -15.29
CA ASN C 764 -0.07 -0.36 -16.58
C ASN C 764 0.66 0.73 -17.29
N ARG C 765 0.17 1.94 -17.15
CA ARG C 765 0.77 3.10 -17.78
C ARG C 765 2.15 3.37 -17.21
N ALA C 766 2.26 3.30 -15.88
CA ALA C 766 3.52 3.57 -15.21
C ALA C 766 4.59 2.56 -15.60
N LEU C 767 4.21 1.28 -15.69
CA LEU C 767 5.18 0.26 -16.08
C LEU C 767 5.55 0.39 -17.55
N THR C 768 4.60 0.80 -18.38
CA THR C 768 4.89 1.00 -19.78
C THR C 768 5.91 2.10 -19.95
N GLY C 769 5.74 3.20 -19.19
CA GLY C 769 6.67 4.31 -19.26
C GLY C 769 8.08 3.87 -18.92
N ILE C 770 8.21 2.98 -17.93
CA ILE C 770 9.52 2.46 -17.59
C ILE C 770 10.09 1.67 -18.75
N ALA C 771 9.28 0.80 -19.35
CA ALA C 771 9.77 -0.01 -20.45
C ALA C 771 10.32 0.89 -21.57
N VAL C 772 9.67 2.02 -21.80
CA VAL C 772 10.14 2.95 -22.82
C VAL C 772 11.51 3.53 -22.44
N GLU C 773 11.67 3.91 -21.18
CA GLU C 773 12.95 4.46 -20.71
C GLU C 773 14.09 3.47 -20.82
N GLN C 774 13.79 2.18 -20.78
CA GLN C 774 14.83 1.18 -20.87
C GLN C 774 15.41 1.09 -22.27
N ASP C 775 14.57 1.28 -23.29
CA ASP C 775 15.14 1.29 -24.62
C ASP C 775 15.79 2.62 -24.90
N LYS C 776 15.22 3.68 -24.33
CA LYS C 776 15.78 5.01 -24.48
C LYS C 776 17.17 5.08 -23.87
N ASN C 777 17.34 4.49 -22.68
CA ASN C 777 18.61 4.54 -21.98
C ASN C 777 19.69 3.82 -22.77
N THR C 778 19.36 2.68 -23.35
CA THR C 778 20.34 1.94 -24.10
C THR C 778 20.76 2.74 -25.33
N GLN C 779 19.80 3.37 -26.01
CA GLN C 779 20.15 4.14 -27.19
C GLN C 779 21.02 5.34 -26.84
N GLU C 780 20.72 6.01 -25.73
CA GLU C 780 21.50 7.18 -25.35
C GLU C 780 22.95 6.83 -25.09
N VAL C 781 23.20 5.65 -24.54
CA VAL C 781 24.56 5.23 -24.23
C VAL C 781 25.30 4.71 -25.45
N PHE C 782 24.68 3.83 -26.24
CA PHE C 782 25.42 3.17 -27.31
C PHE C 782 25.24 3.76 -28.70
N ALA C 783 24.08 4.32 -29.01
CA ALA C 783 23.84 4.79 -30.36
C ALA C 783 24.35 6.22 -30.53
N GLN C 784 25.66 6.38 -30.43
CA GLN C 784 26.27 7.70 -30.53
C GLN C 784 27.06 7.89 -31.81
N VAL C 785 26.90 6.97 -32.74
CA VAL C 785 27.54 7.04 -34.04
C VAL C 785 26.48 6.95 -35.13
N LYS C 786 26.68 7.73 -36.20
CA LYS C 786 25.76 7.70 -37.34
C LYS C 786 26.17 6.60 -38.31
N GLN C 787 27.41 6.16 -38.15
CA GLN C 787 28.03 5.20 -39.03
C GLN C 787 28.50 4.01 -38.22
N ILE C 788 28.49 2.84 -38.82
CA ILE C 788 29.07 1.67 -38.20
C ILE C 788 30.43 1.44 -38.80
N TYR C 789 31.45 1.75 -38.03
CA TYR C 789 32.81 1.71 -38.51
C TYR C 789 33.40 0.33 -38.34
N LYS C 790 34.14 -0.12 -39.34
CA LYS C 790 34.86 -1.38 -39.25
C LYS C 790 36.34 -1.11 -39.07
N THR C 791 37.06 -2.08 -38.53
CA THR C 791 38.50 -1.98 -38.42
C THR C 791 39.12 -2.42 -39.75
N PRO C 792 40.36 -2.06 -40.03
CA PRO C 792 41.11 -2.50 -41.18
C PRO C 792 41.42 -3.98 -41.05
N PRO C 793 41.61 -4.69 -42.18
CA PRO C 793 41.99 -6.08 -42.26
C PRO C 793 43.40 -6.30 -41.73
N ILE C 794 44.19 -5.24 -41.70
CA ILE C 794 45.55 -5.32 -41.20
C ILE C 794 45.66 -4.52 -39.93
N LYS C 795 45.77 -5.21 -38.82
CA LYS C 795 45.78 -4.55 -37.52
C LYS C 795 47.16 -4.09 -37.11
N ASP C 796 47.69 -3.12 -37.85
CA ASP C 796 48.98 -2.54 -37.53
C ASP C 796 48.80 -1.20 -36.85
N PHE C 797 48.91 -1.21 -35.53
CA PHE C 797 48.67 -0.01 -34.76
C PHE C 797 49.94 0.39 -34.03
N GLY C 798 51.08 0.07 -34.63
CA GLY C 798 52.36 0.50 -34.09
C GLY C 798 52.77 -0.23 -32.83
N GLY C 799 52.30 -1.46 -32.67
CA GLY C 799 52.61 -2.24 -31.48
C GLY C 799 51.47 -2.29 -30.48
N PHE C 800 50.45 -1.45 -30.67
CA PHE C 800 49.32 -1.48 -29.75
C PHE C 800 48.35 -2.58 -30.17
N ASN C 801 48.14 -3.55 -29.26
CA ASN C 801 47.34 -4.76 -29.46
C ASN C 801 45.94 -4.60 -28.86
N PHE C 802 44.91 -4.55 -29.72
CA PHE C 802 43.51 -4.36 -29.32
C PHE C 802 42.70 -5.62 -29.52
N SER C 803 43.37 -6.75 -29.67
CA SER C 803 42.67 -8.00 -29.99
C SER C 803 41.73 -8.48 -28.90
N GLN C 804 41.91 -7.97 -27.70
CA GLN C 804 41.09 -8.41 -26.58
C GLN C 804 39.87 -7.51 -26.39
N ILE C 805 39.85 -6.35 -27.06
CA ILE C 805 38.72 -5.44 -26.93
C ILE C 805 37.89 -5.45 -28.22
N LEU C 806 38.50 -5.87 -29.33
CA LEU C 806 37.81 -5.99 -30.60
C LEU C 806 37.18 -7.38 -30.75
N PRO C 807 36.08 -7.51 -31.50
CA PRO C 807 35.40 -8.77 -31.78
C PRO C 807 36.28 -9.79 -32.46
N ASP C 808 36.13 -11.06 -32.08
CA ASP C 808 36.84 -12.12 -32.78
C ASP C 808 35.85 -12.88 -33.68
N PRO C 809 36.05 -12.86 -35.00
CA PRO C 809 35.14 -13.37 -36.02
C PRO C 809 34.95 -14.87 -35.94
N SER C 810 35.84 -15.54 -35.22
CA SER C 810 35.83 -16.99 -35.09
C SER C 810 34.67 -17.52 -34.26
N LYS C 811 34.00 -16.65 -33.49
CA LYS C 811 32.89 -17.14 -32.69
C LYS C 811 31.54 -16.74 -33.29
N PRO C 812 30.48 -17.55 -33.10
CA PRO C 812 29.09 -17.26 -33.44
C PRO C 812 28.63 -15.91 -32.92
N SER C 813 29.10 -15.56 -31.73
CA SER C 813 28.78 -14.27 -31.15
C SER C 813 29.95 -13.35 -31.44
N LYS C 814 29.69 -12.30 -32.20
CA LYS C 814 30.77 -11.41 -32.62
C LYS C 814 31.11 -10.42 -31.54
N ARG C 815 31.71 -10.93 -30.48
CA ARG C 815 32.07 -10.15 -29.29
C ARG C 815 33.55 -10.30 -29.01
N SER C 816 34.10 -9.36 -28.26
CA SER C 816 35.50 -9.45 -27.89
C SER C 816 35.68 -10.47 -26.77
N PRO C 817 36.89 -11.01 -26.55
CA PRO C 817 37.26 -11.83 -25.41
C PRO C 817 36.87 -11.21 -24.06
N ILE C 818 37.03 -9.90 -23.92
CA ILE C 818 36.63 -9.23 -22.69
C ILE C 818 35.12 -9.25 -22.54
N GLU C 819 34.41 -8.97 -23.61
CA GLU C 819 32.97 -8.98 -23.55
C GLU C 819 32.45 -10.37 -23.19
N ASP C 820 33.06 -11.42 -23.73
CA ASP C 820 32.61 -12.76 -23.34
C ASP C 820 32.77 -12.98 -21.85
N LEU C 821 33.86 -12.49 -21.27
CA LEU C 821 34.03 -12.64 -19.83
C LEU C 821 32.95 -11.87 -19.09
N LEU C 822 32.59 -10.69 -19.58
CA LEU C 822 31.58 -9.90 -18.90
C LEU C 822 30.22 -10.59 -18.96
N PHE C 823 29.90 -11.17 -20.11
CA PHE C 823 28.62 -11.84 -20.31
C PHE C 823 28.50 -13.15 -19.53
N ASN C 824 29.62 -13.78 -19.26
CA ASN C 824 29.60 -15.03 -18.52
C ASN C 824 29.65 -14.83 -17.00
N LYS C 825 29.66 -13.58 -16.55
CA LYS C 825 29.72 -13.31 -15.11
C LYS C 825 28.46 -12.67 -14.55
N VAL C 826 27.41 -12.59 -15.36
CA VAL C 826 26.13 -12.06 -14.88
C VAL C 826 25.07 -13.12 -15.10
N THR C 827 24.32 -13.47 -14.04
CA THR C 827 23.29 -14.53 -14.06
C THR C 827 22.01 -13.98 -14.71
N ASN C 856 1.47 -15.31 -13.66
CA ASN C 856 0.29 -14.72 -13.05
C ASN C 856 0.12 -13.25 -13.48
N GLY C 857 0.06 -13.04 -14.80
CA GLY C 857 -0.13 -11.72 -15.42
C GLY C 857 1.20 -10.98 -15.56
N LEU C 858 2.29 -11.65 -15.20
CA LEU C 858 3.60 -11.04 -15.23
C LEU C 858 4.37 -11.48 -16.46
N THR C 859 4.74 -10.51 -17.30
CA THR C 859 5.47 -10.82 -18.52
C THR C 859 6.72 -9.97 -18.61
N VAL C 860 7.65 -10.39 -19.46
CA VAL C 860 8.86 -9.62 -19.72
C VAL C 860 9.02 -9.34 -21.20
N LEU C 861 9.20 -8.07 -21.52
CA LEU C 861 9.35 -7.65 -22.91
C LEU C 861 10.82 -7.65 -23.27
N PRO C 862 11.19 -8.05 -24.50
CA PRO C 862 12.54 -8.02 -25.00
C PRO C 862 12.96 -6.58 -25.26
N PRO C 863 14.25 -6.25 -25.09
CA PRO C 863 14.89 -5.01 -25.49
C PRO C 863 14.77 -4.81 -26.98
N LEU C 864 14.71 -3.56 -27.41
CA LEU C 864 14.71 -3.26 -28.83
C LEU C 864 16.04 -3.60 -29.46
N LEU C 865 17.12 -3.28 -28.77
CA LEU C 865 18.45 -3.57 -29.26
C LEU C 865 18.96 -4.83 -28.61
N THR C 866 19.20 -5.86 -29.42
CA THR C 866 19.65 -7.15 -28.91
C THR C 866 21.13 -7.06 -28.60
N ASP C 867 21.66 -8.07 -27.93
CA ASP C 867 23.07 -8.08 -27.56
C ASP C 867 23.98 -7.95 -28.77
N GLU C 868 23.58 -8.54 -29.88
CA GLU C 868 24.35 -8.48 -31.10
C GLU C 868 24.41 -7.05 -31.64
N MET C 869 23.29 -6.34 -31.53
CA MET C 869 23.20 -4.98 -32.03
C MET C 869 24.02 -4.03 -31.15
N ILE C 870 24.03 -4.31 -29.86
CA ILE C 870 24.84 -3.52 -28.95
C ILE C 870 26.30 -3.78 -29.23
N ALA C 871 26.65 -5.04 -29.50
CA ALA C 871 28.01 -5.39 -29.83
C ALA C 871 28.45 -4.65 -31.10
N GLN C 872 27.53 -4.50 -32.06
CA GLN C 872 27.85 -3.78 -33.28
C GLN C 872 28.09 -2.30 -33.02
N TYR C 873 27.30 -1.68 -32.14
CA TYR C 873 27.54 -0.30 -31.80
C TYR C 873 28.88 -0.15 -31.11
N THR C 874 29.18 -1.07 -30.21
CA THR C 874 30.42 -1.03 -29.46
C THR C 874 31.59 -1.19 -30.40
N SER C 875 31.47 -2.11 -31.35
CA SER C 875 32.52 -2.35 -32.31
C SER C 875 32.77 -1.09 -33.13
N ALA C 876 31.70 -0.42 -33.54
CA ALA C 876 31.81 0.82 -34.29
C ALA C 876 32.53 1.90 -33.50
N LEU C 877 32.24 1.97 -32.21
CA LEU C 877 32.89 2.95 -31.35
C LEU C 877 34.38 2.68 -31.22
N LEU C 878 34.75 1.40 -31.12
CA LEU C 878 36.17 1.06 -31.02
C LEU C 878 36.88 1.25 -32.33
N ALA C 879 36.23 0.85 -33.43
CA ALA C 879 36.85 1.00 -34.72
C ALA C 879 37.06 2.46 -35.01
N GLY C 880 36.07 3.27 -34.63
CA GLY C 880 36.14 4.70 -34.81
C GLY C 880 37.31 5.26 -34.03
N THR C 881 37.38 4.93 -32.74
CA THR C 881 38.43 5.46 -31.87
C THR C 881 39.81 5.07 -32.33
N ILE C 882 39.99 3.80 -32.65
CA ILE C 882 41.30 3.32 -33.03
C ILE C 882 41.78 3.93 -34.34
N THR C 883 40.91 4.02 -35.33
CA THR C 883 41.35 4.51 -36.62
C THR C 883 41.24 6.01 -36.83
N SER C 884 40.38 6.72 -36.08
CA SER C 884 40.22 8.16 -36.30
C SER C 884 40.25 9.00 -35.01
N GLY C 885 40.53 8.38 -33.87
CA GLY C 885 40.58 9.12 -32.62
C GLY C 885 39.26 9.76 -32.27
N TRP C 886 39.29 11.04 -31.93
CA TRP C 886 38.06 11.73 -31.55
C TRP C 886 37.37 12.42 -32.71
N THR C 887 37.94 12.35 -33.90
CA THR C 887 37.39 13.14 -34.98
C THR C 887 36.01 12.66 -35.39
N PHE C 888 35.76 11.37 -35.28
CA PHE C 888 34.49 10.79 -35.69
C PHE C 888 33.36 11.20 -34.75
N GLY C 889 33.71 11.69 -33.57
CA GLY C 889 32.70 12.08 -32.59
C GLY C 889 32.32 13.55 -32.76
N ALA C 890 32.95 14.22 -33.71
CA ALA C 890 32.70 15.64 -33.92
C ALA C 890 32.83 15.98 -35.40
N GLY C 891 32.09 15.28 -36.25
CA GLY C 891 32.21 15.48 -37.67
C GLY C 891 32.49 14.13 -38.32
N PRO C 892 33.10 14.10 -39.51
CA PRO C 892 33.45 12.93 -40.28
C PRO C 892 34.63 12.23 -39.62
N ALA C 893 34.78 10.94 -39.85
CA ALA C 893 35.92 10.23 -39.31
C ALA C 893 37.14 10.47 -40.18
N LEU C 894 38.18 10.99 -39.56
CA LEU C 894 39.43 11.29 -40.25
C LEU C 894 40.51 10.32 -39.80
N GLN C 895 41.04 9.53 -40.71
CA GLN C 895 42.02 8.54 -40.29
C GLN C 895 43.28 9.21 -39.75
N ILE C 896 43.89 8.56 -38.77
CA ILE C 896 45.18 8.97 -38.23
C ILE C 896 45.92 7.71 -37.77
N PRO C 897 47.23 7.59 -37.97
CA PRO C 897 48.03 6.48 -37.45
C PRO C 897 47.83 6.38 -35.97
N PHE C 898 47.71 5.17 -35.45
CA PHE C 898 47.43 5.08 -34.02
C PHE C 898 48.51 5.76 -33.16
N PRO C 899 49.83 5.56 -33.38
CA PRO C 899 50.90 6.21 -32.65
C PRO C 899 50.75 7.73 -32.65
N MET C 900 50.22 8.30 -33.73
CA MET C 900 50.01 9.73 -33.75
C MET C 900 48.83 10.13 -32.91
N GLN C 901 47.85 9.25 -32.81
CA GLN C 901 46.72 9.53 -31.94
C GLN C 901 47.23 9.62 -30.52
N MET C 902 48.15 8.70 -30.15
CA MET C 902 48.79 8.74 -28.84
C MET C 902 49.55 10.03 -28.63
N ALA C 903 50.27 10.46 -29.64
CA ALA C 903 51.02 11.70 -29.52
C ALA C 903 50.10 12.86 -29.17
N TYR C 904 48.93 12.88 -29.77
CA TYR C 904 47.99 13.98 -29.51
C TYR C 904 47.42 13.86 -28.11
N ARG C 905 47.13 12.62 -27.70
CA ARG C 905 46.58 12.36 -26.38
C ARG C 905 47.60 12.64 -25.28
N PHE C 906 48.88 12.45 -25.58
CA PHE C 906 49.92 12.79 -24.62
C PHE C 906 50.02 14.31 -24.48
N ASN C 907 49.93 15.04 -25.59
CA ASN C 907 49.98 16.49 -25.50
C ASN C 907 48.82 16.99 -24.65
N GLY C 908 47.70 16.30 -24.75
CA GLY C 908 46.48 16.62 -24.01
C GLY C 908 46.61 16.51 -22.50
N ILE C 909 47.67 15.85 -22.02
CA ILE C 909 47.88 15.70 -20.59
C ILE C 909 49.13 16.43 -20.13
N GLY C 910 49.69 17.27 -20.99
CA GLY C 910 50.88 18.03 -20.63
C GLY C 910 52.18 17.27 -20.80
N VAL C 911 52.20 16.26 -21.66
CA VAL C 911 53.40 15.50 -21.92
C VAL C 911 53.73 15.63 -23.39
N THR C 912 54.93 16.05 -23.73
CA THR C 912 55.20 16.30 -25.14
C THR C 912 55.18 15.01 -25.96
N GLN C 913 54.94 15.17 -27.25
CA GLN C 913 54.79 14.04 -28.17
C GLN C 913 56.05 13.24 -28.36
N ASN C 914 57.20 13.86 -28.17
CA ASN C 914 58.43 13.12 -28.34
C ASN C 914 58.58 12.05 -27.28
N VAL C 915 57.86 12.19 -26.17
CA VAL C 915 57.92 11.19 -25.12
C VAL C 915 57.25 9.93 -25.63
N LEU C 916 56.12 10.11 -26.32
CA LEU C 916 55.39 8.98 -26.87
C LEU C 916 56.21 8.27 -27.93
N TYR C 917 56.89 9.03 -28.76
CA TYR C 917 57.61 8.39 -29.85
C TYR C 917 58.88 7.71 -29.38
N GLU C 918 59.64 8.34 -28.50
CA GLU C 918 60.87 7.73 -28.04
C GLU C 918 60.59 6.48 -27.22
N ASN C 919 59.48 6.49 -26.49
CA ASN C 919 59.10 5.36 -25.65
C ASN C 919 57.97 4.56 -26.28
N GLN C 920 57.77 4.67 -27.58
CA GLN C 920 56.63 3.99 -28.19
C GLN C 920 56.58 2.51 -27.91
N LYS C 921 57.73 1.82 -27.94
CA LYS C 921 57.69 0.38 -27.69
C LYS C 921 57.31 0.09 -26.25
N LEU C 922 57.86 0.87 -25.32
CA LEU C 922 57.54 0.70 -23.92
C LEU C 922 56.07 0.96 -23.65
N ILE C 923 55.55 2.01 -24.24
CA ILE C 923 54.18 2.41 -24.02
C ILE C 923 53.25 1.36 -24.57
N ALA C 924 53.52 0.86 -25.77
CA ALA C 924 52.71 -0.19 -26.35
C ALA C 924 52.74 -1.43 -25.49
N ASN C 925 53.90 -1.76 -24.91
CA ASN C 925 54.01 -2.94 -24.07
C ASN C 925 53.26 -2.78 -22.76
N GLN C 926 53.33 -1.59 -22.16
CA GLN C 926 52.61 -1.35 -20.92
C GLN C 926 51.11 -1.41 -21.18
N PHE C 927 50.70 -0.87 -22.32
CA PHE C 927 49.30 -0.88 -22.72
C PHE C 927 48.81 -2.30 -22.89
N ASN C 928 49.57 -3.10 -23.65
CA ASN C 928 49.17 -4.46 -23.96
C ASN C 928 49.08 -5.30 -22.70
N SER C 929 50.01 -5.05 -21.76
CA SER C 929 50.01 -5.79 -20.53
C SER C 929 48.80 -5.43 -19.69
N ALA C 930 48.46 -4.14 -19.66
CA ALA C 930 47.30 -3.68 -18.89
C ALA C 930 45.98 -4.25 -19.43
N ILE C 931 45.85 -4.32 -20.75
CA ILE C 931 44.63 -4.87 -21.34
C ILE C 931 44.53 -6.35 -21.03
N GLY C 932 45.65 -7.06 -21.10
CA GLY C 932 45.65 -8.46 -20.74
C GLY C 932 45.25 -8.62 -19.27
N LYS C 933 45.91 -7.86 -18.41
CA LYS C 933 45.73 -7.93 -16.96
C LYS C 933 44.28 -7.72 -16.51
N ILE C 934 43.58 -6.78 -17.12
CA ILE C 934 42.21 -6.52 -16.68
C ILE C 934 41.28 -7.70 -16.96
N GLN C 935 41.71 -8.66 -17.77
CA GLN C 935 40.87 -9.83 -18.00
C GLN C 935 40.93 -10.76 -16.81
N ASP C 936 42.04 -10.76 -16.11
CA ASP C 936 42.19 -11.62 -14.96
C ASP C 936 41.55 -10.92 -13.77
N SER C 937 41.61 -9.60 -13.77
CA SER C 937 41.00 -8.84 -12.69
C SER C 937 39.49 -9.08 -12.69
N LEU C 938 38.89 -9.17 -13.88
CA LEU C 938 37.47 -9.48 -13.97
C LEU C 938 37.21 -10.97 -13.77
N SER C 939 37.93 -11.81 -14.51
CA SER C 939 37.68 -13.25 -14.51
C SER C 939 37.85 -13.91 -13.16
N SER C 940 38.87 -13.51 -12.41
CA SER C 940 39.20 -14.14 -11.14
C SER C 940 38.49 -13.52 -9.95
N THR C 941 37.67 -12.50 -10.18
CA THR C 941 36.98 -11.84 -9.08
C THR C 941 35.47 -11.89 -9.26
N PRO C 942 34.78 -12.86 -8.65
CA PRO C 942 33.35 -13.11 -8.80
C PRO C 942 32.54 -12.14 -7.97
N SER C 943 32.75 -10.86 -8.23
CA SER C 943 32.09 -9.76 -7.54
C SER C 943 32.37 -8.50 -8.35
N ALA C 944 33.25 -8.65 -9.34
CA ALA C 944 33.71 -7.55 -10.18
C ALA C 944 32.56 -6.89 -10.91
N LEU C 945 31.55 -7.66 -11.29
CA LEU C 945 30.41 -7.12 -12.01
C LEU C 945 29.20 -7.03 -11.11
N GLY C 946 29.44 -6.91 -9.79
CA GLY C 946 28.37 -6.82 -8.83
C GLY C 946 27.41 -5.68 -9.15
N LYS C 947 27.92 -4.59 -9.67
CA LYS C 947 27.06 -3.47 -10.01
C LYS C 947 25.95 -3.85 -10.99
N LEU C 948 26.21 -4.80 -11.90
CA LEU C 948 25.18 -5.18 -12.84
C LEU C 948 24.33 -6.31 -12.25
N GLN C 949 24.97 -7.17 -11.48
CA GLN C 949 24.26 -8.30 -10.87
C GLN C 949 23.26 -7.80 -9.84
N ASP C 950 23.59 -6.72 -9.14
CA ASP C 950 22.72 -6.14 -8.13
C ASP C 950 21.41 -5.68 -8.74
N VAL C 951 21.47 -5.16 -9.96
CA VAL C 951 20.27 -4.68 -10.63
C VAL C 951 19.39 -5.86 -10.96
N VAL C 952 20.02 -6.90 -11.46
CA VAL C 952 19.32 -8.13 -11.81
C VAL C 952 18.68 -8.74 -10.57
N ASN C 953 19.42 -8.77 -9.47
CA ASN C 953 18.92 -9.35 -8.24
C ASN C 953 17.78 -8.56 -7.64
N GLN C 954 17.87 -7.24 -7.68
CA GLN C 954 16.81 -6.40 -7.12
C GLN C 954 15.52 -6.57 -7.88
N ASN C 955 15.62 -6.68 -9.21
CA ASN C 955 14.43 -6.83 -10.00
C ASN C 955 13.84 -8.22 -9.86
N ALA C 956 14.70 -9.22 -9.75
CA ALA C 956 14.24 -10.59 -9.57
C ALA C 956 13.52 -10.73 -8.24
N GLN C 957 14.04 -10.08 -7.20
CA GLN C 957 13.41 -10.13 -5.90
C GLN C 957 12.08 -9.44 -5.92
N ALA C 958 11.99 -8.32 -6.62
CA ALA C 958 10.74 -7.58 -6.69
C ALA C 958 9.64 -8.42 -7.31
N LEU C 959 9.98 -9.15 -8.38
CA LEU C 959 8.99 -10.03 -9.01
C LEU C 959 8.66 -11.23 -8.15
N ASN C 960 9.64 -11.80 -7.48
CA ASN C 960 9.36 -12.96 -6.65
C ASN C 960 8.50 -12.56 -5.48
N THR C 961 8.75 -11.37 -4.94
CA THR C 961 7.96 -10.87 -3.84
C THR C 961 6.54 -10.65 -4.32
N LEU C 962 6.39 -10.07 -5.51
CA LEU C 962 5.08 -9.78 -6.05
C LEU C 962 4.27 -11.06 -6.25
N VAL C 963 4.88 -12.07 -6.84
CA VAL C 963 4.17 -13.32 -7.07
C VAL C 963 3.70 -13.95 -5.78
N LYS C 964 4.55 -13.95 -4.78
CA LYS C 964 4.23 -14.61 -3.54
C LYS C 964 3.27 -13.84 -2.65
N GLN C 965 2.77 -12.68 -3.10
CA GLN C 965 1.76 -12.00 -2.31
C GLN C 965 0.39 -12.52 -2.72
N LEU C 966 0.35 -13.31 -3.78
CA LEU C 966 -0.91 -13.87 -4.24
C LEU C 966 -1.34 -14.98 -3.32
N SER C 967 -0.39 -15.45 -2.51
CA SER C 967 -0.62 -16.51 -1.55
C SER C 967 -1.09 -15.96 -0.21
N SER C 968 -1.13 -14.64 -0.06
CA SER C 968 -1.53 -14.02 1.18
C SER C 968 -3.04 -13.86 1.23
N ASN C 969 -3.59 -13.90 2.44
CA ASN C 969 -5.03 -13.75 2.61
C ASN C 969 -5.45 -12.31 2.77
N PHE C 970 -4.59 -11.48 3.36
CA PHE C 970 -4.92 -10.09 3.63
C PHE C 970 -6.19 -9.93 4.45
N GLY C 971 -6.46 -10.91 5.31
CA GLY C 971 -7.63 -10.89 6.17
C GLY C 971 -8.81 -11.67 5.59
N ALA C 972 -8.67 -12.09 4.33
CA ALA C 972 -9.70 -12.86 3.66
C ALA C 972 -9.74 -14.28 4.19
N ILE C 973 -10.86 -14.96 3.95
CA ILE C 973 -11.06 -16.34 4.33
C ILE C 973 -10.05 -17.28 3.66
N SER C 974 -9.57 -16.90 2.48
CA SER C 974 -8.57 -17.67 1.76
C SER C 974 -7.86 -16.78 0.74
N SER C 975 -6.71 -17.25 0.26
CA SER C 975 -5.93 -16.55 -0.77
C SER C 975 -6.42 -16.81 -2.19
N VAL C 976 -7.29 -17.78 -2.35
CA VAL C 976 -7.74 -18.20 -3.67
C VAL C 976 -9.18 -17.79 -3.93
N LEU C 977 -9.42 -17.06 -5.00
CA LEU C 977 -10.75 -16.56 -5.30
C LEU C 977 -11.75 -17.69 -5.55
N ASN C 978 -11.29 -18.76 -6.17
CA ASN C 978 -12.19 -19.88 -6.45
C ASN C 978 -12.65 -20.55 -5.16
N ASP C 979 -11.82 -20.49 -4.13
CA ASP C 979 -12.15 -21.12 -2.86
C ASP C 979 -13.05 -20.22 -2.03
N ILE C 980 -13.29 -19.00 -2.50
CA ILE C 980 -14.18 -18.10 -1.80
C ILE C 980 -15.55 -18.28 -2.41
N LEU C 981 -15.58 -18.28 -3.72
CA LEU C 981 -16.82 -18.40 -4.47
C LEU C 981 -17.48 -19.75 -4.23
N SER C 982 -16.67 -20.79 -4.05
CA SER C 982 -17.20 -22.13 -3.81
C SER C 982 -17.60 -22.37 -2.35
N ARG C 983 -17.28 -21.44 -1.45
CA ARG C 983 -17.58 -21.63 -0.03
C ARG C 983 -18.65 -20.69 0.49
N LEU C 984 -18.66 -19.45 0.02
CA LEU C 984 -19.58 -18.46 0.53
C LEU C 984 -20.63 -18.02 -0.48
N ASP C 985 -21.82 -17.72 0.01
CA ASP C 985 -22.87 -17.16 -0.82
C ASP C 985 -22.40 -15.80 -1.33
N PRO C 986 -22.80 -15.38 -2.54
CA PRO C 986 -22.39 -14.14 -3.19
C PRO C 986 -22.24 -12.91 -2.28
N PRO C 987 -23.22 -12.48 -1.46
CA PRO C 987 -23.12 -11.28 -0.63
C PRO C 987 -21.98 -11.34 0.37
N GLU C 988 -21.52 -12.54 0.71
CA GLU C 988 -20.41 -12.69 1.65
C GLU C 988 -19.13 -12.96 0.89
N ALA C 989 -19.25 -13.62 -0.25
CA ALA C 989 -18.10 -13.92 -1.09
C ALA C 989 -17.50 -12.62 -1.59
N GLU C 990 -18.35 -11.65 -1.90
CA GLU C 990 -17.91 -10.36 -2.39
C GLU C 990 -17.08 -9.62 -1.35
N VAL C 991 -17.41 -9.79 -0.09
CA VAL C 991 -16.67 -9.13 0.97
C VAL C 991 -15.27 -9.71 1.07
N GLN C 992 -15.17 -11.03 1.02
CA GLN C 992 -13.87 -11.67 1.10
C GLN C 992 -13.04 -11.34 -0.14
N ILE C 993 -13.70 -11.22 -1.29
CA ILE C 993 -13.01 -10.86 -2.50
C ILE C 993 -12.49 -9.43 -2.40
N ASP C 994 -13.30 -8.50 -1.88
CA ASP C 994 -12.80 -7.13 -1.71
C ASP C 994 -11.55 -7.11 -0.86
N ARG C 995 -11.45 -7.97 0.16
CA ARG C 995 -10.26 -7.99 1.00
C ARG C 995 -9.05 -8.41 0.17
N LEU C 996 -9.22 -9.40 -0.72
CA LEU C 996 -8.12 -9.80 -1.58
C LEU C 996 -7.79 -8.75 -2.63
N ILE C 997 -8.81 -8.06 -3.16
CA ILE C 997 -8.53 -7.05 -4.16
C ILE C 997 -7.74 -5.91 -3.54
N THR C 998 -8.13 -5.46 -2.36
CA THR C 998 -7.43 -4.37 -1.73
C THR C 998 -5.97 -4.77 -1.50
N GLY C 999 -5.76 -5.97 -0.98
CA GLY C 999 -4.43 -6.46 -0.69
C GLY C 999 -3.57 -6.61 -1.95
N ARG C 1000 -4.12 -7.27 -2.96
CA ARG C 1000 -3.38 -7.50 -4.19
C ARG C 1000 -3.14 -6.22 -4.97
N LEU C 1001 -4.10 -5.30 -4.92
CA LEU C 1001 -3.94 -4.03 -5.60
C LEU C 1001 -2.86 -3.23 -4.89
N GLN C 1002 -2.85 -3.25 -3.57
CA GLN C 1002 -1.83 -2.57 -2.78
C GLN C 1002 -0.46 -3.18 -3.05
N SER C 1003 -0.41 -4.51 -3.18
CA SER C 1003 0.84 -5.21 -3.43
C SER C 1003 1.42 -4.82 -4.78
N LEU C 1004 0.57 -4.79 -5.78
CA LEU C 1004 0.95 -4.42 -7.12
C LEU C 1004 1.36 -2.97 -7.17
N GLN C 1005 0.63 -2.12 -6.50
CA GLN C 1005 0.93 -0.71 -6.48
C GLN C 1005 2.26 -0.44 -5.80
N THR C 1006 2.56 -1.22 -4.75
CA THR C 1006 3.85 -1.11 -4.07
C THR C 1006 4.97 -1.48 -5.02
N TYR C 1007 4.79 -2.58 -5.76
CA TYR C 1007 5.76 -3.02 -6.76
C TYR C 1007 6.04 -1.93 -7.76
N VAL C 1008 4.99 -1.35 -8.31
CA VAL C 1008 5.16 -0.33 -9.33
C VAL C 1008 5.89 0.88 -8.77
N THR C 1009 5.53 1.33 -7.58
CA THR C 1009 6.20 2.49 -7.00
C THR C 1009 7.70 2.24 -6.88
N GLN C 1010 8.07 1.05 -6.41
CA GLN C 1010 9.49 0.74 -6.26
C GLN C 1010 10.19 0.68 -7.61
N GLN C 1011 9.48 0.23 -8.64
CA GLN C 1011 10.05 0.18 -9.98
C GLN C 1011 10.31 1.56 -10.53
N LEU C 1012 9.48 2.54 -10.17
CA LEU C 1012 9.69 3.88 -10.69
C LEU C 1012 10.86 4.54 -10.00
N ILE C 1013 10.99 4.31 -8.71
CA ILE C 1013 12.10 4.87 -7.97
C ILE C 1013 13.39 4.24 -8.47
N ARG C 1014 13.38 2.93 -8.62
CA ARG C 1014 14.53 2.20 -9.10
C ARG C 1014 14.86 2.59 -10.54
N ALA C 1015 13.83 2.80 -11.36
CA ALA C 1015 14.05 3.20 -12.74
C ALA C 1015 14.74 4.54 -12.80
N ALA C 1016 14.39 5.45 -11.90
CA ALA C 1016 15.02 6.76 -11.85
C ALA C 1016 16.51 6.61 -11.54
N GLU C 1017 16.85 5.65 -10.69
CA GLU C 1017 18.24 5.42 -10.34
C GLU C 1017 19.04 4.89 -11.53
N ILE C 1018 18.44 3.94 -12.25
CA ILE C 1018 19.08 3.37 -13.43
C ILE C 1018 19.19 4.42 -14.52
N ARG C 1019 18.14 5.23 -14.67
CA ARG C 1019 18.15 6.30 -15.65
C ARG C 1019 19.30 7.25 -15.39
N ALA C 1020 19.48 7.64 -14.13
CA ALA C 1020 20.59 8.52 -13.78
C ALA C 1020 21.93 7.88 -14.11
N SER C 1021 22.05 6.60 -13.84
CA SER C 1021 23.28 5.89 -14.14
C SER C 1021 23.51 5.85 -15.65
N ALA C 1022 22.45 5.58 -16.41
CA ALA C 1022 22.52 5.54 -17.86
C ALA C 1022 22.93 6.89 -18.42
N ASN C 1023 22.46 7.97 -17.79
CA ASN C 1023 22.83 9.30 -18.25
C ASN C 1023 24.30 9.55 -18.00
N LEU C 1024 24.81 9.02 -16.90
CA LEU C 1024 26.23 9.12 -16.59
C LEU C 1024 27.03 8.33 -17.60
N ALA C 1025 26.56 7.13 -17.92
CA ALA C 1025 27.22 6.27 -18.88
C ALA C 1025 27.25 6.93 -20.25
N ALA C 1026 26.16 7.58 -20.63
CA ALA C 1026 26.10 8.26 -21.91
C ALA C 1026 27.06 9.43 -21.95
N THR C 1027 27.18 10.13 -20.82
CA THR C 1027 28.10 11.25 -20.70
C THR C 1027 29.53 10.75 -20.86
N LYS C 1028 29.85 9.65 -20.20
CA LYS C 1028 31.17 9.06 -20.27
C LYS C 1028 31.46 8.55 -21.67
N MET C 1029 30.47 7.99 -22.33
CA MET C 1029 30.73 7.54 -23.67
C MET C 1029 31.20 8.73 -24.51
N SER C 1030 30.49 9.84 -24.42
CA SER C 1030 30.89 11.01 -25.19
C SER C 1030 32.20 11.65 -24.74
N GLU C 1031 32.40 11.77 -23.45
CA GLU C 1031 33.59 12.49 -22.97
C GLU C 1031 34.85 11.65 -22.78
N CYS C 1032 34.71 10.32 -22.55
CA CYS C 1032 35.81 9.41 -22.30
C CYS C 1032 36.17 8.63 -23.56
N VAL C 1033 35.16 8.26 -24.36
CA VAL C 1033 35.40 7.46 -25.55
C VAL C 1033 35.50 8.29 -26.82
N LEU C 1034 34.58 9.24 -27.00
CA LEU C 1034 34.56 10.05 -28.21
C LEU C 1034 35.44 11.29 -28.08
N GLY C 1035 36.20 11.37 -27.01
CA GLY C 1035 37.07 12.50 -26.75
C GLY C 1035 38.13 12.17 -25.73
N GLN C 1036 38.73 13.20 -25.17
CA GLN C 1036 39.73 13.09 -24.13
C GLN C 1036 39.31 14.03 -23.02
N SER C 1037 39.18 13.50 -21.81
CA SER C 1037 38.65 14.31 -20.73
C SER C 1037 39.72 15.01 -19.93
N LYS C 1038 39.40 16.20 -19.45
CA LYS C 1038 40.25 16.96 -18.56
C LYS C 1038 39.64 17.01 -17.17
N ARG C 1039 38.61 16.21 -16.97
CA ARG C 1039 37.91 16.14 -15.70
C ARG C 1039 38.54 15.05 -14.84
N VAL C 1040 39.05 15.46 -13.68
CA VAL C 1040 39.77 14.55 -12.80
C VAL C 1040 38.86 13.47 -12.24
N ASP C 1041 39.33 12.23 -12.32
CA ASP C 1041 38.63 11.04 -11.86
C ASP C 1041 37.34 10.77 -12.62
N PHE C 1042 37.08 11.53 -13.69
CA PHE C 1042 35.88 11.27 -14.45
C PHE C 1042 36.02 10.03 -15.34
N CYS C 1043 37.19 9.85 -15.95
CA CYS C 1043 37.50 8.77 -16.86
C CYS C 1043 38.65 7.94 -16.26
N GLY C 1044 38.51 7.60 -14.99
CA GLY C 1044 39.51 6.80 -14.31
C GLY C 1044 40.53 7.65 -13.57
N LYS C 1045 41.36 6.99 -12.77
CA LYS C 1045 42.41 7.66 -12.00
C LYS C 1045 43.67 7.83 -12.83
N GLY C 1046 44.25 9.01 -12.77
CA GLY C 1046 45.44 9.32 -13.55
C GLY C 1046 45.08 10.32 -14.61
N TYR C 1047 45.97 10.56 -15.55
CA TYR C 1047 45.70 11.53 -16.58
C TYR C 1047 45.09 10.82 -17.77
N HIS C 1048 43.83 11.10 -18.04
CA HIS C 1048 43.12 10.35 -19.06
C HIS C 1048 43.72 10.49 -20.44
N LEU C 1049 43.91 9.35 -21.11
CA LEU C 1049 44.37 9.34 -22.48
C LEU C 1049 43.22 8.99 -23.39
N MET C 1050 42.58 7.86 -23.14
CA MET C 1050 41.47 7.40 -23.98
C MET C 1050 40.68 6.31 -23.29
N SER C 1051 39.53 5.97 -23.84
CA SER C 1051 38.75 4.87 -23.29
C SER C 1051 38.14 4.01 -24.36
N PHE C 1052 37.84 2.77 -23.99
CA PHE C 1052 37.17 1.85 -24.89
C PHE C 1052 35.95 1.23 -24.20
N PRO C 1053 34.76 1.32 -24.76
CA PRO C 1053 33.54 0.74 -24.25
C PRO C 1053 33.54 -0.75 -24.50
N GLN C 1054 32.86 -1.48 -23.65
CA GLN C 1054 32.61 -2.91 -23.83
C GLN C 1054 31.15 -3.18 -23.46
N SER C 1055 30.48 -4.02 -24.23
CA SER C 1055 29.10 -4.37 -23.93
C SER C 1055 29.02 -5.30 -22.73
N ALA C 1056 27.99 -5.13 -21.91
CA ALA C 1056 27.77 -6.03 -20.80
C ALA C 1056 26.27 -6.23 -20.63
N PRO C 1057 25.81 -7.31 -20.00
CA PRO C 1057 24.42 -7.55 -19.72
C PRO C 1057 23.83 -6.37 -18.98
N HIS C 1058 22.78 -5.79 -19.54
CA HIS C 1058 22.07 -4.67 -18.93
C HIS C 1058 22.97 -3.48 -18.59
N GLY C 1059 24.09 -3.33 -19.28
CA GLY C 1059 24.99 -2.24 -18.95
C GLY C 1059 26.19 -2.10 -19.86
N VAL C 1060 27.07 -1.19 -19.48
CA VAL C 1060 28.26 -0.88 -20.25
C VAL C 1060 29.48 -0.91 -19.36
N VAL C 1061 30.59 -1.36 -19.91
CA VAL C 1061 31.84 -1.36 -19.19
C VAL C 1061 32.86 -0.51 -19.90
N PHE C 1062 33.50 0.39 -19.19
CA PHE C 1062 34.50 1.24 -19.80
C PHE C 1062 35.89 0.88 -19.36
N LEU C 1063 36.77 0.70 -20.32
CA LEU C 1063 38.16 0.47 -20.03
C LEU C 1063 38.88 1.78 -20.20
N HIS C 1064 39.32 2.36 -19.10
CA HIS C 1064 39.91 3.68 -19.10
C HIS C 1064 41.40 3.59 -19.14
N VAL C 1065 42.01 4.20 -20.12
CA VAL C 1065 43.45 4.15 -20.28
C VAL C 1065 44.03 5.46 -19.79
N THR C 1066 44.84 5.40 -18.75
CA THR C 1066 45.38 6.59 -18.15
C THR C 1066 46.89 6.58 -18.04
N TYR C 1067 47.47 7.77 -18.04
CA TYR C 1067 48.88 8.00 -17.84
C TYR C 1067 49.14 8.27 -16.38
N VAL C 1068 50.00 7.49 -15.76
CA VAL C 1068 50.29 7.67 -14.36
C VAL C 1068 51.79 7.84 -14.12
N PRO C 1069 52.25 8.96 -13.55
CA PRO C 1069 53.62 9.21 -13.18
C PRO C 1069 54.11 8.08 -12.30
N ALA C 1070 55.34 7.60 -12.54
CA ALA C 1070 55.80 6.43 -11.79
C ALA C 1070 57.02 6.65 -10.92
N GLN C 1071 58.01 7.39 -11.40
CA GLN C 1071 59.28 7.47 -10.67
C GLN C 1071 59.80 8.86 -10.44
N GLU C 1072 59.23 9.57 -9.48
CA GLU C 1072 59.67 10.93 -9.22
C GLU C 1072 61.00 11.04 -8.52
N LYS C 1073 61.65 12.17 -8.72
CA LYS C 1073 62.91 12.51 -8.08
C LYS C 1073 62.86 13.94 -7.52
N ASN C 1074 63.61 14.21 -6.42
CA ASN C 1074 63.70 15.55 -5.85
C ASN C 1074 64.64 16.44 -6.67
N PHE C 1075 64.15 17.64 -7.05
CA PHE C 1075 64.94 18.66 -7.74
C PHE C 1075 64.80 19.98 -6.98
N THR C 1076 65.81 20.82 -7.07
CA THR C 1076 65.69 22.16 -6.50
C THR C 1076 65.03 23.02 -7.55
N THR C 1077 64.17 23.94 -7.13
CA THR C 1077 63.49 24.78 -8.10
C THR C 1077 63.57 26.27 -7.80
N ALA C 1078 63.16 27.06 -8.79
CA ALA C 1078 63.10 28.50 -8.70
C ALA C 1078 62.00 29.02 -9.62
N PRO C 1079 61.30 30.10 -9.25
CA PRO C 1079 60.25 30.73 -10.02
C PRO C 1079 60.78 31.47 -11.25
N ALA C 1080 62.03 31.86 -11.21
CA ALA C 1080 62.63 32.57 -12.33
C ALA C 1080 64.13 32.55 -12.24
N ILE C 1081 64.76 32.71 -13.39
CA ILE C 1081 66.20 32.95 -13.49
C ILE C 1081 66.51 34.43 -13.70
N CYS C 1082 67.52 34.93 -12.98
CA CYS C 1082 68.04 36.28 -13.10
C CYS C 1082 69.23 36.28 -14.06
N HIS C 1083 69.14 37.01 -15.14
CA HIS C 1083 70.23 36.98 -16.13
C HIS C 1083 70.96 38.32 -16.25
N ASP C 1084 70.40 39.25 -17.01
CA ASP C 1084 71.00 40.58 -17.19
C ASP C 1084 70.32 41.62 -16.33
N GLY C 1085 69.67 41.15 -15.27
CA GLY C 1085 68.87 41.99 -14.38
C GLY C 1085 67.42 41.75 -14.71
N LYS C 1086 67.22 41.05 -15.83
CA LYS C 1086 65.93 40.65 -16.34
C LYS C 1086 65.50 39.37 -15.66
N ALA C 1087 64.20 39.22 -15.45
CA ALA C 1087 63.66 38.00 -14.85
C ALA C 1087 63.07 37.11 -15.93
N HIS C 1088 63.63 35.91 -16.04
CA HIS C 1088 63.23 34.94 -17.03
C HIS C 1088 62.35 33.85 -16.44
N PHE C 1089 61.17 33.67 -16.99
CA PHE C 1089 60.22 32.68 -16.50
C PHE C 1089 60.13 31.58 -17.54
N PRO C 1090 59.80 30.33 -17.18
CA PRO C 1090 59.63 29.23 -18.10
C PRO C 1090 58.51 29.55 -19.06
N ARG C 1091 58.69 29.20 -20.32
CA ARG C 1091 57.65 29.44 -21.31
C ARG C 1091 56.52 28.43 -21.15
N GLU C 1092 56.88 27.17 -20.90
CA GLU C 1092 55.87 26.12 -20.75
C GLU C 1092 56.23 25.07 -19.70
N GLY C 1093 57.38 25.18 -19.07
CA GLY C 1093 57.84 24.16 -18.13
C GLY C 1093 58.14 24.72 -16.75
N VAL C 1094 59.05 24.06 -16.05
CA VAL C 1094 59.48 24.45 -14.71
C VAL C 1094 60.99 24.46 -14.61
N PHE C 1095 61.56 25.43 -13.89
CA PHE C 1095 63.01 25.45 -13.70
C PHE C 1095 63.41 24.52 -12.59
N VAL C 1096 64.40 23.69 -12.86
CA VAL C 1096 64.89 22.71 -11.92
C VAL C 1096 66.40 22.75 -11.81
N SER C 1097 66.93 22.19 -10.74
CA SER C 1097 68.36 22.05 -10.60
C SER C 1097 68.73 20.71 -10.00
N ASN C 1098 69.82 20.13 -10.52
CA ASN C 1098 70.37 18.87 -10.04
C ASN C 1098 71.47 19.07 -8.98
N GLY C 1099 71.64 20.31 -8.51
CA GLY C 1099 72.61 20.72 -7.50
C GLY C 1099 73.76 21.54 -8.08
N THR C 1100 74.03 21.42 -9.38
CA THR C 1100 75.09 22.22 -9.97
C THR C 1100 74.63 23.02 -11.18
N HIS C 1101 73.66 22.48 -11.91
CA HIS C 1101 73.18 23.15 -13.12
C HIS C 1101 71.68 23.31 -13.12
N TRP C 1102 71.24 24.39 -13.74
CA TRP C 1102 69.82 24.68 -13.92
C TRP C 1102 69.34 24.32 -15.30
N PHE C 1103 68.17 23.70 -15.34
CA PHE C 1103 67.52 23.25 -16.56
C PHE C 1103 66.06 23.62 -16.54
N VAL C 1104 65.45 23.63 -17.70
CA VAL C 1104 64.01 23.82 -17.77
C VAL C 1104 63.39 22.56 -18.32
N THR C 1105 62.33 22.09 -17.69
CA THR C 1105 61.73 20.86 -18.17
C THR C 1105 60.22 20.88 -18.14
N GLN C 1106 59.59 19.99 -18.90
CA GLN C 1106 58.15 19.87 -18.86
C GLN C 1106 57.70 19.35 -17.50
N ARG C 1107 56.60 19.88 -17.01
CA ARG C 1107 56.13 19.60 -15.66
C ARG C 1107 55.81 18.14 -15.35
N ASN C 1108 55.23 17.43 -16.30
CA ASN C 1108 54.78 16.06 -16.04
C ASN C 1108 55.75 14.96 -16.45
N PHE C 1109 56.96 15.32 -16.84
CA PHE C 1109 57.93 14.31 -17.25
C PHE C 1109 59.33 14.90 -17.26
N TYR C 1110 60.25 14.31 -16.51
CA TYR C 1110 61.57 14.88 -16.42
C TYR C 1110 62.37 14.66 -17.67
N GLU C 1111 62.67 15.75 -18.32
CA GLU C 1111 63.41 15.79 -19.56
C GLU C 1111 64.07 17.15 -19.66
N PRO C 1112 65.22 17.35 -19.01
CA PRO C 1112 65.87 18.62 -18.79
C PRO C 1112 66.42 19.20 -20.08
N GLN C 1113 66.26 20.50 -20.23
CA GLN C 1113 66.80 21.23 -21.36
C GLN C 1113 67.62 22.41 -20.88
N ILE C 1114 68.55 22.84 -21.70
CA ILE C 1114 69.31 24.03 -21.39
C ILE C 1114 68.37 25.21 -21.38
N ILE C 1115 68.54 26.10 -20.42
CA ILE C 1115 67.70 27.27 -20.37
C ILE C 1115 68.19 28.24 -21.41
N THR C 1116 67.32 28.55 -22.37
CA THR C 1116 67.64 29.41 -23.48
C THR C 1116 66.56 30.45 -23.58
N THR C 1117 66.75 31.44 -24.41
CA THR C 1117 65.75 32.49 -24.62
C THR C 1117 64.51 31.97 -25.31
N ASP C 1118 64.59 30.79 -25.91
CA ASP C 1118 63.45 30.20 -26.58
C ASP C 1118 62.58 29.38 -25.65
N ASN C 1119 63.10 29.10 -24.45
CA ASN C 1119 62.39 28.27 -23.48
C ASN C 1119 61.82 29.10 -22.36
N THR C 1120 62.09 30.41 -22.42
CA THR C 1120 61.70 31.35 -21.38
C THR C 1120 61.13 32.63 -21.96
N PHE C 1121 60.55 33.44 -21.10
CA PHE C 1121 60.13 34.78 -21.50
C PHE C 1121 60.53 35.75 -20.42
N VAL C 1122 60.66 37.02 -20.79
CA VAL C 1122 61.11 38.01 -19.83
C VAL C 1122 60.00 38.96 -19.39
N SER C 1123 59.93 39.17 -18.09
CA SER C 1123 58.99 40.14 -17.55
C SER C 1123 59.46 40.70 -16.22
N GLY C 1124 59.41 42.01 -16.07
CA GLY C 1124 59.80 42.63 -14.82
C GLY C 1124 61.31 42.55 -14.65
N ASN C 1125 61.76 42.44 -13.40
CA ASN C 1125 63.18 42.41 -13.13
C ASN C 1125 63.48 41.57 -11.89
N CYS C 1126 64.77 41.41 -11.58
CA CYS C 1126 65.28 40.54 -10.52
C CYS C 1126 64.99 41.04 -9.11
N ASP C 1127 64.54 42.28 -8.98
CA ASP C 1127 64.28 42.83 -7.65
C ASP C 1127 62.81 42.65 -7.24
N VAL C 1128 62.03 42.02 -8.10
CA VAL C 1128 60.60 41.85 -7.82
C VAL C 1128 60.24 40.43 -7.42
N VAL C 1129 60.77 39.45 -8.13
CA VAL C 1129 60.42 38.05 -7.91
C VAL C 1129 61.08 37.51 -6.65
N ILE C 1130 60.28 36.88 -5.81
CA ILE C 1130 60.77 36.31 -4.56
C ILE C 1130 61.34 34.92 -4.81
N GLY C 1131 62.61 34.72 -4.46
CA GLY C 1131 63.24 33.41 -4.67
C GLY C 1131 63.89 33.25 -6.04
N ILE C 1132 64.13 34.35 -6.73
CA ILE C 1132 64.76 34.30 -8.04
C ILE C 1132 66.22 33.86 -7.88
N VAL C 1133 66.71 33.04 -8.81
CA VAL C 1133 68.09 32.57 -8.72
C VAL C 1133 68.89 33.07 -9.91
N ASN C 1134 70.19 33.33 -9.69
CA ASN C 1134 71.12 33.77 -10.75
C ASN C 1134 71.59 32.59 -11.59
N ASN C 1135 71.46 32.71 -12.92
CA ASN C 1135 71.88 31.67 -13.87
C ASN C 1135 72.22 32.32 -15.20
N THR C 1136 72.62 31.51 -16.16
CA THR C 1136 72.92 32.01 -17.48
C THR C 1136 71.88 31.54 -18.48
N VAL C 1137 71.26 32.48 -19.17
CA VAL C 1137 70.29 32.12 -20.19
C VAL C 1137 70.96 32.17 -21.55
N TYR C 1138 70.98 31.03 -22.22
CA TYR C 1138 71.64 30.89 -23.49
C TYR C 1138 70.90 31.56 -24.63
N ASP C 1139 71.64 32.25 -25.48
CA ASP C 1139 71.10 32.90 -26.66
C ASP C 1139 71.63 32.22 -27.92
N PRO C 1140 70.81 31.41 -28.62
CA PRO C 1140 71.16 30.63 -29.79
C PRO C 1140 71.73 31.43 -30.96
N LEU C 1141 71.50 32.74 -30.98
CA LEU C 1141 72.00 33.52 -32.10
C LEU C 1141 73.38 34.11 -31.85
N GLN C 1142 73.76 34.31 -30.60
CA GLN C 1142 75.04 34.94 -30.36
C GLN C 1142 76.22 34.11 -30.90
N PRO C 1143 76.25 32.77 -30.74
CA PRO C 1143 77.25 31.87 -31.27
C PRO C 1143 77.32 31.89 -32.79
N GLU C 1144 76.29 32.41 -33.46
CA GLU C 1144 76.31 32.44 -34.90
C GLU C 1144 76.84 33.79 -35.38
N LEU C 1145 76.33 34.87 -34.79
CA LEU C 1145 76.72 36.20 -35.23
C LEU C 1145 78.18 36.48 -34.88
N ASP C 1146 78.62 35.99 -33.73
CA ASP C 1146 80.00 36.20 -33.30
C ASP C 1146 80.99 35.11 -33.79
N SER C 1147 80.54 34.19 -34.66
CA SER C 1147 81.34 33.10 -35.22
C SER C 1147 80.61 32.52 -36.43
N ASP D 1 -70.15 -16.39 53.77
CA ASP D 1 -69.49 -17.34 54.67
C ASP D 1 -67.97 -17.12 54.75
N LYS D 2 -67.35 -16.76 53.60
CA LYS D 2 -65.90 -16.54 53.49
C LYS D 2 -65.41 -15.43 54.41
N GLU D 3 -66.24 -14.40 54.57
CA GLU D 3 -65.91 -13.27 55.43
C GLU D 3 -65.82 -13.73 56.89
N TRP D 4 -66.69 -14.66 57.28
CA TRP D 4 -66.67 -15.14 58.66
C TRP D 4 -65.48 -16.04 58.90
N ILE D 5 -65.08 -16.78 57.86
CA ILE D 5 -63.93 -17.66 57.99
C ILE D 5 -62.67 -16.85 58.20
N LEU D 6 -62.52 -15.78 57.41
CA LEU D 6 -61.35 -14.93 57.55
C LEU D 6 -61.33 -14.27 58.92
N GLN D 7 -62.50 -13.84 59.41
CA GLN D 7 -62.59 -13.23 60.71
C GLN D 7 -62.17 -14.20 61.80
N LYS D 8 -62.60 -15.46 61.70
CA LYS D 8 -62.23 -16.45 62.70
C LYS D 8 -60.73 -16.71 62.71
N ILE D 9 -60.11 -16.80 61.54
CA ILE D 9 -58.68 -17.08 61.48
C ILE D 9 -57.93 -15.92 62.13
N TYR D 10 -58.36 -14.69 61.83
CA TYR D 10 -57.81 -13.49 62.43
C TYR D 10 -57.96 -13.45 63.96
N GLU D 11 -59.15 -13.72 64.46
CA GLU D 11 -59.33 -13.70 65.91
C GLU D 11 -58.44 -14.72 66.59
N ILE D 12 -58.24 -15.86 65.92
CA ILE D 12 -57.35 -16.89 66.44
C ILE D 12 -55.91 -16.40 66.55
N MET D 13 -55.38 -15.75 65.50
CA MET D 13 -53.99 -15.34 65.61
C MET D 13 -53.85 -14.24 66.66
N ARG D 14 -54.88 -13.42 66.83
CA ARG D 14 -54.84 -12.35 67.81
C ARG D 14 -54.70 -12.94 69.21
N LEU D 15 -55.48 -13.98 69.49
CA LEU D 15 -55.41 -14.66 70.77
C LEU D 15 -54.06 -15.32 70.98
N LEU D 16 -53.49 -15.91 69.93
CA LEU D 16 -52.21 -16.58 70.06
C LEU D 16 -51.10 -15.61 70.48
N ASP D 17 -51.17 -14.35 70.01
CA ASP D 17 -50.20 -13.36 70.49
C ASP D 17 -50.43 -13.06 71.97
N GLU D 18 -51.70 -12.92 72.35
CA GLU D 18 -52.08 -12.61 73.73
C GLU D 18 -51.64 -13.71 74.70
N LEU D 19 -51.68 -14.95 74.25
CA LEU D 19 -51.32 -16.10 75.05
C LEU D 19 -49.81 -16.30 75.15
N GLY D 20 -49.02 -15.48 74.43
CA GLY D 20 -47.58 -15.61 74.46
C GLY D 20 -47.02 -16.69 73.54
N HIS D 21 -47.75 -17.03 72.48
CA HIS D 21 -47.31 -18.05 71.54
C HIS D 21 -47.18 -17.46 70.15
N ALA D 22 -46.12 -16.67 69.98
CA ALA D 22 -45.89 -15.95 68.75
C ALA D 22 -45.68 -16.88 67.57
N GLU D 23 -45.05 -18.03 67.82
CA GLU D 23 -44.81 -18.97 66.73
C GLU D 23 -46.14 -19.48 66.19
N ALA D 24 -47.07 -19.77 67.09
CA ALA D 24 -48.37 -20.26 66.67
C ALA D 24 -49.10 -19.18 65.89
N SER D 25 -48.98 -17.93 66.32
CA SER D 25 -49.61 -16.82 65.61
C SER D 25 -49.03 -16.68 64.21
N MET D 26 -47.71 -16.78 64.09
CA MET D 26 -47.02 -16.69 62.81
C MET D 26 -47.48 -17.81 61.86
N ARG D 27 -47.68 -19.01 62.40
CA ARG D 27 -48.18 -20.11 61.58
C ARG D 27 -49.57 -19.75 61.03
N VAL D 28 -50.42 -19.19 61.89
CA VAL D 28 -51.76 -18.78 61.49
C VAL D 28 -51.71 -17.63 60.49
N SER D 29 -50.79 -16.70 60.68
CA SER D 29 -50.61 -15.59 59.75
C SER D 29 -50.48 -16.11 58.33
N ASP D 30 -49.74 -17.19 58.17
CA ASP D 30 -49.53 -17.77 56.85
C ASP D 30 -50.84 -18.35 56.31
N LEU D 31 -51.69 -18.88 57.20
CA LEU D 31 -52.99 -19.41 56.79
C LEU D 31 -53.85 -18.28 56.26
N ILE D 32 -53.72 -17.09 56.86
CA ILE D 32 -54.48 -15.94 56.39
C ILE D 32 -54.05 -15.51 55.00
N TYR D 33 -52.74 -15.40 54.81
CA TYR D 33 -52.25 -14.99 53.49
C TYR D 33 -52.77 -15.91 52.40
N GLU D 34 -52.64 -17.22 52.62
CA GLU D 34 -53.10 -18.19 51.65
C GLU D 34 -54.62 -18.20 51.48
N PHE D 35 -55.35 -18.14 52.60
CA PHE D 35 -56.81 -18.18 52.55
C PHE D 35 -57.38 -17.06 51.72
N MET D 36 -56.86 -15.85 51.90
CA MET D 36 -57.39 -14.68 51.21
C MET D 36 -57.25 -14.76 49.69
N LYS D 37 -56.44 -15.71 49.19
CA LYS D 37 -56.25 -15.87 47.75
C LYS D 37 -56.82 -17.19 47.21
N LYS D 38 -57.50 -17.96 48.08
CA LYS D 38 -58.01 -19.26 47.68
C LYS D 38 -59.43 -19.55 48.17
N GLY D 39 -60.05 -20.59 47.61
CA GLY D 39 -61.37 -21.05 48.03
C GLY D 39 -61.27 -22.22 49.00
N ASP D 40 -60.06 -22.48 49.49
CA ASP D 40 -59.81 -23.61 50.37
C ASP D 40 -60.11 -23.25 51.84
N GLU D 41 -61.20 -23.79 52.35
CA GLU D 41 -61.70 -23.44 53.67
C GLU D 41 -61.13 -24.33 54.78
N ARG D 42 -60.23 -25.26 54.41
CA ARG D 42 -59.65 -26.16 55.40
C ARG D 42 -58.61 -25.44 56.23
N LEU D 43 -58.30 -24.22 55.81
CA LEU D 43 -57.33 -23.39 56.49
C LEU D 43 -57.90 -22.90 57.81
N LEU D 44 -59.24 -22.91 57.91
CA LEU D 44 -59.88 -22.56 59.17
C LEU D 44 -59.66 -23.66 60.17
N GLU D 45 -59.78 -24.89 59.70
CA GLU D 45 -59.64 -26.05 60.56
C GLU D 45 -58.23 -26.09 61.11
N GLU D 46 -57.25 -25.69 60.28
CA GLU D 46 -55.87 -25.62 60.73
C GLU D 46 -55.69 -24.51 61.77
N ALA D 47 -56.31 -23.34 61.55
CA ALA D 47 -56.15 -22.27 62.53
C ALA D 47 -56.71 -22.71 63.88
N GLU D 48 -57.86 -23.40 63.85
CA GLU D 48 -58.49 -23.88 65.07
C GLU D 48 -57.67 -24.98 65.74
N ARG D 49 -57.13 -25.90 64.94
CA ARG D 49 -56.32 -26.99 65.46
C ARG D 49 -55.09 -26.46 66.18
N LEU D 50 -54.44 -25.47 65.57
CA LEU D 50 -53.24 -24.88 66.14
C LEU D 50 -53.56 -24.21 67.46
N LEU D 51 -54.71 -23.56 67.56
CA LEU D 51 -55.10 -22.94 68.80
C LEU D 51 -55.35 -23.99 69.87
N GLU D 52 -56.00 -25.10 69.50
CA GLU D 52 -56.27 -26.17 70.47
C GLU D 52 -54.98 -26.75 71.03
N GLU D 53 -53.95 -26.89 70.18
CA GLU D 53 -52.67 -27.40 70.67
C GLU D 53 -52.06 -26.43 71.69
N VAL D 54 -52.20 -25.14 71.44
CA VAL D 54 -51.70 -24.11 72.36
C VAL D 54 -52.48 -24.04 73.68
N GLU D 55 -53.83 -24.08 73.61
CA GLU D 55 -54.71 -24.04 74.78
C GLU D 55 -54.81 -25.43 75.40
N ALA E 27 -32.62 -11.86 -47.28
CA ALA E 27 -31.79 -10.70 -47.59
C ALA E 27 -31.22 -10.11 -46.31
N TYR E 28 -30.00 -9.58 -46.39
CA TYR E 28 -29.28 -8.95 -45.28
C TYR E 28 -28.67 -7.65 -45.76
N THR E 29 -28.45 -6.72 -44.85
CA THR E 29 -27.73 -5.52 -45.26
C THR E 29 -26.70 -5.10 -44.22
N ASN E 30 -26.02 -4.00 -44.52
CA ASN E 30 -24.96 -3.46 -43.68
C ASN E 30 -25.50 -2.37 -42.76
N SER E 31 -25.53 -2.63 -41.46
CA SER E 31 -26.05 -1.65 -40.50
C SER E 31 -25.11 -0.49 -40.23
N PHE E 32 -23.88 -0.60 -40.70
CA PHE E 32 -22.86 0.40 -40.51
C PHE E 32 -22.72 0.83 -39.05
N THR E 33 -23.05 2.08 -38.77
CA THR E 33 -22.85 2.64 -37.43
C THR E 33 -24.15 2.98 -36.71
N ARG E 34 -25.27 2.45 -37.20
CA ARG E 34 -26.57 2.74 -36.61
C ARG E 34 -26.86 1.87 -35.39
N GLY E 35 -27.89 2.23 -34.61
CA GLY E 35 -28.29 1.43 -33.47
C GLY E 35 -27.73 1.92 -32.13
N VAL E 36 -27.16 3.12 -32.14
CA VAL E 36 -26.63 3.75 -30.94
C VAL E 36 -27.69 4.62 -30.31
N TYR E 37 -27.79 4.54 -29.00
CA TYR E 37 -28.76 5.31 -28.26
C TYR E 37 -28.11 5.95 -27.05
N TYR E 38 -28.75 6.99 -26.52
CA TYR E 38 -28.25 7.65 -25.33
C TYR E 38 -28.42 6.68 -24.16
N PRO E 39 -27.33 6.22 -23.52
CA PRO E 39 -27.34 5.18 -22.51
C PRO E 39 -28.10 5.57 -21.25
N ASP E 40 -28.21 6.87 -21.00
CA ASP E 40 -28.93 7.34 -19.83
C ASP E 40 -29.55 8.71 -20.11
N LYS E 41 -29.99 9.36 -19.06
CA LYS E 41 -30.71 10.61 -19.19
C LYS E 41 -29.91 11.79 -18.65
N VAL E 42 -28.58 11.65 -18.61
CA VAL E 42 -27.72 12.69 -18.08
C VAL E 42 -27.11 13.53 -19.20
N PHE E 43 -27.16 14.86 -19.05
CA PHE E 43 -26.57 15.71 -20.06
C PHE E 43 -25.04 15.73 -19.93
N ARG E 44 -24.38 15.52 -21.05
CA ARG E 44 -22.93 15.56 -21.13
C ARG E 44 -22.59 16.36 -22.34
N SER E 45 -21.43 17.00 -22.35
CA SER E 45 -21.01 17.71 -23.55
C SER E 45 -19.50 17.75 -23.64
N SER E 46 -19.01 17.87 -24.87
CA SER E 46 -17.58 17.99 -25.15
C SER E 46 -16.77 16.94 -24.40
N VAL E 47 -17.23 15.69 -24.48
CA VAL E 47 -16.60 14.61 -23.72
C VAL E 47 -16.73 13.26 -24.40
N LEU E 48 -15.73 12.41 -24.21
CA LEU E 48 -15.83 11.03 -24.67
C LEU E 48 -16.17 10.14 -23.50
N HIS E 49 -17.34 9.52 -23.56
CA HIS E 49 -17.85 8.71 -22.47
C HIS E 49 -17.87 7.23 -22.81
N SER E 50 -17.25 6.42 -21.96
CA SER E 50 -17.21 4.98 -22.18
C SER E 50 -18.32 4.29 -21.42
N THR E 51 -19.11 3.49 -22.13
CA THR E 51 -20.23 2.80 -21.50
C THR E 51 -20.47 1.42 -22.11
N GLN E 52 -21.03 0.51 -21.31
CA GLN E 52 -21.38 -0.80 -21.83
C GLN E 52 -22.87 -1.04 -21.68
N ASP E 53 -23.49 -1.54 -22.73
CA ASP E 53 -24.92 -1.78 -22.74
C ASP E 53 -25.29 -2.63 -23.92
N LEU E 54 -26.57 -2.93 -24.07
CA LEU E 54 -27.00 -3.69 -25.25
C LEU E 54 -27.18 -2.76 -26.44
N PHE E 55 -26.19 -2.74 -27.32
CA PHE E 55 -26.17 -1.86 -28.48
C PHE E 55 -26.10 -2.68 -29.75
N LEU E 56 -26.54 -2.13 -30.87
CA LEU E 56 -26.34 -2.86 -32.12
C LEU E 56 -24.84 -2.79 -32.46
N PRO E 57 -24.14 -3.91 -32.68
CA PRO E 57 -22.75 -3.95 -33.05
C PRO E 57 -22.54 -3.25 -34.38
N PHE E 58 -21.40 -2.59 -34.54
CA PHE E 58 -21.15 -1.92 -35.80
C PHE E 58 -20.93 -2.92 -36.90
N PHE E 59 -21.49 -2.60 -38.06
CA PHE E 59 -21.42 -3.40 -39.26
C PHE E 59 -22.07 -4.77 -39.07
N SER E 60 -23.02 -4.85 -38.15
CA SER E 60 -23.74 -6.12 -37.94
C SER E 60 -24.59 -6.52 -39.14
N ASN E 61 -24.90 -7.82 -39.25
CA ASN E 61 -25.70 -8.43 -40.33
C ASN E 61 -27.19 -8.39 -40.01
N VAL E 62 -27.80 -7.21 -40.07
CA VAL E 62 -29.23 -7.01 -39.86
C VAL E 62 -30.02 -7.59 -41.02
N THR E 63 -31.11 -8.23 -40.68
CA THR E 63 -31.93 -8.90 -41.68
C THR E 63 -32.86 -7.92 -42.34
N TRP E 64 -32.96 -7.99 -43.65
CA TRP E 64 -33.79 -7.09 -44.44
C TRP E 64 -35.08 -7.76 -44.90
N PHE E 65 -36.20 -7.27 -44.39
CA PHE E 65 -37.52 -7.79 -44.70
C PHE E 65 -38.24 -6.84 -45.66
N HIS E 66 -38.48 -7.30 -46.90
CA HIS E 66 -39.12 -6.51 -47.96
C HIS E 66 -40.53 -7.03 -48.21
N ASN E 81 -43.73 -9.12 -40.43
CA ASN E 81 -44.63 -10.18 -40.86
C ASN E 81 -44.39 -11.51 -40.09
N PRO E 82 -43.16 -12.14 -40.12
CA PRO E 82 -42.81 -13.36 -39.39
C PRO E 82 -42.58 -13.11 -37.92
N VAL E 83 -42.63 -14.19 -37.13
CA VAL E 83 -42.26 -14.08 -35.73
C VAL E 83 -40.75 -14.28 -35.62
N LEU E 84 -40.08 -13.32 -35.00
CA LEU E 84 -38.64 -13.32 -34.87
C LEU E 84 -38.24 -13.47 -33.40
N PRO E 85 -37.04 -13.97 -33.09
CA PRO E 85 -36.46 -14.00 -31.76
C PRO E 85 -36.31 -12.58 -31.24
N PHE E 86 -36.40 -12.42 -29.92
CA PHE E 86 -36.15 -11.12 -29.29
C PHE E 86 -34.79 -11.12 -28.62
N ASN E 87 -34.41 -12.26 -28.06
CA ASN E 87 -33.19 -12.42 -27.29
C ASN E 87 -33.13 -11.43 -26.12
N ASP E 88 -32.05 -10.63 -26.02
CA ASP E 88 -31.91 -9.70 -24.90
C ASP E 88 -32.52 -8.35 -25.23
N GLY E 89 -32.52 -8.04 -26.52
CA GLY E 89 -33.06 -6.80 -27.03
C GLY E 89 -32.92 -6.75 -28.53
N VAL E 90 -33.69 -5.86 -29.14
CA VAL E 90 -33.78 -5.77 -30.59
C VAL E 90 -33.62 -4.37 -31.16
N TYR E 91 -32.94 -4.30 -32.29
CA TYR E 91 -32.87 -3.09 -33.08
C TYR E 91 -33.85 -3.21 -34.22
N PHE E 92 -34.65 -2.20 -34.43
CA PHE E 92 -35.62 -2.24 -35.51
C PHE E 92 -35.57 -0.95 -36.29
N ALA E 93 -35.67 -1.04 -37.59
CA ALA E 93 -35.74 0.20 -38.36
C ALA E 93 -36.59 0.02 -39.59
N SER E 94 -37.23 1.09 -40.02
CA SER E 94 -38.01 1.02 -41.25
C SER E 94 -37.84 2.26 -42.09
N THR E 95 -37.98 2.07 -43.40
CA THR E 95 -37.90 3.15 -44.37
C THR E 95 -39.18 3.19 -45.18
N GLU E 96 -40.06 4.12 -44.83
CA GLU E 96 -41.40 4.15 -45.41
C GLU E 96 -41.82 5.50 -45.95
N LYS E 97 -42.65 5.46 -46.99
CA LYS E 97 -43.31 6.66 -47.50
C LYS E 97 -44.83 6.47 -47.39
N SER E 98 -45.25 5.38 -46.75
CA SER E 98 -46.66 5.03 -46.64
C SER E 98 -47.14 4.67 -45.23
N ASN E 99 -46.24 4.66 -44.24
CA ASN E 99 -46.61 4.35 -42.85
C ASN E 99 -47.37 3.02 -42.68
N ILE E 100 -46.88 1.96 -43.33
CA ILE E 100 -47.48 0.63 -43.25
C ILE E 100 -47.29 -0.05 -41.89
N ILE E 101 -46.08 0.03 -41.33
CA ILE E 101 -45.82 -0.62 -40.04
C ILE E 101 -46.50 0.16 -38.94
N ARG E 102 -47.28 -0.55 -38.14
CA ARG E 102 -48.04 0.07 -37.08
C ARG E 102 -47.59 -0.34 -35.69
N GLY E 103 -47.07 -1.54 -35.53
CA GLY E 103 -46.77 -1.95 -34.17
C GLY E 103 -46.06 -3.28 -34.03
N TRP E 104 -45.92 -3.70 -32.78
CA TRP E 104 -45.19 -4.92 -32.43
C TRP E 104 -45.86 -5.73 -31.32
N ILE E 105 -45.60 -7.03 -31.34
CA ILE E 105 -46.04 -7.93 -30.27
C ILE E 105 -44.82 -8.54 -29.59
N PHE E 106 -44.74 -8.49 -28.26
CA PHE E 106 -43.60 -9.09 -27.56
C PHE E 106 -44.05 -10.08 -26.47
N GLY E 107 -43.43 -11.25 -26.42
CA GLY E 107 -43.78 -12.22 -25.36
C GLY E 107 -43.08 -13.57 -25.52
N THR E 108 -43.46 -14.55 -24.70
CA THR E 108 -42.87 -15.89 -24.80
C THR E 108 -43.58 -16.67 -25.89
N THR E 109 -44.87 -16.39 -26.01
CA THR E 109 -45.75 -17.00 -26.98
C THR E 109 -46.63 -15.92 -27.57
N LEU E 110 -47.14 -16.17 -28.76
CA LEU E 110 -48.06 -15.25 -29.41
C LEU E 110 -49.35 -15.99 -29.71
N ASP E 111 -49.81 -16.74 -28.71
CA ASP E 111 -50.99 -17.61 -28.82
C ASP E 111 -51.69 -17.74 -27.47
N SER E 112 -52.21 -16.62 -26.94
CA SER E 112 -52.79 -16.61 -25.60
C SER E 112 -51.84 -17.27 -24.61
N LYS E 113 -52.40 -17.94 -23.60
CA LYS E 113 -51.64 -18.70 -22.59
C LYS E 113 -50.82 -17.83 -21.62
N THR E 114 -49.96 -16.99 -22.16
CA THR E 114 -49.09 -16.10 -21.39
C THR E 114 -49.30 -14.67 -21.83
N GLN E 115 -49.17 -13.72 -20.90
CA GLN E 115 -49.35 -12.30 -21.23
C GLN E 115 -48.37 -11.83 -22.29
N SER E 116 -48.87 -11.06 -23.25
CA SER E 116 -48.04 -10.50 -24.31
C SER E 116 -48.20 -8.99 -24.32
N LEU E 117 -47.14 -8.31 -24.71
CA LEU E 117 -47.13 -6.86 -24.84
C LEU E 117 -47.41 -6.43 -26.26
N LEU E 118 -48.50 -5.72 -26.43
CA LEU E 118 -48.96 -5.27 -27.73
C LEU E 118 -48.86 -3.75 -27.85
N ILE E 119 -48.03 -3.28 -28.76
CA ILE E 119 -47.83 -1.85 -28.97
C ILE E 119 -48.29 -1.44 -30.35
N VAL E 120 -49.42 -0.75 -30.45
CA VAL E 120 -49.96 -0.40 -31.77
C VAL E 120 -50.25 1.07 -32.01
N ASN E 121 -49.68 1.60 -33.08
CA ASN E 121 -49.92 2.96 -33.55
C ASN E 121 -51.08 2.93 -34.56
N ASN E 122 -52.24 3.50 -34.20
CA ASN E 122 -53.43 3.47 -35.06
C ASN E 122 -54.10 4.85 -35.17
N ALA E 123 -54.06 5.43 -36.39
CA ALA E 123 -54.66 6.71 -36.80
C ALA E 123 -54.09 7.93 -36.08
N THR E 124 -54.37 8.05 -34.79
CA THR E 124 -53.99 9.24 -34.04
C THR E 124 -53.09 8.99 -32.84
N ASN E 125 -53.04 7.76 -32.36
CA ASN E 125 -52.26 7.52 -31.15
C ASN E 125 -51.73 6.09 -31.04
N VAL E 126 -51.01 5.85 -29.94
CA VAL E 126 -50.44 4.55 -29.67
C VAL E 126 -51.10 3.90 -28.47
N VAL E 127 -51.58 2.70 -28.67
CA VAL E 127 -52.24 1.92 -27.63
C VAL E 127 -51.37 0.76 -27.16
N ILE E 128 -51.05 0.75 -25.88
CA ILE E 128 -50.22 -0.30 -25.31
C ILE E 128 -50.97 -1.14 -24.29
N LYS E 129 -51.02 -2.43 -24.51
CA LYS E 129 -51.68 -3.37 -23.62
C LYS E 129 -50.83 -4.58 -23.33
N VAL E 130 -51.02 -5.21 -22.18
CA VAL E 130 -50.31 -6.46 -21.88
C VAL E 130 -51.23 -7.65 -21.56
N CYS E 131 -52.34 -7.75 -22.30
CA CYS E 131 -53.36 -8.78 -22.09
C CYS E 131 -52.91 -10.14 -22.59
N GLU E 132 -53.52 -11.21 -22.08
CA GLU E 132 -53.25 -12.55 -22.61
C GLU E 132 -54.00 -12.71 -23.93
N PHE E 133 -53.49 -12.03 -24.94
CA PHE E 133 -54.11 -11.92 -26.24
C PHE E 133 -54.07 -13.18 -27.06
N GLN E 134 -55.16 -13.43 -27.76
CA GLN E 134 -55.18 -14.47 -28.75
C GLN E 134 -54.90 -13.81 -30.08
N PHE E 135 -53.80 -14.19 -30.69
CA PHE E 135 -53.40 -13.58 -31.95
C PHE E 135 -53.70 -14.49 -33.12
N CYS E 136 -53.84 -13.87 -34.29
CA CYS E 136 -54.03 -14.59 -35.52
C CYS E 136 -52.68 -15.10 -36.01
N ASN E 137 -52.70 -16.04 -36.95
CA ASN E 137 -51.46 -16.56 -37.52
C ASN E 137 -50.92 -15.62 -38.60
N ASP E 138 -51.68 -14.55 -38.83
CA ASP E 138 -51.34 -13.50 -39.77
C ASP E 138 -52.01 -12.21 -39.32
N PRO E 139 -51.56 -11.62 -38.20
CA PRO E 139 -52.10 -10.41 -37.58
C PRO E 139 -51.68 -9.19 -38.40
N PHE E 140 -52.49 -8.14 -38.35
CA PHE E 140 -52.23 -6.84 -39.00
C PHE E 140 -53.39 -5.89 -38.74
N ASN E 164 -59.65 -10.06 -21.04
CA ASN E 164 -59.65 -11.30 -20.27
C ASN E 164 -58.76 -11.17 -19.01
N ASN E 165 -57.44 -11.04 -19.21
CA ASN E 165 -56.42 -10.93 -18.19
C ASN E 165 -55.40 -9.86 -18.59
N CYS E 166 -55.56 -8.64 -18.07
CA CYS E 166 -54.77 -7.47 -18.43
C CYS E 166 -54.24 -6.84 -17.15
N THR E 167 -52.97 -6.45 -17.16
CA THR E 167 -52.36 -5.86 -15.97
C THR E 167 -51.90 -4.42 -16.18
N PHE E 168 -51.78 -4.03 -17.44
CA PHE E 168 -51.30 -2.70 -17.81
C PHE E 168 -51.99 -2.25 -19.08
N GLU E 169 -52.35 -0.98 -19.12
CA GLU E 169 -52.89 -0.34 -20.30
C GLU E 169 -52.51 1.12 -20.33
N TYR E 170 -52.07 1.58 -21.49
CA TYR E 170 -51.72 2.98 -21.69
C TYR E 170 -52.02 3.47 -23.09
N VAL E 171 -52.59 4.66 -23.20
CA VAL E 171 -52.81 5.24 -24.52
C VAL E 171 -52.18 6.63 -24.62
N SER E 172 -51.37 6.85 -25.68
CA SER E 172 -50.72 8.13 -25.96
C SER E 172 -51.74 9.11 -26.52
N ASN E 188 -39.08 8.26 -45.01
CA ASN E 188 -38.84 8.51 -43.60
C ASN E 188 -38.18 7.28 -42.95
N LEU E 189 -37.06 7.50 -42.23
CA LEU E 189 -36.37 6.45 -41.48
C LEU E 189 -36.70 6.52 -40.01
N ARG E 190 -37.25 5.45 -39.48
CA ARG E 190 -37.58 5.40 -38.07
C ARG E 190 -36.84 4.27 -37.40
N GLU E 191 -35.92 4.62 -36.51
CA GLU E 191 -35.13 3.63 -35.80
C GLU E 191 -35.68 3.43 -34.41
N PHE E 192 -35.71 2.19 -33.94
CA PHE E 192 -36.19 1.86 -32.61
C PHE E 192 -35.28 0.88 -31.91
N VAL E 193 -35.18 1.00 -30.60
CA VAL E 193 -34.47 0.03 -29.80
C VAL E 193 -35.36 -0.48 -28.67
N PHE E 194 -35.49 -1.80 -28.59
CA PHE E 194 -36.33 -2.43 -27.59
C PHE E 194 -35.50 -3.29 -26.65
N LYS E 195 -35.52 -2.97 -25.36
CA LYS E 195 -34.73 -3.76 -24.41
C LYS E 195 -35.56 -4.30 -23.26
N ASN E 196 -35.27 -5.49 -22.79
CA ASN E 196 -36.07 -6.01 -21.70
C ASN E 196 -35.23 -6.29 -20.47
N ILE E 197 -35.11 -5.26 -19.64
CA ILE E 197 -34.40 -5.31 -18.36
C ILE E 197 -35.34 -5.88 -17.31
N ASP E 198 -34.85 -6.25 -16.12
CA ASP E 198 -35.76 -6.81 -15.14
C ASP E 198 -36.79 -5.77 -14.77
N GLY E 199 -38.03 -6.11 -14.96
CA GLY E 199 -39.06 -5.17 -14.66
C GLY E 199 -39.46 -4.35 -15.86
N TYR E 200 -38.61 -3.44 -16.30
CA TYR E 200 -39.03 -2.58 -17.40
C TYR E 200 -38.70 -3.05 -18.80
N PHE E 201 -39.57 -2.65 -19.71
CA PHE E 201 -39.37 -2.75 -21.14
C PHE E 201 -39.07 -1.35 -21.66
N LYS E 202 -37.87 -1.17 -22.17
CA LYS E 202 -37.41 0.16 -22.56
C LYS E 202 -37.48 0.37 -24.06
N ILE E 203 -37.98 1.52 -24.47
CA ILE E 203 -38.04 1.87 -25.88
C ILE E 203 -37.33 3.18 -26.16
N TYR E 204 -36.46 3.16 -27.17
CA TYR E 204 -35.76 4.35 -27.67
C TYR E 204 -36.15 4.53 -29.13
N SER E 205 -36.13 5.76 -29.63
CA SER E 205 -36.45 5.96 -31.04
C SER E 205 -35.87 7.22 -31.64
N LYS E 206 -35.70 7.22 -32.97
CA LYS E 206 -35.26 8.39 -33.70
C LYS E 206 -35.86 8.45 -35.10
N HIS E 207 -36.38 9.63 -35.46
CA HIS E 207 -36.93 9.86 -36.78
C HIS E 207 -36.08 10.84 -37.57
N THR E 208 -35.55 10.38 -38.71
CA THR E 208 -34.75 11.22 -39.57
C THR E 208 -35.28 11.14 -41.00
N PRO E 209 -35.10 12.19 -41.80
CA PRO E 209 -35.41 12.24 -43.23
C PRO E 209 -34.41 11.42 -44.02
N ILE E 210 -34.87 10.87 -45.15
CA ILE E 210 -34.04 10.10 -46.10
C ILE E 210 -34.37 10.50 -47.53
N LEU E 216 -31.73 1.40 -45.68
CA LEU E 216 -30.98 1.70 -44.46
C LEU E 216 -29.66 2.41 -44.86
N PRO E 217 -29.69 3.76 -45.12
CA PRO E 217 -28.56 4.59 -45.57
C PRO E 217 -27.41 4.62 -44.58
N GLN E 218 -26.20 4.81 -45.08
CA GLN E 218 -25.03 4.95 -44.23
C GLN E 218 -25.06 6.31 -43.54
N GLY E 219 -24.76 6.34 -42.24
CA GLY E 219 -24.74 7.58 -41.49
C GLY E 219 -24.82 7.30 -40.01
N PHE E 220 -24.76 8.34 -39.18
CA PHE E 220 -24.80 8.14 -37.74
C PHE E 220 -25.71 9.14 -37.03
N SER E 221 -26.48 8.61 -36.07
CA SER E 221 -27.30 9.41 -35.17
C SER E 221 -27.53 8.59 -33.93
N ALA E 222 -27.96 9.22 -32.84
CA ALA E 222 -28.27 8.47 -31.63
C ALA E 222 -29.75 8.59 -31.31
N LEU E 223 -30.28 7.52 -30.73
CA LEU E 223 -31.69 7.44 -30.37
C LEU E 223 -31.97 7.87 -28.94
N GLU E 224 -32.95 8.74 -28.80
CA GLU E 224 -33.39 9.26 -27.51
C GLU E 224 -34.42 8.30 -26.93
N PRO E 225 -34.52 8.16 -25.61
CA PRO E 225 -35.50 7.33 -24.93
C PRO E 225 -36.89 7.86 -25.19
N LEU E 226 -37.82 6.95 -25.37
CA LEU E 226 -39.22 7.28 -25.63
C LEU E 226 -40.10 7.00 -24.42
N VAL E 227 -40.04 5.77 -23.92
CA VAL E 227 -40.89 5.37 -22.82
C VAL E 227 -40.32 4.20 -22.02
N ASP E 228 -40.57 4.22 -20.71
CA ASP E 228 -40.19 3.13 -19.83
C ASP E 228 -41.47 2.44 -19.34
N LEU E 229 -41.73 1.24 -19.84
CA LEU E 229 -42.96 0.53 -19.49
C LEU E 229 -42.69 -0.50 -18.39
N PRO E 230 -43.34 -0.41 -17.22
CA PRO E 230 -43.14 -1.26 -16.05
C PRO E 230 -43.82 -2.60 -16.22
N ILE E 231 -43.38 -3.36 -17.22
CA ILE E 231 -44.06 -4.60 -17.55
C ILE E 231 -43.24 -5.82 -17.15
N GLY E 232 -43.65 -6.50 -16.09
CA GLY E 232 -42.92 -7.63 -15.53
C GLY E 232 -43.16 -8.94 -16.27
N ILE E 233 -42.81 -8.99 -17.56
CA ILE E 233 -43.06 -10.19 -18.34
C ILE E 233 -41.78 -10.74 -18.98
N ASN E 234 -41.83 -12.02 -19.37
CA ASN E 234 -40.78 -12.73 -20.09
C ASN E 234 -41.01 -12.58 -21.60
N ILE E 235 -40.00 -12.08 -22.34
CA ILE E 235 -40.07 -11.88 -23.79
C ILE E 235 -38.99 -12.68 -24.48
N THR E 236 -39.38 -13.57 -25.39
CA THR E 236 -38.38 -14.37 -26.09
C THR E 236 -38.52 -14.20 -27.60
N ARG E 237 -39.71 -13.79 -28.04
CA ARG E 237 -40.05 -13.62 -29.45
C ARG E 237 -40.86 -12.35 -29.66
N PHE E 238 -40.85 -11.82 -30.87
CA PHE E 238 -41.70 -10.70 -31.17
C PHE E 238 -42.16 -10.74 -32.62
N GLN E 239 -43.21 -10.00 -32.93
CA GLN E 239 -43.72 -9.93 -34.29
C GLN E 239 -44.00 -8.51 -34.73
N THR E 240 -43.70 -8.21 -35.98
CA THR E 240 -43.94 -6.87 -36.53
C THR E 240 -45.30 -6.84 -37.23
N LEU E 241 -46.11 -5.84 -36.91
CA LEU E 241 -47.44 -5.70 -37.47
C LEU E 241 -47.51 -4.61 -38.55
N LEU E 242 -47.88 -5.01 -39.78
CA LEU E 242 -47.95 -4.14 -40.97
C LEU E 242 -49.40 -3.83 -41.31
N ALA E 264 -40.46 -1.48 -46.33
CA ALA E 264 -39.51 -2.50 -45.89
C ALA E 264 -38.88 -2.09 -44.56
N TYR E 265 -38.39 -3.10 -43.80
CA TYR E 265 -37.79 -2.90 -42.47
C TYR E 265 -36.65 -3.86 -42.20
N TYR E 266 -35.85 -3.50 -41.20
CA TYR E 266 -34.66 -4.25 -40.86
C TYR E 266 -34.69 -4.64 -39.40
N VAL E 267 -34.18 -5.83 -39.10
CA VAL E 267 -34.09 -6.25 -37.70
C VAL E 267 -32.69 -6.70 -37.33
N GLY E 268 -32.17 -6.14 -36.25
CA GLY E 268 -30.88 -6.52 -35.73
C GLY E 268 -31.02 -6.92 -34.29
N TYR E 269 -29.93 -7.35 -33.69
CA TYR E 269 -29.95 -7.73 -32.30
C TYR E 269 -28.91 -7.00 -31.52
N LEU E 270 -29.24 -6.66 -30.29
CA LEU E 270 -28.36 -5.91 -29.46
C LEU E 270 -27.44 -6.85 -28.71
N GLN E 271 -26.21 -6.40 -28.45
CA GLN E 271 -25.25 -7.21 -27.70
C GLN E 271 -24.56 -6.36 -26.64
N PRO E 272 -24.13 -6.97 -25.53
CA PRO E 272 -23.49 -6.32 -24.40
C PRO E 272 -22.05 -5.94 -24.70
N ARG E 273 -21.91 -4.96 -25.58
CA ARG E 273 -20.62 -4.49 -26.03
C ARG E 273 -20.34 -3.09 -25.49
N THR E 274 -19.05 -2.76 -25.41
CA THR E 274 -18.62 -1.45 -24.93
C THR E 274 -18.42 -0.50 -26.08
N PHE E 275 -18.93 0.71 -25.89
CA PHE E 275 -18.79 1.79 -26.86
C PHE E 275 -18.18 3.04 -26.26
N LEU E 276 -17.42 3.75 -27.07
CA LEU E 276 -16.93 5.06 -26.69
C LEU E 276 -17.79 6.07 -27.41
N LEU E 277 -18.55 6.86 -26.66
CA LEU E 277 -19.49 7.80 -27.25
C LEU E 277 -18.98 9.23 -27.22
N LYS E 278 -18.95 9.86 -28.37
CA LYS E 278 -18.48 11.24 -28.47
C LYS E 278 -19.61 12.24 -28.46
N TYR E 279 -19.62 13.07 -27.42
CA TYR E 279 -20.61 14.13 -27.25
C TYR E 279 -20.03 15.46 -27.72
N ASN E 280 -20.76 16.17 -28.57
CA ASN E 280 -20.30 17.47 -29.04
C ASN E 280 -20.62 18.53 -28.00
N GLU E 281 -20.33 19.80 -28.28
CA GLU E 281 -20.58 20.83 -27.26
C GLU E 281 -22.07 21.08 -26.96
N ASN E 282 -22.97 20.58 -27.85
CA ASN E 282 -24.42 20.67 -27.72
C ASN E 282 -25.01 19.44 -27.01
N GLY E 283 -24.16 18.50 -26.58
CA GLY E 283 -24.55 17.29 -25.85
C GLY E 283 -25.16 16.20 -26.72
N THR E 284 -24.86 16.23 -28.00
CA THR E 284 -25.39 15.24 -28.92
C THR E 284 -24.32 14.23 -29.23
N ILE E 285 -24.67 12.96 -29.24
CA ILE E 285 -23.69 11.96 -29.61
C ILE E 285 -23.57 12.05 -31.13
N THR E 286 -22.37 12.37 -31.60
CA THR E 286 -22.16 12.57 -33.02
C THR E 286 -21.29 11.49 -33.62
N ASP E 287 -20.55 10.79 -32.77
CA ASP E 287 -19.71 9.71 -33.25
C ASP E 287 -19.54 8.66 -32.18
N ALA E 288 -19.16 7.46 -32.57
CA ALA E 288 -18.94 6.41 -31.59
C ALA E 288 -17.94 5.35 -32.08
N VAL E 289 -17.26 4.73 -31.14
CA VAL E 289 -16.37 3.63 -31.45
C VAL E 289 -16.87 2.33 -30.85
N ASP E 290 -16.99 1.32 -31.69
CA ASP E 290 -17.35 -0.01 -31.22
C ASP E 290 -16.06 -0.71 -30.81
N CYS E 291 -15.85 -0.86 -29.49
CA CYS E 291 -14.59 -1.28 -28.90
C CYS E 291 -14.25 -2.73 -29.24
N ALA E 292 -15.17 -3.45 -29.86
CA ALA E 292 -14.92 -4.83 -30.22
C ALA E 292 -15.05 -5.08 -31.72
N LEU E 293 -15.03 -4.01 -32.52
CA LEU E 293 -15.15 -4.15 -33.97
C LEU E 293 -13.87 -4.64 -34.63
N ASP E 294 -12.75 -4.02 -34.28
CA ASP E 294 -11.45 -4.35 -34.85
C ASP E 294 -10.35 -3.84 -33.90
N PRO E 295 -9.07 -4.25 -34.06
CA PRO E 295 -7.93 -3.82 -33.28
C PRO E 295 -7.72 -2.31 -33.25
N LEU E 296 -8.08 -1.59 -34.30
CA LEU E 296 -7.90 -0.16 -34.28
C LEU E 296 -8.90 0.48 -33.33
N SER E 297 -10.14 -0.02 -33.33
CA SER E 297 -11.16 0.49 -32.44
C SER E 297 -10.78 0.17 -31.00
N GLU E 298 -10.19 -1.00 -30.78
CA GLU E 298 -9.73 -1.35 -29.45
C GLU E 298 -8.73 -0.32 -28.97
N THR E 299 -7.84 0.10 -29.89
CA THR E 299 -6.84 1.12 -29.58
C THR E 299 -7.51 2.44 -29.25
N LYS E 300 -8.49 2.84 -30.06
CA LYS E 300 -9.20 4.09 -29.81
C LYS E 300 -9.90 4.12 -28.45
N CYS E 301 -10.55 3.00 -28.05
CA CYS E 301 -11.22 2.90 -26.76
C CYS E 301 -10.22 2.90 -25.62
N THR E 302 -9.11 2.19 -25.79
CA THR E 302 -8.07 2.10 -24.78
C THR E 302 -7.50 3.47 -24.46
N LEU E 303 -7.27 4.26 -25.50
CA LEU E 303 -6.67 5.57 -25.36
C LEU E 303 -7.71 6.67 -25.13
N LYS E 304 -8.98 6.32 -25.12
CA LYS E 304 -10.05 7.29 -24.96
C LYS E 304 -9.89 8.42 -25.94
N SER E 305 -9.71 8.07 -27.22
CA SER E 305 -9.54 9.07 -28.27
C SER E 305 -9.99 8.55 -29.61
N PHE E 306 -10.57 9.42 -30.44
CA PHE E 306 -11.01 9.03 -31.77
C PHE E 306 -9.91 9.20 -32.80
N THR E 307 -8.79 9.72 -32.32
CA THR E 307 -7.59 9.93 -33.13
C THR E 307 -6.44 9.20 -32.48
N VAL E 308 -5.68 8.45 -33.26
CA VAL E 308 -4.58 7.69 -32.71
C VAL E 308 -3.26 8.07 -33.37
N GLU E 309 -2.27 8.35 -32.54
CA GLU E 309 -0.94 8.72 -32.99
C GLU E 309 -0.17 7.50 -33.44
N LYS E 310 0.85 7.71 -34.26
CA LYS E 310 1.66 6.61 -34.71
C LYS E 310 2.39 5.96 -33.55
N GLY E 311 2.37 4.63 -33.51
CA GLY E 311 3.06 3.92 -32.45
C GLY E 311 2.48 2.54 -32.19
N ILE E 312 2.94 1.92 -31.11
CA ILE E 312 2.49 0.60 -30.71
C ILE E 312 1.79 0.70 -29.36
N TYR E 313 0.59 0.16 -29.25
CA TYR E 313 -0.16 0.25 -28.00
C TYR E 313 -0.64 -1.10 -27.53
N GLN E 314 -0.61 -1.35 -26.22
CA GLN E 314 -1.16 -2.60 -25.72
C GLN E 314 -2.61 -2.39 -25.36
N THR E 315 -3.49 -3.12 -26.05
CA THR E 315 -4.92 -2.91 -25.89
C THR E 315 -5.63 -4.10 -25.27
N SER E 316 -5.04 -5.28 -25.38
CA SER E 316 -5.71 -6.46 -24.85
C SER E 316 -4.75 -7.53 -24.39
N ASN E 317 -5.30 -8.70 -24.09
CA ASN E 317 -4.56 -9.83 -23.58
C ASN E 317 -5.06 -11.13 -24.21
N PHE E 318 -4.13 -11.86 -24.79
CA PHE E 318 -4.40 -13.14 -25.44
C PHE E 318 -4.39 -14.23 -24.40
N ARG E 319 -5.42 -15.05 -24.40
CA ARG E 319 -5.50 -16.17 -23.47
C ARG E 319 -6.00 -17.43 -24.15
N VAL E 320 -5.22 -18.49 -24.05
CA VAL E 320 -5.64 -19.80 -24.55
C VAL E 320 -6.51 -20.47 -23.49
N GLN E 321 -7.70 -20.91 -23.88
CA GLN E 321 -8.59 -21.53 -22.93
C GLN E 321 -8.53 -23.04 -23.03
N PRO E 322 -8.73 -23.76 -21.92
CA PRO E 322 -8.91 -25.18 -21.86
C PRO E 322 -10.30 -25.51 -22.38
N THR E 323 -10.46 -26.65 -23.04
CA THR E 323 -11.77 -27.03 -23.54
C THR E 323 -12.31 -28.31 -22.89
N GLU E 324 -11.47 -28.98 -22.10
CA GLU E 324 -11.84 -30.24 -21.49
C GLU E 324 -11.23 -30.41 -20.12
N SER E 325 -11.85 -31.28 -19.31
CA SER E 325 -11.35 -31.58 -17.98
C SER E 325 -10.83 -33.01 -17.87
N ILE E 326 -9.60 -33.14 -17.39
CA ILE E 326 -8.97 -34.44 -17.23
C ILE E 326 -8.73 -34.78 -15.79
N VAL E 327 -9.33 -35.88 -15.34
CA VAL E 327 -9.15 -36.29 -13.96
C VAL E 327 -8.48 -37.66 -13.92
N ARG E 328 -7.42 -37.77 -13.12
CA ARG E 328 -6.67 -39.01 -13.04
C ARG E 328 -6.52 -39.49 -11.60
N PHE E 329 -6.80 -40.77 -11.39
CA PHE E 329 -6.71 -41.38 -10.08
C PHE E 329 -6.00 -42.74 -10.20
N PRO E 330 -5.40 -43.28 -9.13
CA PRO E 330 -4.74 -44.57 -9.10
C PRO E 330 -5.72 -45.70 -9.37
N ASN E 331 -5.22 -46.85 -9.83
CA ASN E 331 -6.02 -48.06 -10.05
C ASN E 331 -6.66 -48.52 -8.73
N ILE E 332 -7.94 -48.93 -8.78
CA ILE E 332 -8.63 -49.45 -7.60
C ILE E 332 -8.47 -50.95 -7.50
N THR E 333 -7.54 -51.35 -6.62
CA THR E 333 -7.24 -52.76 -6.42
C THR E 333 -7.62 -53.17 -5.01
N ASN E 334 -7.77 -52.18 -4.13
CA ASN E 334 -8.11 -52.42 -2.75
C ASN E 334 -9.56 -52.05 -2.47
N LEU E 335 -10.45 -53.00 -2.65
CA LEU E 335 -11.88 -52.78 -2.53
C LEU E 335 -12.47 -53.79 -1.55
N CYS E 336 -13.37 -53.35 -0.65
CA CYS E 336 -13.99 -54.21 0.34
C CYS E 336 -15.02 -55.16 -0.30
N PRO E 337 -14.94 -56.46 0.02
CA PRO E 337 -15.74 -57.52 -0.53
C PRO E 337 -17.15 -57.54 0.02
N PHE E 338 -18.02 -56.72 -0.56
CA PHE E 338 -19.43 -56.70 -0.12
C PHE E 338 -20.09 -58.07 -0.35
N GLY E 339 -19.42 -58.95 -1.08
CA GLY E 339 -19.91 -60.31 -1.31
C GLY E 339 -19.95 -61.12 0.00
N GLU E 340 -19.24 -60.66 1.02
CA GLU E 340 -19.26 -61.32 2.32
C GLU E 340 -20.36 -60.76 3.20
N VAL E 341 -21.06 -59.75 2.68
CA VAL E 341 -22.11 -59.06 3.39
C VAL E 341 -23.48 -59.39 2.80
N PHE E 342 -23.58 -59.25 1.48
CA PHE E 342 -24.85 -59.47 0.77
C PHE E 342 -24.97 -60.86 0.12
N ASN E 343 -23.84 -61.47 -0.27
CA ASN E 343 -23.78 -62.77 -0.94
C ASN E 343 -23.29 -63.89 -0.01
N ALA E 344 -23.38 -63.68 1.33
CA ALA E 344 -22.98 -64.64 2.35
C ALA E 344 -23.82 -65.90 2.28
N THR E 345 -23.21 -67.04 2.57
CA THR E 345 -23.91 -68.31 2.53
C THR E 345 -24.78 -68.51 3.76
N ARG E 346 -24.45 -67.82 4.85
CA ARG E 346 -25.21 -67.91 6.07
C ARG E 346 -25.39 -66.54 6.72
N PHE E 347 -26.61 -66.29 7.14
CA PHE E 347 -26.99 -65.08 7.86
C PHE E 347 -27.38 -65.42 9.29
N ALA E 348 -27.20 -64.47 10.19
CA ALA E 348 -27.53 -64.63 11.60
C ALA E 348 -28.99 -64.34 11.88
N SER E 349 -29.43 -64.73 13.08
CA SER E 349 -30.76 -64.42 13.54
C SER E 349 -30.85 -62.94 13.89
N VAL E 350 -32.06 -62.43 14.01
CA VAL E 350 -32.24 -61.04 14.39
C VAL E 350 -31.85 -60.80 15.83
N TYR E 351 -32.09 -61.78 16.71
CA TYR E 351 -31.70 -61.61 18.09
C TYR E 351 -30.20 -61.44 18.24
N ALA E 352 -29.43 -62.31 17.58
CA ALA E 352 -27.99 -62.26 17.67
C ALA E 352 -27.39 -62.06 16.29
N TRP E 353 -27.43 -60.82 15.82
CA TRP E 353 -27.01 -60.44 14.48
C TRP E 353 -25.50 -60.35 14.35
N ASN E 354 -24.98 -60.51 13.13
CA ASN E 354 -23.53 -60.44 12.90
C ASN E 354 -23.11 -59.03 12.52
N ARG E 355 -21.86 -58.68 12.81
CA ARG E 355 -21.32 -57.40 12.38
C ARG E 355 -20.00 -57.53 11.61
N LYS E 356 -20.04 -57.16 10.33
CA LYS E 356 -18.86 -57.19 9.47
C LYS E 356 -18.19 -55.82 9.39
N ARG E 357 -16.90 -55.77 9.66
CA ARG E 357 -16.16 -54.51 9.61
C ARG E 357 -15.59 -54.22 8.23
N ILE E 358 -15.95 -53.07 7.70
CA ILE E 358 -15.50 -52.56 6.42
C ILE E 358 -14.55 -51.39 6.68
N SER E 359 -13.27 -51.55 6.30
CA SER E 359 -12.25 -50.56 6.63
C SER E 359 -11.05 -50.57 5.71
N ASN E 360 -10.39 -49.42 5.59
CA ASN E 360 -9.12 -49.30 4.86
C ASN E 360 -9.25 -49.82 3.42
N CYS E 361 -10.24 -49.30 2.68
CA CYS E 361 -10.59 -49.77 1.34
C CYS E 361 -11.44 -48.79 0.55
N VAL E 362 -11.66 -49.12 -0.72
CA VAL E 362 -12.65 -48.47 -1.53
C VAL E 362 -13.98 -49.18 -1.39
N ALA E 363 -15.03 -48.43 -1.12
CA ALA E 363 -16.36 -49.00 -1.01
C ALA E 363 -17.20 -48.58 -2.19
N ASP E 364 -17.43 -49.51 -3.10
CA ASP E 364 -18.18 -49.21 -4.31
C ASP E 364 -19.64 -49.58 -4.09
N TYR E 365 -20.49 -48.57 -4.01
CA TYR E 365 -21.89 -48.78 -3.68
C TYR E 365 -22.75 -48.82 -4.93
N SER E 366 -22.14 -48.72 -6.12
CA SER E 366 -22.93 -48.68 -7.34
C SER E 366 -23.48 -50.05 -7.68
N VAL E 367 -22.79 -51.10 -7.27
CA VAL E 367 -23.26 -52.44 -7.59
C VAL E 367 -24.53 -52.74 -6.81
N LEU E 368 -24.52 -52.45 -5.51
CA LEU E 368 -25.68 -52.69 -4.68
C LEU E 368 -26.80 -51.69 -4.96
N TYR E 369 -26.45 -50.46 -5.33
CA TYR E 369 -27.45 -49.45 -5.64
C TYR E 369 -28.23 -49.83 -6.89
N ASN E 370 -27.51 -50.22 -7.94
CA ASN E 370 -28.13 -50.55 -9.22
C ASN E 370 -28.73 -51.94 -9.26
N SER E 371 -28.22 -52.86 -8.44
CA SER E 371 -28.73 -54.23 -8.43
C SER E 371 -30.24 -54.31 -8.29
N ALA E 372 -30.85 -55.10 -9.17
CA ALA E 372 -32.30 -55.28 -9.20
C ALA E 372 -32.73 -56.44 -8.31
N SER E 373 -31.76 -57.08 -7.66
CA SER E 373 -32.03 -58.25 -6.83
C SER E 373 -32.55 -57.87 -5.44
N PHE E 374 -32.48 -56.59 -5.09
CA PHE E 374 -32.91 -56.17 -3.77
C PHE E 374 -34.31 -55.55 -3.83
N SER E 375 -35.14 -55.83 -2.83
CA SER E 375 -36.52 -55.38 -2.86
C SER E 375 -36.70 -53.99 -2.30
N THR E 376 -35.81 -53.57 -1.41
CA THR E 376 -35.92 -52.23 -0.86
C THR E 376 -34.59 -51.64 -0.44
N PHE E 377 -34.50 -50.32 -0.56
CA PHE E 377 -33.37 -49.53 -0.10
C PHE E 377 -33.89 -48.29 0.59
N LYS E 378 -33.29 -47.91 1.72
CA LYS E 378 -33.59 -46.60 2.26
C LYS E 378 -32.42 -46.06 3.07
N CYS E 379 -31.99 -44.83 2.75
CA CYS E 379 -30.92 -44.12 3.46
C CYS E 379 -31.52 -42.99 4.26
N TYR E 380 -30.93 -42.68 5.40
CA TYR E 380 -31.51 -41.65 6.25
C TYR E 380 -30.63 -40.41 6.41
N GLY E 381 -29.40 -40.60 6.88
CA GLY E 381 -28.51 -39.47 7.10
C GLY E 381 -27.67 -39.13 5.88
N VAL E 382 -27.79 -39.95 4.84
CA VAL E 382 -27.05 -39.75 3.59
C VAL E 382 -27.98 -39.92 2.39
N SER E 383 -27.60 -39.35 1.26
CA SER E 383 -28.34 -39.56 0.02
C SER E 383 -27.80 -40.83 -0.65
N PRO E 384 -28.67 -41.73 -1.11
CA PRO E 384 -28.34 -43.04 -1.68
C PRO E 384 -27.55 -42.95 -2.98
N THR E 385 -27.58 -41.78 -3.60
CA THR E 385 -26.89 -41.56 -4.87
C THR E 385 -25.57 -40.82 -4.69
N LYS E 386 -25.21 -40.50 -3.45
CA LYS E 386 -23.97 -39.80 -3.15
C LYS E 386 -22.99 -40.71 -2.42
N LEU E 387 -23.34 -41.97 -2.30
CA LEU E 387 -22.56 -42.91 -1.52
C LEU E 387 -21.15 -43.09 -2.06
N ASN E 388 -20.97 -42.91 -3.37
CA ASN E 388 -19.63 -43.05 -3.93
C ASN E 388 -18.80 -41.76 -3.87
N ASP E 389 -19.42 -40.66 -3.42
CA ASP E 389 -18.70 -39.41 -3.23
C ASP E 389 -18.30 -39.26 -1.78
N LEU E 390 -19.11 -39.83 -0.91
CA LEU E 390 -18.94 -39.80 0.53
C LEU E 390 -17.83 -40.75 0.99
N CYS E 391 -17.31 -40.49 2.21
CA CYS E 391 -16.32 -41.31 2.89
C CYS E 391 -16.65 -41.37 4.37
N PHE E 392 -16.58 -42.55 4.95
CA PHE E 392 -16.97 -42.75 6.32
C PHE E 392 -15.80 -43.21 7.16
N THR E 393 -15.81 -42.89 8.46
CA THR E 393 -14.68 -43.28 9.29
C THR E 393 -14.45 -44.79 9.19
N ASN E 394 -15.52 -45.53 9.46
CA ASN E 394 -15.59 -46.98 9.31
C ASN E 394 -17.01 -47.32 8.90
N VAL E 395 -17.19 -48.47 8.27
CA VAL E 395 -18.54 -48.90 7.93
C VAL E 395 -18.83 -50.26 8.51
N TYR E 396 -19.97 -50.39 9.17
CA TYR E 396 -20.30 -51.68 9.75
C TYR E 396 -21.56 -52.25 9.16
N ALA E 397 -21.46 -53.47 8.66
CA ALA E 397 -22.58 -54.13 8.02
C ALA E 397 -23.23 -55.14 8.95
N ASP E 398 -24.42 -54.81 9.44
CA ASP E 398 -25.14 -55.67 10.36
C ASP E 398 -26.05 -56.63 9.59
N SER E 399 -25.74 -57.91 9.69
CA SER E 399 -26.38 -58.98 8.90
C SER E 399 -27.31 -59.91 9.67
N PHE E 400 -28.57 -59.97 9.24
CA PHE E 400 -29.57 -60.83 9.89
C PHE E 400 -30.78 -61.21 9.02
N VAL E 401 -31.51 -62.25 9.44
CA VAL E 401 -32.76 -62.67 8.76
C VAL E 401 -34.01 -62.47 9.61
N ILE E 402 -35.00 -61.80 9.02
CA ILE E 402 -36.28 -61.52 9.66
C ILE E 402 -37.49 -61.83 8.79
N ARG E 403 -38.65 -61.83 9.42
CA ARG E 403 -39.93 -61.96 8.74
C ARG E 403 -40.18 -60.75 7.84
N GLY E 404 -40.64 -60.98 6.61
CA GLY E 404 -40.85 -59.91 5.63
C GLY E 404 -41.73 -58.76 6.10
N ASP E 405 -42.82 -59.05 6.79
CA ASP E 405 -43.73 -58.00 7.25
C ASP E 405 -43.09 -57.13 8.34
N GLU E 406 -41.96 -57.59 8.88
CA GLU E 406 -41.28 -56.89 9.95
C GLU E 406 -40.08 -56.08 9.43
N VAL E 407 -39.86 -56.10 8.11
CA VAL E 407 -38.75 -55.36 7.50
C VAL E 407 -38.94 -53.86 7.70
N ARG E 408 -40.20 -53.45 7.83
CA ARG E 408 -40.56 -52.06 8.06
C ARG E 408 -40.02 -51.53 9.39
N GLN E 409 -39.61 -52.42 10.29
CA GLN E 409 -39.08 -51.99 11.59
C GLN E 409 -37.60 -51.64 11.53
N ILE E 410 -36.92 -51.94 10.42
CA ILE E 410 -35.49 -51.66 10.39
C ILE E 410 -35.28 -50.24 9.90
N ALA E 411 -35.45 -49.31 10.83
CA ALA E 411 -35.37 -47.88 10.57
C ALA E 411 -35.22 -47.15 11.91
N PRO E 412 -34.72 -45.92 11.92
CA PRO E 412 -34.70 -45.03 13.07
C PRO E 412 -36.10 -44.60 13.47
N GLY E 413 -36.31 -44.41 14.77
CA GLY E 413 -37.57 -43.88 15.29
C GLY E 413 -38.69 -44.93 15.27
N GLN E 414 -38.31 -46.20 15.30
CA GLN E 414 -39.29 -47.27 15.23
C GLN E 414 -39.45 -48.01 16.55
N THR E 415 -40.59 -48.66 16.70
CA THR E 415 -40.87 -49.53 17.82
C THR E 415 -41.38 -50.86 17.29
N GLY E 416 -41.34 -51.90 18.11
CA GLY E 416 -41.83 -53.20 17.69
C GLY E 416 -40.97 -54.34 18.20
N LYS E 417 -41.35 -55.57 17.90
CA LYS E 417 -40.61 -56.71 18.42
C LYS E 417 -39.13 -56.66 18.04
N ILE E 418 -38.83 -56.23 16.83
CA ILE E 418 -37.43 -56.17 16.44
C ILE E 418 -36.82 -54.88 16.87
N ALA E 419 -37.49 -53.78 16.53
CA ALA E 419 -36.92 -52.48 16.80
C ALA E 419 -36.56 -52.31 18.27
N ASP E 420 -37.39 -52.86 19.16
CA ASP E 420 -37.13 -52.72 20.59
C ASP E 420 -36.42 -53.90 21.27
N TYR E 421 -36.64 -55.15 20.82
CA TYR E 421 -36.07 -56.28 21.57
C TYR E 421 -34.93 -57.03 20.87
N ASN E 422 -34.69 -56.78 19.58
CA ASN E 422 -33.69 -57.57 18.86
C ASN E 422 -32.63 -56.72 18.17
N TYR E 423 -33.09 -55.75 17.38
CA TYR E 423 -32.19 -54.92 16.59
C TYR E 423 -32.63 -53.46 16.60
N LYS E 424 -32.01 -52.68 17.46
CA LYS E 424 -32.38 -51.28 17.64
C LYS E 424 -31.42 -50.34 16.90
N LEU E 425 -31.96 -49.38 16.16
CA LEU E 425 -31.16 -48.34 15.53
C LEU E 425 -31.30 -47.03 16.31
N PRO E 426 -30.32 -46.12 16.20
CA PRO E 426 -30.36 -44.76 16.71
C PRO E 426 -31.48 -43.98 16.06
N ASP E 427 -31.95 -42.93 16.72
CA ASP E 427 -32.99 -42.08 16.12
C ASP E 427 -32.35 -41.13 15.12
N ASP E 428 -31.08 -40.83 15.36
CA ASP E 428 -30.25 -39.98 14.52
C ASP E 428 -29.33 -40.84 13.66
N PHE E 429 -29.81 -42.04 13.34
CA PHE E 429 -29.04 -43.03 12.58
C PHE E 429 -28.57 -42.53 11.23
N THR E 430 -27.30 -42.78 10.97
CA THR E 430 -26.71 -42.46 9.69
C THR E 430 -26.24 -43.76 9.08
N GLY E 431 -26.79 -44.08 7.93
CA GLY E 431 -26.51 -45.32 7.25
C GLY E 431 -27.64 -45.63 6.27
N CYS E 432 -27.57 -46.82 5.64
CA CYS E 432 -28.55 -47.29 4.66
C CYS E 432 -29.02 -48.71 4.98
N VAL E 433 -30.32 -48.92 4.87
CA VAL E 433 -30.93 -50.22 5.12
C VAL E 433 -31.36 -50.88 3.81
N ILE E 434 -30.84 -52.09 3.59
CA ILE E 434 -31.11 -52.84 2.36
C ILE E 434 -31.69 -54.22 2.67
N ALA E 435 -32.74 -54.61 1.94
CA ALA E 435 -33.32 -55.92 2.20
C ALA E 435 -33.83 -56.59 0.94
N TRP E 436 -33.92 -57.92 1.00
CA TRP E 436 -34.43 -58.69 -0.12
C TRP E 436 -35.05 -60.02 0.29
N ASN E 437 -35.94 -60.52 -0.56
CA ASN E 437 -36.62 -61.79 -0.32
C ASN E 437 -35.66 -62.96 -0.46
N SER E 438 -35.67 -63.83 0.54
CA SER E 438 -34.81 -65.00 0.56
C SER E 438 -35.61 -66.27 0.82
N ASN E 439 -36.83 -66.32 0.27
CA ASN E 439 -37.73 -67.45 0.49
C ASN E 439 -37.14 -68.78 0.04
N ASN E 440 -36.37 -68.76 -1.04
CA ASN E 440 -35.80 -69.99 -1.56
C ASN E 440 -34.43 -70.29 -0.99
N LEU E 441 -34.00 -69.53 0.00
CA LEU E 441 -32.69 -69.73 0.58
C LEU E 441 -32.77 -70.10 2.06
N ASP E 442 -33.61 -69.38 2.79
CA ASP E 442 -33.69 -69.50 4.24
C ASP E 442 -34.94 -70.23 4.74
N SER E 443 -35.60 -70.97 3.86
CA SER E 443 -36.78 -71.73 4.27
C SER E 443 -36.56 -73.22 4.04
N LYS E 444 -37.29 -74.04 4.79
CA LYS E 444 -37.21 -75.49 4.63
C LYS E 444 -38.60 -76.08 4.55
N VAL E 445 -38.74 -77.20 3.87
CA VAL E 445 -40.06 -77.80 3.69
C VAL E 445 -40.71 -78.26 4.99
N GLY E 446 -39.90 -78.63 5.98
CA GLY E 446 -40.43 -79.04 7.28
C GLY E 446 -40.45 -77.89 8.27
N GLY E 447 -40.07 -76.69 7.83
CA GLY E 447 -39.97 -75.52 8.68
C GLY E 447 -38.54 -75.25 9.11
N ASN E 448 -38.05 -74.06 8.80
CA ASN E 448 -36.70 -73.68 9.18
C ASN E 448 -36.74 -72.96 10.52
N TYR E 449 -36.32 -73.64 11.57
CA TYR E 449 -36.43 -73.08 12.91
C TYR E 449 -35.09 -72.53 13.40
N ASN E 450 -34.15 -72.36 12.48
CA ASN E 450 -32.84 -71.83 12.81
C ASN E 450 -32.86 -70.35 13.19
N TYR E 451 -33.85 -69.60 12.71
CA TYR E 451 -33.91 -68.17 12.99
C TYR E 451 -34.87 -67.86 14.13
N LEU E 452 -34.36 -67.14 15.13
CA LEU E 452 -35.15 -66.78 16.30
C LEU E 452 -35.09 -65.29 16.64
N TYR E 453 -36.12 -64.85 17.33
CA TYR E 453 -36.27 -63.47 17.79
C TYR E 453 -36.84 -63.44 19.21
N ARG E 454 -36.53 -62.40 19.97
CA ARG E 454 -37.18 -62.24 21.26
C ARG E 454 -38.54 -61.61 21.17
N LEU E 455 -39.46 -62.22 21.90
CA LEU E 455 -40.83 -61.76 22.07
C LEU E 455 -40.95 -61.11 23.44
N PHE E 456 -40.20 -61.63 24.40
CA PHE E 456 -40.28 -61.13 25.76
C PHE E 456 -38.99 -60.45 26.16
N ARG E 457 -39.10 -59.26 26.74
CA ARG E 457 -37.95 -58.50 27.21
C ARG E 457 -38.40 -57.51 28.28
N LYS E 458 -37.61 -57.35 29.34
CA LYS E 458 -37.94 -56.42 30.42
C LYS E 458 -37.89 -54.94 29.99
N SER E 459 -36.95 -54.61 29.12
CA SER E 459 -36.77 -53.22 28.68
C SER E 459 -36.29 -53.16 27.24
N ASN E 460 -36.42 -51.99 26.63
CA ASN E 460 -36.00 -51.80 25.26
C ASN E 460 -34.48 -51.77 25.15
N LEU E 461 -33.96 -52.20 24.00
CA LEU E 461 -32.52 -52.21 23.73
C LEU E 461 -32.00 -50.83 23.39
N LYS E 462 -30.71 -50.63 23.63
CA LYS E 462 -30.03 -49.43 23.19
C LYS E 462 -29.62 -49.61 21.73
N PRO E 463 -29.41 -48.54 20.97
CA PRO E 463 -28.96 -48.57 19.60
C PRO E 463 -27.70 -49.42 19.45
N PHE E 464 -27.73 -50.31 18.47
CA PHE E 464 -26.66 -51.25 18.15
C PHE E 464 -26.29 -52.21 19.27
N GLU E 465 -27.19 -52.39 20.23
CA GLU E 465 -26.95 -53.38 21.28
C GLU E 465 -27.26 -54.77 20.76
N ARG E 466 -26.38 -55.72 21.07
CA ARG E 466 -26.60 -57.10 20.67
C ARG E 466 -26.75 -57.99 21.89
N ASP E 467 -27.98 -58.28 22.24
CA ASP E 467 -28.28 -59.06 23.43
C ASP E 467 -28.17 -60.54 23.10
N ILE E 468 -27.41 -61.28 23.89
CA ILE E 468 -27.24 -62.70 23.65
C ILE E 468 -27.67 -63.55 24.86
N SER E 469 -28.42 -62.95 25.77
CA SER E 469 -28.89 -63.63 26.98
C SER E 469 -29.87 -64.77 26.68
N THR E 470 -29.79 -65.83 27.49
CA THR E 470 -30.68 -66.99 27.39
C THR E 470 -31.49 -67.18 28.68
N GLU E 471 -31.59 -66.13 29.47
CA GLU E 471 -32.31 -66.17 30.75
C GLU E 471 -33.81 -66.29 30.54
N ILE E 472 -34.48 -67.08 31.37
CA ILE E 472 -35.93 -67.24 31.29
C ILE E 472 -36.66 -65.98 31.76
N TYR E 473 -37.62 -65.53 30.95
CA TYR E 473 -38.37 -64.33 31.24
C TYR E 473 -39.53 -64.57 32.19
N GLN E 474 -39.66 -63.69 33.17
CA GLN E 474 -40.77 -63.75 34.10
C GLN E 474 -41.90 -62.86 33.61
N ALA E 475 -42.98 -63.49 33.14
CA ALA E 475 -44.09 -62.76 32.58
C ALA E 475 -45.13 -62.42 33.65
N GLY E 476 -45.20 -63.28 34.66
CA GLY E 476 -46.16 -63.12 35.74
C GLY E 476 -45.57 -62.49 36.98
N SER E 477 -46.23 -62.72 38.12
CA SER E 477 -45.83 -62.11 39.39
C SER E 477 -44.85 -62.94 40.22
N THR E 478 -44.79 -64.24 39.98
CA THR E 478 -43.91 -65.08 40.78
C THR E 478 -42.57 -65.31 40.08
N PRO E 479 -41.48 -65.58 40.83
CA PRO E 479 -40.17 -65.98 40.35
C PRO E 479 -40.24 -67.28 39.55
N CYS E 480 -39.37 -67.40 38.53
CA CYS E 480 -39.28 -68.59 37.68
C CYS E 480 -38.25 -69.57 38.26
N ASN E 481 -37.21 -69.04 38.88
CA ASN E 481 -36.15 -69.83 39.46
C ASN E 481 -35.53 -70.82 38.46
N GLY E 482 -35.39 -70.39 37.21
CA GLY E 482 -34.77 -71.21 36.18
C GLY E 482 -35.73 -72.22 35.53
N VAL E 483 -37.01 -72.18 35.88
CA VAL E 483 -37.96 -73.14 35.35
C VAL E 483 -39.07 -72.50 34.52
N GLU E 484 -39.25 -73.00 33.29
CA GLU E 484 -40.32 -72.55 32.41
C GLU E 484 -41.64 -73.19 32.81
N GLY E 485 -42.74 -72.53 32.49
CA GLY E 485 -44.07 -73.01 32.84
C GLY E 485 -45.08 -71.89 32.71
N PHE E 486 -46.17 -71.96 33.45
CA PHE E 486 -47.13 -70.88 33.30
C PHE E 486 -46.47 -69.60 33.76
N ASN E 487 -46.60 -68.54 32.97
CA ASN E 487 -46.04 -67.23 33.27
C ASN E 487 -44.49 -67.12 33.30
N CYS E 488 -43.78 -68.17 32.80
CA CYS E 488 -42.32 -68.20 32.67
C CYS E 488 -41.94 -68.79 31.32
N TYR E 489 -41.27 -68.00 30.49
CA TYR E 489 -40.99 -68.47 29.14
C TYR E 489 -39.58 -68.18 28.67
N PHE E 490 -39.03 -69.06 27.86
CA PHE E 490 -37.78 -68.73 27.22
C PHE E 490 -38.14 -67.50 26.37
N PRO E 491 -37.39 -66.40 26.41
CA PRO E 491 -37.70 -65.14 25.75
C PRO E 491 -37.79 -65.20 24.24
N LEU E 492 -37.21 -66.25 23.65
CA LEU E 492 -37.15 -66.34 22.20
C LEU E 492 -38.14 -67.31 21.59
N GLN E 493 -38.73 -66.87 20.49
CA GLN E 493 -39.61 -67.67 19.68
C GLN E 493 -38.96 -67.86 18.32
N SER E 494 -39.34 -68.91 17.62
CA SER E 494 -38.76 -69.19 16.31
C SER E 494 -39.62 -68.76 15.14
N TYR E 495 -38.97 -68.59 14.00
CA TYR E 495 -39.66 -68.35 12.74
C TYR E 495 -39.54 -69.59 11.88
N GLY E 496 -40.47 -70.54 12.03
CA GLY E 496 -40.37 -71.80 11.28
C GLY E 496 -40.72 -71.59 9.82
N PHE E 497 -39.80 -70.97 9.08
CA PHE E 497 -40.07 -70.54 7.70
C PHE E 497 -40.21 -71.73 6.75
N GLN E 498 -41.23 -71.66 5.88
CA GLN E 498 -41.43 -72.68 4.85
C GLN E 498 -41.59 -71.97 3.49
N PRO E 499 -41.16 -72.60 2.40
CA PRO E 499 -41.20 -72.08 1.04
C PRO E 499 -42.61 -71.85 0.54
N THR E 500 -43.60 -72.44 1.23
CA THR E 500 -45.00 -72.34 0.85
C THR E 500 -45.79 -71.35 1.72
N ASN E 501 -45.09 -70.62 2.59
CA ASN E 501 -45.76 -69.65 3.47
C ASN E 501 -46.14 -68.38 2.72
N GLY E 502 -47.14 -67.67 3.26
CA GLY E 502 -47.60 -66.41 2.68
C GLY E 502 -46.46 -65.40 2.71
N VAL E 503 -46.51 -64.44 1.78
CA VAL E 503 -45.40 -63.49 1.60
C VAL E 503 -45.01 -62.74 2.86
N GLY E 504 -45.99 -62.33 3.66
CA GLY E 504 -45.69 -61.57 4.87
C GLY E 504 -44.88 -62.39 5.87
N TYR E 505 -44.90 -63.72 5.72
CA TYR E 505 -44.16 -64.58 6.63
C TYR E 505 -42.91 -65.15 5.97
N GLN E 506 -42.60 -64.76 4.74
CA GLN E 506 -41.41 -65.28 4.09
C GLN E 506 -40.22 -64.56 4.71
N PRO E 507 -39.05 -65.19 4.78
CA PRO E 507 -37.83 -64.61 5.27
C PRO E 507 -37.28 -63.57 4.32
N TYR E 508 -36.69 -62.54 4.90
CA TYR E 508 -35.95 -61.52 4.19
C TYR E 508 -34.57 -61.36 4.79
N ARG E 509 -33.60 -61.18 3.93
CA ARG E 509 -32.24 -60.91 4.37
C ARG E 509 -32.06 -59.43 4.47
N VAL E 510 -31.54 -58.99 5.60
CA VAL E 510 -31.37 -57.58 5.86
C VAL E 510 -29.92 -57.23 6.16
N VAL E 511 -29.45 -56.22 5.47
CA VAL E 511 -28.13 -55.66 5.72
C VAL E 511 -28.24 -54.20 6.05
N VAL E 512 -27.72 -53.82 7.19
CA VAL E 512 -27.71 -52.41 7.54
C VAL E 512 -26.30 -51.89 7.54
N LEU E 513 -26.04 -50.89 6.71
CA LEU E 513 -24.71 -50.34 6.63
C LEU E 513 -24.65 -49.06 7.44
N SER E 514 -23.99 -49.16 8.60
CA SER E 514 -23.86 -48.05 9.55
C SER E 514 -22.65 -47.20 9.19
N PHE E 515 -22.88 -45.89 8.99
CA PHE E 515 -21.87 -44.95 8.53
C PHE E 515 -21.46 -44.02 9.67
N ALA E 522 -10.67 -40.65 7.64
CA ALA E 522 -11.69 -41.64 7.31
C ALA E 522 -11.08 -42.70 6.38
N THR E 523 -11.41 -43.98 6.61
CA THR E 523 -10.78 -45.10 5.88
C THR E 523 -11.68 -45.79 4.84
N VAL E 524 -13.00 -45.53 4.85
CA VAL E 524 -13.85 -46.19 3.84
C VAL E 524 -14.42 -45.16 2.88
N CYS E 525 -13.81 -45.03 1.70
CA CYS E 525 -14.16 -43.98 0.74
C CYS E 525 -14.69 -44.58 -0.55
N GLY E 526 -15.58 -43.87 -1.22
CA GLY E 526 -16.07 -44.34 -2.51
C GLY E 526 -14.95 -44.29 -3.55
N PRO E 527 -15.18 -44.91 -4.71
CA PRO E 527 -14.28 -45.01 -5.84
C PRO E 527 -14.15 -43.69 -6.56
N LYS E 528 -13.04 -43.50 -7.23
CA LYS E 528 -12.85 -42.33 -8.09
C LYS E 528 -12.83 -42.79 -9.53
N LYS E 529 -13.43 -41.99 -10.41
CA LYS E 529 -13.44 -42.34 -11.81
C LYS E 529 -12.50 -41.46 -12.60
N SER E 530 -11.69 -42.09 -13.43
CA SER E 530 -10.71 -41.38 -14.23
C SER E 530 -11.16 -41.21 -15.67
N THR E 531 -10.49 -40.31 -16.37
CA THR E 531 -10.69 -40.05 -17.78
C THR E 531 -9.36 -40.21 -18.51
N ASN E 532 -9.42 -40.13 -19.84
CA ASN E 532 -8.22 -40.25 -20.65
C ASN E 532 -7.33 -39.03 -20.52
N LEU E 533 -6.04 -39.25 -20.61
CA LEU E 533 -5.05 -38.18 -20.55
C LEU E 533 -4.67 -37.71 -21.94
N VAL E 534 -4.90 -36.43 -22.21
CA VAL E 534 -4.61 -35.83 -23.50
C VAL E 534 -3.38 -34.95 -23.40
N LYS E 535 -2.37 -35.28 -24.18
CA LYS E 535 -1.10 -34.57 -24.10
C LYS E 535 -0.98 -33.48 -25.16
N ASN E 536 -0.15 -32.50 -24.85
CA ASN E 536 0.18 -31.37 -25.73
C ASN E 536 -1.04 -30.53 -26.10
N LYS E 537 -1.96 -30.37 -25.15
CA LYS E 537 -3.16 -29.57 -25.35
C LYS E 537 -3.45 -28.80 -24.05
N CYS E 538 -4.06 -27.61 -24.16
CA CYS E 538 -4.47 -26.83 -22.97
C CYS E 538 -5.71 -27.45 -22.34
N VAL E 539 -5.53 -27.91 -21.10
CA VAL E 539 -6.59 -28.61 -20.39
C VAL E 539 -6.74 -28.14 -18.94
N ASN E 540 -7.89 -28.46 -18.36
CA ASN E 540 -8.13 -28.27 -16.94
C ASN E 540 -7.90 -29.63 -16.28
N PHE E 541 -6.88 -29.74 -15.43
CA PHE E 541 -6.51 -31.04 -14.90
C PHE E 541 -6.70 -31.21 -13.39
N ASN E 542 -6.82 -32.48 -12.99
CA ASN E 542 -6.87 -32.90 -11.60
C ASN E 542 -6.17 -34.25 -11.41
N PHE E 543 -4.98 -34.23 -10.82
CA PHE E 543 -4.23 -35.45 -10.57
C PHE E 543 -4.25 -35.74 -9.07
N ASN E 544 -5.03 -36.73 -8.66
CA ASN E 544 -5.25 -36.96 -7.24
C ASN E 544 -5.88 -35.70 -6.61
N GLY E 545 -5.09 -34.95 -5.85
CA GLY E 545 -5.56 -33.72 -5.21
C GLY E 545 -4.90 -32.46 -5.79
N LEU E 546 -4.16 -32.64 -6.88
CA LEU E 546 -3.42 -31.55 -7.54
C LEU E 546 -4.20 -30.96 -8.69
N THR E 547 -4.61 -29.70 -8.58
CA THR E 547 -5.44 -29.12 -9.62
C THR E 547 -4.86 -27.86 -10.21
N GLY E 548 -5.33 -27.55 -11.42
CA GLY E 548 -4.96 -26.33 -12.10
C GLY E 548 -5.18 -26.47 -13.60
N THR E 549 -4.73 -25.50 -14.36
CA THR E 549 -4.87 -25.56 -15.81
C THR E 549 -3.50 -25.47 -16.43
N GLY E 550 -3.38 -25.96 -17.65
CA GLY E 550 -2.09 -25.89 -18.33
C GLY E 550 -1.96 -26.96 -19.39
N VAL E 551 -0.75 -27.11 -19.90
CA VAL E 551 -0.46 -28.07 -20.94
C VAL E 551 0.37 -29.19 -20.36
N LEU E 552 -0.11 -30.41 -20.57
CA LEU E 552 0.52 -31.61 -20.03
C LEU E 552 1.39 -32.24 -21.10
N THR E 553 2.71 -32.30 -20.88
CA THR E 553 3.61 -32.82 -21.92
C THR E 553 4.66 -33.76 -21.36
N GLU E 554 5.37 -34.48 -22.22
CA GLU E 554 6.38 -35.41 -21.72
C GLU E 554 7.54 -34.69 -21.07
N SER E 555 7.98 -35.16 -19.89
CA SER E 555 9.09 -34.51 -19.19
C SER E 555 10.40 -35.21 -19.46
N ASN E 556 11.48 -34.57 -19.03
CA ASN E 556 12.80 -35.15 -19.06
C ASN E 556 13.34 -35.17 -17.64
N LYS E 557 12.43 -35.29 -16.67
CA LYS E 557 12.80 -35.30 -15.26
C LYS E 557 12.48 -36.63 -14.61
N LYS E 558 13.19 -36.92 -13.53
CA LYS E 558 12.93 -38.13 -12.77
C LYS E 558 12.60 -37.82 -11.33
N PHE E 559 11.52 -38.41 -10.85
CA PHE E 559 11.06 -38.28 -9.48
C PHE E 559 11.53 -39.46 -8.68
N LEU E 560 11.66 -39.28 -7.38
CA LEU E 560 11.96 -40.40 -6.51
C LEU E 560 10.68 -41.24 -6.41
N PRO E 561 10.75 -42.51 -6.01
CA PRO E 561 9.66 -43.46 -5.88
C PRO E 561 8.48 -42.99 -5.01
N PHE E 562 8.72 -42.01 -4.14
CA PHE E 562 7.67 -41.54 -3.25
C PHE E 562 7.13 -40.16 -3.60
N GLN E 563 7.70 -39.51 -4.61
CA GLN E 563 7.28 -38.15 -4.95
C GLN E 563 6.14 -38.19 -5.96
N GLN E 564 5.13 -37.36 -5.75
CA GLN E 564 3.94 -37.36 -6.60
C GLN E 564 3.91 -36.20 -7.59
N PHE E 565 4.44 -35.06 -7.19
CA PHE E 565 4.44 -33.90 -8.07
C PHE E 565 5.63 -33.04 -7.74
N GLY E 566 5.99 -32.11 -8.62
CA GLY E 566 7.13 -31.26 -8.34
C GLY E 566 6.79 -29.79 -8.39
N ARG E 567 7.73 -28.97 -7.93
CA ARG E 567 7.58 -27.53 -7.93
C ARG E 567 8.82 -26.79 -8.43
N ASP E 568 8.58 -25.56 -8.89
CA ASP E 568 9.59 -24.63 -9.40
C ASP E 568 10.16 -23.78 -8.25
N ILE E 569 11.09 -22.90 -8.58
CA ILE E 569 11.73 -21.99 -7.61
C ILE E 569 10.73 -21.03 -6.98
N ALA E 570 9.64 -20.77 -7.71
CA ALA E 570 8.57 -19.89 -7.25
C ALA E 570 7.55 -20.65 -6.41
N ASP E 571 7.84 -21.94 -6.16
CA ASP E 571 6.99 -22.86 -5.43
C ASP E 571 5.65 -23.10 -6.10
N THR E 572 5.64 -23.08 -7.43
CA THR E 572 4.45 -23.39 -8.19
C THR E 572 4.62 -24.77 -8.77
N THR E 573 3.53 -25.41 -9.17
CA THR E 573 3.63 -26.75 -9.73
C THR E 573 4.19 -26.74 -11.13
N ASP E 574 5.14 -27.63 -11.42
CA ASP E 574 5.66 -27.68 -12.79
C ASP E 574 5.75 -29.10 -13.36
N ALA E 575 5.32 -30.10 -12.59
CA ALA E 575 5.37 -31.48 -13.06
C ALA E 575 4.50 -32.36 -12.18
N VAL E 576 4.04 -33.47 -12.75
CA VAL E 576 3.29 -34.45 -11.99
C VAL E 576 3.52 -35.87 -12.48
N ARG E 577 3.50 -36.82 -11.56
CA ARG E 577 3.56 -38.22 -11.91
C ARG E 577 2.14 -38.75 -12.06
N ASP E 578 1.85 -39.36 -13.20
CA ASP E 578 0.53 -39.87 -13.45
C ASP E 578 0.18 -41.04 -12.51
N PRO E 579 -0.92 -40.97 -11.77
CA PRO E 579 -1.40 -41.96 -10.82
C PRO E 579 -1.55 -43.39 -11.38
N GLN E 580 -1.73 -43.54 -12.70
CA GLN E 580 -1.92 -44.88 -13.27
C GLN E 580 -0.72 -45.39 -14.05
N THR E 581 -0.06 -44.52 -14.79
CA THR E 581 1.04 -44.98 -15.65
C THR E 581 2.40 -44.75 -15.04
N LEU E 582 2.45 -43.92 -14.00
CA LEU E 582 3.67 -43.52 -13.32
C LEU E 582 4.62 -42.79 -14.25
N GLU E 583 4.06 -42.22 -15.30
CA GLU E 583 4.78 -41.39 -16.24
C GLU E 583 4.94 -40.00 -15.66
N ILE E 584 6.10 -39.39 -15.88
CA ILE E 584 6.27 -38.02 -15.40
C ILE E 584 6.09 -37.06 -16.54
N LEU E 585 5.13 -36.16 -16.36
CA LEU E 585 4.84 -35.15 -17.34
C LEU E 585 5.10 -33.77 -16.78
N ASP E 586 5.43 -32.84 -17.65
CA ASP E 586 5.64 -31.46 -17.26
C ASP E 586 4.36 -30.69 -17.39
N ILE E 587 4.23 -29.65 -16.59
CA ILE E 587 3.09 -28.78 -16.70
C ILE E 587 3.53 -27.38 -17.02
N THR E 588 3.05 -26.84 -18.13
CA THR E 588 3.37 -25.48 -18.50
C THR E 588 2.05 -24.73 -18.50
N PRO E 589 2.04 -23.41 -18.34
CA PRO E 589 0.86 -22.59 -18.43
C PRO E 589 0.38 -22.57 -19.87
N CYS E 590 -0.93 -22.35 -20.07
CA CYS E 590 -1.51 -22.18 -21.39
C CYS E 590 -1.08 -20.81 -21.88
N SER E 591 -0.70 -20.74 -23.15
CA SER E 591 -0.12 -19.51 -23.66
C SER E 591 -0.99 -18.28 -23.47
N PHE E 592 -0.32 -17.20 -23.10
CA PHE E 592 -0.97 -15.92 -22.92
C PHE E 592 0.03 -14.80 -23.13
N GLY E 593 -0.46 -13.60 -23.30
CA GLY E 593 0.42 -12.44 -23.40
C GLY E 593 -0.34 -11.21 -23.83
N GLY E 594 0.30 -10.06 -23.78
CA GLY E 594 -0.36 -8.84 -24.19
C GLY E 594 -0.57 -8.82 -25.68
N VAL E 595 -1.60 -8.11 -26.12
CA VAL E 595 -1.84 -7.93 -27.53
C VAL E 595 -1.69 -6.46 -27.87
N SER E 596 -0.73 -6.18 -28.74
CA SER E 596 -0.44 -4.81 -29.09
C SER E 596 -0.79 -4.48 -30.52
N VAL E 597 -1.30 -3.28 -30.72
CA VAL E 597 -1.68 -2.82 -32.03
C VAL E 597 -0.67 -1.82 -32.55
N ILE E 598 -0.13 -2.15 -33.71
CA ILE E 598 0.90 -1.38 -34.38
C ILE E 598 0.24 -0.55 -35.45
N THR E 599 0.26 0.75 -35.28
CA THR E 599 -0.51 1.58 -36.17
C THR E 599 0.26 2.81 -36.65
N PRO E 600 0.17 3.14 -37.94
CA PRO E 600 0.51 4.40 -38.53
C PRO E 600 -0.48 5.37 -37.93
N GLY E 601 -0.18 6.64 -37.90
CA GLY E 601 -1.18 7.51 -37.31
C GLY E 601 -2.44 7.48 -38.15
N THR E 602 -3.59 7.76 -37.51
CA THR E 602 -4.88 7.74 -38.22
C THR E 602 -5.05 8.86 -39.26
N ASN E 603 -4.10 9.81 -39.30
CA ASN E 603 -4.02 10.86 -40.32
C ASN E 603 -3.36 10.32 -41.61
N THR E 604 -2.83 9.08 -41.58
CA THR E 604 -2.17 8.41 -42.70
C THR E 604 -3.00 7.22 -43.17
N SER E 605 -3.41 6.36 -42.24
CA SER E 605 -4.16 5.18 -42.62
C SER E 605 -4.93 4.57 -41.45
N ASN E 606 -5.84 3.65 -41.77
CA ASN E 606 -6.58 2.88 -40.77
C ASN E 606 -6.17 1.42 -40.80
N GLN E 607 -4.99 1.15 -41.35
CA GLN E 607 -4.47 -0.20 -41.42
C GLN E 607 -3.63 -0.46 -40.19
N VAL E 608 -3.82 -1.61 -39.56
CA VAL E 608 -3.03 -1.93 -38.40
C VAL E 608 -2.46 -3.33 -38.47
N ALA E 609 -1.40 -3.57 -37.70
CA ALA E 609 -0.83 -4.89 -37.51
C ALA E 609 -0.94 -5.25 -36.04
N VAL E 610 -1.09 -6.53 -35.73
CA VAL E 610 -1.23 -6.91 -34.34
C VAL E 610 -0.15 -7.87 -33.88
N LEU E 611 0.49 -7.53 -32.78
CA LEU E 611 1.52 -8.35 -32.19
C LEU E 611 0.99 -9.13 -30.99
N TYR E 612 1.08 -10.44 -31.07
CA TYR E 612 0.65 -11.28 -29.97
C TYR E 612 1.91 -11.66 -29.21
N GLN E 613 2.09 -11.00 -28.07
CA GLN E 613 3.35 -11.08 -27.36
C GLN E 613 3.63 -12.45 -26.82
N ASP E 614 4.88 -12.89 -26.99
CA ASP E 614 5.38 -14.11 -26.39
C ASP E 614 4.69 -15.40 -26.81
N VAL E 615 3.93 -15.38 -27.90
CA VAL E 615 3.27 -16.62 -28.31
C VAL E 615 3.62 -17.03 -29.73
N ASN E 616 3.28 -18.29 -30.08
CA ASN E 616 3.48 -18.86 -31.41
C ASN E 616 2.33 -18.51 -32.36
N CYS E 617 2.64 -18.38 -33.64
CA CYS E 617 1.64 -18.11 -34.68
C CYS E 617 0.75 -19.32 -34.90
N THR E 618 1.18 -20.47 -34.39
CA THR E 618 0.44 -21.73 -34.50
C THR E 618 -0.55 -21.82 -33.35
N GLU E 619 -0.45 -20.92 -32.38
CA GLU E 619 -1.34 -20.88 -31.23
C GLU E 619 -2.44 -19.80 -31.39
N VAL E 620 -2.11 -18.68 -32.07
CA VAL E 620 -3.02 -17.55 -32.34
C VAL E 620 -4.04 -17.99 -33.40
N ASN E 641 0.05 -12.47 -44.22
CA ASN E 641 1.12 -11.74 -43.55
C ASN E 641 1.24 -12.16 -42.09
N VAL E 642 1.86 -13.33 -41.84
CA VAL E 642 2.11 -13.86 -40.50
C VAL E 642 3.61 -14.08 -40.30
N PHE E 643 4.19 -13.31 -39.39
CA PHE E 643 5.63 -13.33 -39.12
C PHE E 643 5.94 -13.66 -37.67
N GLN E 644 6.72 -14.70 -37.47
CA GLN E 644 7.10 -15.08 -36.11
C GLN E 644 8.40 -14.42 -35.73
N THR E 645 8.37 -13.65 -34.66
CA THR E 645 9.57 -12.99 -34.17
C THR E 645 9.79 -13.29 -32.70
N ARG E 646 10.91 -12.82 -32.17
CA ARG E 646 11.28 -13.07 -30.79
C ARG E 646 10.28 -12.48 -29.81
N ALA E 647 9.66 -11.36 -30.18
CA ALA E 647 8.73 -10.67 -29.32
C ALA E 647 7.33 -11.26 -29.37
N GLY E 648 7.09 -12.23 -30.24
CA GLY E 648 5.74 -12.76 -30.39
C GLY E 648 5.38 -12.95 -31.86
N CYS E 649 4.09 -13.16 -32.13
CA CYS E 649 3.58 -13.38 -33.48
C CYS E 649 3.01 -12.07 -34.03
N LEU E 650 3.60 -11.61 -35.12
CA LEU E 650 3.18 -10.36 -35.72
C LEU E 650 2.32 -10.61 -36.95
N ILE E 651 1.07 -10.21 -36.88
CA ILE E 651 0.13 -10.46 -37.96
C ILE E 651 -0.38 -9.18 -38.60
N GLY E 652 -0.29 -9.12 -39.93
CA GLY E 652 -0.75 -7.97 -40.70
C GLY E 652 0.39 -7.16 -41.30
N ALA E 653 1.59 -7.34 -40.76
CA ALA E 653 2.76 -6.64 -41.29
C ALA E 653 3.48 -7.55 -42.26
N GLU E 654 3.96 -6.98 -43.35
CA GLU E 654 4.73 -7.75 -44.32
C GLU E 654 6.21 -7.70 -43.99
N HIS E 655 6.79 -8.83 -43.66
CA HIS E 655 8.21 -8.85 -43.35
C HIS E 655 9.01 -8.71 -44.63
N VAL E 656 10.03 -7.87 -44.60
CA VAL E 656 10.91 -7.68 -45.75
C VAL E 656 12.38 -7.87 -45.34
N ASN E 657 13.24 -8.15 -46.33
CA ASN E 657 14.68 -8.33 -46.12
C ASN E 657 15.41 -6.99 -45.90
N ASN E 658 14.92 -5.90 -46.51
CA ASN E 658 15.55 -4.57 -46.44
C ASN E 658 15.52 -3.98 -45.04
N SER E 659 16.65 -3.48 -44.60
CA SER E 659 16.77 -2.85 -43.29
C SER E 659 16.58 -1.35 -43.37
N TYR E 660 15.81 -0.82 -42.46
CA TYR E 660 15.49 0.61 -42.43
C TYR E 660 15.74 1.19 -41.05
N GLU E 661 15.87 2.51 -40.99
CA GLU E 661 15.97 3.20 -39.71
C GLU E 661 14.65 2.93 -38.97
N CYS E 662 14.72 2.63 -37.66
CA CYS E 662 13.56 2.21 -36.86
C CYS E 662 12.53 3.32 -36.71
N ASP E 663 11.27 2.93 -36.87
CA ASP E 663 10.14 3.83 -36.69
C ASP E 663 9.30 3.35 -35.51
N ILE E 664 8.43 2.36 -35.72
CA ILE E 664 7.67 1.83 -34.59
C ILE E 664 8.35 0.55 -34.11
N PRO E 665 8.90 0.51 -32.90
CA PRO E 665 9.61 -0.64 -32.39
C PRO E 665 8.66 -1.77 -32.05
N ILE E 666 9.07 -3.00 -32.32
CA ILE E 666 8.36 -4.19 -31.90
C ILE E 666 9.14 -4.83 -30.77
N GLY E 667 10.45 -4.93 -30.97
CA GLY E 667 11.35 -5.51 -29.99
C GLY E 667 12.28 -6.52 -30.63
N ALA E 668 13.39 -6.80 -29.96
CA ALA E 668 14.36 -7.79 -30.40
C ALA E 668 14.88 -7.50 -31.81
N GLY E 669 15.11 -6.23 -32.10
CA GLY E 669 15.68 -5.83 -33.38
C GLY E 669 14.65 -5.54 -34.45
N ILE E 670 13.38 -5.85 -34.19
CA ILE E 670 12.34 -5.65 -35.17
C ILE E 670 11.57 -4.35 -34.96
N CYS E 671 11.37 -3.61 -36.06
CA CYS E 671 10.61 -2.37 -36.14
C CYS E 671 9.64 -2.48 -37.30
N ALA E 672 8.64 -1.60 -37.32
CA ALA E 672 7.66 -1.58 -38.39
C ALA E 672 7.40 -0.16 -38.87
N SER E 673 6.97 -0.05 -40.12
CA SER E 673 6.65 1.23 -40.73
C SER E 673 5.64 1.10 -41.85
N TYR E 674 5.10 2.24 -42.28
CA TYR E 674 4.12 2.27 -43.36
C TYR E 674 4.78 2.76 -44.64
N GLN E 675 4.95 1.86 -45.62
CA GLN E 675 5.68 2.21 -46.84
C GLN E 675 4.99 1.71 -48.12
N THR E 676 5.27 2.39 -49.25
CA THR E 676 4.76 2.06 -50.58
C THR E 676 5.16 0.62 -50.99
N GLN E 690 0.33 1.83 -50.06
CA GLN E 690 1.18 1.67 -48.89
C GLN E 690 0.63 0.57 -47.99
N SER E 691 1.53 -0.06 -47.21
CA SER E 691 1.18 -1.10 -46.23
C SER E 691 2.21 -1.16 -45.11
N ILE E 692 1.82 -1.80 -44.01
CA ILE E 692 2.72 -1.96 -42.88
C ILE E 692 3.71 -3.07 -43.14
N ILE E 693 4.99 -2.79 -42.91
CA ILE E 693 6.04 -3.77 -43.10
C ILE E 693 6.82 -3.98 -41.81
N ALA E 694 7.49 -5.11 -41.74
CA ALA E 694 8.35 -5.44 -40.60
C ALA E 694 9.76 -5.69 -41.08
N TYR E 695 10.73 -5.23 -40.32
CA TYR E 695 12.12 -5.39 -40.71
C TYR E 695 13.06 -5.34 -39.53
N THR E 696 14.29 -5.81 -39.74
CA THR E 696 15.33 -5.63 -38.75
C THR E 696 15.91 -4.25 -38.95
N MET E 697 15.96 -3.48 -37.87
CA MET E 697 16.37 -2.10 -37.95
C MET E 697 17.84 -1.92 -38.25
N SER E 698 18.15 -0.86 -38.98
CA SER E 698 19.51 -0.46 -39.29
C SER E 698 20.13 0.22 -38.10
N LEU E 699 21.42 -0.01 -37.88
CA LEU E 699 22.11 0.65 -36.78
C LEU E 699 22.88 1.86 -37.28
N GLY E 700 22.82 2.10 -38.57
CA GLY E 700 23.57 3.18 -39.18
C GLY E 700 24.17 2.71 -40.49
N ALA E 701 24.80 3.63 -41.21
CA ALA E 701 25.39 3.31 -42.50
C ALA E 701 26.65 2.52 -42.31
N GLU E 702 26.97 1.62 -43.24
CA GLU E 702 28.24 0.91 -43.15
C GLU E 702 29.37 1.87 -43.53
N ASN E 703 30.46 1.84 -42.78
CA ASN E 703 31.58 2.75 -43.03
C ASN E 703 32.94 2.12 -42.76
N SER E 704 33.90 2.44 -43.61
CA SER E 704 35.25 1.94 -43.44
C SER E 704 36.27 3.06 -43.53
N VAL E 705 36.98 3.29 -42.43
CA VAL E 705 37.98 4.33 -42.35
C VAL E 705 39.25 3.83 -43.03
N ALA E 706 39.84 4.66 -43.88
CA ALA E 706 41.02 4.27 -44.63
C ALA E 706 42.26 4.34 -43.78
N TYR E 707 42.33 3.48 -42.78
CA TYR E 707 43.44 3.46 -41.87
C TYR E 707 44.70 2.94 -42.52
N SER E 708 45.78 3.65 -42.28
CA SER E 708 47.11 3.25 -42.70
C SER E 708 48.07 3.87 -41.70
N ASN E 709 49.21 3.20 -41.45
CA ASN E 709 50.18 3.65 -40.46
C ASN E 709 50.88 4.98 -40.81
N ASN E 710 50.75 5.44 -42.06
CA ASN E 710 51.31 6.70 -42.54
C ASN E 710 50.29 7.57 -43.26
N SER E 711 48.99 7.42 -42.98
CA SER E 711 48.02 8.26 -43.68
C SER E 711 47.11 9.01 -42.75
N ILE E 712 46.95 10.29 -43.02
CA ILE E 712 46.10 11.14 -42.20
C ILE E 712 45.11 11.92 -43.05
N ALA E 713 43.92 12.14 -42.54
CA ALA E 713 42.98 13.00 -43.25
C ALA E 713 42.83 14.32 -42.50
N ILE E 714 42.83 15.41 -43.25
CA ILE E 714 42.71 16.74 -42.66
C ILE E 714 41.69 17.56 -43.44
N PRO E 715 40.70 18.19 -42.78
CA PRO E 715 39.69 19.01 -43.39
C PRO E 715 40.31 20.23 -44.03
N THR E 716 39.94 20.52 -45.27
CA THR E 716 40.40 21.72 -45.95
C THR E 716 39.35 22.85 -45.93
N ASN E 717 38.18 22.57 -45.34
CA ASN E 717 37.04 23.44 -45.22
C ASN E 717 36.25 23.03 -43.98
N PHE E 718 35.27 23.84 -43.59
CA PHE E 718 34.42 23.59 -42.43
C PHE E 718 33.09 24.26 -42.63
N THR E 719 32.12 23.86 -41.82
CA THR E 719 30.86 24.56 -41.79
C THR E 719 30.47 24.93 -40.38
N ILE E 720 29.72 26.02 -40.26
CA ILE E 720 29.11 26.37 -39.00
C ILE E 720 27.75 25.72 -38.94
N SER E 721 27.52 24.97 -37.89
CA SER E 721 26.28 24.26 -37.69
C SER E 721 25.57 24.74 -36.46
N VAL E 722 24.26 24.86 -36.53
CA VAL E 722 23.50 25.21 -35.35
C VAL E 722 22.48 24.14 -35.09
N THR E 723 22.50 23.59 -33.89
CA THR E 723 21.56 22.54 -33.52
C THR E 723 20.72 23.01 -32.35
N THR E 724 19.56 22.39 -32.18
CA THR E 724 18.68 22.81 -31.10
C THR E 724 18.51 21.73 -30.06
N GLU E 725 18.74 22.09 -28.81
CA GLU E 725 18.52 21.18 -27.71
C GLU E 725 17.42 21.69 -26.81
N ILE E 726 16.42 20.87 -26.60
CA ILE E 726 15.28 21.26 -25.78
C ILE E 726 15.27 20.55 -24.45
N LEU E 727 15.19 21.32 -23.37
CA LEU E 727 15.15 20.76 -22.03
C LEU E 727 14.02 21.36 -21.21
N PRO E 728 13.23 20.53 -20.51
CA PRO E 728 12.28 20.93 -19.50
C PRO E 728 13.01 21.59 -18.35
N VAL E 729 12.38 22.60 -17.79
CA VAL E 729 12.93 23.25 -16.60
C VAL E 729 11.95 23.15 -15.45
N SER E 730 10.68 23.30 -15.75
CA SER E 730 9.66 23.35 -14.73
C SER E 730 8.42 22.62 -15.19
N MET E 731 7.48 22.46 -14.27
CA MET E 731 6.19 21.89 -14.59
C MET E 731 5.11 22.67 -13.87
N THR E 732 3.88 22.55 -14.34
CA THR E 732 2.77 23.28 -13.76
C THR E 732 2.68 23.07 -12.26
N LYS E 733 2.60 24.17 -11.52
CA LYS E 733 2.53 24.10 -10.07
C LYS E 733 1.12 23.84 -9.61
N THR E 734 0.72 22.59 -9.68
CA THR E 734 -0.62 22.27 -9.27
C THR E 734 -0.67 22.19 -7.77
N SER E 735 -1.87 22.30 -7.22
CA SER E 735 -2.08 22.17 -5.80
C SER E 735 -3.41 21.49 -5.52
N VAL E 736 -3.40 20.52 -4.62
CA VAL E 736 -4.63 19.83 -4.29
C VAL E 736 -4.95 20.02 -2.83
N ASP E 737 -6.16 20.47 -2.57
CA ASP E 737 -6.67 20.58 -1.23
C ASP E 737 -7.23 19.23 -0.84
N CYS E 738 -6.49 18.45 -0.03
CA CYS E 738 -6.83 17.06 0.31
C CYS E 738 -8.25 16.95 0.87
N THR E 739 -8.59 17.79 1.84
CA THR E 739 -9.91 17.70 2.42
C THR E 739 -10.98 18.04 1.39
N MET E 740 -10.76 19.10 0.60
CA MET E 740 -11.80 19.46 -0.36
C MET E 740 -11.95 18.39 -1.45
N TYR E 741 -10.83 17.77 -1.84
CA TYR E 741 -10.87 16.71 -2.83
C TYR E 741 -11.64 15.49 -2.33
N ILE E 742 -11.35 15.07 -1.11
CA ILE E 742 -11.97 13.86 -0.55
C ILE E 742 -13.41 14.08 -0.04
N CYS E 743 -13.62 15.15 0.76
CA CYS E 743 -14.89 15.42 1.45
C CYS E 743 -15.63 16.61 0.85
N GLY E 744 -14.90 17.58 0.34
CA GLY E 744 -15.55 18.77 -0.18
C GLY E 744 -16.20 19.57 0.92
N ASP E 745 -17.50 19.82 0.77
CA ASP E 745 -18.25 20.60 1.73
C ASP E 745 -18.94 19.76 2.79
N SER E 746 -18.66 18.46 2.81
CA SER E 746 -19.28 17.61 3.79
C SER E 746 -18.55 17.61 5.12
N THR E 747 -19.25 18.03 6.18
CA THR E 747 -18.65 18.04 7.49
C THR E 747 -18.74 16.67 8.13
N GLU E 748 -19.70 15.88 7.67
CA GLU E 748 -19.82 14.51 8.16
C GLU E 748 -18.61 13.68 7.73
N CYS E 749 -18.16 13.86 6.47
CA CYS E 749 -16.97 13.25 5.91
C CYS E 749 -15.71 13.82 6.55
N SER E 750 -15.65 15.15 6.70
CA SER E 750 -14.44 15.77 7.23
C SER E 750 -14.10 15.20 8.60
N ASN E 751 -15.10 14.98 9.44
CA ASN E 751 -14.88 14.46 10.77
C ASN E 751 -14.45 12.99 10.78
N LEU E 752 -14.60 12.31 9.66
CA LEU E 752 -14.14 10.93 9.53
C LEU E 752 -12.72 10.95 9.00
N LEU E 753 -12.45 11.90 8.12
CA LEU E 753 -11.14 12.05 7.51
C LEU E 753 -10.09 12.39 8.56
N LEU E 754 -10.50 13.12 9.59
CA LEU E 754 -9.60 13.48 10.68
C LEU E 754 -9.10 12.25 11.46
N GLN E 755 -9.83 11.15 11.37
CA GLN E 755 -9.48 9.95 12.12
C GLN E 755 -8.39 9.17 11.42
N TYR E 756 -7.99 9.65 10.24
CA TYR E 756 -6.93 9.03 9.48
C TYR E 756 -5.61 9.72 9.76
N GLY E 757 -5.60 10.62 10.72
CA GLY E 757 -4.37 11.26 11.12
C GLY E 757 -4.00 12.45 10.25
N SER E 758 -2.72 12.53 9.93
CA SER E 758 -2.17 13.69 9.25
C SER E 758 -1.91 13.42 7.78
N PHE E 759 -2.52 12.38 7.23
CA PHE E 759 -2.28 12.08 5.82
C PHE E 759 -2.48 13.28 4.90
N CYS E 760 -3.56 14.06 5.11
CA CYS E 760 -3.83 15.25 4.31
C CYS E 760 -2.78 16.34 4.52
N THR E 761 -2.22 16.41 5.72
CA THR E 761 -1.18 17.40 5.96
C THR E 761 0.04 17.02 5.14
N GLN E 762 0.36 15.73 5.12
CA GLN E 762 1.52 15.24 4.39
C GLN E 762 1.37 15.43 2.89
N LEU E 763 0.16 15.20 2.38
CA LEU E 763 -0.11 15.32 0.96
C LEU E 763 -0.10 16.78 0.54
N ASN E 764 -0.67 17.65 1.35
CA ASN E 764 -0.68 19.06 1.03
C ASN E 764 0.75 19.60 1.06
N ARG E 765 1.52 19.09 2.01
CA ARG E 765 2.91 19.50 2.19
C ARG E 765 3.78 19.04 1.04
N ALA E 766 3.60 17.80 0.59
CA ALA E 766 4.38 17.28 -0.52
C ALA E 766 4.15 18.08 -1.78
N LEU E 767 2.89 18.42 -2.04
CA LEU E 767 2.59 19.20 -3.24
C LEU E 767 3.10 20.62 -3.13
N THR E 768 3.08 21.18 -1.92
CA THR E 768 3.61 22.51 -1.72
C THR E 768 5.11 22.51 -2.01
N GLY E 769 5.80 21.48 -1.52
CA GLY E 769 7.23 21.34 -1.75
C GLY E 769 7.55 21.24 -3.23
N ILE E 770 6.74 20.48 -3.96
CA ILE E 770 6.95 20.36 -5.40
C ILE E 770 6.75 21.70 -6.07
N ALA E 771 5.68 22.40 -5.71
CA ALA E 771 5.37 23.68 -6.33
C ALA E 771 6.47 24.71 -6.10
N VAL E 772 7.01 24.80 -4.88
CA VAL E 772 8.04 25.80 -4.66
C VAL E 772 9.33 25.42 -5.39
N GLU E 773 9.59 24.12 -5.49
CA GLU E 773 10.76 23.62 -6.20
C GLU E 773 10.75 24.08 -7.65
N GLN E 774 9.56 24.21 -8.24
CA GLN E 774 9.47 24.62 -9.63
C GLN E 774 9.98 26.03 -9.84
N ASP E 775 9.88 26.90 -8.84
CA ASP E 775 10.40 28.25 -9.00
C ASP E 775 11.89 28.22 -8.80
N LYS E 776 12.35 27.35 -7.92
CA LYS E 776 13.76 27.17 -7.71
C LYS E 776 14.43 26.70 -8.98
N ASN E 777 13.78 25.77 -9.69
CA ASN E 777 14.33 25.23 -10.93
C ASN E 777 14.44 26.30 -11.98
N THR E 778 13.41 27.13 -12.09
CA THR E 778 13.39 28.18 -13.09
C THR E 778 14.46 29.22 -12.79
N GLN E 779 14.57 29.60 -11.52
CA GLN E 779 15.52 30.62 -11.13
C GLN E 779 16.95 30.16 -11.35
N GLU E 780 17.25 28.90 -11.03
CA GLU E 780 18.60 28.40 -11.21
C GLU E 780 19.02 28.30 -12.66
N VAL E 781 18.09 28.03 -13.57
CA VAL E 781 18.42 27.96 -14.98
C VAL E 781 18.56 29.33 -15.63
N PHE E 782 17.61 30.23 -15.36
CA PHE E 782 17.63 31.50 -16.09
C PHE E 782 18.30 32.67 -15.38
N ALA E 783 18.20 32.74 -14.05
CA ALA E 783 18.74 33.89 -13.34
C ALA E 783 20.21 33.69 -13.00
N GLN E 784 21.03 33.51 -14.03
CA GLN E 784 22.46 33.28 -13.82
C GLN E 784 23.27 34.53 -14.12
N VAL E 785 22.56 35.60 -14.42
CA VAL E 785 23.18 36.87 -14.74
C VAL E 785 22.70 37.90 -13.72
N LYS E 786 23.63 38.67 -13.17
CA LYS E 786 23.29 39.63 -12.11
C LYS E 786 22.90 41.00 -12.62
N GLN E 787 23.07 41.20 -13.91
CA GLN E 787 22.73 42.46 -14.54
C GLN E 787 21.92 42.21 -15.80
N ILE E 788 21.10 43.16 -16.18
CA ILE E 788 20.36 43.00 -17.40
C ILE E 788 21.07 43.74 -18.51
N TYR E 789 21.71 42.97 -19.37
CA TYR E 789 22.51 43.50 -20.45
C TYR E 789 21.62 43.73 -21.64
N LYS E 790 21.94 44.74 -22.43
CA LYS E 790 21.22 45.03 -23.64
C LYS E 790 22.17 45.24 -24.79
N THR E 791 21.75 44.87 -25.99
CA THR E 791 22.57 45.10 -27.17
C THR E 791 22.50 46.57 -27.51
N PRO E 792 23.46 47.10 -28.26
CA PRO E 792 23.48 48.46 -28.76
C PRO E 792 22.39 48.62 -29.80
N PRO E 793 21.93 49.86 -30.02
CA PRO E 793 20.95 50.23 -31.03
C PRO E 793 21.45 49.97 -32.43
N ILE E 794 22.78 49.91 -32.58
CA ILE E 794 23.36 49.59 -33.87
C ILE E 794 23.96 48.20 -33.82
N LYS E 795 23.34 47.29 -34.54
CA LYS E 795 23.73 45.90 -34.50
C LYS E 795 24.78 45.52 -35.52
N ASP E 796 25.99 46.04 -35.32
CA ASP E 796 27.10 45.72 -36.20
C ASP E 796 28.01 44.70 -35.55
N PHE E 797 27.84 43.44 -35.93
CA PHE E 797 28.58 42.36 -35.33
C PHE E 797 29.49 41.72 -36.34
N GLY E 798 29.84 42.48 -37.38
CA GLY E 798 30.77 42.00 -38.39
C GLY E 798 30.14 41.07 -39.42
N GLY E 799 28.84 41.19 -39.63
CA GLY E 799 28.15 40.34 -40.59
C GLY E 799 27.31 39.26 -39.93
N PHE E 800 27.49 39.08 -38.63
CA PHE E 800 26.73 38.09 -37.91
C PHE E 800 25.38 38.66 -37.51
N ASN E 801 24.30 38.04 -37.99
CA ASN E 801 22.91 38.45 -37.82
C ASN E 801 22.24 37.65 -36.68
N PHE E 802 21.90 38.34 -35.59
CA PHE E 802 21.29 37.74 -34.39
C PHE E 802 19.84 38.16 -34.24
N SER E 803 19.27 38.73 -35.29
CA SER E 803 17.93 39.28 -35.21
C SER E 803 16.83 38.25 -34.96
N GLN E 804 17.11 36.97 -35.18
CA GLN E 804 16.09 35.97 -34.96
C GLN E 804 16.19 35.34 -33.57
N ILE E 805 17.24 35.70 -32.82
CA ILE E 805 17.39 35.20 -31.45
C ILE E 805 17.20 36.33 -30.43
N LEU E 806 17.40 37.57 -30.87
CA LEU E 806 17.18 38.75 -30.04
C LEU E 806 15.70 39.15 -30.08
N PRO E 807 15.17 39.80 -29.04
CA PRO E 807 13.79 40.26 -28.94
C PRO E 807 13.38 41.15 -30.11
N ASP E 808 12.17 40.94 -30.60
CA ASP E 808 11.60 41.72 -31.69
C ASP E 808 10.81 42.91 -31.12
N PRO E 809 11.29 44.15 -31.27
CA PRO E 809 10.74 45.35 -30.67
C PRO E 809 9.36 45.72 -31.21
N SER E 810 8.98 45.14 -32.35
CA SER E 810 7.70 45.48 -32.95
C SER E 810 6.58 44.60 -32.41
N LYS E 811 6.94 43.61 -31.62
CA LYS E 811 6.01 42.63 -31.08
C LYS E 811 6.04 42.67 -29.54
N PRO E 812 5.11 43.37 -28.88
CA PRO E 812 5.13 43.73 -27.47
C PRO E 812 4.82 42.57 -26.54
N SER E 813 5.64 41.53 -26.64
CA SER E 813 5.63 40.36 -25.79
C SER E 813 7.07 40.22 -25.37
N LYS E 814 7.90 41.01 -26.03
CA LYS E 814 9.34 41.08 -25.84
C LYS E 814 10.02 39.75 -26.06
N ARG E 815 9.68 39.09 -27.16
CA ARG E 815 10.25 37.80 -27.51
C ARG E 815 10.90 37.85 -28.87
N SER E 816 11.89 37.00 -29.07
CA SER E 816 12.55 36.87 -30.36
C SER E 816 11.65 36.08 -31.30
N PRO E 817 11.82 36.18 -32.62
CA PRO E 817 11.16 35.38 -33.64
C PRO E 817 11.21 33.87 -33.34
N ILE E 818 12.36 33.35 -32.94
CA ILE E 818 12.42 31.93 -32.58
C ILE E 818 11.60 31.65 -31.33
N GLU E 819 11.71 32.50 -30.32
CA GLU E 819 10.91 32.27 -29.12
C GLU E 819 9.43 32.29 -29.43
N ASP E 820 9.00 33.17 -30.33
CA ASP E 820 7.58 33.18 -30.70
C ASP E 820 7.16 31.83 -31.27
N LEU E 821 8.03 31.18 -32.04
CA LEU E 821 7.67 29.88 -32.57
C LEU E 821 7.56 28.87 -31.45
N LEU E 822 8.47 28.95 -30.48
CA LEU E 822 8.48 27.98 -29.40
C LEU E 822 7.23 28.10 -28.55
N PHE E 823 6.81 29.34 -28.30
CA PHE E 823 5.61 29.59 -27.51
C PHE E 823 4.32 29.25 -28.24
N ASN E 824 4.30 29.43 -29.56
CA ASN E 824 3.12 29.09 -30.31
C ASN E 824 2.97 27.58 -30.51
N LYS E 825 4.07 26.85 -30.57
CA LYS E 825 4.01 25.42 -30.83
C LYS E 825 3.73 24.54 -29.60
N VAL E 826 4.23 24.93 -28.43
CA VAL E 826 4.00 24.09 -27.24
C VAL E 826 2.68 24.49 -26.55
N THR E 827 1.81 23.50 -26.29
CA THR E 827 0.49 23.71 -25.68
C THR E 827 0.62 23.58 -24.15
N ASN E 856 -13.60 20.69 -6.66
CA ASN E 856 -12.77 19.49 -6.49
C ASN E 856 -11.48 19.75 -5.69
N GLY E 857 -11.23 21.02 -5.30
CA GLY E 857 -10.06 21.42 -4.52
C GLY E 857 -8.79 21.50 -5.36
N LEU E 858 -8.95 21.69 -6.65
CA LEU E 858 -7.80 21.68 -7.54
C LEU E 858 -7.53 23.06 -8.10
N THR E 859 -6.36 23.59 -7.80
CA THR E 859 -5.97 24.89 -8.27
C THR E 859 -4.58 24.86 -8.88
N VAL E 860 -4.25 25.90 -9.64
CA VAL E 860 -2.93 26.05 -10.21
C VAL E 860 -2.33 27.37 -9.79
N LEU E 861 -1.13 27.31 -9.26
CA LEU E 861 -0.45 28.51 -8.81
C LEU E 861 0.42 29.04 -9.93
N PRO E 862 0.49 30.35 -10.13
CA PRO E 862 1.32 30.98 -11.13
C PRO E 862 2.76 30.91 -10.66
N PRO E 863 3.72 30.89 -11.60
CA PRO E 863 5.14 30.95 -11.38
C PRO E 863 5.52 32.32 -10.90
N LEU E 864 6.62 32.41 -10.17
CA LEU E 864 7.10 33.71 -9.75
C LEU E 864 7.57 34.52 -10.93
N LEU E 865 8.28 33.87 -11.85
CA LEU E 865 8.77 34.57 -13.03
C LEU E 865 7.85 34.32 -14.21
N THR E 866 7.28 35.41 -14.69
CA THR E 866 6.34 35.37 -15.80
C THR E 866 7.11 35.23 -17.12
N ASP E 867 6.40 34.94 -18.20
CA ASP E 867 7.05 34.76 -19.50
C ASP E 867 7.89 35.97 -19.87
N GLU E 868 7.44 37.16 -19.49
CA GLU E 868 8.18 38.37 -19.79
C GLU E 868 9.50 38.40 -19.03
N MET E 869 9.51 37.87 -17.81
CA MET E 869 10.72 37.93 -17.00
C MET E 869 11.72 36.89 -17.44
N ILE E 870 11.22 35.76 -17.94
CA ILE E 870 12.10 34.74 -18.45
C ILE E 870 12.73 35.25 -19.73
N ALA E 871 11.91 35.91 -20.57
CA ALA E 871 12.40 36.49 -21.79
C ALA E 871 13.45 37.56 -21.50
N GLN E 872 13.25 38.35 -20.45
CA GLN E 872 14.22 39.37 -20.07
C GLN E 872 15.53 38.78 -19.59
N TYR E 873 15.48 37.69 -18.83
CA TYR E 873 16.71 37.03 -18.42
C TYR E 873 17.44 36.49 -19.64
N THR E 874 16.68 35.90 -20.56
CA THR E 874 17.24 35.34 -21.77
C THR E 874 17.90 36.43 -22.59
N SER E 875 17.22 37.56 -22.72
CA SER E 875 17.73 38.67 -23.48
C SER E 875 19.05 39.15 -22.90
N ALA E 876 19.13 39.24 -21.57
CA ALA E 876 20.35 39.65 -20.90
C ALA E 876 21.49 38.68 -21.17
N LEU E 877 21.20 37.39 -21.21
CA LEU E 877 22.22 36.40 -21.48
C LEU E 877 22.68 36.49 -22.92
N LEU E 878 21.76 36.74 -23.85
CA LEU E 878 22.10 36.89 -25.25
C LEU E 878 22.93 38.13 -25.47
N ALA E 879 22.51 39.24 -24.87
CA ALA E 879 23.21 40.50 -25.01
C ALA E 879 24.58 40.39 -24.39
N GLY E 880 24.67 39.68 -23.28
CA GLY E 880 25.92 39.48 -22.60
C GLY E 880 26.90 38.75 -23.50
N THR E 881 26.47 37.62 -24.05
CA THR E 881 27.35 36.82 -24.90
C THR E 881 27.77 37.58 -26.14
N ILE E 882 26.82 38.23 -26.78
CA ILE E 882 27.12 38.92 -28.02
C ILE E 882 28.09 40.08 -27.82
N THR E 883 27.90 40.88 -26.78
CA THR E 883 28.76 42.04 -26.60
C THR E 883 30.01 41.81 -25.73
N SER E 884 30.02 40.79 -24.87
CA SER E 884 31.18 40.59 -23.99
C SER E 884 31.68 39.13 -23.90
N GLY E 885 31.11 38.24 -24.70
CA GLY E 885 31.54 36.85 -24.70
C GLY E 885 31.31 36.18 -23.36
N TRP E 886 32.33 35.50 -22.85
CA TRP E 886 32.20 34.81 -21.58
C TRP E 886 32.65 35.64 -20.40
N THR E 887 33.10 36.85 -20.63
CA THR E 887 33.68 37.60 -19.52
C THR E 887 32.64 37.96 -18.48
N PHE E 888 31.41 38.19 -18.91
CA PHE E 888 30.36 38.61 -17.99
C PHE E 888 29.94 37.48 -17.08
N GLY E 889 30.30 36.25 -17.44
CA GLY E 889 29.93 35.10 -16.64
C GLY E 889 30.96 34.82 -15.56
N ALA E 890 32.06 35.58 -15.56
CA ALA E 890 33.13 35.40 -14.59
C ALA E 890 33.28 36.60 -13.69
N GLY E 891 33.25 37.79 -14.29
CA GLY E 891 33.41 39.02 -13.55
C GLY E 891 32.52 40.09 -14.17
N PRO E 892 33.05 41.28 -14.46
CA PRO E 892 32.36 42.37 -15.09
C PRO E 892 32.23 42.05 -16.57
N ALA E 893 31.26 42.65 -17.24
CA ALA E 893 31.15 42.43 -18.67
C ALA E 893 32.15 43.31 -19.39
N LEU E 894 33.04 42.68 -20.14
CA LEU E 894 34.08 43.37 -20.88
C LEU E 894 33.76 43.37 -22.36
N GLN E 895 33.54 44.53 -22.95
CA GLN E 895 33.17 44.53 -24.35
C GLN E 895 34.27 43.97 -25.22
N ILE E 896 33.88 43.30 -26.28
CA ILE E 896 34.80 42.80 -27.29
C ILE E 896 34.08 42.83 -28.64
N PRO E 897 34.73 43.17 -29.76
CA PRO E 897 34.14 43.11 -31.09
C PRO E 897 33.65 41.70 -31.30
N PHE E 898 32.47 41.53 -31.89
CA PHE E 898 31.99 40.18 -32.01
C PHE E 898 32.94 39.26 -32.78
N PRO E 899 33.46 39.63 -33.97
CA PRO E 899 34.39 38.83 -34.74
C PRO E 899 35.62 38.44 -33.92
N MET E 900 36.03 39.30 -33.01
CA MET E 900 37.19 39.00 -32.19
C MET E 900 36.83 37.94 -31.16
N GLN E 901 35.60 37.99 -30.68
CA GLN E 901 35.12 36.98 -29.75
C GLN E 901 35.16 35.63 -30.44
N MET E 902 34.74 35.60 -31.70
CA MET E 902 34.75 34.39 -32.49
C MET E 902 36.15 33.86 -32.68
N ALA E 903 37.12 34.76 -32.80
CA ALA E 903 38.51 34.36 -32.96
C ALA E 903 38.97 33.59 -31.75
N TYR E 904 38.54 34.03 -30.57
CA TYR E 904 38.93 33.36 -29.36
C TYR E 904 38.30 31.99 -29.31
N ARG E 905 37.04 31.92 -29.75
CA ARG E 905 36.30 30.68 -29.77
C ARG E 905 36.90 29.68 -30.76
N PHE E 906 37.45 30.18 -31.88
CA PHE E 906 38.14 29.31 -32.82
C PHE E 906 39.44 28.77 -32.22
N ASN E 907 40.19 29.64 -31.56
CA ASN E 907 41.43 29.18 -30.94
C ASN E 907 41.13 28.14 -29.88
N GLY E 908 39.98 28.31 -29.22
CA GLY E 908 39.52 27.44 -28.16
C GLY E 908 39.20 26.02 -28.63
N ILE E 909 39.08 25.80 -29.95
CA ILE E 909 38.80 24.48 -30.47
C ILE E 909 39.96 23.97 -31.31
N GLY E 910 41.11 24.63 -31.21
CA GLY E 910 42.29 24.18 -31.94
C GLY E 910 42.33 24.66 -33.38
N VAL E 911 41.65 25.76 -33.69
CA VAL E 911 41.68 26.33 -35.03
C VAL E 911 42.23 27.73 -34.93
N THR E 912 43.35 27.98 -35.59
CA THR E 912 44.01 29.27 -35.45
C THR E 912 43.09 30.39 -35.93
N GLN E 913 43.03 31.48 -35.17
CA GLN E 913 42.20 32.66 -35.41
C GLN E 913 42.33 33.30 -36.79
N ASN E 914 43.43 33.03 -37.48
CA ASN E 914 43.61 33.62 -38.79
C ASN E 914 42.59 33.02 -39.76
N VAL E 915 42.09 31.83 -39.44
CA VAL E 915 41.11 31.14 -40.27
C VAL E 915 39.83 31.91 -40.25
N LEU E 916 39.43 32.34 -39.06
CA LEU E 916 38.22 33.12 -38.90
C LEU E 916 38.28 34.39 -39.69
N TYR E 917 39.35 35.15 -39.51
CA TYR E 917 39.39 36.44 -40.13
C TYR E 917 39.42 36.34 -41.65
N GLU E 918 40.19 35.41 -42.19
CA GLU E 918 40.23 35.29 -43.65
C GLU E 918 38.88 34.85 -44.20
N ASN E 919 38.18 34.02 -43.44
CA ASN E 919 36.89 33.50 -43.85
C ASN E 919 35.75 34.16 -43.10
N GLN E 920 35.96 35.35 -42.53
CA GLN E 920 34.91 35.96 -41.73
C GLN E 920 33.59 36.10 -42.46
N LYS E 921 33.63 36.49 -43.73
CA LYS E 921 32.38 36.67 -44.46
C LYS E 921 31.66 35.34 -44.65
N LEU E 922 32.43 34.30 -44.99
CA LEU E 922 31.86 32.97 -45.16
C LEU E 922 31.25 32.44 -43.87
N ILE E 923 31.97 32.63 -42.78
CA ILE E 923 31.54 32.15 -41.48
C ILE E 923 30.26 32.85 -41.06
N ALA E 924 30.21 34.17 -41.23
CA ALA E 924 29.01 34.90 -40.91
C ALA E 924 27.84 34.42 -41.75
N ASN E 925 28.08 34.13 -43.03
CA ASN E 925 27.01 33.66 -43.89
C ASN E 925 26.52 32.28 -43.51
N GLN E 926 27.43 31.38 -43.15
CA GLN E 926 27.02 30.05 -42.73
C GLN E 926 26.24 30.12 -41.44
N PHE E 927 26.67 31.00 -40.54
CA PHE E 927 25.97 31.20 -39.29
C PHE E 927 24.56 31.71 -39.51
N ASN E 928 24.43 32.73 -40.34
CA ASN E 928 23.14 33.35 -40.58
C ASN E 928 22.19 32.38 -41.23
N SER E 929 22.72 31.53 -42.12
CA SER E 929 21.89 30.54 -42.78
C SER E 929 21.44 29.49 -41.79
N ALA E 930 22.35 29.07 -40.91
CA ALA E 930 22.01 28.06 -39.92
C ALA E 930 20.90 28.53 -38.99
N ILE E 931 20.91 29.80 -38.61
CA ILE E 931 19.85 30.30 -37.74
C ILE E 931 18.53 30.28 -38.48
N GLY E 932 18.53 30.71 -39.74
CA GLY E 932 17.30 30.67 -40.53
C GLY E 932 16.74 29.25 -40.62
N LYS E 933 17.64 28.26 -40.71
CA LYS E 933 17.24 26.87 -40.77
C LYS E 933 16.56 26.42 -39.48
N ILE E 934 16.97 26.98 -38.34
CA ILE E 934 16.35 26.61 -37.07
C ILE E 934 14.89 27.01 -37.10
N GLN E 935 14.61 28.19 -37.61
CA GLN E 935 13.23 28.64 -37.70
C GLN E 935 12.41 27.77 -38.64
N ASP E 936 13.01 27.37 -39.75
CA ASP E 936 12.29 26.53 -40.72
C ASP E 936 12.02 25.14 -40.16
N SER E 937 12.93 24.64 -39.34
CA SER E 937 12.74 23.33 -38.73
C SER E 937 11.60 23.35 -37.71
N LEU E 938 11.61 24.37 -36.85
CA LEU E 938 10.59 24.50 -35.83
C LEU E 938 9.23 24.81 -36.44
N SER E 939 9.21 25.69 -37.45
CA SER E 939 7.99 26.03 -38.15
C SER E 939 7.72 25.04 -39.26
N SER E 940 7.68 23.76 -38.90
CA SER E 940 7.49 22.67 -39.85
C SER E 940 7.21 21.37 -39.13
N THR E 941 8.05 21.03 -38.15
CA THR E 941 7.91 19.78 -37.41
C THR E 941 7.64 20.01 -35.92
N PRO E 942 6.35 20.01 -35.50
CA PRO E 942 5.88 20.26 -34.13
C PRO E 942 6.46 19.28 -33.11
N SER E 943 6.88 18.11 -33.58
CA SER E 943 7.43 17.08 -32.71
C SER E 943 8.80 17.48 -32.19
N ALA E 944 9.36 18.52 -32.77
CA ALA E 944 10.68 19.02 -32.41
C ALA E 944 10.70 19.43 -30.96
N LEU E 945 9.55 19.86 -30.43
CA LEU E 945 9.46 20.33 -29.07
C LEU E 945 8.74 19.33 -28.18
N GLY E 946 8.72 18.07 -28.62
CA GLY E 946 8.03 17.00 -27.91
C GLY E 946 8.49 16.86 -26.47
N LYS E 947 9.75 17.18 -26.17
CA LYS E 947 10.21 17.07 -24.80
C LYS E 947 9.45 17.98 -23.84
N LEU E 948 8.98 19.12 -24.31
CA LEU E 948 8.25 20.02 -23.42
C LEU E 948 6.78 19.64 -23.42
N GLN E 949 6.30 19.22 -24.58
CA GLN E 949 4.90 18.85 -24.71
C GLN E 949 4.60 17.60 -23.90
N ASP E 950 5.56 16.69 -23.82
CA ASP E 950 5.41 15.46 -23.08
C ASP E 950 5.21 15.73 -21.60
N VAL E 951 5.88 16.76 -21.08
CA VAL E 951 5.74 17.09 -19.67
C VAL E 951 4.33 17.58 -19.42
N VAL E 952 3.85 18.44 -20.32
CA VAL E 952 2.51 18.97 -20.22
C VAL E 952 1.48 17.85 -20.30
N ASN E 953 1.68 16.91 -21.22
CA ASN E 953 0.74 15.83 -21.40
C ASN E 953 0.70 14.89 -20.20
N GLN E 954 1.87 14.61 -19.62
CA GLN E 954 1.92 13.71 -18.47
C GLN E 954 1.23 14.30 -17.27
N ASN E 955 1.41 15.60 -17.07
CA ASN E 955 0.82 16.24 -15.92
C ASN E 955 -0.67 16.46 -16.11
N ALA E 956 -1.08 16.82 -17.32
CA ALA E 956 -2.49 17.00 -17.59
C ALA E 956 -3.21 15.68 -17.43
N GLN E 957 -2.58 14.61 -17.87
CA GLN E 957 -3.16 13.30 -17.78
C GLN E 957 -3.24 12.82 -16.35
N ALA E 958 -2.19 13.06 -15.57
CA ALA E 958 -2.19 12.64 -14.18
C ALA E 958 -3.29 13.33 -13.40
N LEU E 959 -3.49 14.62 -13.69
CA LEU E 959 -4.49 15.39 -12.99
C LEU E 959 -5.88 15.00 -13.45
N ASN E 960 -6.05 14.75 -14.74
CA ASN E 960 -7.35 14.34 -15.26
C ASN E 960 -7.73 12.97 -14.74
N THR E 961 -6.73 12.12 -14.52
CA THR E 961 -6.97 10.80 -13.96
C THR E 961 -7.44 10.95 -12.52
N LEU E 962 -6.77 11.84 -11.77
CA LEU E 962 -7.12 12.10 -10.38
C LEU E 962 -8.55 12.62 -10.28
N VAL E 963 -8.97 13.47 -11.22
CA VAL E 963 -10.34 13.97 -11.21
C VAL E 963 -11.35 12.92 -11.62
N LYS E 964 -11.10 12.18 -12.68
CA LYS E 964 -12.07 11.18 -13.09
C LYS E 964 -12.23 10.10 -12.03
N GLN E 965 -11.15 9.78 -11.35
CA GLN E 965 -11.13 8.77 -10.30
C GLN E 965 -12.07 9.14 -9.16
N LEU E 966 -12.38 10.41 -9.05
CA LEU E 966 -13.21 10.95 -8.00
C LEU E 966 -14.60 10.30 -8.09
N SER E 967 -15.00 9.89 -9.30
CA SER E 967 -16.31 9.31 -9.57
C SER E 967 -16.41 7.83 -9.23
N SER E 968 -15.32 7.19 -8.84
CA SER E 968 -15.39 5.77 -8.51
C SER E 968 -16.14 5.54 -7.21
N ASN E 969 -16.87 4.44 -7.14
CA ASN E 969 -17.62 4.11 -5.93
C ASN E 969 -16.77 3.43 -4.85
N PHE E 970 -15.79 2.65 -5.27
CA PHE E 970 -14.94 1.91 -4.33
C PHE E 970 -15.73 0.97 -3.42
N GLY E 971 -16.92 0.57 -3.86
CA GLY E 971 -17.79 -0.32 -3.09
C GLY E 971 -18.94 0.42 -2.43
N ALA E 972 -18.89 1.75 -2.46
CA ALA E 972 -19.95 2.56 -1.90
C ALA E 972 -21.18 2.52 -2.80
N ILE E 973 -22.33 2.80 -2.23
CA ILE E 973 -23.58 2.86 -2.98
C ILE E 973 -23.60 4.01 -3.99
N SER E 974 -22.77 5.01 -3.75
CA SER E 974 -22.71 6.16 -4.63
C SER E 974 -21.36 6.83 -4.55
N SER E 975 -20.93 7.43 -5.64
CA SER E 975 -19.69 8.17 -5.70
C SER E 975 -19.86 9.59 -5.19
N VAL E 976 -21.10 10.00 -4.98
CA VAL E 976 -21.38 11.36 -4.56
C VAL E 976 -21.77 11.40 -3.10
N LEU E 977 -21.03 12.15 -2.29
CA LEU E 977 -21.30 12.21 -0.86
C LEU E 977 -22.67 12.78 -0.58
N ASN E 978 -23.10 13.74 -1.37
CA ASN E 978 -24.39 14.37 -1.13
C ASN E 978 -25.53 13.38 -1.37
N ASP E 979 -25.30 12.35 -2.17
CA ASP E 979 -26.34 11.38 -2.47
C ASP E 979 -26.33 10.27 -1.44
N ILE E 980 -25.38 10.33 -0.51
CA ILE E 980 -25.31 9.38 0.58
C ILE E 980 -25.92 10.06 1.79
N LEU E 981 -25.48 11.28 2.04
CA LEU E 981 -25.92 12.05 3.18
C LEU E 981 -27.40 12.40 3.12
N SER E 982 -27.92 12.60 1.91
CA SER E 982 -29.32 12.91 1.74
C SER E 982 -30.20 11.67 1.86
N ARG E 983 -29.61 10.48 1.86
CA ARG E 983 -30.41 9.27 1.87
C ARG E 983 -30.25 8.45 3.14
N LEU E 984 -29.06 8.44 3.72
CA LEU E 984 -28.81 7.63 4.89
C LEU E 984 -28.53 8.44 6.14
N ASP E 985 -28.94 7.89 7.28
CA ASP E 985 -28.62 8.46 8.58
C ASP E 985 -27.18 8.11 8.93
N PRO E 986 -26.49 8.89 9.77
CA PRO E 986 -25.11 8.71 10.22
C PRO E 986 -24.62 7.27 10.45
N PRO E 987 -25.28 6.39 11.21
CA PRO E 987 -24.78 5.05 11.49
C PRO E 987 -24.58 4.22 10.23
N GLU E 988 -25.27 4.58 9.14
CA GLU E 988 -25.12 3.86 7.89
C GLU E 988 -24.37 4.71 6.86
N ALA E 989 -24.56 6.03 6.92
CA ALA E 989 -23.94 6.95 6.00
C ALA E 989 -22.43 6.92 6.18
N GLU E 990 -21.99 6.80 7.44
CA GLU E 990 -20.57 6.79 7.76
C GLU E 990 -19.86 5.61 7.14
N VAL E 991 -20.55 4.49 7.03
CA VAL E 991 -19.95 3.30 6.45
C VAL E 991 -19.70 3.53 4.97
N GLN E 992 -20.68 4.10 4.29
CA GLN E 992 -20.56 4.37 2.87
C GLN E 992 -19.50 5.44 2.62
N ILE E 993 -19.40 6.39 3.53
CA ILE E 993 -18.41 7.45 3.40
C ILE E 993 -17.02 6.88 3.63
N ASP E 994 -16.83 6.00 4.61
CA ASP E 994 -15.52 5.41 4.82
C ASP E 994 -15.02 4.71 3.56
N ARG E 995 -15.94 4.05 2.83
CA ARG E 995 -15.54 3.44 1.56
C ARG E 995 -14.99 4.47 0.59
N LEU E 996 -15.62 5.63 0.51
CA LEU E 996 -15.16 6.68 -0.39
C LEU E 996 -13.89 7.35 0.10
N ILE E 997 -13.75 7.53 1.41
CA ILE E 997 -12.55 8.16 1.94
C ILE E 997 -11.35 7.28 1.66
N THR E 998 -11.49 5.99 1.93
CA THR E 998 -10.35 5.11 1.71
C THR E 998 -9.91 5.15 0.26
N GLY E 999 -10.87 5.05 -0.66
CA GLY E 999 -10.56 5.05 -2.08
C GLY E 999 -10.01 6.38 -2.57
N ARG E 1000 -10.59 7.47 -2.11
CA ARG E 1000 -10.18 8.78 -2.57
C ARG E 1000 -8.85 9.16 -1.97
N LEU E 1001 -8.61 8.76 -0.73
CA LEU E 1001 -7.34 9.04 -0.09
C LEU E 1001 -6.25 8.25 -0.79
N GLN E 1002 -6.53 6.99 -1.14
CA GLN E 1002 -5.56 6.20 -1.88
C GLN E 1002 -5.25 6.81 -3.23
N SER E 1003 -6.30 7.31 -3.90
CA SER E 1003 -6.14 7.92 -5.22
C SER E 1003 -5.27 9.16 -5.15
N LEU E 1004 -5.47 9.95 -4.11
CA LEU E 1004 -4.69 11.15 -3.94
C LEU E 1004 -3.25 10.83 -3.57
N GLN E 1005 -3.05 9.82 -2.72
CA GLN E 1005 -1.70 9.43 -2.35
C GLN E 1005 -0.93 8.95 -3.56
N THR E 1006 -1.62 8.24 -4.44
CA THR E 1006 -1.00 7.75 -5.66
C THR E 1006 -0.59 8.91 -6.54
N TYR E 1007 -1.49 9.88 -6.71
CA TYR E 1007 -1.20 11.05 -7.51
C TYR E 1007 0.01 11.81 -6.98
N VAL E 1008 0.03 12.06 -5.68
CA VAL E 1008 1.11 12.82 -5.10
C VAL E 1008 2.43 12.09 -5.24
N THR E 1009 2.44 10.78 -5.03
CA THR E 1009 3.67 10.01 -5.16
C THR E 1009 4.19 10.10 -6.59
N GLN E 1010 3.31 9.97 -7.57
CA GLN E 1010 3.73 10.04 -8.96
C GLN E 1010 4.27 11.41 -9.31
N GLN E 1011 3.66 12.46 -8.76
CA GLN E 1011 4.12 13.82 -9.00
C GLN E 1011 5.45 14.08 -8.34
N LEU E 1012 5.68 13.44 -7.20
CA LEU E 1012 6.90 13.59 -6.45
C LEU E 1012 8.05 12.99 -7.25
N ILE E 1013 7.81 11.81 -7.82
CA ILE E 1013 8.79 11.16 -8.67
C ILE E 1013 9.04 11.97 -9.95
N ARG E 1014 7.96 12.46 -10.59
CA ARG E 1014 8.13 13.30 -11.77
C ARG E 1014 8.88 14.58 -11.43
N ALA E 1015 8.61 15.14 -10.26
CA ALA E 1015 9.27 16.37 -9.87
C ALA E 1015 10.77 16.16 -9.82
N ALA E 1016 11.20 14.98 -9.36
CA ALA E 1016 12.61 14.66 -9.31
C ALA E 1016 13.21 14.61 -10.70
N GLU E 1017 12.44 14.09 -11.66
CA GLU E 1017 12.90 14.03 -13.04
C GLU E 1017 13.08 15.43 -13.62
N ILE E 1018 12.11 16.31 -13.36
CA ILE E 1018 12.19 17.68 -13.82
C ILE E 1018 13.35 18.39 -13.16
N ARG E 1019 13.54 18.15 -11.86
CA ARG E 1019 14.65 18.75 -11.14
C ARG E 1019 15.96 18.40 -11.81
N ALA E 1020 16.15 17.12 -12.10
CA ALA E 1020 17.38 16.67 -12.73
C ALA E 1020 17.57 17.31 -14.08
N SER E 1021 16.49 17.45 -14.84
CA SER E 1021 16.58 18.07 -16.15
C SER E 1021 16.94 19.54 -15.99
N ALA E 1022 16.32 20.22 -15.03
CA ALA E 1022 16.60 21.61 -14.76
C ALA E 1022 18.04 21.81 -14.33
N ASN E 1023 18.57 20.85 -13.56
CA ASN E 1023 19.96 20.94 -13.14
C ASN E 1023 20.88 20.81 -14.33
N LEU E 1024 20.51 19.97 -15.28
CA LEU E 1024 21.28 19.82 -16.50
C LEU E 1024 21.20 21.09 -17.32
N ALA E 1025 20.01 21.67 -17.40
CA ALA E 1025 19.81 22.91 -18.14
C ALA E 1025 20.61 24.03 -17.52
N ALA E 1026 20.67 24.08 -16.20
CA ALA E 1026 21.44 25.10 -15.51
C ALA E 1026 22.93 24.91 -15.75
N THR E 1027 23.37 23.66 -15.80
CA THR E 1027 24.76 23.35 -16.07
C THR E 1027 25.14 23.81 -17.46
N LYS E 1028 24.26 23.52 -18.43
CA LYS E 1028 24.48 23.93 -19.80
C LYS E 1028 24.45 25.44 -19.93
N MET E 1029 23.58 26.09 -19.20
CA MET E 1029 23.57 27.54 -19.30
C MET E 1029 24.95 28.06 -18.93
N SER E 1030 25.50 27.58 -17.82
CA SER E 1030 26.82 28.04 -17.41
C SER E 1030 27.96 27.59 -18.30
N GLU E 1031 27.95 26.35 -18.75
CA GLU E 1031 29.07 25.83 -19.52
C GLU E 1031 28.99 26.02 -21.03
N CYS E 1032 27.80 26.17 -21.60
CA CYS E 1032 27.58 26.32 -23.04
C CYS E 1032 27.33 27.78 -23.40
N VAL E 1033 26.60 28.52 -22.55
CA VAL E 1033 26.27 29.91 -22.85
C VAL E 1033 27.26 30.89 -22.21
N LEU E 1034 27.58 30.69 -20.94
CA LEU E 1034 28.46 31.62 -20.22
C LEU E 1034 29.92 31.24 -20.36
N GLY E 1035 30.21 30.27 -21.21
CA GLY E 1035 31.57 29.82 -21.44
C GLY E 1035 31.64 28.95 -22.67
N GLN E 1036 32.83 28.41 -22.92
CA GLN E 1036 33.02 27.53 -24.07
C GLN E 1036 33.43 26.15 -23.61
N SER E 1037 32.49 25.23 -23.61
CA SER E 1037 32.72 23.89 -23.12
C SER E 1037 33.63 23.10 -24.03
N LYS E 1038 34.49 22.28 -23.42
CA LYS E 1038 35.34 21.36 -24.17
C LYS E 1038 34.85 19.93 -24.02
N ARG E 1039 33.68 19.78 -23.43
CA ARG E 1039 33.08 18.48 -23.21
C ARG E 1039 32.40 18.01 -24.49
N VAL E 1040 32.82 16.86 -24.97
CA VAL E 1040 32.30 16.36 -26.23
C VAL E 1040 30.83 16.02 -26.16
N ASP E 1041 30.09 16.53 -27.14
CA ASP E 1041 28.66 16.34 -27.28
C ASP E 1041 27.85 16.88 -26.11
N PHE E 1042 28.49 17.65 -25.25
CA PHE E 1042 27.75 18.28 -24.17
C PHE E 1042 26.92 19.46 -24.66
N CYS E 1043 27.47 20.24 -25.61
CA CYS E 1043 26.85 21.42 -26.17
C CYS E 1043 26.63 21.19 -27.67
N GLY E 1044 26.11 20.02 -28.01
CA GLY E 1044 25.83 19.69 -29.40
C GLY E 1044 26.97 18.94 -30.04
N LYS E 1045 26.72 18.37 -31.23
CA LYS E 1045 27.72 17.61 -31.97
C LYS E 1045 28.66 18.54 -32.70
N GLY E 1046 29.95 18.26 -32.66
CA GLY E 1046 30.93 19.11 -33.32
C GLY E 1046 31.76 19.82 -32.26
N TYR E 1047 32.60 20.74 -32.68
CA TYR E 1047 33.44 21.44 -31.72
C TYR E 1047 32.73 22.69 -31.25
N HIS E 1048 32.42 22.76 -29.98
CA HIS E 1048 31.61 23.86 -29.48
C HIS E 1048 32.27 25.22 -29.64
N LEU E 1049 31.52 26.18 -30.16
CA LEU E 1049 31.97 27.55 -30.25
C LEU E 1049 31.23 28.41 -29.24
N MET E 1050 29.90 28.39 -29.32
CA MET E 1050 29.05 29.22 -28.46
C MET E 1050 27.63 28.72 -28.49
N SER E 1051 26.79 29.24 -27.61
CA SER E 1051 25.38 28.91 -27.67
C SER E 1051 24.54 30.07 -27.22
N PHE E 1052 23.28 30.03 -27.62
CA PHE E 1052 22.33 31.05 -27.27
C PHE E 1052 21.08 30.41 -26.67
N PRO E 1053 20.66 30.82 -25.48
CA PRO E 1053 19.46 30.34 -24.83
C PRO E 1053 18.26 30.98 -25.48
N GLN E 1054 17.14 30.28 -25.46
CA GLN E 1054 15.84 30.80 -25.89
C GLN E 1054 14.79 30.37 -24.88
N SER E 1055 13.86 31.24 -24.55
CA SER E 1055 12.80 30.89 -23.63
C SER E 1055 11.77 29.98 -24.29
N ALA E 1056 11.22 29.04 -23.53
CA ALA E 1056 10.15 28.20 -24.02
C ALA E 1056 9.18 27.92 -22.87
N PRO E 1057 7.93 27.58 -23.12
CA PRO E 1057 6.98 27.20 -22.08
C PRO E 1057 7.54 26.07 -21.25
N HIS E 1058 7.62 26.29 -19.95
CA HIS E 1058 8.11 25.31 -19.00
C HIS E 1058 9.49 24.77 -19.32
N GLY E 1059 10.32 25.54 -20.03
CA GLY E 1059 11.62 25.02 -20.37
C GLY E 1059 12.52 26.00 -21.10
N VAL E 1060 13.67 25.49 -21.51
CA VAL E 1060 14.68 26.28 -22.18
C VAL E 1060 15.11 25.58 -23.44
N VAL E 1061 15.37 26.37 -24.47
CA VAL E 1061 15.89 25.85 -25.70
C VAL E 1061 17.25 26.44 -25.97
N PHE E 1062 18.22 25.58 -26.23
CA PHE E 1062 19.57 26.05 -26.50
C PHE E 1062 19.92 25.89 -27.95
N LEU E 1063 20.40 26.96 -28.55
CA LEU E 1063 20.91 26.90 -29.91
C LEU E 1063 22.41 26.78 -29.83
N HIS E 1064 22.92 25.63 -30.18
CA HIS E 1064 24.32 25.34 -30.04
C HIS E 1064 25.04 25.55 -31.34
N VAL E 1065 26.02 26.43 -31.33
CA VAL E 1065 26.77 26.75 -32.52
C VAL E 1065 28.08 26.00 -32.48
N THR E 1066 28.30 25.13 -33.45
CA THR E 1066 29.49 24.30 -33.46
C THR E 1066 30.25 24.39 -34.76
N TYR E 1067 31.53 24.09 -34.68
CA TYR E 1067 32.41 24.02 -35.82
C TYR E 1067 32.50 22.56 -36.26
N VAL E 1068 32.18 22.31 -37.51
CA VAL E 1068 32.24 20.95 -38.02
C VAL E 1068 33.17 20.90 -39.23
N PRO E 1069 34.22 20.07 -39.21
CA PRO E 1069 35.12 19.82 -40.31
C PRO E 1069 34.31 19.37 -41.52
N ALA E 1070 34.68 19.83 -42.71
CA ALA E 1070 33.87 19.50 -43.89
C ALA E 1070 34.62 18.60 -44.88
N GLN E 1071 35.27 19.19 -45.87
CA GLN E 1071 35.88 18.45 -46.96
C GLN E 1071 37.31 18.03 -46.66
N GLU E 1072 37.51 16.77 -46.29
CA GLU E 1072 38.85 16.31 -45.96
C GLU E 1072 39.61 15.79 -47.16
N LYS E 1073 40.92 15.84 -47.05
CA LYS E 1073 41.83 15.28 -48.06
C LYS E 1073 42.80 14.32 -47.37
N ASN E 1074 43.27 13.34 -48.16
CA ASN E 1074 44.27 12.35 -47.75
C ASN E 1074 45.69 12.91 -47.90
N PHE E 1075 46.51 12.78 -46.85
CA PHE E 1075 47.91 13.21 -46.86
C PHE E 1075 48.80 12.14 -46.29
N THR E 1076 50.01 12.11 -46.73
CA THR E 1076 51.02 11.22 -46.14
C THR E 1076 51.60 11.92 -44.94
N THR E 1077 51.73 11.20 -43.84
CA THR E 1077 52.22 11.82 -42.64
C THR E 1077 53.44 11.17 -42.04
N ALA E 1078 54.05 11.84 -41.08
CA ALA E 1078 55.18 11.30 -40.35
C ALA E 1078 55.22 11.87 -38.93
N PRO E 1079 55.61 11.05 -37.93
CA PRO E 1079 55.92 11.41 -36.56
C PRO E 1079 56.93 12.52 -36.38
N ALA E 1080 57.92 12.56 -37.26
CA ALA E 1080 58.99 13.53 -37.15
C ALA E 1080 59.72 13.69 -38.45
N ILE E 1081 60.48 14.77 -38.55
CA ILE E 1081 61.38 15.01 -39.66
C ILE E 1081 62.83 14.86 -39.21
N CYS E 1082 63.63 14.14 -39.97
CA CYS E 1082 65.05 13.97 -39.74
C CYS E 1082 65.83 15.00 -40.56
N HIS E 1083 66.62 15.82 -39.88
CA HIS E 1083 67.32 16.89 -40.59
C HIS E 1083 68.84 16.72 -40.53
N ASP E 1084 69.47 17.14 -39.44
CA ASP E 1084 70.92 17.02 -39.29
C ASP E 1084 71.29 15.83 -38.43
N GLY E 1085 70.39 14.86 -38.37
CA GLY E 1085 70.55 13.69 -37.52
C GLY E 1085 69.67 13.89 -36.30
N LYS E 1086 69.13 15.10 -36.20
CA LYS E 1086 68.23 15.53 -35.16
C LYS E 1086 66.80 15.19 -35.54
N ALA E 1087 65.99 14.83 -34.55
CA ALA E 1087 64.58 14.55 -34.79
C ALA E 1087 63.72 15.77 -34.46
N HIS E 1088 63.06 16.30 -35.48
CA HIS E 1088 62.22 17.48 -35.36
C HIS E 1088 60.74 17.12 -35.29
N PHE E 1089 60.08 17.61 -34.25
CA PHE E 1089 58.67 17.37 -34.02
C PHE E 1089 57.94 18.70 -34.18
N PRO E 1090 56.68 18.73 -34.62
CA PRO E 1090 55.91 19.95 -34.80
C PRO E 1090 55.56 20.53 -33.44
N ARG E 1091 55.60 21.85 -33.32
CA ARG E 1091 55.24 22.48 -32.05
C ARG E 1091 53.76 22.41 -31.76
N GLU E 1092 52.96 22.60 -32.79
CA GLU E 1092 51.51 22.62 -32.67
C GLU E 1092 50.87 22.27 -34.00
N GLY E 1093 51.09 21.06 -34.45
CA GLY E 1093 50.61 20.67 -35.77
C GLY E 1093 51.02 19.28 -36.14
N VAL E 1094 50.83 18.95 -37.39
CA VAL E 1094 51.16 17.64 -37.94
C VAL E 1094 51.95 17.76 -39.24
N PHE E 1095 52.95 16.89 -39.40
CA PHE E 1095 53.71 16.89 -40.64
C PHE E 1095 52.99 16.10 -41.71
N VAL E 1096 52.74 16.74 -42.83
CA VAL E 1096 52.04 16.12 -43.93
C VAL E 1096 52.71 16.33 -45.27
N SER E 1097 52.41 15.47 -46.23
CA SER E 1097 52.90 15.66 -47.58
C SER E 1097 51.81 15.35 -48.60
N ASN E 1098 51.83 16.15 -49.69
CA ASN E 1098 50.91 16.01 -50.81
C ASN E 1098 51.42 15.01 -51.88
N GLY E 1099 52.57 14.35 -51.60
CA GLY E 1099 53.22 13.38 -52.48
C GLY E 1099 54.65 13.79 -52.78
N THR E 1100 54.97 15.08 -52.61
CA THR E 1100 56.33 15.54 -52.86
C THR E 1100 56.90 16.24 -51.64
N HIS E 1101 56.57 17.51 -51.49
CA HIS E 1101 57.07 18.33 -50.41
C HIS E 1101 56.37 18.02 -49.10
N TRP E 1102 57.10 18.24 -48.01
CA TRP E 1102 56.55 18.13 -46.66
C TRP E 1102 56.26 19.49 -46.07
N PHE E 1103 55.13 19.57 -45.39
CA PHE E 1103 54.65 20.77 -44.75
C PHE E 1103 54.19 20.50 -43.34
N VAL E 1104 54.14 21.51 -42.53
CA VAL E 1104 53.55 21.36 -41.21
C VAL E 1104 52.27 22.16 -41.16
N THR E 1105 51.22 21.54 -40.67
CA THR E 1105 49.96 22.27 -40.62
C THR E 1105 49.24 22.06 -39.31
N GLN E 1106 48.21 22.87 -39.09
CA GLN E 1106 47.37 22.70 -37.92
C GLN E 1106 46.49 21.49 -38.10
N ARG E 1107 46.08 20.89 -37.01
CA ARG E 1107 45.38 19.61 -37.04
C ARG E 1107 43.92 19.66 -37.49
N ASN E 1108 43.23 20.77 -37.22
CA ASN E 1108 41.80 20.83 -37.48
C ASN E 1108 41.42 21.64 -38.71
N PHE E 1109 42.40 21.99 -39.52
CA PHE E 1109 42.17 22.78 -40.72
C PHE E 1109 43.41 22.73 -41.59
N TYR E 1110 43.26 22.39 -42.85
CA TYR E 1110 44.44 22.28 -43.68
C TYR E 1110 44.93 23.62 -44.15
N GLU E 1111 46.14 23.93 -43.74
CA GLU E 1111 46.80 25.17 -44.05
C GLU E 1111 48.30 24.96 -43.94
N PRO E 1112 48.96 24.45 -44.98
CA PRO E 1112 50.32 23.98 -44.96
C PRO E 1112 51.31 25.11 -44.83
N GLN E 1113 52.36 24.88 -44.06
CA GLN E 1113 53.45 25.82 -43.91
C GLN E 1113 54.78 25.15 -44.17
N ILE E 1114 55.76 25.94 -44.56
CA ILE E 1114 57.10 25.40 -44.72
C ILE E 1114 57.61 25.00 -43.34
N ILE E 1115 58.25 23.85 -43.26
CA ILE E 1115 58.76 23.38 -42.00
C ILE E 1115 60.03 24.13 -41.68
N THR E 1116 60.00 24.83 -40.56
CA THR E 1116 61.11 25.67 -40.14
C THR E 1116 61.41 25.41 -38.69
N THR E 1117 62.50 25.97 -38.21
CA THR E 1117 62.89 25.81 -36.83
C THR E 1117 61.96 26.55 -35.87
N ASP E 1118 61.13 27.44 -36.41
CA ASP E 1118 60.20 28.19 -35.56
C ASP E 1118 58.85 27.51 -35.40
N ASN E 1119 58.65 26.38 -36.05
CA ASN E 1119 57.39 25.66 -35.91
C ASN E 1119 57.60 24.20 -35.56
N THR E 1120 58.86 23.86 -35.26
CA THR E 1120 59.26 22.54 -34.82
C THR E 1120 60.20 22.64 -33.64
N PHE E 1121 60.43 21.54 -32.97
CA PHE E 1121 61.41 21.50 -31.90
C PHE E 1121 62.20 20.21 -32.00
N VAL E 1122 63.41 20.22 -31.47
CA VAL E 1122 64.24 19.03 -31.52
C VAL E 1122 64.26 18.25 -30.24
N SER E 1123 64.06 16.96 -30.36
CA SER E 1123 64.15 16.08 -29.22
C SER E 1123 64.75 14.74 -29.60
N GLY E 1124 65.99 14.53 -29.22
CA GLY E 1124 66.68 13.30 -29.54
C GLY E 1124 67.16 13.27 -30.98
N ASN E 1125 67.70 12.13 -31.39
CA ASN E 1125 68.21 11.95 -32.73
C ASN E 1125 67.23 11.14 -33.59
N CYS E 1126 67.59 10.90 -34.85
CA CYS E 1126 66.74 10.21 -35.83
C CYS E 1126 66.68 8.69 -35.66
N ASP E 1127 67.47 8.14 -34.77
CA ASP E 1127 67.55 6.68 -34.66
C ASP E 1127 66.57 6.09 -33.64
N VAL E 1128 65.77 6.93 -33.02
CA VAL E 1128 64.84 6.43 -32.00
C VAL E 1128 63.37 6.65 -32.35
N VAL E 1129 63.08 7.19 -33.53
CA VAL E 1129 61.70 7.46 -33.92
C VAL E 1129 61.25 6.58 -35.07
N ILE E 1130 60.22 5.79 -34.82
CA ILE E 1130 59.71 4.87 -35.83
C ILE E 1130 58.87 5.65 -36.82
N GLY E 1131 59.24 5.58 -38.09
CA GLY E 1131 58.48 6.31 -39.10
C GLY E 1131 59.03 7.69 -39.42
N ILE E 1132 60.18 8.04 -38.86
CA ILE E 1132 60.77 9.35 -39.13
C ILE E 1132 61.17 9.42 -40.60
N VAL E 1133 60.95 10.58 -41.23
CA VAL E 1133 61.29 10.73 -42.64
C VAL E 1133 62.32 11.84 -42.83
N ASN E 1134 63.09 11.77 -43.93
CA ASN E 1134 64.11 12.75 -44.29
C ASN E 1134 63.50 13.95 -45.03
N ASN E 1135 63.74 15.16 -44.52
CA ASN E 1135 63.31 16.42 -45.14
C ASN E 1135 64.23 17.55 -44.72
N THR E 1136 63.97 18.74 -45.21
CA THR E 1136 64.77 19.89 -44.86
C THR E 1136 64.01 20.80 -43.93
N VAL E 1137 64.62 21.12 -42.80
CA VAL E 1137 64.04 22.06 -41.86
C VAL E 1137 64.77 23.37 -42.03
N TYR E 1138 64.02 24.42 -42.34
CA TYR E 1138 64.65 25.67 -42.67
C TYR E 1138 64.82 26.59 -41.47
N ASP E 1139 66.01 27.17 -41.35
CA ASP E 1139 66.26 28.16 -40.31
C ASP E 1139 66.00 29.53 -40.92
N PRO E 1140 64.93 30.23 -40.53
CA PRO E 1140 64.45 31.44 -41.15
C PRO E 1140 65.39 32.62 -40.97
N LEU E 1141 66.34 32.51 -40.04
CA LEU E 1141 67.25 33.61 -39.80
C LEU E 1141 68.59 33.37 -40.49
N GLN E 1142 68.72 32.21 -41.13
CA GLN E 1142 69.94 31.86 -41.84
C GLN E 1142 70.15 32.72 -43.09
N PRO E 1143 69.18 32.82 -44.03
CA PRO E 1143 69.33 33.59 -45.24
C PRO E 1143 69.49 35.07 -44.93
N GLU E 1144 69.03 35.51 -43.75
CA GLU E 1144 69.21 36.90 -43.40
C GLU E 1144 70.65 37.14 -43.01
N LEU E 1145 71.21 36.25 -42.19
CA LEU E 1145 72.59 36.42 -41.78
C LEU E 1145 73.49 36.36 -43.00
N ASP E 1146 73.13 35.51 -43.98
CA ASP E 1146 73.91 35.33 -45.19
C ASP E 1146 73.67 36.42 -46.24
N SER E 1147 72.79 37.38 -45.93
CA SER E 1147 72.56 38.50 -46.83
C SER E 1147 73.26 39.73 -46.29
N ASP F 1 -54.44 -61.33 38.18
CA ASP F 1 -55.27 -61.91 37.13
C ASP F 1 -54.72 -61.66 35.72
N LYS F 2 -54.09 -60.49 35.50
CA LYS F 2 -53.55 -60.05 34.20
C LYS F 2 -52.54 -61.03 33.61
N GLU F 3 -51.73 -61.62 34.47
CA GLU F 3 -50.71 -62.56 34.04
C GLU F 3 -51.31 -63.79 33.36
N TRP F 4 -52.56 -64.12 33.68
CA TRP F 4 -53.18 -65.30 33.09
C TRP F 4 -53.78 -65.00 31.73
N ILE F 5 -53.84 -63.72 31.37
CA ILE F 5 -54.31 -63.35 30.06
C ILE F 5 -53.14 -63.56 29.13
N LEU F 6 -51.97 -63.11 29.56
CA LEU F 6 -50.76 -63.31 28.80
C LEU F 6 -50.54 -64.80 28.62
N GLN F 7 -50.68 -65.57 29.71
CA GLN F 7 -50.49 -67.00 29.65
C GLN F 7 -51.35 -67.65 28.58
N LYS F 8 -52.64 -67.32 28.56
CA LYS F 8 -53.54 -67.91 27.58
C LYS F 8 -53.15 -67.54 26.16
N ILE F 9 -52.77 -66.29 25.95
CA ILE F 9 -52.40 -65.87 24.60
C ILE F 9 -51.16 -66.63 24.15
N TYR F 10 -50.18 -66.76 25.06
CA TYR F 10 -48.94 -67.50 24.78
C TYR F 10 -49.23 -68.94 24.39
N GLU F 11 -50.08 -69.62 25.17
CA GLU F 11 -50.41 -71.01 24.89
C GLU F 11 -51.02 -71.14 23.50
N ILE F 12 -51.89 -70.19 23.13
CA ILE F 12 -52.50 -70.21 21.81
C ILE F 12 -51.44 -70.06 20.72
N MET F 13 -50.53 -69.12 20.89
CA MET F 13 -49.47 -68.92 19.91
C MET F 13 -48.70 -70.22 19.68
N ARG F 14 -48.31 -70.89 20.75
CA ARG F 14 -47.52 -72.11 20.61
C ARG F 14 -48.31 -73.20 19.90
N LEU F 15 -49.60 -73.30 20.22
CA LEU F 15 -50.46 -74.29 19.59
C LEU F 15 -50.55 -74.06 18.09
N LEU F 16 -50.59 -72.81 17.67
CA LEU F 16 -50.71 -72.51 16.26
C LEU F 16 -49.50 -72.98 15.47
N ASP F 17 -48.31 -73.00 16.09
CA ASP F 17 -47.15 -73.55 15.40
C ASP F 17 -47.26 -75.08 15.38
N GLU F 18 -47.74 -75.66 16.47
CA GLU F 18 -47.90 -77.12 16.55
C GLU F 18 -48.88 -77.63 15.51
N LEU F 19 -49.89 -76.81 15.21
CA LEU F 19 -50.91 -77.15 14.23
C LEU F 19 -50.45 -76.91 12.79
N GLY F 20 -49.24 -76.38 12.60
CA GLY F 20 -48.71 -76.12 11.27
C GLY F 20 -49.16 -74.81 10.62
N HIS F 21 -49.52 -73.80 11.43
CA HIS F 21 -49.96 -72.53 10.89
C HIS F 21 -49.09 -71.37 11.40
N ALA F 22 -47.94 -71.21 10.75
CA ALA F 22 -46.94 -70.23 11.17
C ALA F 22 -47.46 -68.80 11.07
N GLU F 23 -48.28 -68.52 10.05
CA GLU F 23 -48.78 -67.16 9.87
C GLU F 23 -49.69 -66.82 11.04
N ALA F 24 -50.54 -67.78 11.41
CA ALA F 24 -51.47 -67.59 12.51
C ALA F 24 -50.71 -67.39 13.82
N SER F 25 -49.61 -68.12 13.98
CA SER F 25 -48.83 -68.01 15.19
C SER F 25 -48.31 -66.60 15.35
N MET F 26 -47.78 -66.02 14.28
CA MET F 26 -47.24 -64.67 14.35
C MET F 26 -48.34 -63.65 14.62
N ARG F 27 -49.54 -63.89 14.09
CA ARG F 27 -50.65 -62.98 14.36
C ARG F 27 -50.95 -62.92 15.85
N VAL F 28 -50.77 -64.04 16.53
CA VAL F 28 -50.97 -64.09 17.98
C VAL F 28 -49.74 -63.52 18.70
N SER F 29 -48.54 -63.80 18.20
CA SER F 29 -47.32 -63.29 18.81
C SER F 29 -47.40 -61.76 18.95
N ASP F 30 -47.99 -61.11 17.95
CA ASP F 30 -48.18 -59.67 17.97
C ASP F 30 -49.06 -59.24 19.16
N LEU F 31 -50.03 -60.07 19.52
CA LEU F 31 -50.94 -59.75 20.62
C LEU F 31 -50.19 -59.83 21.94
N ILE F 32 -49.24 -60.75 22.02
CA ILE F 32 -48.48 -60.92 23.26
C ILE F 32 -47.63 -59.67 23.47
N TYR F 33 -46.94 -59.27 22.40
CA TYR F 33 -46.08 -58.09 22.43
C TYR F 33 -46.86 -56.85 22.86
N GLU F 34 -48.01 -56.63 22.23
CA GLU F 34 -48.81 -55.45 22.52
C GLU F 34 -49.47 -55.53 23.91
N PHE F 35 -49.91 -56.73 24.30
CA PHE F 35 -50.58 -56.91 25.59
C PHE F 35 -49.67 -56.46 26.73
N MET F 36 -48.41 -56.84 26.68
CA MET F 36 -47.48 -56.50 27.75
C MET F 36 -47.30 -54.99 27.98
N LYS F 37 -47.71 -54.17 27.01
CA LYS F 37 -47.56 -52.73 27.14
C LYS F 37 -48.90 -52.01 27.25
N LYS F 38 -50.00 -52.76 27.36
CA LYS F 38 -51.33 -52.17 27.38
C LYS F 38 -52.27 -52.74 28.44
N GLY F 39 -53.31 -51.98 28.77
CA GLY F 39 -54.37 -52.45 29.67
C GLY F 39 -55.54 -53.02 28.89
N ASP F 40 -55.34 -53.21 27.59
CA ASP F 40 -56.37 -53.67 26.68
C ASP F 40 -56.44 -55.20 26.67
N GLU F 41 -57.50 -55.73 27.25
CA GLU F 41 -57.66 -57.17 27.44
C GLU F 41 -58.41 -57.82 26.28
N ARG F 42 -58.75 -57.03 25.25
CA ARG F 42 -59.49 -57.57 24.10
C ARG F 42 -58.54 -58.37 23.22
N LEU F 43 -57.26 -58.29 23.55
CA LEU F 43 -56.22 -59.00 22.82
C LEU F 43 -56.35 -60.50 23.09
N LEU F 44 -57.00 -60.85 24.20
CA LEU F 44 -57.23 -62.25 24.51
C LEU F 44 -58.27 -62.81 23.56
N GLU F 45 -59.31 -62.00 23.32
CA GLU F 45 -60.41 -62.39 22.46
C GLU F 45 -59.89 -62.58 21.05
N GLU F 46 -58.96 -61.72 20.64
CA GLU F 46 -58.36 -61.86 19.32
C GLU F 46 -57.52 -63.14 19.22
N ALA F 47 -56.77 -63.46 20.27
CA ALA F 47 -55.98 -64.68 20.21
C ALA F 47 -56.88 -65.89 20.06
N GLU F 48 -57.99 -65.90 20.80
CA GLU F 48 -58.94 -67.00 20.74
C GLU F 48 -59.63 -67.06 19.39
N ARG F 49 -59.98 -65.90 18.84
CA ARG F 49 -60.65 -65.84 17.53
C ARG F 49 -59.75 -66.41 16.44
N LEU F 50 -58.48 -66.05 16.48
CA LEU F 50 -57.52 -66.52 15.49
C LEU F 50 -57.37 -68.03 15.57
N LEU F 51 -57.37 -68.57 16.79
CA LEU F 51 -57.27 -70.01 16.94
C LEU F 51 -58.51 -70.71 16.38
N GLU F 52 -59.69 -70.14 16.64
CA GLU F 52 -60.92 -70.75 16.14
C GLU F 52 -60.93 -70.81 14.62
N GLU F 53 -60.42 -69.77 13.96
CA GLU F 53 -60.36 -69.78 12.50
C GLU F 53 -59.46 -70.90 11.99
N VAL F 54 -58.37 -71.15 12.71
CA VAL F 54 -57.43 -72.22 12.35
C VAL F 54 -57.97 -73.63 12.64
N GLU F 55 -58.58 -73.84 13.82
CA GLU F 55 -59.16 -75.11 14.24
C GLU F 55 -60.53 -75.30 13.59
#